data_9D38
#
_entry.id   9D38
#
_cell.length_a   1.00
_cell.length_b   1.00
_cell.length_c   1.00
_cell.angle_alpha   90.00
_cell.angle_beta   90.00
_cell.angle_gamma   90.00
#
_symmetry.space_group_name_H-M   'P 1'
#
loop_
_entity.id
_entity.type
_entity.pdbx_description
1 polymer 'Glutamate receptor ionotropic, NMDA 1'
2 polymer 'Glutamate receptor ionotropic, NMDA 2B'
3 polymer 'Glutamate receptor ionotropic, NMDA 2D'
4 branched 2-acetamido-2-deoxy-beta-D-glucopyranose-(1-4)-2-acetamido-2-deoxy-beta-D-glucopyranose
5 non-polymer GLYCINE
6 non-polymer 2-acetamido-2-deoxy-beta-D-glucopyranose
7 non-polymer 'GLUTAMIC ACID'
#
loop_
_entity_poly.entity_id
_entity_poly.type
_entity_poly.pdbx_seq_one_letter_code
_entity_poly.pdbx_strand_id
1 'polypeptide(L)'
;DPKIVNIGAVLSTRKHEQMFREAVNQANKRHGSWKIQLNATSVTHKPNAIQMALSVCEDLISSQVYAILVSHPPTPNDHF
TPTPVSYTAGFYRIPVLGLTTRMSIYSDKSIHLSFLRTVPPYSHQSSVWFEMMRVYSWNHIILLVSDDHEGRAAQKRLET
LLEERESKAEKVLQFDPGTKNVTALLMEAKELEARVIILSASEDDAATVYRAAAMLNMTGSGYVWLVGEREISGNALRYA
PDGILGLQLINGKNESAHISDAVGVVAQAVHELLEKENITDPPRGCVGNTNIWKTGPLFKRVLMSSKYADGVTGRVEFNE
DGDRKFANYSIMNLQNRKLVQVGIYNGTHVIPNDRKIIWPGGETEKPRGYQMSTRLKIVTIHQEPFVYVKPTLSDGTCKE
EFTVNGDPVKKVICTGPNDTSPGSPRHTVPQCCYGFCIDLLIKLARTMNFTYEVHLVADGKFGTQERVNNSNKKEWNGMM
GELLSGQADMIVAPLTINNERAQYIEFSKPFKYQGLTILVKKEIPRSTLDSFMQPFQSTLWLLVGLSVHVVAVMLYLLDR
FSPFGRFKVNSEEEEEDALTLSSAMWFSWGVLLNSGIGEGAPRSFSARILGMVWAGFAMIIVASYTANLAAFLVLDRPEE
RITGINDPRLRNPSDKFIYATVKQSSVDIYFRRQVELSTMYRHMEKHNYESAAEAIQAVRDNKLHAFIWDSAVLEFEASQ
KCDLVTTGELFFRSGFGIGMRKDSPWKQNVSLSILKSHENGFMEDLDKTWVRYQECDSRSNAPATLTFENMAGVFMLVAG
GIVAGIFLIFIEIAYKRHKDANGAQ
;
A,C
2 'polypeptide(L)'
;WSHPQFEKGGGSGGGSGGSAWSHPQFEKGALVPRGRSQKSPPSIGIAVILVGTSDEVAIKDAHEKDDFHHLSVVPRVELV
AMNETDPKSIITRICDLMSDRKIQGVVFADDTDQEAIAQILDFISAQTLTPILGIHGGSSMIMADKDESSMFFQFGPSIE
QQASVMLNIMEEYDWYIFSIVTTYFPGYQDFVNKIRSTIENSFVGWELEEVLLLDMSLDDGDSKIQNQLKKLQSPIILLY
CTKEEATYIFEVANSVGLTGYGYTWIVPSLVAGDTDTVPAEFPTGLISVSYDEWDYGLPARVRDGIAIITTAASDMLSEH
SFIPEPKSSCYNTHEKRIYQSNMLNRYLINVTFEGRNLSFSEDGYQMHPKLVIILLNKERKWERVGKWKDKSLQMKYYVW
PRMCPETEEQEDDHLSIVTLEEAPFVIVESVDPLSGTCMRNTVPCQKRIVTENKTDEEPGYIKKCCKGFCIDILKKISKS
VKFTYDLYLVTNGKHGKKINGTWNGMIGEVVMKRAYMAVGSLTINEERSEVVDFSVPFIETGISVMVSRSNGTVSPSAFL
EPFSADVWVMMFVMLLIVSAVAVFVFEYFSPVGYNRSLADGREPGGPSFTIGKAIWLLWGLVFNNSVPVQNPKGTTSKIM
VSVWAFFAVIFLASYTANLAAFMIQEEYVDQVSGLSDKKFQRPNDFSPPFRFGTVPNGSTERNIRNNYAEMHAYMGKFNQ
RGVDDALLSLKTGKLDAFIYDAAVLNYMAGRDEGCKLVTIGSGKVFASTGYGIAIQKDSGWKRQVDLAILQLFGDGEMEE
LEALWLTGICHNEKNEVMSSQLDIDNMAGVFYMLGAAMALSLITFISEHLFYWQFRHSFMGGPGSGATNFSLLKQAGDVE
ENPG
;
B
3 'polypeptide(L)'
;FPEEAPGPGGAGGPGGGLGGARPLNVALVFSGPAYAAEAARLGPAVAAAVRSPGLDVRPVALVLNGSDPRSLVLQLCDLL
SGLRVHGVVFEDDSRAPAVAPILDFLSAQTSLPIVAVHGGAALVLTPKEKGSTFLQLGSSTEQQLQVIFEVLEEYDWTSF
VAVTTRAPGHRAFLSYIEVLTDGSLVGWEHRGALTLDPGAGEAVLSAQLRSVSAQIRLLFCAREEAEPVFRAAEEAGLTG
SGYVWFMVGPQLAGGGGSGAPGEPPLLPGGAPLPAGLFAVRSAGWRDDLARRVAAGVAVVARGAQALLRDYGFLPELGHD
CRAQNRTHRGESLHRYFMNITWDNRDYSFNEDGFLVNPSLVVISLTRDRTWEVVGSWEQQTLRLKYPLWSRYGRFLQPVD
DTQHLTVATLEERPFVIVEPADPISGTCIRDSVPCRSQLNRTHSPPPDAPRPEKRCCKGFCIDILKRLAHTIGFSYDLYL
VTNGKHGKKIDGVWNGMIGEVFYQRADMAIGSLTINEERSEIVDFSVPFVETGISVMVARSNGTVSPSAFLEPYSPAVWV
MMFVMCLTVVAVTVFIFEYLSPVGYNRSLATGKRPGGSTFTIGKSIWLLWALVFNNSVPVENPRGTTSKIMVLVWAFFAV
IFLASYTANLAAFMIQEEYVDTVSGLSDRKFQRPQEQYPPLKFGTVPNGSTEKNIRSNYPDMHSYMVRYNQPRVEEALTQ
LKAGKLDAFIYDAAVLNYMARKDEGCKLVTIGSGKVFATTGYGIALHKGSRWKRPIDLALLQFLGDDEIEMLERLWLSGI
CHNDKIEVMSSKLDIDNMAGVFYMLLVAMGLSLLVFAWEHLVYWRLRHCLGPTETSQVAPA
;
D
#
loop_
_chem_comp.id
_chem_comp.type
_chem_comp.name
_chem_comp.formula
NAG D-saccharide, beta linking 2-acetamido-2-deoxy-beta-D-glucopyranose 'C8 H15 N O6'
#
# COMPACT_ATOMS: atom_id res chain seq x y z
N LYS A 3 -20.89 41.19 -60.09
CA LYS A 3 -20.71 42.61 -59.82
C LYS A 3 -19.24 42.99 -59.88
N ILE A 4 -18.97 44.25 -60.26
CA ILE A 4 -17.60 44.72 -60.38
C ILE A 4 -17.03 44.86 -58.97
N VAL A 5 -16.12 43.97 -58.61
CA VAL A 5 -15.42 44.01 -57.33
C VAL A 5 -13.98 44.40 -57.61
N ASN A 6 -13.59 45.60 -57.17
CA ASN A 6 -12.25 46.12 -57.41
C ASN A 6 -11.29 45.47 -56.42
N ILE A 7 -10.52 44.51 -56.89
CA ILE A 7 -9.59 43.75 -56.05
C ILE A 7 -8.22 43.80 -56.71
N GLY A 8 -7.22 44.26 -55.98
CA GLY A 8 -5.87 44.36 -56.50
C GLY A 8 -4.86 44.38 -55.38
N ALA A 9 -3.78 45.12 -55.59
CA ALA A 9 -2.72 45.22 -54.60
C ALA A 9 -1.85 46.42 -54.92
N VAL A 10 -0.98 46.77 -53.97
CA VAL A 10 0.03 47.81 -54.18
C VAL A 10 1.29 47.07 -54.63
N LEU A 11 1.39 46.86 -55.94
CA LEU A 11 2.47 46.07 -56.51
C LEU A 11 3.51 46.99 -57.15
N SER A 12 4.78 46.76 -56.82
CA SER A 12 5.87 47.35 -57.57
C SER A 12 6.01 46.65 -58.92
N THR A 13 7.00 47.06 -59.70
CA THR A 13 7.25 46.50 -61.02
C THR A 13 6.00 46.63 -61.90
N ARG A 14 5.70 47.88 -62.24
CA ARG A 14 4.50 48.26 -62.98
C ARG A 14 4.20 47.30 -64.13
N LYS A 15 5.24 46.84 -64.83
CA LYS A 15 5.03 45.86 -65.90
C LYS A 15 4.47 44.55 -65.36
N HIS A 16 4.89 44.13 -64.16
CA HIS A 16 4.37 42.90 -63.58
C HIS A 16 2.87 43.00 -63.31
N GLU A 17 2.42 44.13 -62.77
CA GLU A 17 0.98 44.31 -62.60
C GLU A 17 0.27 44.65 -63.90
N GLN A 18 1.00 45.03 -64.95
CA GLN A 18 0.37 45.28 -66.24
C GLN A 18 -0.21 44.01 -66.83
N MET A 19 0.58 42.92 -66.87
CA MET A 19 0.05 41.67 -67.40
C MET A 19 -0.77 40.91 -66.39
N PHE A 20 -0.69 41.29 -65.10
CA PHE A 20 -1.61 40.75 -64.12
C PHE A 20 -3.05 41.17 -64.40
N ARG A 21 -3.24 42.31 -65.09
CA ARG A 21 -4.57 42.74 -65.47
C ARG A 21 -5.27 41.73 -66.37
N GLU A 22 -4.51 40.89 -67.07
CA GLU A 22 -5.06 39.81 -67.86
C GLU A 22 -4.98 38.46 -67.15
N ALA A 23 -4.24 38.37 -66.05
CA ALA A 23 -4.24 37.14 -65.25
C ALA A 23 -5.61 36.88 -64.66
N VAL A 24 -6.30 37.92 -64.21
CA VAL A 24 -7.66 37.77 -63.71
C VAL A 24 -8.59 37.32 -64.84
N ASN A 25 -8.34 37.79 -66.06
CA ASN A 25 -9.13 37.34 -67.20
C ASN A 25 -9.04 35.83 -67.37
N GLN A 26 -7.85 35.26 -67.13
CA GLN A 26 -7.72 33.80 -67.11
C GLN A 26 -8.58 33.20 -66.00
N ALA A 27 -8.56 33.82 -64.81
CA ALA A 27 -9.41 33.38 -63.73
C ALA A 27 -10.88 33.75 -63.97
N ASN A 28 -11.13 34.78 -64.78
CA ASN A 28 -12.50 35.15 -65.10
C ASN A 28 -13.22 34.04 -65.87
N LYS A 29 -12.51 33.38 -66.79
CA LYS A 29 -13.13 32.32 -67.57
C LYS A 29 -13.32 31.06 -66.74
N ARG A 30 -12.34 30.72 -65.90
CA ARG A 30 -12.39 29.45 -65.17
C ARG A 30 -13.56 29.42 -64.19
N HIS A 31 -13.79 30.51 -63.47
CA HIS A 31 -14.86 30.52 -62.47
C HIS A 31 -16.23 30.58 -63.15
N GLY A 32 -17.18 29.86 -62.56
CA GLY A 32 -18.55 29.88 -63.01
C GLY A 32 -19.48 30.76 -62.21
N SER A 33 -18.97 31.53 -61.26
CA SER A 33 -19.80 32.42 -60.47
C SER A 33 -20.38 33.52 -61.33
N TRP A 34 -21.57 33.98 -60.96
CA TRP A 34 -22.32 34.96 -61.74
C TRP A 34 -22.47 36.30 -61.06
N LYS A 35 -22.80 36.32 -59.76
CA LYS A 35 -23.03 37.58 -59.07
C LYS A 35 -21.78 38.41 -58.88
N ILE A 36 -20.60 37.80 -59.00
CA ILE A 36 -19.33 38.48 -58.76
C ILE A 36 -18.54 38.53 -60.05
N GLN A 37 -18.04 39.71 -60.40
CA GLN A 37 -17.15 39.92 -61.54
C GLN A 37 -15.96 40.72 -61.02
N LEU A 38 -14.96 40.01 -60.49
CA LEU A 38 -13.84 40.68 -59.85
C LEU A 38 -13.04 41.49 -60.86
N ASN A 39 -12.59 42.66 -60.43
CA ASN A 39 -11.83 43.57 -61.26
C ASN A 39 -10.55 43.98 -60.53
N ALA A 40 -9.54 44.35 -61.31
CA ALA A 40 -8.23 44.72 -60.79
C ALA A 40 -8.08 46.23 -60.81
N THR A 41 -7.91 46.83 -59.62
CA THR A 41 -7.63 48.26 -59.48
C THR A 41 -6.41 48.37 -58.57
N SER A 42 -5.22 48.32 -59.16
CA SER A 42 -3.98 48.37 -58.43
C SER A 42 -3.40 49.79 -58.43
N VAL A 43 -2.45 50.01 -57.53
CA VAL A 43 -1.76 51.29 -57.42
C VAL A 43 -0.26 51.01 -57.34
N THR A 44 0.52 52.02 -57.72
CA THR A 44 1.98 51.88 -57.73
C THR A 44 2.54 51.78 -56.32
N HIS A 45 3.68 51.11 -56.21
CA HIS A 45 4.34 50.97 -54.92
C HIS A 45 4.98 52.29 -54.51
N LYS A 46 5.21 52.42 -53.21
CA LYS A 46 5.84 53.62 -52.63
C LYS A 46 7.02 53.19 -51.78
N PRO A 47 8.19 53.00 -52.39
CA PRO A 47 9.36 52.52 -51.63
C PRO A 47 9.93 53.57 -50.69
N ASN A 48 9.08 54.14 -49.84
CA ASN A 48 9.50 55.09 -48.83
C ASN A 48 8.37 55.20 -47.80
N ALA A 49 8.68 55.82 -46.67
CA ALA A 49 7.71 55.97 -45.59
C ALA A 49 7.01 57.32 -45.58
N ILE A 50 7.26 58.17 -46.58
CA ILE A 50 6.75 59.53 -46.54
C ILE A 50 5.23 59.56 -46.62
N GLN A 51 4.67 58.86 -47.61
CA GLN A 51 3.24 58.96 -47.89
C GLN A 51 2.43 57.75 -47.42
N MET A 52 3.07 56.80 -46.72
CA MET A 52 2.31 55.69 -46.16
C MET A 52 1.34 56.13 -45.08
N ALA A 53 1.47 57.37 -44.58
CA ALA A 53 0.40 57.93 -43.76
C ALA A 53 -0.88 58.15 -44.57
N LEU A 54 -0.78 58.22 -45.89
CA LEU A 54 -1.95 58.52 -46.72
C LEU A 54 -1.98 57.69 -48.01
N SER A 55 -1.25 56.59 -48.09
CA SER A 55 -1.19 55.79 -49.32
C SER A 55 -1.30 54.31 -49.00
N VAL A 56 -2.26 53.94 -48.15
CA VAL A 56 -2.50 52.54 -47.85
C VAL A 56 -3.94 52.17 -48.18
N CYS A 57 -4.90 52.81 -47.50
CA CYS A 57 -6.31 52.51 -47.67
C CYS A 57 -7.06 53.59 -48.45
N GLU A 58 -6.38 54.65 -48.86
CA GLU A 58 -7.06 55.78 -49.50
C GLU A 58 -7.67 55.41 -50.85
N ASP A 59 -7.27 54.28 -51.43
CA ASP A 59 -7.82 53.82 -52.69
C ASP A 59 -8.16 52.33 -52.71
N LEU A 60 -7.72 51.56 -51.72
CA LEU A 60 -7.97 50.12 -51.70
C LEU A 60 -9.29 49.78 -51.00
N ILE A 61 -9.42 50.17 -49.73
CA ILE A 61 -10.63 49.88 -48.99
C ILE A 61 -11.83 50.61 -49.61
N SER A 62 -11.60 51.82 -50.12
CA SER A 62 -12.65 52.53 -50.84
C SER A 62 -13.08 51.81 -52.10
N SER A 63 -12.25 50.89 -52.60
CA SER A 63 -12.58 50.09 -53.77
C SER A 63 -13.22 48.75 -53.41
N GLN A 64 -13.48 48.50 -52.13
CA GLN A 64 -14.14 47.28 -51.65
C GLN A 64 -13.32 46.05 -52.00
N VAL A 65 -12.06 46.07 -51.59
CA VAL A 65 -11.16 44.95 -51.85
C VAL A 65 -11.49 43.78 -50.94
N TYR A 66 -11.09 42.59 -51.36
CA TYR A 66 -11.25 41.38 -50.56
C TYR A 66 -9.93 40.67 -50.29
N ALA A 67 -9.05 40.59 -51.29
CA ALA A 67 -7.75 39.98 -51.13
C ALA A 67 -6.70 40.90 -51.74
N ILE A 68 -5.61 41.14 -51.01
CA ILE A 68 -4.56 42.04 -51.45
C ILE A 68 -3.26 41.25 -51.55
N LEU A 69 -2.63 41.29 -52.72
CA LEU A 69 -1.31 40.72 -52.90
C LEU A 69 -0.26 41.71 -52.39
N VAL A 70 1.02 41.36 -52.57
CA VAL A 70 2.12 42.24 -52.22
C VAL A 70 3.26 42.03 -53.20
N SER A 71 4.12 43.04 -53.29
CA SER A 71 5.30 42.97 -54.14
C SER A 71 6.54 43.33 -53.33
N HIS A 72 7.67 43.48 -54.01
CA HIS A 72 8.91 43.82 -53.33
C HIS A 72 9.56 45.03 -53.98
N PRO A 73 10.11 45.94 -53.19
CA PRO A 73 10.79 47.12 -53.75
C PRO A 73 12.12 46.72 -54.37
N PRO A 74 12.69 47.57 -55.22
CA PRO A 74 14.01 47.24 -55.79
C PRO A 74 15.09 47.04 -54.74
N THR A 75 15.04 47.78 -53.63
CA THR A 75 16.03 47.61 -52.58
C THR A 75 15.87 46.24 -51.93
N PRO A 76 16.95 45.45 -51.83
CA PRO A 76 16.81 44.09 -51.28
C PRO A 76 16.62 44.07 -49.77
N ASN A 77 17.24 45.01 -49.08
CA ASN A 77 17.14 45.09 -47.61
C ASN A 77 15.92 45.95 -47.26
N ASP A 78 14.76 45.30 -47.22
CA ASP A 78 13.51 46.00 -46.92
C ASP A 78 12.51 45.02 -46.33
N HIS A 79 11.89 45.42 -45.22
CA HIS A 79 10.82 44.64 -44.62
C HIS A 79 9.68 45.53 -44.13
N PHE A 80 9.72 46.83 -44.40
CA PHE A 80 8.65 47.74 -44.03
C PHE A 80 7.49 47.73 -45.01
N THR A 81 7.63 47.06 -46.14
CA THR A 81 6.59 47.08 -47.17
C THR A 81 5.27 46.47 -46.71
N PRO A 82 5.22 45.29 -46.09
CA PRO A 82 3.92 44.66 -45.84
C PRO A 82 3.27 45.00 -44.51
N THR A 83 3.87 45.84 -43.67
CA THR A 83 3.23 46.17 -42.40
C THR A 83 2.11 47.21 -42.53
N PRO A 84 2.25 48.30 -43.29
CA PRO A 84 1.15 49.28 -43.31
C PRO A 84 -0.12 48.73 -43.93
N VAL A 85 -0.01 47.88 -44.95
CA VAL A 85 -1.19 47.26 -45.54
C VAL A 85 -1.81 46.27 -44.58
N SER A 86 -0.98 45.50 -43.86
CA SER A 86 -1.49 44.50 -42.94
C SER A 86 -2.24 45.12 -41.78
N TYR A 87 -1.74 46.26 -41.27
CA TYR A 87 -2.36 46.89 -40.10
C TYR A 87 -3.78 47.33 -40.40
N THR A 88 -4.02 47.93 -41.56
CA THR A 88 -5.37 48.32 -41.93
C THR A 88 -6.26 47.10 -42.10
N ALA A 89 -5.74 46.05 -42.75
CA ALA A 89 -6.51 44.82 -42.89
C ALA A 89 -6.68 44.10 -41.56
N GLY A 90 -5.76 44.30 -40.63
CA GLY A 90 -5.87 43.66 -39.33
C GLY A 90 -7.10 44.12 -38.56
N PHE A 91 -7.37 45.43 -38.61
CA PHE A 91 -8.54 45.95 -37.91
C PHE A 91 -9.84 45.53 -38.59
N TYR A 92 -9.90 45.65 -39.92
CA TYR A 92 -11.11 45.31 -40.66
C TYR A 92 -11.27 43.81 -40.86
N ARG A 93 -10.28 43.01 -40.48
CA ARG A 93 -10.29 41.55 -40.58
C ARG A 93 -10.36 41.05 -42.02
N ILE A 94 -10.29 41.95 -43.00
CA ILE A 94 -10.31 41.52 -44.40
C ILE A 94 -8.98 40.87 -44.74
N PRO A 95 -8.97 39.69 -45.36
CA PRO A 95 -7.71 39.00 -45.63
C PRO A 95 -6.83 39.73 -46.63
N VAL A 96 -5.52 39.55 -46.46
CA VAL A 96 -4.52 40.00 -47.43
C VAL A 96 -3.59 38.84 -47.71
N LEU A 97 -2.97 38.86 -48.89
CA LEU A 97 -2.12 37.76 -49.35
C LEU A 97 -0.70 38.26 -49.50
N GLY A 98 0.25 37.50 -48.95
CA GLY A 98 1.66 37.83 -49.06
C GLY A 98 2.31 37.01 -50.15
N LEU A 99 2.96 37.71 -51.08
CA LEU A 99 3.62 37.08 -52.23
C LEU A 99 5.13 37.14 -52.14
N THR A 100 5.70 38.32 -51.96
CA THR A 100 7.13 38.48 -51.76
C THR A 100 7.53 38.47 -50.29
N THR A 101 6.57 38.29 -49.38
CA THR A 101 6.87 38.24 -47.96
C THR A 101 7.81 37.07 -47.65
N ARG A 102 8.87 37.35 -46.89
CA ARG A 102 9.91 36.37 -46.62
C ARG A 102 10.34 36.29 -45.17
N MET A 103 10.11 37.31 -44.35
CA MET A 103 10.49 37.28 -42.94
C MET A 103 9.52 36.41 -42.14
N SER A 104 9.97 36.02 -40.95
CA SER A 104 9.15 35.26 -40.02
C SER A 104 8.33 36.15 -39.10
N ILE A 105 8.42 37.47 -39.25
CA ILE A 105 7.60 38.38 -38.46
C ILE A 105 6.12 38.15 -38.75
N TYR A 106 5.77 38.03 -40.03
CA TYR A 106 4.39 37.81 -40.44
C TYR A 106 4.04 36.32 -40.47
N SER A 107 4.36 35.62 -39.39
CA SER A 107 4.01 34.22 -39.25
C SER A 107 3.47 33.84 -37.88
N ASP A 108 3.74 34.61 -36.82
CA ASP A 108 3.30 34.24 -35.48
C ASP A 108 1.79 34.39 -35.33
N LYS A 109 1.18 35.26 -36.12
CA LYS A 109 -0.26 35.54 -36.12
C LYS A 109 -0.74 36.21 -34.84
N SER A 110 0.15 36.51 -33.89
CA SER A 110 -0.25 37.28 -32.72
C SER A 110 -0.75 38.67 -33.13
N ILE A 111 -0.04 39.30 -34.06
CA ILE A 111 -0.53 40.48 -34.76
C ILE A 111 -0.89 40.05 -36.18
N HIS A 112 -1.49 40.96 -36.93
CA HIS A 112 -1.92 40.73 -38.31
C HIS A 112 -2.75 39.45 -38.42
N LEU A 113 -3.91 39.48 -37.75
CA LEU A 113 -4.78 38.30 -37.68
C LEU A 113 -5.24 37.85 -39.05
N SER A 114 -5.36 38.78 -40.01
CA SER A 114 -5.85 38.47 -41.36
C SER A 114 -4.72 38.71 -42.34
N PHE A 115 -3.97 37.65 -42.64
CA PHE A 115 -2.87 37.73 -43.61
C PHE A 115 -2.48 36.33 -44.02
N LEU A 116 -2.44 36.08 -45.33
CA LEU A 116 -2.10 34.77 -45.88
C LEU A 116 -0.78 34.86 -46.65
N ARG A 117 0.01 33.80 -46.57
CA ARG A 117 1.33 33.75 -47.20
C ARG A 117 1.35 32.68 -48.28
N THR A 118 1.87 33.04 -49.46
CA THR A 118 2.08 32.09 -50.54
C THR A 118 3.49 31.52 -50.58
N VAL A 119 4.38 32.01 -49.72
CA VAL A 119 5.77 31.56 -49.70
C VAL A 119 6.19 31.35 -48.26
N PRO A 120 6.80 30.22 -47.92
CA PRO A 120 7.25 30.00 -46.53
C PRO A 120 8.32 31.02 -46.16
N PRO A 121 8.27 31.52 -44.93
CA PRO A 121 9.30 32.47 -44.49
C PRO A 121 10.65 31.80 -44.32
N TYR A 122 11.68 32.64 -44.17
CA TYR A 122 13.06 32.15 -44.11
C TYR A 122 13.29 31.19 -42.95
N SER A 123 12.49 31.32 -41.88
CA SER A 123 12.67 30.44 -40.73
C SER A 123 12.32 28.99 -41.06
N HIS A 124 11.41 28.77 -42.02
CA HIS A 124 10.97 27.42 -42.35
C HIS A 124 12.08 26.56 -42.93
N GLN A 125 13.21 27.14 -43.35
CA GLN A 125 14.31 26.34 -43.87
C GLN A 125 14.89 25.40 -42.83
N SER A 126 14.70 25.69 -41.55
CA SER A 126 15.22 24.82 -40.50
C SER A 126 14.54 23.46 -40.48
N SER A 127 13.30 23.37 -40.96
CA SER A 127 12.58 22.09 -40.93
C SER A 127 13.25 21.07 -41.85
N VAL A 128 13.52 21.45 -43.11
CA VAL A 128 14.21 20.54 -44.02
C VAL A 128 15.64 20.32 -43.56
N TRP A 129 16.24 21.31 -42.90
CA TRP A 129 17.59 21.15 -42.38
C TRP A 129 17.68 20.03 -41.34
N PHE A 130 16.58 19.69 -40.68
CA PHE A 130 16.62 18.71 -39.60
C PHE A 130 17.08 17.35 -40.10
N GLU A 131 16.56 16.90 -41.24
CA GLU A 131 16.98 15.64 -41.82
C GLU A 131 18.23 15.75 -42.69
N MET A 132 18.73 16.97 -42.90
CA MET A 132 19.83 17.16 -43.85
C MET A 132 21.10 16.46 -43.40
N MET A 133 21.48 16.59 -42.12
CA MET A 133 22.67 15.88 -41.68
C MET A 133 22.35 14.49 -41.14
N ARG A 134 21.10 14.23 -40.76
CA ARG A 134 20.74 12.95 -40.18
C ARG A 134 20.99 11.81 -41.15
N VAL A 135 20.75 12.03 -42.44
CA VAL A 135 21.02 11.00 -43.43
C VAL A 135 22.53 10.74 -43.53
N TYR A 136 23.34 11.79 -43.43
CA TYR A 136 24.79 11.65 -43.44
C TYR A 136 25.36 11.63 -42.02
N SER A 137 24.80 10.79 -41.16
CA SER A 137 25.21 10.69 -39.76
C SER A 137 25.24 12.06 -39.09
N TRP A 138 26.45 12.58 -38.83
CA TRP A 138 26.66 13.93 -38.31
C TRP A 138 25.80 14.21 -37.07
N ASN A 139 26.08 13.45 -36.02
CA ASN A 139 25.30 13.58 -34.79
C ASN A 139 25.52 14.93 -34.12
N HIS A 140 26.75 15.44 -34.13
CA HIS A 140 27.11 16.64 -33.39
C HIS A 140 27.14 17.85 -34.33
N ILE A 141 26.55 18.95 -33.88
CA ILE A 141 26.49 20.18 -34.65
C ILE A 141 26.83 21.36 -33.75
N ILE A 142 27.21 22.47 -34.37
CA ILE A 142 27.46 23.73 -33.67
C ILE A 142 26.58 24.80 -34.32
N LEU A 143 25.74 25.44 -33.50
CA LEU A 143 24.75 26.39 -33.99
C LEU A 143 25.15 27.80 -33.57
N LEU A 144 25.10 28.73 -34.52
CA LEU A 144 25.40 30.13 -34.26
C LEU A 144 24.56 30.99 -35.19
N VAL A 145 23.71 31.83 -34.61
CA VAL A 145 22.81 32.67 -35.38
C VAL A 145 22.93 34.12 -34.93
N SER A 146 22.57 35.03 -35.82
CA SER A 146 22.48 36.43 -35.48
C SER A 146 21.29 36.68 -34.55
N ASP A 147 21.44 37.67 -33.68
CA ASP A 147 20.39 38.01 -32.71
C ASP A 147 19.27 38.75 -33.43
N ASP A 148 18.53 37.99 -34.24
CA ASP A 148 17.41 38.51 -35.00
C ASP A 148 16.16 37.69 -34.72
N HIS A 149 15.00 38.30 -34.93
CA HIS A 149 13.74 37.62 -34.68
C HIS A 149 13.61 36.39 -35.57
N GLU A 150 13.97 36.51 -36.85
CA GLU A 150 14.02 35.36 -37.73
C GLU A 150 15.05 34.34 -37.23
N GLY A 151 16.22 34.83 -36.80
CA GLY A 151 17.19 33.94 -36.19
C GLY A 151 16.68 33.35 -34.90
N ARG A 152 15.95 34.13 -34.11
CA ARG A 152 15.34 33.60 -32.89
C ARG A 152 14.34 32.50 -33.21
N ALA A 153 13.54 32.70 -34.25
CA ALA A 153 12.58 31.66 -34.65
C ALA A 153 13.28 30.40 -35.11
N ALA A 154 14.36 30.55 -35.89
CA ALA A 154 15.06 29.38 -36.42
C ALA A 154 15.68 28.55 -35.30
N GLN A 155 16.31 29.19 -34.33
CA GLN A 155 16.89 28.46 -33.21
C GLN A 155 15.81 27.87 -32.31
N LYS A 156 14.67 28.55 -32.18
CA LYS A 156 13.59 28.03 -31.36
C LYS A 156 12.94 26.80 -32.01
N ARG A 157 12.70 26.85 -33.32
CA ARG A 157 12.02 25.74 -33.98
C ARG A 157 12.93 24.51 -34.06
N LEU A 158 14.21 24.71 -34.37
CA LEU A 158 15.11 23.57 -34.51
C LEU A 158 15.30 22.86 -33.18
N GLU A 159 15.51 23.61 -32.09
CA GLU A 159 15.64 23.00 -30.78
C GLU A 159 14.37 22.30 -30.33
N THR A 160 13.21 22.72 -30.86
CA THR A 160 11.96 22.00 -30.66
C THR A 160 11.73 20.95 -31.74
N LEU A 161 12.66 20.78 -32.66
CA LEU A 161 12.63 19.72 -33.67
C LEU A 161 13.62 18.60 -33.41
N LEU A 162 14.81 18.93 -32.91
CA LEU A 162 15.81 17.91 -32.62
C LEU A 162 15.57 17.22 -31.28
N GLU A 163 14.59 17.68 -30.49
CA GLU A 163 14.30 17.03 -29.22
C GLU A 163 13.76 15.62 -29.40
N GLU A 164 13.17 15.32 -30.57
CA GLU A 164 12.69 13.97 -30.82
C GLU A 164 13.84 12.97 -30.98
N ARG A 165 15.01 13.44 -31.37
CA ARG A 165 16.20 12.59 -31.50
C ARG A 165 16.97 12.46 -30.20
N GLU A 166 16.45 13.03 -29.10
CA GLU A 166 17.12 13.03 -27.81
C GLU A 166 18.50 13.68 -27.91
N SER A 167 18.59 14.72 -28.73
CA SER A 167 19.82 15.48 -28.91
C SER A 167 19.73 16.79 -28.13
N LYS A 168 20.86 17.22 -27.57
CA LYS A 168 20.91 18.44 -26.78
C LYS A 168 21.49 19.61 -27.57
N ALA A 169 21.62 19.48 -28.89
CA ALA A 169 22.14 20.52 -29.78
C ALA A 169 23.57 20.91 -29.44
N GLU A 170 24.28 20.06 -28.69
CA GLU A 170 25.67 20.29 -28.32
C GLU A 170 25.85 21.65 -27.66
N LYS A 171 26.26 22.65 -28.43
CA LYS A 171 26.46 24.00 -27.93
C LYS A 171 25.77 25.00 -28.84
N VAL A 172 25.29 26.09 -28.25
CA VAL A 172 24.59 27.15 -28.98
C VAL A 172 25.29 28.46 -28.71
N LEU A 173 25.57 29.21 -29.77
CA LEU A 173 26.23 30.50 -29.68
C LEU A 173 25.29 31.59 -30.18
N GLN A 174 25.42 32.78 -29.59
CA GLN A 174 24.60 33.92 -29.95
C GLN A 174 25.47 35.02 -30.55
N PHE A 175 24.98 35.64 -31.62
CA PHE A 175 25.72 36.68 -32.32
C PHE A 175 24.84 37.91 -32.43
N ASP A 176 25.35 39.05 -31.98
CA ASP A 176 24.61 40.30 -32.04
C ASP A 176 24.95 41.04 -33.33
N PRO A 177 23.96 41.39 -34.15
CA PRO A 177 24.27 42.15 -35.37
C PRO A 177 24.87 43.51 -35.04
N GLY A 178 25.79 43.96 -35.89
CA GLY A 178 26.46 45.22 -35.70
C GLY A 178 27.79 45.15 -34.99
N THR A 179 28.32 43.95 -34.76
CA THR A 179 29.62 43.78 -34.11
C THR A 179 30.58 43.14 -35.09
N LYS A 180 31.80 43.71 -35.17
CA LYS A 180 32.81 43.25 -36.11
C LYS A 180 33.90 42.42 -35.46
N ASN A 181 34.52 42.95 -34.39
CA ASN A 181 35.59 42.24 -33.70
C ASN A 181 34.97 41.13 -32.85
N VAL A 182 34.66 40.02 -33.51
CA VAL A 182 34.01 38.89 -32.87
C VAL A 182 34.85 37.62 -32.99
N THR A 183 36.13 37.77 -33.36
CA THR A 183 37.00 36.61 -33.48
C THR A 183 37.18 35.89 -32.16
N ALA A 184 37.14 36.62 -31.04
CA ALA A 184 37.23 35.99 -29.73
C ALA A 184 36.06 35.05 -29.49
N LEU A 185 34.85 35.46 -29.89
CA LEU A 185 33.70 34.58 -29.77
C LEU A 185 33.83 33.35 -30.67
N LEU A 186 34.35 33.55 -31.88
CA LEU A 186 34.41 32.46 -32.85
C LEU A 186 35.35 31.35 -32.42
N MET A 187 36.52 31.69 -31.87
CA MET A 187 37.50 30.67 -31.56
C MET A 187 37.07 29.75 -30.44
N GLU A 188 36.07 30.15 -29.64
CA GLU A 188 35.58 29.30 -28.57
C GLU A 188 34.95 28.02 -29.12
N ALA A 189 34.41 28.07 -30.33
CA ALA A 189 33.84 26.88 -30.95
C ALA A 189 34.90 25.87 -31.35
N LYS A 190 36.15 26.30 -31.53
CA LYS A 190 37.21 25.38 -31.91
C LYS A 190 37.48 24.34 -30.83
N GLU A 191 37.19 24.67 -29.57
CA GLU A 191 37.39 23.71 -28.49
C GLU A 191 36.38 22.57 -28.52
N LEU A 192 35.31 22.70 -29.30
CA LEU A 192 34.30 21.64 -29.38
C LEU A 192 34.72 20.57 -30.36
N GLU A 193 34.24 19.35 -30.12
CA GLU A 193 34.55 18.22 -30.97
C GLU A 193 33.68 18.14 -32.22
N ALA A 194 32.58 18.90 -32.27
CA ALA A 194 31.68 18.85 -33.41
C ALA A 194 32.35 19.44 -34.65
N ARG A 195 32.11 18.82 -35.80
CA ARG A 195 32.69 19.24 -37.06
C ARG A 195 31.62 19.66 -38.07
N VAL A 196 30.50 20.17 -37.57
CA VAL A 196 29.41 20.67 -38.41
C VAL A 196 29.18 22.13 -38.08
N ILE A 197 29.23 22.98 -39.10
CA ILE A 197 29.06 24.43 -38.93
C ILE A 197 27.83 24.85 -39.71
N ILE A 198 26.90 25.53 -39.02
CA ILE A 198 25.69 26.04 -39.63
C ILE A 198 25.62 27.54 -39.34
N LEU A 199 24.89 28.25 -40.19
CA LEU A 199 24.80 29.70 -40.06
C LEU A 199 23.52 30.18 -40.74
N SER A 200 22.86 31.16 -40.12
CA SER A 200 21.69 31.80 -40.70
C SER A 200 21.70 33.26 -40.22
N ALA A 201 22.24 34.14 -41.06
CA ALA A 201 22.47 35.52 -40.67
C ALA A 201 22.00 36.44 -41.80
N SER A 202 22.35 37.72 -41.68
CA SER A 202 21.99 38.72 -42.67
C SER A 202 23.14 38.92 -43.65
N GLU A 203 22.92 39.81 -44.63
CA GLU A 203 23.93 40.05 -45.66
C GLU A 203 25.19 40.65 -45.05
N ASP A 204 25.06 41.63 -44.15
CA ASP A 204 26.23 42.22 -43.53
C ASP A 204 26.94 41.24 -42.61
N ASP A 205 26.18 40.38 -41.92
CA ASP A 205 26.79 39.42 -41.01
C ASP A 205 27.46 38.26 -41.74
N ALA A 206 26.94 37.88 -42.90
CA ALA A 206 27.52 36.76 -43.64
C ALA A 206 28.95 37.06 -44.07
N ALA A 207 29.20 38.29 -44.53
CA ALA A 207 30.52 38.64 -45.04
C ALA A 207 31.57 38.64 -43.92
N THR A 208 31.25 39.26 -42.78
CA THR A 208 32.22 39.35 -41.70
C THR A 208 32.47 38.00 -41.05
N VAL A 209 31.45 37.14 -40.96
CA VAL A 209 31.66 35.81 -40.44
C VAL A 209 32.59 35.02 -41.34
N TYR A 210 32.36 35.10 -42.66
CA TYR A 210 33.27 34.46 -43.60
C TYR A 210 34.65 35.11 -43.57
N ARG A 211 34.71 36.41 -43.30
CA ARG A 211 36.00 37.08 -43.18
C ARG A 211 36.82 36.49 -42.04
N ALA A 212 36.20 36.25 -40.89
CA ALA A 212 36.89 35.67 -39.75
C ALA A 212 37.22 34.19 -39.96
N ALA A 213 36.70 33.57 -41.01
CA ALA A 213 36.96 32.17 -41.29
C ALA A 213 38.19 31.95 -42.15
N ALA A 214 38.93 33.01 -42.46
CA ALA A 214 40.12 32.89 -43.32
C ALA A 214 41.39 32.70 -42.50
N MET A 215 41.70 33.65 -41.61
CA MET A 215 42.93 33.58 -40.84
C MET A 215 42.95 32.42 -39.85
N LEU A 216 41.78 31.91 -39.47
CA LEU A 216 41.68 30.81 -38.52
C LEU A 216 41.59 29.45 -39.21
N ASN A 217 41.82 29.41 -40.53
CA ASN A 217 41.84 28.19 -41.34
C ASN A 217 40.63 27.30 -41.08
N MET A 218 39.45 27.91 -41.03
CA MET A 218 38.21 27.14 -41.11
C MET A 218 38.03 26.54 -42.50
N THR A 219 38.56 27.20 -43.53
CA THR A 219 38.45 26.68 -44.90
C THR A 219 39.27 25.42 -45.11
N GLY A 220 40.15 25.06 -44.17
CA GLY A 220 40.93 23.85 -44.29
C GLY A 220 40.08 22.60 -44.24
N SER A 221 40.70 21.48 -44.60
CA SER A 221 40.00 20.21 -44.68
C SER A 221 39.52 19.77 -43.30
N GLY A 222 38.45 18.97 -43.31
CA GLY A 222 37.86 18.47 -42.07
C GLY A 222 36.67 19.26 -41.56
N TYR A 223 36.10 20.16 -42.37
CA TYR A 223 34.99 21.00 -41.94
C TYR A 223 33.89 20.96 -42.99
N VAL A 224 32.65 21.08 -42.52
CA VAL A 224 31.48 21.17 -43.38
C VAL A 224 30.68 22.40 -42.96
N TRP A 225 30.13 23.11 -43.95
CA TRP A 225 29.40 24.35 -43.69
C TRP A 225 28.05 24.30 -44.38
N LEU A 226 27.01 24.67 -43.65
CA LEU A 226 25.65 24.78 -44.18
C LEU A 226 25.11 26.17 -43.91
N VAL A 227 24.59 26.82 -44.95
CA VAL A 227 24.04 28.16 -44.84
C VAL A 227 22.69 28.21 -45.52
N GLY A 228 21.93 29.25 -45.22
CA GLY A 228 20.65 29.48 -45.86
C GLY A 228 20.82 30.13 -47.22
N GLU A 229 19.68 30.28 -47.91
CA GLU A 229 19.70 30.91 -49.23
C GLU A 229 20.08 32.38 -49.14
N ARG A 230 19.93 33.01 -47.97
CA ARG A 230 20.29 34.41 -47.80
C ARG A 230 21.79 34.63 -47.73
N GLU A 231 22.59 33.57 -47.66
CA GLU A 231 24.04 33.69 -47.57
C GLU A 231 24.77 33.28 -48.83
N ILE A 232 24.18 32.42 -49.66
CA ILE A 232 24.78 32.12 -50.96
C ILE A 232 24.74 33.35 -51.86
N SER A 233 23.60 34.01 -51.94
CA SER A 233 23.39 35.14 -52.81
C SER A 233 23.58 36.45 -52.07
N GLY A 234 23.78 37.51 -52.83
CA GLY A 234 23.92 38.84 -52.25
C GLY A 234 25.37 39.21 -51.97
N ASN A 235 25.52 40.14 -51.03
CA ASN A 235 26.83 40.65 -50.66
C ASN A 235 27.54 39.72 -49.68
N ALA A 236 27.67 38.44 -50.05
CA ALA A 236 28.39 37.47 -49.25
C ALA A 236 29.35 36.60 -50.04
N LEU A 237 29.38 36.72 -51.36
CA LEU A 237 30.28 35.93 -52.19
C LEU A 237 31.68 36.55 -52.30
N ARG A 238 31.88 37.74 -51.73
CA ARG A 238 33.21 38.36 -51.78
C ARG A 238 34.23 37.52 -51.03
N TYR A 239 33.86 37.00 -49.86
CA TYR A 239 34.74 36.18 -49.04
C TYR A 239 34.12 34.82 -48.75
N ALA A 240 33.30 34.31 -49.65
CA ALA A 240 32.57 33.07 -49.41
C ALA A 240 33.54 31.90 -49.38
N PRO A 241 33.59 31.13 -48.29
CA PRO A 241 34.44 29.93 -48.27
C PRO A 241 33.93 28.89 -49.25
N ASP A 242 34.87 28.13 -49.80
CA ASP A 242 34.54 27.15 -50.82
C ASP A 242 33.89 25.92 -50.21
N GLY A 243 33.18 25.17 -51.05
CA GLY A 243 32.51 23.96 -50.61
C GLY A 243 31.37 24.16 -49.64
N ILE A 244 30.55 25.19 -49.87
CA ILE A 244 29.40 25.47 -49.02
C ILE A 244 28.19 24.72 -49.55
N LEU A 245 27.56 23.94 -48.67
CA LEU A 245 26.33 23.24 -49.01
C LEU A 245 25.11 24.04 -48.56
N GLY A 246 24.96 25.22 -49.15
CA GLY A 246 23.85 26.09 -48.83
C GLY A 246 22.59 25.75 -49.62
N LEU A 247 21.44 26.04 -49.03
CA LEU A 247 20.17 25.79 -49.69
C LEU A 247 19.86 26.88 -50.72
N GLN A 248 18.82 26.63 -51.52
CA GLN A 248 18.43 27.56 -52.56
C GLN A 248 16.94 27.41 -52.81
N LEU A 249 16.24 28.54 -52.90
CA LEU A 249 14.82 28.55 -53.22
C LEU A 249 14.62 28.54 -54.72
N ILE A 250 13.60 27.82 -55.19
CA ILE A 250 13.32 27.64 -56.60
C ILE A 250 11.98 28.26 -56.93
N ASN A 251 11.94 29.10 -57.96
CA ASN A 251 10.73 29.71 -58.50
C ASN A 251 10.06 30.63 -57.49
N GLY A 252 10.70 30.85 -56.35
CA GLY A 252 10.17 31.79 -55.37
C GLY A 252 10.34 33.24 -55.76
N LYS A 253 11.32 33.54 -56.62
CA LYS A 253 11.53 34.89 -57.10
C LYS A 253 10.75 35.21 -58.36
N ASN A 254 10.07 34.24 -58.95
CA ASN A 254 9.31 34.43 -60.18
C ASN A 254 7.95 35.04 -59.82
N GLU A 255 7.97 36.34 -59.55
CA GLU A 255 6.73 37.05 -59.21
C GLU A 255 5.76 37.10 -60.38
N SER A 256 6.25 36.95 -61.61
CA SER A 256 5.35 36.87 -62.76
C SER A 256 4.47 35.64 -62.67
N ALA A 257 5.02 34.51 -62.23
CA ALA A 257 4.26 33.30 -61.99
C ALA A 257 3.62 33.26 -60.61
N HIS A 258 3.90 34.24 -59.75
CA HIS A 258 3.31 34.26 -58.42
C HIS A 258 1.79 34.36 -58.49
N ILE A 259 1.27 35.24 -59.34
CA ILE A 259 -0.16 35.44 -59.44
C ILE A 259 -0.87 34.22 -60.00
N SER A 260 -0.16 33.36 -60.74
CA SER A 260 -0.80 32.20 -61.35
C SER A 260 -1.42 31.29 -60.29
N ASP A 261 -0.71 31.05 -59.20
CA ASP A 261 -1.27 30.30 -58.09
C ASP A 261 -1.97 31.19 -57.07
N ALA A 262 -1.69 32.49 -57.09
CA ALA A 262 -2.32 33.40 -56.14
C ALA A 262 -3.79 33.63 -56.48
N VAL A 263 -4.09 33.87 -57.75
CA VAL A 263 -5.47 34.17 -58.14
C VAL A 263 -6.35 32.94 -58.15
N GLY A 264 -5.78 31.74 -58.31
CA GLY A 264 -6.60 30.55 -58.39
C GLY A 264 -7.33 30.22 -57.10
N VAL A 265 -6.63 30.35 -55.97
CA VAL A 265 -7.23 29.99 -54.69
C VAL A 265 -8.36 30.96 -54.33
N VAL A 266 -8.11 32.25 -54.47
CA VAL A 266 -9.09 33.25 -54.04
C VAL A 266 -10.31 33.24 -54.96
N ALA A 267 -10.10 33.10 -56.27
CA ALA A 267 -11.21 33.16 -57.22
C ALA A 267 -12.21 32.04 -56.99
N GLN A 268 -11.72 30.82 -56.75
CA GLN A 268 -12.59 29.68 -56.51
C GLN A 268 -13.03 29.55 -55.06
N ALA A 269 -12.43 30.32 -54.16
CA ALA A 269 -12.84 30.28 -52.76
C ALA A 269 -14.27 30.79 -52.60
N VAL A 270 -14.64 31.83 -53.35
CA VAL A 270 -15.99 32.37 -53.28
C VAL A 270 -17.02 31.39 -53.82
N HIS A 271 -16.59 30.40 -54.61
CA HIS A 271 -17.53 29.41 -55.14
C HIS A 271 -18.20 28.63 -54.02
N GLU A 272 -17.43 28.22 -53.01
CA GLU A 272 -18.02 27.58 -51.86
C GLU A 272 -18.73 28.58 -50.96
N LEU A 273 -18.33 29.85 -51.02
CA LEU A 273 -18.90 30.87 -50.15
C LEU A 273 -20.30 31.29 -50.61
N LEU A 274 -20.59 31.21 -51.91
CA LEU A 274 -21.88 31.66 -52.42
C LEU A 274 -22.96 30.61 -52.18
N GLU A 275 -23.00 30.07 -50.96
CA GLU A 275 -24.06 29.16 -50.57
C GLU A 275 -24.54 29.39 -49.13
N LYS A 276 -24.05 30.42 -48.46
CA LYS A 276 -24.40 30.70 -47.08
C LYS A 276 -25.03 32.10 -46.97
N GLU A 277 -25.27 32.53 -45.73
CA GLU A 277 -25.88 33.82 -45.45
C GLU A 277 -24.79 34.85 -45.16
N ASN A 278 -25.21 36.03 -44.70
CA ASN A 278 -24.33 37.14 -44.30
C ASN A 278 -23.27 37.45 -45.34
N ILE A 279 -23.59 37.25 -46.61
CA ILE A 279 -22.68 37.58 -47.72
C ILE A 279 -22.92 39.05 -48.03
N THR A 280 -22.23 39.92 -47.31
CA THR A 280 -22.38 41.36 -47.46
C THR A 280 -21.02 42.02 -47.56
N ASP A 281 -20.88 42.93 -48.51
CA ASP A 281 -19.62 43.64 -48.70
C ASP A 281 -19.35 44.58 -47.52
N PRO A 282 -18.08 44.76 -47.16
CA PRO A 282 -17.78 45.74 -46.12
C PRO A 282 -18.16 47.13 -46.55
N PRO A 283 -18.48 48.00 -45.59
CA PRO A 283 -18.95 49.36 -45.96
C PRO A 283 -17.92 50.11 -46.78
N ARG A 284 -18.42 50.92 -47.71
CA ARG A 284 -17.56 51.60 -48.67
C ARG A 284 -16.71 52.66 -47.99
N GLY A 285 -15.54 52.92 -48.58
CA GLY A 285 -14.65 53.97 -48.11
C GLY A 285 -13.79 53.53 -46.94
N CYS A 286 -12.94 54.46 -46.52
CA CYS A 286 -12.05 54.25 -45.37
C CYS A 286 -12.31 55.24 -44.24
N VAL A 287 -13.27 56.16 -44.42
CA VAL A 287 -13.57 57.16 -43.41
C VAL A 287 -14.96 56.95 -42.81
N GLY A 288 -15.96 56.67 -43.64
CA GLY A 288 -17.32 56.51 -43.17
C GLY A 288 -17.60 55.22 -42.44
N ASN A 289 -16.67 54.26 -42.49
CA ASN A 289 -16.81 52.99 -41.81
C ASN A 289 -15.88 52.98 -40.60
N THR A 290 -16.45 53.05 -39.40
CA THR A 290 -15.69 53.00 -38.16
C THR A 290 -15.93 51.72 -37.39
N ASN A 291 -16.82 50.85 -37.86
CA ASN A 291 -17.11 49.59 -37.20
C ASN A 291 -16.93 48.45 -38.19
N ILE A 292 -16.47 47.31 -37.68
CA ILE A 292 -16.18 46.15 -38.52
C ILE A 292 -17.45 45.35 -38.73
N TRP A 293 -17.63 44.87 -39.96
CA TRP A 293 -18.77 44.00 -40.27
C TRP A 293 -18.63 42.67 -39.53
N LYS A 294 -19.78 42.04 -39.27
CA LYS A 294 -19.80 40.86 -38.42
C LYS A 294 -18.98 39.72 -39.01
N THR A 295 -19.12 39.48 -40.32
CA THR A 295 -18.36 38.41 -40.96
C THR A 295 -16.91 38.82 -41.12
N GLY A 296 -16.07 38.45 -40.15
CA GLY A 296 -14.67 38.80 -40.18
C GLY A 296 -13.80 37.63 -40.63
N PRO A 297 -13.20 36.93 -39.67
CA PRO A 297 -12.38 35.76 -40.01
C PRO A 297 -13.15 34.59 -40.59
N LEU A 298 -14.47 34.70 -40.72
CA LEU A 298 -15.25 33.63 -41.35
C LEU A 298 -14.90 33.48 -42.83
N PHE A 299 -14.52 34.58 -43.49
CA PHE A 299 -14.12 34.49 -44.89
C PHE A 299 -12.89 33.60 -45.05
N LYS A 300 -11.93 33.71 -44.13
CA LYS A 300 -10.74 32.88 -44.20
C LYS A 300 -11.07 31.40 -44.05
N ARG A 301 -12.14 31.06 -43.33
CA ARG A 301 -12.43 29.67 -43.02
C ARG A 301 -12.62 28.83 -44.28
N VAL A 302 -12.92 29.46 -45.42
CA VAL A 302 -12.99 28.76 -46.70
C VAL A 302 -11.65 28.75 -47.43
N LEU A 303 -10.64 29.46 -46.92
CA LEU A 303 -9.39 29.60 -47.65
C LEU A 303 -8.52 28.35 -47.54
N MET A 304 -8.14 27.95 -46.32
CA MET A 304 -7.24 26.81 -46.21
C MET A 304 -7.88 25.51 -46.68
N SER A 305 -9.21 25.48 -46.78
CA SER A 305 -9.88 24.30 -47.32
C SER A 305 -9.66 24.13 -48.81
N SER A 306 -9.14 25.14 -49.48
CA SER A 306 -8.88 25.09 -50.92
C SER A 306 -7.43 24.69 -51.15
N LYS A 307 -7.22 23.55 -51.82
CA LYS A 307 -5.90 23.04 -52.17
C LYS A 307 -5.95 22.62 -53.63
N TYR A 308 -5.57 23.55 -54.52
CA TYR A 308 -5.65 23.34 -55.95
C TYR A 308 -4.24 23.14 -56.51
N ALA A 309 -4.02 21.97 -57.12
CA ALA A 309 -2.73 21.65 -57.72
C ALA A 309 -2.76 22.11 -59.19
N ASP A 310 -2.59 23.41 -59.37
CA ASP A 310 -2.65 24.00 -60.70
C ASP A 310 -1.76 25.24 -60.73
N GLY A 311 -1.39 25.63 -61.94
CA GLY A 311 -0.54 26.79 -62.14
C GLY A 311 0.88 26.41 -62.52
N VAL A 312 1.74 27.44 -62.53
CA VAL A 312 3.14 27.23 -62.88
C VAL A 312 3.81 26.32 -61.87
N THR A 313 3.56 26.53 -60.58
CA THR A 313 4.12 25.68 -59.54
C THR A 313 3.14 24.58 -59.13
N GLY A 314 1.92 24.96 -58.77
CA GLY A 314 0.91 24.00 -58.39
C GLY A 314 1.12 23.46 -56.99
N ARG A 315 0.28 22.49 -56.64
CA ARG A 315 0.28 21.80 -55.34
C ARG A 315 0.54 22.77 -54.18
N VAL A 316 -0.38 23.72 -54.03
CA VAL A 316 -0.35 24.69 -52.94
C VAL A 316 -1.41 24.28 -51.91
N GLU A 317 -0.99 24.19 -50.65
CA GLU A 317 -1.80 23.67 -49.57
C GLU A 317 -1.72 24.57 -48.34
N PHE A 318 -1.94 25.87 -48.54
CA PHE A 318 -1.86 26.83 -47.44
C PHE A 318 -2.84 26.46 -46.33
N ASN A 319 -2.32 26.33 -45.11
CA ASN A 319 -3.15 25.98 -43.96
C ASN A 319 -2.32 26.22 -42.70
N GLU A 320 -2.91 25.84 -41.55
CA GLU A 320 -2.26 25.92 -40.25
C GLU A 320 -1.83 27.35 -39.93
N ASP A 321 -0.57 27.67 -40.19
CA ASP A 321 -0.01 28.98 -39.90
C ASP A 321 -0.14 29.94 -41.06
N GLY A 322 -1.03 29.66 -42.01
CA GLY A 322 -1.14 30.47 -43.20
C GLY A 322 0.11 30.46 -44.06
N ASP A 323 0.86 29.36 -44.03
CA ASP A 323 2.10 29.23 -44.78
C ASP A 323 2.04 27.98 -45.64
N ARG A 324 2.80 28.00 -46.73
CA ARG A 324 2.78 26.91 -47.69
C ARG A 324 3.38 25.64 -47.08
N LYS A 325 2.73 24.51 -47.34
CA LYS A 325 3.23 23.21 -46.95
C LYS A 325 3.91 22.53 -48.15
N PHE A 326 4.79 21.58 -47.84
CA PHE A 326 5.55 20.83 -48.83
C PHE A 326 6.27 21.78 -49.79
N ALA A 327 7.12 22.64 -49.20
CA ALA A 327 7.88 23.59 -49.98
C ALA A 327 8.98 22.89 -50.76
N ASN A 328 9.49 23.59 -51.77
CA ASN A 328 10.50 23.05 -52.68
C ASN A 328 11.75 23.89 -52.62
N TYR A 329 12.89 23.25 -52.34
CA TYR A 329 14.19 23.91 -52.32
C TYR A 329 15.20 23.02 -53.04
N SER A 330 16.19 23.67 -53.65
CA SER A 330 17.24 22.97 -54.38
C SER A 330 18.53 22.99 -53.58
N ILE A 331 19.12 21.81 -53.37
CA ILE A 331 20.39 21.73 -52.65
C ILE A 331 21.50 22.22 -53.57
N MET A 332 22.31 23.14 -53.06
CA MET A 332 23.30 23.84 -53.86
C MET A 332 24.68 23.69 -53.23
N ASN A 333 25.69 23.48 -54.08
CA ASN A 333 27.07 23.36 -53.63
C ASN A 333 27.91 24.36 -54.41
N LEU A 334 28.69 25.16 -53.68
CA LEU A 334 29.58 26.14 -54.28
C LEU A 334 30.95 25.53 -54.50
N GLN A 335 31.46 25.64 -55.72
CA GLN A 335 32.76 25.09 -56.09
C GLN A 335 33.53 26.11 -56.90
N ASN A 336 34.76 26.40 -56.46
CA ASN A 336 35.70 27.30 -57.16
C ASN A 336 35.00 28.50 -57.77
N ARG A 337 34.21 29.19 -56.92
CA ARG A 337 33.45 30.38 -57.32
C ARG A 337 32.45 30.07 -58.43
N LYS A 338 31.91 28.85 -58.44
CA LYS A 338 30.90 28.44 -59.41
C LYS A 338 29.78 27.72 -58.68
N LEU A 339 28.56 27.88 -59.18
CA LEU A 339 27.37 27.32 -58.57
C LEU A 339 26.91 26.12 -59.39
N VAL A 340 26.80 24.96 -58.74
CA VAL A 340 26.33 23.74 -59.39
C VAL A 340 25.35 23.03 -58.46
N GLN A 341 24.20 22.65 -59.00
CA GLN A 341 23.22 21.91 -58.22
C GLN A 341 23.73 20.52 -57.89
N VAL A 342 23.49 20.07 -56.67
CA VAL A 342 23.88 18.74 -56.23
C VAL A 342 22.73 17.96 -55.60
N GLY A 343 21.53 18.53 -55.56
CA GLY A 343 20.40 17.83 -54.96
C GLY A 343 19.15 18.67 -55.06
N ILE A 344 18.05 18.08 -54.60
CA ILE A 344 16.75 18.73 -54.61
C ILE A 344 15.88 18.07 -53.55
N TYR A 345 15.09 18.88 -52.85
CA TYR A 345 14.17 18.41 -51.82
C TYR A 345 12.75 18.66 -52.30
N ASN A 346 12.05 17.59 -52.66
CA ASN A 346 10.71 17.70 -53.23
C ASN A 346 9.65 18.03 -52.21
N GLY A 347 9.97 17.99 -50.92
CA GLY A 347 8.99 18.28 -49.89
C GLY A 347 8.96 17.24 -48.79
N THR A 348 9.28 15.99 -49.13
CA THR A 348 9.27 14.89 -48.17
C THR A 348 10.65 14.32 -47.90
N HIS A 349 11.37 13.92 -48.95
CA HIS A 349 12.68 13.29 -48.79
C HIS A 349 13.70 13.99 -49.67
N VAL A 350 14.96 13.64 -49.48
CA VAL A 350 16.07 14.29 -50.16
C VAL A 350 16.41 13.50 -51.41
N ILE A 351 16.55 14.21 -52.53
CA ILE A 351 16.93 13.62 -53.81
C ILE A 351 18.23 14.28 -54.26
N PRO A 352 19.37 13.59 -54.13
CA PRO A 352 20.64 14.17 -54.55
C PRO A 352 20.83 14.15 -56.06
N ASN A 353 22.01 14.56 -56.52
CA ASN A 353 22.34 14.58 -57.93
C ASN A 353 23.63 13.80 -58.17
N ASP A 354 23.79 13.33 -59.41
CA ASP A 354 24.96 12.52 -59.78
C ASP A 354 26.26 13.31 -59.67
N ARG A 355 26.21 14.63 -59.74
CA ARG A 355 27.42 15.43 -59.69
C ARG A 355 28.11 15.26 -58.33
N LYS A 356 29.44 15.16 -58.36
CA LYS A 356 30.20 14.89 -57.15
C LYS A 356 30.11 16.05 -56.18
N ILE A 357 29.85 15.76 -54.92
CA ILE A 357 29.71 16.77 -53.88
C ILE A 357 31.06 17.02 -53.22
N ILE A 358 31.44 18.28 -53.15
CA ILE A 358 32.79 18.67 -52.75
C ILE A 358 32.72 19.35 -51.38
N TRP A 359 33.84 19.32 -50.66
CA TRP A 359 34.02 19.94 -49.37
C TRP A 359 35.27 20.79 -49.39
N PRO A 360 35.36 21.79 -48.51
CA PRO A 360 36.54 22.67 -48.51
C PRO A 360 37.82 21.88 -48.27
N GLY A 361 38.89 22.31 -48.94
CA GLY A 361 40.15 21.59 -48.93
C GLY A 361 40.29 20.56 -50.02
N GLY A 362 39.25 20.31 -50.80
CA GLY A 362 39.32 19.36 -51.89
C GLY A 362 39.12 17.91 -51.51
N GLU A 363 38.79 17.62 -50.26
CA GLU A 363 38.64 16.24 -49.82
C GLU A 363 37.33 15.67 -50.35
N THR A 364 37.44 14.62 -51.17
CA THR A 364 36.25 13.95 -51.67
C THR A 364 35.50 13.23 -50.57
N GLU A 365 36.23 12.68 -49.59
CA GLU A 365 35.59 12.02 -48.46
C GLU A 365 34.88 13.04 -47.58
N LYS A 366 33.74 12.64 -47.02
CA LYS A 366 32.98 13.50 -46.13
C LYS A 366 33.50 13.33 -44.71
N PRO A 367 34.10 14.36 -44.11
CA PRO A 367 34.55 14.23 -42.72
C PRO A 367 33.36 13.97 -41.79
N ARG A 368 33.58 13.10 -40.81
CA ARG A 368 32.54 12.85 -39.81
C ARG A 368 32.32 14.09 -38.97
N GLY A 369 31.06 14.38 -38.68
CA GLY A 369 30.71 15.55 -37.90
C GLY A 369 30.97 15.37 -36.42
N TYR A 370 32.13 14.81 -36.10
CA TYR A 370 32.49 14.53 -34.71
C TYR A 370 34.00 14.35 -34.63
N GLN A 371 34.52 14.52 -33.41
CA GLN A 371 35.93 14.31 -33.14
C GLN A 371 36.08 13.83 -31.70
N MET A 372 37.27 13.32 -31.40
CA MET A 372 37.56 12.78 -30.08
C MET A 372 38.73 13.51 -29.46
N SER A 373 38.68 13.67 -28.14
CA SER A 373 39.74 14.30 -27.37
C SER A 373 40.40 13.25 -26.49
N THR A 374 41.71 13.09 -26.62
CA THR A 374 42.46 12.12 -25.84
C THR A 374 42.94 12.67 -24.51
N ARG A 375 42.69 13.95 -24.23
CA ARG A 375 43.06 14.57 -22.98
C ARG A 375 41.79 14.85 -22.17
N LEU A 376 41.74 14.34 -20.94
CA LEU A 376 40.59 14.51 -20.07
C LEU A 376 41.02 15.11 -18.75
N LYS A 377 40.06 15.75 -18.08
CA LYS A 377 40.28 16.36 -16.77
C LYS A 377 39.41 15.66 -15.75
N ILE A 378 40.04 15.10 -14.72
CA ILE A 378 39.35 14.32 -13.72
C ILE A 378 39.14 15.16 -12.47
N VAL A 379 38.27 14.68 -11.58
CA VAL A 379 37.92 15.37 -10.35
C VAL A 379 38.00 14.38 -9.19
N THR A 380 38.60 14.82 -8.08
CA THR A 380 38.76 13.97 -6.91
C THR A 380 38.55 14.81 -5.66
N ILE A 381 38.22 14.13 -4.56
CA ILE A 381 37.97 14.77 -3.27
C ILE A 381 38.83 14.08 -2.21
N HIS A 382 39.34 14.86 -1.27
CA HIS A 382 40.17 14.33 -0.19
C HIS A 382 39.39 13.30 0.64
N GLN A 383 39.83 12.04 0.57
CA GLN A 383 39.25 10.96 1.35
C GLN A 383 40.37 10.11 1.90
N GLU A 384 40.19 9.59 3.12
CA GLU A 384 41.32 8.97 3.82
C GLU A 384 41.78 7.68 3.14
N PRO A 385 40.98 6.61 3.09
CA PRO A 385 41.53 5.34 2.60
C PRO A 385 41.75 5.29 1.11
N PHE A 386 41.13 6.18 0.33
CA PHE A 386 41.18 6.12 -1.13
C PHE A 386 42.20 7.08 -1.72
N VAL A 387 42.06 8.38 -1.43
CA VAL A 387 42.83 9.42 -2.10
C VAL A 387 43.53 10.25 -1.02
N TYR A 388 44.77 9.88 -0.71
CA TYR A 388 45.58 10.68 0.20
C TYR A 388 45.95 12.01 -0.45
N VAL A 389 46.24 13.01 0.38
CA VAL A 389 46.67 14.32 -0.08
C VAL A 389 47.78 14.80 0.84
N LYS A 390 48.94 15.12 0.28
CA LYS A 390 50.07 15.63 1.03
C LYS A 390 50.73 16.75 0.23
N PRO A 391 51.36 17.71 0.91
CA PRO A 391 52.11 18.74 0.19
C PRO A 391 53.35 18.16 -0.46
N THR A 392 53.79 18.82 -1.54
CA THR A 392 54.91 18.33 -2.33
C THR A 392 56.23 18.66 -1.63
N LEU A 393 57.33 18.45 -2.34
CA LEU A 393 58.66 18.76 -1.81
C LEU A 393 58.91 20.26 -1.93
N SER A 394 60.16 20.68 -1.69
CA SER A 394 60.50 22.09 -1.81
C SER A 394 60.52 22.53 -3.26
N ASP A 395 61.12 21.72 -4.14
CA ASP A 395 61.28 22.08 -5.54
C ASP A 395 60.07 21.77 -6.39
N GLY A 396 59.09 21.02 -5.87
CA GLY A 396 57.91 20.69 -6.63
C GLY A 396 57.93 19.28 -7.20
N THR A 397 58.35 18.32 -6.38
CA THR A 397 58.40 16.93 -6.79
C THR A 397 57.76 16.06 -5.71
N CYS A 398 57.46 14.82 -6.06
CA CYS A 398 56.84 13.88 -5.15
C CYS A 398 57.89 12.92 -4.60
N LYS A 399 57.74 12.55 -3.33
CA LYS A 399 58.70 11.67 -2.68
C LYS A 399 58.56 10.24 -3.21
N GLU A 400 59.39 9.36 -2.67
CA GLU A 400 59.43 7.95 -3.07
C GLU A 400 59.30 7.11 -1.81
N GLU A 401 58.07 6.84 -1.40
CA GLU A 401 57.80 6.08 -0.18
C GLU A 401 57.66 4.60 -0.56
N PHE A 402 58.72 3.84 -0.36
CA PHE A 402 58.70 2.42 -0.68
C PHE A 402 57.74 1.68 0.25
N THR A 403 56.92 0.81 -0.33
CA THR A 403 56.05 -0.03 0.48
C THR A 403 56.88 -1.10 1.20
N VAL A 404 56.27 -1.69 2.22
CA VAL A 404 56.97 -2.68 3.04
C VAL A 404 57.35 -3.90 2.20
N ASN A 405 56.58 -4.18 1.14
CA ASN A 405 56.81 -5.36 0.31
C ASN A 405 57.66 -5.09 -0.91
N GLY A 406 58.06 -3.85 -1.16
CA GLY A 406 58.84 -3.58 -2.36
C GLY A 406 58.62 -2.23 -3.02
N ASP A 407 58.19 -2.26 -4.28
CA ASP A 407 58.20 -1.07 -5.13
C ASP A 407 57.39 0.06 -4.50
N PRO A 408 57.87 1.30 -4.58
CA PRO A 408 57.16 2.41 -3.97
C PRO A 408 55.84 2.70 -4.66
N VAL A 409 54.94 3.33 -3.91
CA VAL A 409 53.60 3.62 -4.40
C VAL A 409 53.67 4.57 -5.60
N LYS A 410 52.60 4.55 -6.39
CA LYS A 410 52.49 5.42 -7.56
C LYS A 410 51.87 6.74 -7.16
N LYS A 411 52.50 7.84 -7.56
CA LYS A 411 52.07 9.18 -7.19
C LYS A 411 51.93 10.04 -8.44
N VAL A 412 50.87 10.85 -8.48
CA VAL A 412 50.60 11.75 -9.59
C VAL A 412 50.33 13.14 -9.04
N ILE A 413 50.81 14.16 -9.74
CA ILE A 413 50.68 15.54 -9.26
C ILE A 413 49.22 15.96 -9.29
N CYS A 414 48.92 17.04 -8.55
CA CYS A 414 47.55 17.36 -8.20
C CYS A 414 47.46 18.84 -7.88
N THR A 415 46.42 19.51 -8.39
CA THR A 415 46.20 20.92 -8.12
C THR A 415 44.89 21.10 -7.37
N GLY A 416 44.82 22.13 -6.53
CA GLY A 416 43.64 22.39 -5.75
C GLY A 416 43.80 23.53 -4.76
N PRO A 417 42.81 23.69 -3.89
CA PRO A 417 42.86 24.80 -2.92
C PRO A 417 43.94 24.60 -1.89
N ASN A 418 44.34 25.72 -1.26
CA ASN A 418 45.44 25.74 -0.32
C ASN A 418 44.98 25.65 1.13
N ASP A 419 44.12 26.57 1.56
CA ASP A 419 43.71 26.67 2.96
C ASP A 419 42.25 26.25 3.17
N THR A 420 41.70 25.43 2.27
CA THR A 420 40.34 24.90 2.30
C THR A 420 39.28 25.97 2.09
N SER A 421 39.66 27.24 1.97
CA SER A 421 38.73 28.34 1.75
C SER A 421 37.53 28.34 2.69
N PRO A 422 37.75 28.43 4.01
CA PRO A 422 36.62 28.54 4.95
C PRO A 422 36.19 30.00 5.13
N GLY A 423 35.78 30.62 4.03
CA GLY A 423 35.58 32.05 3.99
C GLY A 423 36.83 32.85 3.73
N SER A 424 37.98 32.20 3.59
CA SER A 424 39.25 32.85 3.30
C SER A 424 39.90 32.14 2.12
N PRO A 425 39.43 32.39 0.90
CA PRO A 425 40.02 31.72 -0.27
C PRO A 425 41.44 32.16 -0.51
N ARG A 426 42.22 31.27 -1.13
CA ARG A 426 43.62 31.54 -1.43
C ARG A 426 43.93 30.93 -2.79
N HIS A 427 45.21 30.97 -3.16
CA HIS A 427 45.65 30.52 -4.47
C HIS A 427 45.63 28.98 -4.53
N THR A 428 45.95 28.45 -5.70
CA THR A 428 46.00 27.02 -5.94
C THR A 428 47.45 26.57 -6.06
N VAL A 429 47.82 25.54 -5.31
CA VAL A 429 49.21 25.10 -5.24
C VAL A 429 49.29 23.60 -5.51
N PRO A 430 50.41 23.09 -6.00
CA PRO A 430 50.53 21.65 -6.26
C PRO A 430 50.46 20.83 -4.99
N GLN A 431 49.96 19.60 -5.13
CA GLN A 431 49.88 18.63 -4.05
C GLN A 431 50.35 17.28 -4.58
N CYS A 432 50.15 16.23 -3.77
CA CYS A 432 50.47 14.86 -4.17
C CYS A 432 49.22 14.01 -3.97
N CYS A 433 48.56 13.65 -5.07
CA CYS A 433 47.37 12.81 -5.03
C CYS A 433 47.76 11.38 -5.37
N TYR A 434 47.53 10.46 -4.44
CA TYR A 434 47.85 9.06 -4.65
C TYR A 434 46.99 8.22 -3.70
N GLY A 435 46.88 6.94 -4.01
CA GLY A 435 46.14 6.02 -3.18
C GLY A 435 45.46 4.95 -4.03
N PHE A 436 44.48 4.29 -3.42
CA PHE A 436 43.80 3.18 -4.08
C PHE A 436 43.04 3.65 -5.31
N CYS A 437 42.21 4.68 -5.17
CA CYS A 437 41.41 5.15 -6.29
C CYS A 437 42.29 5.67 -7.42
N ILE A 438 43.34 6.42 -7.09
CA ILE A 438 44.25 6.92 -8.11
C ILE A 438 44.98 5.76 -8.78
N ASP A 439 45.33 4.73 -8.01
CA ASP A 439 45.94 3.54 -8.60
C ASP A 439 45.04 2.91 -9.64
N LEU A 440 43.72 2.96 -9.44
CA LEU A 440 42.79 2.45 -10.43
C LEU A 440 42.86 3.25 -11.71
N LEU A 441 42.97 4.59 -11.60
CA LEU A 441 42.95 5.44 -12.78
C LEU A 441 44.13 5.16 -13.70
N ILE A 442 45.30 4.87 -13.11
CA ILE A 442 46.47 4.58 -13.94
C ILE A 442 46.24 3.30 -14.73
N LYS A 443 45.54 2.33 -14.15
CA LYS A 443 45.25 1.10 -14.87
C LYS A 443 44.36 1.36 -16.08
N LEU A 444 43.34 2.21 -15.92
CA LEU A 444 42.47 2.55 -17.05
C LEU A 444 43.20 3.37 -18.09
N ALA A 445 44.19 4.16 -17.67
CA ALA A 445 44.86 5.08 -18.59
C ALA A 445 45.61 4.33 -19.68
N ARG A 446 46.28 3.23 -19.33
CA ARG A 446 47.14 2.52 -20.27
C ARG A 446 46.42 1.43 -21.03
N THR A 447 45.10 1.28 -20.85
CA THR A 447 44.35 0.25 -21.55
C THR A 447 43.41 0.82 -22.62
N MET A 448 43.17 2.13 -22.63
CA MET A 448 42.38 2.74 -23.68
C MET A 448 42.90 4.14 -24.06
N ASN A 449 44.19 4.39 -23.86
CA ASN A 449 44.88 5.59 -24.37
C ASN A 449 44.27 6.87 -23.81
N PHE A 450 44.45 7.03 -22.50
CA PHE A 450 44.11 8.27 -21.80
C PHE A 450 45.27 9.27 -21.83
N THR A 451 44.95 10.48 -21.39
CA THR A 451 45.96 11.46 -20.98
C THR A 451 45.26 12.41 -20.00
N TYR A 452 45.61 12.33 -18.73
CA TYR A 452 44.79 12.89 -17.67
C TYR A 452 45.48 14.09 -17.02
N GLU A 453 44.73 14.75 -16.15
CA GLU A 453 45.28 15.75 -15.24
C GLU A 453 44.32 15.87 -14.06
N VAL A 454 44.86 15.87 -12.85
CA VAL A 454 44.06 15.73 -11.64
C VAL A 454 43.98 17.08 -10.94
N HIS A 455 42.76 17.52 -10.66
CA HIS A 455 42.53 18.74 -9.87
C HIS A 455 41.36 18.51 -8.93
N LEU A 456 41.55 18.83 -7.65
CA LEU A 456 40.54 18.58 -6.64
C LEU A 456 39.38 19.57 -6.78
N VAL A 457 38.35 19.35 -5.97
CA VAL A 457 37.16 20.19 -6.02
C VAL A 457 37.44 21.52 -5.35
N ALA A 458 36.61 22.52 -5.68
CA ALA A 458 36.85 23.88 -5.23
C ALA A 458 36.45 24.08 -3.77
N ASP A 459 35.39 23.43 -3.31
CA ASP A 459 34.86 23.64 -1.96
C ASP A 459 35.10 22.46 -1.04
N GLY A 460 34.64 21.28 -1.42
CA GLY A 460 34.82 20.11 -0.57
C GLY A 460 33.59 19.22 -0.52
N LYS A 461 32.42 19.82 -0.69
CA LYS A 461 31.17 19.06 -0.64
C LYS A 461 31.05 18.15 -1.85
N PHE A 462 30.48 16.97 -1.64
CA PHE A 462 30.32 16.01 -2.72
C PHE A 462 29.38 16.55 -3.80
N GLY A 463 28.12 16.78 -3.43
CA GLY A 463 27.15 17.32 -4.37
C GLY A 463 25.72 17.17 -3.89
N THR A 464 24.92 18.22 -4.08
CA THR A 464 23.52 18.20 -3.66
C THR A 464 22.78 19.30 -4.42
N GLN A 465 21.55 19.00 -4.83
CA GLN A 465 20.74 19.96 -5.56
C GLN A 465 19.91 20.79 -4.58
N GLU A 466 20.03 22.12 -4.69
CA GLU A 466 19.33 23.02 -3.81
C GLU A 466 19.26 24.39 -4.46
N ARG A 467 18.39 25.24 -3.92
CA ARG A 467 18.18 26.60 -4.43
C ARG A 467 18.89 27.60 -3.55
N VAL A 468 19.41 28.66 -4.17
CA VAL A 468 20.24 29.65 -3.48
C VAL A 468 19.72 31.05 -3.76
N ASN A 469 19.54 31.84 -2.70
CA ASN A 469 19.40 33.29 -2.75
C ASN A 469 18.06 33.75 -3.30
N ASN A 470 17.25 32.84 -3.84
CA ASN A 470 15.91 33.21 -4.30
C ASN A 470 14.86 32.14 -4.04
N SER A 471 15.22 31.02 -3.41
CA SER A 471 14.34 29.87 -3.21
C SER A 471 13.79 29.33 -4.52
N ASN A 472 14.33 29.76 -5.66
CA ASN A 472 13.86 29.33 -6.96
C ASN A 472 15.03 29.10 -7.93
N LYS A 473 16.17 28.67 -7.40
CA LYS A 473 17.37 28.38 -8.19
C LYS A 473 17.92 27.01 -7.84
N LYS A 474 17.03 26.01 -7.80
CA LYS A 474 17.42 24.65 -7.46
C LYS A 474 18.49 24.13 -8.42
N GLU A 475 19.69 23.91 -7.91
CA GLU A 475 20.81 23.52 -8.75
C GLU A 475 21.84 22.78 -7.89
N TRP A 476 22.75 22.09 -8.57
CA TRP A 476 23.76 21.27 -7.92
C TRP A 476 24.85 22.16 -7.30
N ASN A 477 25.76 21.51 -6.58
CA ASN A 477 26.85 22.22 -5.92
C ASN A 477 28.03 21.26 -5.76
N GLY A 478 29.19 21.84 -5.48
CA GLY A 478 30.37 21.02 -5.22
C GLY A 478 30.82 20.25 -6.44
N MET A 479 31.34 19.04 -6.20
CA MET A 479 31.86 18.22 -7.29
C MET A 479 30.76 17.88 -8.30
N MET A 480 29.57 17.53 -7.82
CA MET A 480 28.49 17.18 -8.74
C MET A 480 28.11 18.36 -9.62
N GLY A 481 28.10 19.57 -9.07
CA GLY A 481 27.85 20.74 -9.88
C GLY A 481 28.97 21.01 -10.87
N GLU A 482 30.21 20.72 -10.48
CA GLU A 482 31.35 21.00 -11.36
C GLU A 482 31.33 20.14 -12.61
N LEU A 483 30.92 18.87 -12.48
CA LEU A 483 30.92 17.97 -13.63
C LEU A 483 29.95 18.45 -14.69
N LEU A 484 28.76 18.91 -14.28
CA LEU A 484 27.75 19.36 -15.22
C LEU A 484 28.04 20.74 -15.80
N SER A 485 29.04 21.44 -15.26
CA SER A 485 29.40 22.77 -15.74
C SER A 485 30.43 22.74 -16.86
N GLY A 486 30.83 21.56 -17.34
CA GLY A 486 31.82 21.45 -18.39
C GLY A 486 33.26 21.57 -17.94
N GLN A 487 33.51 21.69 -16.64
CA GLN A 487 34.87 21.80 -16.14
C GLN A 487 35.53 20.45 -15.94
N ALA A 488 34.81 19.35 -16.13
CA ALA A 488 35.37 18.01 -15.98
C ALA A 488 34.51 17.03 -16.79
N ASP A 489 35.09 15.87 -17.06
CA ASP A 489 34.38 14.84 -17.82
C ASP A 489 34.34 13.49 -17.15
N MET A 490 35.13 13.25 -16.10
CA MET A 490 35.09 11.99 -15.37
C MET A 490 35.22 12.26 -13.89
N ILE A 491 34.66 11.36 -13.08
CA ILE A 491 34.70 11.44 -11.63
C ILE A 491 35.28 10.15 -11.09
N VAL A 492 36.38 10.25 -10.35
CA VAL A 492 37.00 9.11 -9.69
C VAL A 492 37.13 9.46 -8.22
N ALA A 493 36.20 8.97 -7.40
CA ALA A 493 36.14 9.26 -5.98
C ALA A 493 35.09 8.34 -5.38
N PRO A 494 34.97 8.28 -4.05
CA PRO A 494 33.86 7.52 -3.47
C PRO A 494 32.52 8.20 -3.74
N LEU A 495 31.76 7.65 -4.68
CA LEU A 495 30.48 8.20 -5.07
C LEU A 495 29.41 7.12 -4.94
N THR A 496 28.31 7.43 -4.27
CA THR A 496 27.25 6.47 -4.06
C THR A 496 26.19 6.62 -5.15
N ILE A 497 25.86 5.51 -5.80
CA ILE A 497 24.82 5.53 -6.82
C ILE A 497 23.49 5.85 -6.16
N ASN A 498 22.81 6.87 -6.68
CA ASN A 498 21.55 7.33 -6.11
C ASN A 498 20.57 7.66 -7.22
N ASN A 499 19.31 7.30 -7.01
CA ASN A 499 18.27 7.59 -8.01
C ASN A 499 18.07 9.09 -8.18
N GLU A 500 18.08 9.84 -7.08
CA GLU A 500 17.80 11.26 -7.14
C GLU A 500 18.85 12.04 -7.92
N ARG A 501 20.02 11.46 -8.15
CA ARG A 501 21.07 12.14 -8.90
C ARG A 501 21.54 11.33 -10.11
N ALA A 502 20.80 10.31 -10.51
CA ALA A 502 21.14 9.52 -11.70
C ALA A 502 20.43 9.99 -12.95
N GLN A 503 19.59 11.02 -12.86
CA GLN A 503 18.88 11.50 -14.04
C GLN A 503 19.77 12.33 -14.97
N TYR A 504 20.70 13.10 -14.40
CA TYR A 504 21.53 14.02 -15.17
C TYR A 504 22.88 13.42 -15.56
N ILE A 505 23.26 12.29 -14.98
CA ILE A 505 24.54 11.64 -15.28
C ILE A 505 24.29 10.14 -15.43
N GLU A 506 25.32 9.45 -15.91
CA GLU A 506 25.30 8.00 -16.00
C GLU A 506 26.45 7.41 -15.19
N PHE A 507 26.22 6.22 -14.64
CA PHE A 507 27.15 5.59 -13.74
C PHE A 507 27.60 4.23 -14.29
N SER A 508 28.90 3.96 -14.18
CA SER A 508 29.43 2.66 -14.57
C SER A 508 29.19 1.65 -13.46
N LYS A 509 29.68 0.43 -13.67
CA LYS A 509 29.53 -0.61 -12.66
C LYS A 509 30.42 -0.32 -11.46
N PRO A 510 29.97 -0.65 -10.26
CA PRO A 510 30.69 -0.22 -9.05
C PRO A 510 32.05 -0.88 -8.91
N PHE A 511 32.95 -0.17 -8.22
CA PHE A 511 34.18 -0.80 -7.74
C PHE A 511 33.85 -1.87 -6.71
N LYS A 512 33.22 -1.46 -5.61
CA LYS A 512 32.95 -2.33 -4.47
C LYS A 512 31.47 -2.29 -4.10
N TYR A 513 31.12 -2.89 -2.97
CA TYR A 513 29.78 -2.84 -2.43
C TYR A 513 29.86 -2.49 -0.97
N GLN A 514 29.03 -1.55 -0.52
CA GLN A 514 29.20 -0.97 0.80
C GLN A 514 27.85 -0.65 1.41
N GLY A 515 27.86 -0.42 2.72
CA GLY A 515 26.67 -0.05 3.45
C GLY A 515 26.89 1.14 4.36
N LEU A 516 25.99 1.34 5.32
CA LEU A 516 26.06 2.43 6.27
C LEU A 516 26.02 1.87 7.69
N THR A 517 26.97 2.30 8.52
CA THR A 517 27.08 1.82 9.90
C THR A 517 27.29 3.02 10.83
N ILE A 518 27.42 2.72 12.12
CA ILE A 518 27.53 3.74 13.16
C ILE A 518 28.79 3.45 13.97
N LEU A 519 29.58 4.50 14.21
CA LEU A 519 30.84 4.39 14.92
C LEU A 519 30.73 5.14 16.24
N VAL A 520 31.02 4.44 17.35
CA VAL A 520 30.94 5.01 18.68
C VAL A 520 32.18 4.59 19.46
N LYS A 521 32.68 5.48 20.33
CA LYS A 521 33.87 5.20 21.11
C LYS A 521 33.64 4.03 22.06
N LYS A 522 34.68 3.23 22.24
CA LYS A 522 34.62 2.10 23.15
C LYS A 522 34.42 2.57 24.59
N GLU A 523 33.66 1.79 25.35
CA GLU A 523 33.48 2.06 26.78
C GLU A 523 34.71 1.57 27.55
N ILE A 524 35.10 2.34 28.56
CA ILE A 524 36.30 2.04 29.33
C ILE A 524 36.05 0.87 30.27
N PRO A 525 36.83 -0.21 30.19
CA PRO A 525 36.69 -1.30 31.15
C PRO A 525 37.50 -1.05 32.41
N ARG A 526 36.88 -1.25 33.58
CA ARG A 526 37.52 -1.03 34.86
C ARG A 526 37.49 -2.32 35.68
N SER A 527 38.58 -2.60 36.37
CA SER A 527 38.71 -3.82 37.17
C SER A 527 39.38 -3.46 38.49
N THR A 528 38.58 -3.35 39.56
CA THR A 528 39.11 -3.08 40.90
C THR A 528 39.39 -4.40 41.62
N LEU A 529 40.46 -5.04 41.17
CA LEU A 529 40.87 -6.35 41.67
C LEU A 529 41.87 -6.26 42.82
N ASP A 530 41.80 -5.20 43.62
CA ASP A 530 42.77 -5.01 44.70
C ASP A 530 42.75 -6.14 45.72
N SER A 531 41.66 -6.92 45.77
CA SER A 531 41.52 -8.04 46.71
C SER A 531 41.59 -7.45 48.12
N PHE A 532 42.30 -8.10 49.04
CA PHE A 532 42.45 -7.63 50.42
C PHE A 532 41.08 -7.38 51.04
N MET A 533 40.18 -8.34 50.83
CA MET A 533 38.78 -8.26 51.27
C MET A 533 38.14 -7.00 50.65
N GLN A 534 38.15 -6.97 49.31
CA GLN A 534 37.46 -5.89 48.60
C GLN A 534 35.95 -6.08 48.57
N PRO A 535 35.41 -7.22 48.11
CA PRO A 535 33.94 -7.32 47.97
C PRO A 535 33.19 -7.24 49.28
N PHE A 536 33.84 -7.51 50.41
CA PHE A 536 33.16 -7.51 51.71
C PHE A 536 33.35 -6.14 52.35
N GLN A 537 32.23 -5.49 52.66
CA GLN A 537 32.27 -4.16 53.26
C GLN A 537 32.74 -4.24 54.71
N SER A 538 33.23 -3.11 55.21
CA SER A 538 33.73 -3.03 56.57
C SER A 538 32.63 -3.17 57.62
N THR A 539 31.36 -3.08 57.23
CA THR A 539 30.28 -3.20 58.19
C THR A 539 30.24 -4.61 58.81
N LEU A 540 30.31 -5.64 57.97
CA LEU A 540 30.31 -7.01 58.47
C LEU A 540 31.65 -7.41 59.07
N TRP A 541 32.73 -6.76 58.67
CA TRP A 541 34.06 -7.15 59.15
C TRP A 541 34.19 -6.97 60.65
N LEU A 542 33.71 -5.84 61.17
CA LEU A 542 33.92 -5.53 62.59
C LEU A 542 33.19 -6.53 63.49
N LEU A 543 31.95 -6.86 63.17
CA LEU A 543 31.17 -7.73 64.05
C LEU A 543 31.67 -9.17 63.97
N VAL A 544 32.00 -9.65 62.76
CA VAL A 544 32.49 -11.02 62.63
C VAL A 544 33.87 -11.16 63.25
N GLY A 545 34.68 -10.11 63.18
CA GLY A 545 35.98 -10.14 63.84
C GLY A 545 35.85 -10.25 65.34
N LEU A 546 34.88 -9.53 65.92
CA LEU A 546 34.60 -9.62 67.34
C LEU A 546 33.65 -10.76 67.68
N SER A 547 33.05 -11.41 66.68
CA SER A 547 32.16 -12.52 66.97
C SER A 547 32.90 -13.70 67.58
N VAL A 548 34.09 -14.01 67.07
CA VAL A 548 34.85 -15.14 67.58
C VAL A 548 35.28 -14.90 69.02
N HIS A 549 35.71 -13.68 69.33
CA HIS A 549 36.19 -13.38 70.68
C HIS A 549 35.09 -13.55 71.72
N VAL A 550 33.88 -13.03 71.43
CA VAL A 550 32.80 -13.08 72.40
C VAL A 550 32.16 -14.45 72.52
N VAL A 551 32.45 -15.37 71.61
CA VAL A 551 31.88 -16.71 71.66
C VAL A 551 32.86 -17.74 72.22
N ALA A 552 34.17 -17.50 72.09
CA ALA A 552 35.15 -18.44 72.62
C ALA A 552 35.11 -18.47 74.14
N VAL A 553 34.91 -17.30 74.77
CA VAL A 553 34.93 -17.22 76.23
C VAL A 553 33.82 -18.06 76.85
N MET A 554 32.71 -18.24 76.13
CA MET A 554 31.60 -19.01 76.67
C MET A 554 31.98 -20.45 76.96
N LEU A 555 32.97 -20.98 76.24
CA LEU A 555 33.41 -22.36 76.48
C LEU A 555 33.96 -22.53 77.89
N TYR A 556 34.90 -21.67 78.28
CA TYR A 556 35.45 -21.73 79.63
C TYR A 556 34.40 -21.38 80.66
N LEU A 557 33.51 -20.44 80.34
CA LEU A 557 32.41 -20.12 81.25
C LEU A 557 31.51 -21.33 81.47
N LEU A 558 31.26 -22.09 80.40
CA LEU A 558 30.45 -23.30 80.54
C LEU A 558 31.21 -24.40 81.27
N ASP A 559 32.54 -24.39 81.21
CA ASP A 559 33.35 -25.37 81.92
C ASP A 559 33.26 -25.22 83.44
N ARG A 560 32.75 -24.10 83.94
CA ARG A 560 32.69 -23.89 85.38
C ARG A 560 31.80 -24.92 86.06
N PHE A 561 30.63 -25.21 85.46
CA PHE A 561 29.67 -26.14 86.04
C PHE A 561 29.67 -27.49 85.33
N SER A 562 30.77 -27.86 84.69
CA SER A 562 30.83 -29.13 84.01
C SER A 562 30.77 -30.27 85.02
N PRO A 563 29.90 -31.27 84.83
CA PRO A 563 29.75 -32.39 85.76
C PRO A 563 30.73 -33.53 85.47
N LEU A 579 42.88 -26.65 80.89
CA LEU A 579 42.26 -25.87 79.84
C LEU A 579 41.85 -24.49 80.36
N THR A 580 42.75 -23.51 80.24
CA THR A 580 42.44 -22.16 80.65
C THR A 580 41.66 -21.44 79.55
N LEU A 581 41.27 -20.20 79.83
CA LEU A 581 40.50 -19.42 78.86
C LEU A 581 41.32 -19.18 77.59
N SER A 582 42.61 -18.86 77.74
CA SER A 582 43.45 -18.63 76.58
C SER A 582 43.66 -19.91 75.78
N SER A 583 43.85 -21.04 76.47
CA SER A 583 44.04 -22.31 75.78
C SER A 583 42.78 -22.79 75.07
N ALA A 584 41.63 -22.17 75.32
CA ALA A 584 40.40 -22.54 74.66
C ALA A 584 40.02 -21.59 73.53
N MET A 585 40.59 -20.39 73.49
CA MET A 585 40.22 -19.43 72.44
C MET A 585 40.87 -19.79 71.11
N TRP A 586 42.02 -20.48 71.13
CA TRP A 586 42.68 -20.84 69.88
C TRP A 586 41.80 -21.77 69.03
N PHE A 587 40.94 -22.56 69.67
CA PHE A 587 40.09 -23.49 68.93
C PHE A 587 39.20 -22.75 67.93
N SER A 588 38.47 -21.73 68.40
CA SER A 588 37.49 -21.06 67.54
C SER A 588 38.17 -20.34 66.38
N TRP A 589 39.25 -19.61 66.64
CA TRP A 589 39.96 -18.95 65.55
C TRP A 589 40.58 -19.97 64.59
N GLY A 590 40.92 -21.15 65.09
CA GLY A 590 41.43 -22.20 64.22
C GLY A 590 40.37 -22.74 63.29
N VAL A 591 39.14 -22.88 63.79
CA VAL A 591 38.06 -23.50 63.00
C VAL A 591 37.80 -22.69 61.74
N LEU A 592 37.72 -21.37 61.87
CA LEU A 592 37.40 -20.53 60.72
C LEU A 592 38.51 -20.52 59.69
N LEU A 593 39.76 -20.55 60.15
CA LEU A 593 40.89 -20.25 59.27
C LEU A 593 41.34 -21.48 58.48
N ASN A 594 40.61 -22.59 58.59
CA ASN A 594 40.98 -23.84 57.94
C ASN A 594 42.43 -24.19 58.25
N SER A 595 42.83 -24.01 59.51
CA SER A 595 44.21 -24.15 59.91
C SER A 595 44.56 -25.62 60.17
N GLY A 596 45.85 -25.89 60.25
CA GLY A 596 46.34 -27.21 60.58
C GLY A 596 46.72 -27.33 62.03
N ILE A 597 46.73 -26.20 62.74
CA ILE A 597 47.04 -26.21 64.18
C ILE A 597 45.76 -26.50 64.94
N GLY A 598 45.76 -27.62 65.68
CA GLY A 598 44.62 -27.97 66.50
C GLY A 598 44.98 -28.93 67.60
N GLU A 599 44.63 -28.59 68.83
CA GLU A 599 44.86 -29.46 69.98
C GLU A 599 43.95 -29.02 71.11
N GLY A 600 43.42 -29.99 71.85
CA GLY A 600 42.49 -29.69 72.92
C GLY A 600 41.07 -29.58 72.40
N ALA A 601 40.16 -30.34 73.00
CA ALA A 601 38.76 -30.33 72.63
C ALA A 601 37.91 -30.15 73.86
N PRO A 602 36.70 -29.60 73.72
CA PRO A 602 35.83 -29.43 74.89
C PRO A 602 35.54 -30.75 75.57
N ARG A 603 35.52 -30.73 76.90
CA ARG A 603 35.32 -31.94 77.69
C ARG A 603 33.86 -32.14 78.07
N SER A 604 33.18 -31.08 78.50
CA SER A 604 31.78 -31.19 78.85
C SER A 604 30.92 -31.41 77.61
N PHE A 605 29.81 -32.13 77.80
CA PHE A 605 28.94 -32.44 76.68
C PHE A 605 28.35 -31.19 76.05
N SER A 606 27.93 -30.24 76.87
CA SER A 606 27.30 -29.03 76.34
C SER A 606 28.31 -28.13 75.64
N ALA A 607 29.57 -28.12 76.11
CA ALA A 607 30.59 -27.31 75.46
C ALA A 607 30.84 -27.75 74.03
N ARG A 608 30.66 -29.04 73.74
CA ARG A 608 30.79 -29.51 72.36
C ARG A 608 29.73 -28.88 71.46
N ILE A 609 28.52 -28.67 72.00
CA ILE A 609 27.45 -28.06 71.21
C ILE A 609 27.84 -26.67 70.77
N LEU A 610 28.43 -25.88 71.66
CA LEU A 610 28.95 -24.57 71.27
C LEU A 610 30.02 -24.70 70.21
N GLY A 611 30.94 -25.65 70.39
CA GLY A 611 31.90 -25.95 69.35
C GLY A 611 31.25 -26.53 68.10
N MET A 612 30.16 -27.28 68.29
CA MET A 612 29.46 -27.87 67.14
C MET A 612 28.87 -26.79 66.24
N VAL A 613 28.10 -25.87 66.81
CA VAL A 613 27.43 -24.87 65.99
C VAL A 613 28.45 -23.95 65.34
N TRP A 614 29.60 -23.73 65.99
CA TRP A 614 30.63 -22.88 65.41
C TRP A 614 31.22 -23.50 64.15
N ALA A 615 31.19 -24.82 64.03
CA ALA A 615 31.72 -25.47 62.84
C ALA A 615 30.96 -25.06 61.59
N GLY A 616 29.63 -25.02 61.68
CA GLY A 616 28.83 -24.63 60.54
C GLY A 616 29.10 -23.22 60.06
N PHE A 617 29.39 -22.31 61.00
CA PHE A 617 29.66 -20.92 60.63
C PHE A 617 30.90 -20.80 59.75
N ALA A 618 31.88 -21.69 59.96
CA ALA A 618 33.08 -21.65 59.13
C ALA A 618 32.77 -21.98 57.68
N MET A 619 31.93 -23.00 57.45
CA MET A 619 31.69 -23.47 56.09
C MET A 619 30.91 -22.45 55.28
N ILE A 620 29.89 -21.84 55.88
CA ILE A 620 29.01 -20.95 55.11
C ILE A 620 29.77 -19.71 54.66
N ILE A 621 30.58 -19.11 55.54
CA ILE A 621 31.17 -17.82 55.25
C ILE A 621 32.21 -17.93 54.14
N VAL A 622 33.27 -18.71 54.37
CA VAL A 622 34.41 -18.68 53.46
C VAL A 622 34.02 -19.24 52.09
N ALA A 623 33.17 -20.26 52.06
CA ALA A 623 32.73 -20.81 50.78
C ALA A 623 31.88 -19.80 50.01
N SER A 624 30.90 -19.20 50.69
CA SER A 624 30.08 -18.19 50.04
C SER A 624 30.88 -16.93 49.74
N TYR A 625 31.83 -16.57 50.61
CA TYR A 625 32.68 -15.42 50.33
C TYR A 625 33.47 -15.63 49.05
N THR A 626 34.00 -16.84 48.85
CA THR A 626 34.62 -17.18 47.58
C THR A 626 33.59 -17.73 46.60
N ALA A 627 32.45 -17.07 46.52
CA ALA A 627 31.46 -17.28 45.48
C ALA A 627 31.04 -15.93 44.94
N ASN A 628 31.08 -14.91 45.81
CA ASN A 628 30.85 -13.54 45.38
C ASN A 628 31.96 -13.09 44.43
N LEU A 629 33.20 -13.46 44.73
CA LEU A 629 34.31 -13.17 43.83
C LEU A 629 34.13 -13.83 42.47
N ALA A 630 33.36 -14.93 42.41
CA ALA A 630 33.18 -15.63 41.14
C ALA A 630 32.52 -14.73 40.11
N ALA A 631 31.50 -13.98 40.51
CA ALA A 631 30.90 -13.02 39.60
C ALA A 631 31.80 -11.81 39.37
N PHE A 632 32.64 -11.49 40.36
CA PHE A 632 33.46 -10.28 40.27
C PHE A 632 34.49 -10.36 39.15
N LEU A 633 35.15 -11.50 38.99
CA LEU A 633 36.27 -11.60 38.06
C LEU A 633 35.84 -11.91 36.63
N VAL A 634 34.54 -12.02 36.36
CA VAL A 634 34.09 -12.17 34.98
C VAL A 634 33.15 -11.01 34.62
N LEU A 635 32.01 -10.92 35.32
CA LEU A 635 31.02 -9.87 35.11
C LEU A 635 30.70 -9.73 33.62
N ASP A 636 31.30 -8.73 32.97
CA ASP A 636 31.25 -8.55 31.52
C ASP A 636 29.81 -8.42 31.02
N ARG A 637 29.18 -7.33 31.44
CA ARG A 637 27.83 -6.98 30.99
C ARG A 637 27.80 -5.53 30.50
N PRO A 638 28.46 -5.25 29.35
CA PRO A 638 28.34 -3.91 28.76
C PRO A 638 27.19 -3.83 27.77
N GLU A 639 26.31 -2.84 27.93
CA GLU A 639 25.16 -2.66 27.05
C GLU A 639 25.08 -1.18 26.67
N GLU A 640 25.76 -0.81 25.58
CA GLU A 640 25.70 0.56 25.07
C GLU A 640 25.64 0.57 23.55
N ARG A 641 25.02 -0.43 22.94
CA ARG A 641 24.98 -0.59 21.50
C ARG A 641 23.66 -0.07 20.95
N ILE A 642 23.74 0.78 19.94
CA ILE A 642 22.53 1.27 19.28
C ILE A 642 21.82 0.14 18.54
N THR A 643 22.58 -0.84 18.03
CA THR A 643 22.06 -2.00 17.32
C THR A 643 21.25 -1.58 16.09
N GLY A 644 21.94 -0.91 15.17
CA GLY A 644 21.37 -0.59 13.88
C GLY A 644 20.28 0.47 13.93
N ILE A 645 19.43 0.41 12.91
CA ILE A 645 18.36 1.40 12.70
C ILE A 645 17.20 1.12 13.65
N ASN A 646 16.27 2.07 13.74
CA ASN A 646 15.04 1.92 14.52
C ASN A 646 15.30 1.82 16.03
N ASP A 647 16.38 2.43 16.50
CA ASP A 647 16.60 2.52 17.93
C ASP A 647 15.64 3.56 18.52
N PRO A 648 15.06 3.27 19.70
CA PRO A 648 14.15 4.26 20.31
C PRO A 648 14.80 5.61 20.56
N ARG A 649 16.08 5.63 20.94
CA ARG A 649 16.78 6.90 21.12
C ARG A 649 16.93 7.63 19.79
N LEU A 650 17.20 6.89 18.72
CA LEU A 650 17.32 7.52 17.39
C LEU A 650 15.98 8.05 16.91
N ARG A 651 14.89 7.34 17.23
CA ARG A 651 13.57 7.81 16.84
C ARG A 651 13.22 9.12 17.51
N ASN A 652 13.55 9.27 18.79
CA ASN A 652 13.33 10.51 19.52
C ASN A 652 14.60 10.89 20.27
N PRO A 653 15.33 11.91 19.80
CA PRO A 653 16.54 12.33 20.52
C PRO A 653 16.22 12.79 21.93
N SER A 654 17.13 12.47 22.86
CA SER A 654 16.97 12.81 24.27
C SER A 654 17.93 13.90 24.71
N ASP A 655 18.52 14.64 23.77
CA ASP A 655 19.48 15.71 24.04
C ASP A 655 20.71 15.20 24.79
N LYS A 656 21.01 13.92 24.68
CA LYS A 656 22.19 13.33 25.30
C LYS A 656 23.04 12.56 24.31
N PHE A 657 22.41 11.88 23.34
CA PHE A 657 23.13 11.17 22.28
C PHE A 657 23.20 12.10 21.07
N ILE A 658 24.19 12.99 21.08
CA ILE A 658 24.35 13.95 20.00
C ILE A 658 25.13 13.28 18.87
N TYR A 659 24.56 13.36 17.66
CA TYR A 659 25.12 12.76 16.46
C TYR A 659 25.25 13.80 15.37
N ALA A 660 26.33 13.70 14.59
CA ALA A 660 26.61 14.62 13.51
C ALA A 660 26.66 13.87 12.19
N THR A 661 26.69 14.62 11.10
CA THR A 661 26.78 14.05 9.77
C THR A 661 27.41 15.07 8.84
N VAL A 662 27.88 14.58 7.69
CA VAL A 662 28.52 15.43 6.72
C VAL A 662 27.46 16.26 6.00
N LYS A 663 27.67 17.57 5.93
CA LYS A 663 26.76 18.43 5.19
C LYS A 663 26.75 18.06 3.72
N GLN A 664 25.65 18.40 3.04
CA GLN A 664 25.37 17.91 1.70
C GLN A 664 25.47 16.40 1.68
N SER A 665 26.53 15.87 1.07
CA SER A 665 26.82 14.43 1.09
C SER A 665 25.62 13.68 0.49
N SER A 666 25.42 12.43 0.91
CA SER A 666 24.31 11.62 0.43
C SER A 666 23.38 11.13 1.54
N VAL A 667 23.90 10.84 2.74
CA VAL A 667 23.05 10.41 3.83
C VAL A 667 22.05 11.49 4.23
N ASP A 668 22.38 12.75 4.00
CA ASP A 668 21.42 13.83 4.21
C ASP A 668 20.23 13.69 3.25
N ILE A 669 20.51 13.32 2.00
CA ILE A 669 19.44 13.11 1.02
C ILE A 669 18.57 11.93 1.44
N TYR A 670 19.20 10.85 1.92
CA TYR A 670 18.44 9.66 2.31
C TYR A 670 17.48 9.96 3.45
N PHE A 671 17.92 10.72 4.46
CA PHE A 671 17.03 11.08 5.55
C PHE A 671 15.89 11.96 5.08
N ARG A 672 16.18 12.91 4.18
CA ARG A 672 15.12 13.73 3.60
C ARG A 672 14.23 12.94 2.65
N ARG A 673 14.71 11.81 2.13
CA ARG A 673 13.91 11.03 1.19
C ARG A 673 12.66 10.47 1.85
N GLN A 674 12.77 9.99 3.08
CA GLN A 674 11.65 9.40 3.79
C GLN A 674 11.01 10.43 4.73
N VAL A 675 9.85 10.07 5.25
CA VAL A 675 9.07 10.97 6.09
C VAL A 675 9.01 10.52 7.55
N GLU A 676 9.14 9.22 7.82
CA GLU A 676 8.99 8.72 9.19
C GLU A 676 10.10 9.22 10.12
N LEU A 677 11.18 9.77 9.59
CA LEU A 677 12.29 10.28 10.38
C LEU A 677 12.47 11.78 10.19
N SER A 678 11.36 12.52 10.20
CA SER A 678 11.41 13.98 10.08
C SER A 678 11.45 14.69 11.43
N THR A 679 11.51 13.95 12.53
CA THR A 679 11.50 14.57 13.86
C THR A 679 12.89 14.97 14.33
N MET A 680 13.91 14.18 14.01
CA MET A 680 15.28 14.48 14.41
C MET A 680 16.13 15.09 13.31
N TYR A 681 15.71 15.01 12.06
CA TYR A 681 16.50 15.61 10.97
C TYR A 681 16.61 17.12 11.17
N ARG A 682 15.52 17.76 11.58
CA ARG A 682 15.59 19.17 11.96
C ARG A 682 16.46 19.36 13.20
N HIS A 683 16.37 18.44 14.15
CA HIS A 683 17.18 18.54 15.37
C HIS A 683 18.66 18.41 15.06
N MET A 684 19.03 17.45 14.20
CA MET A 684 20.43 17.22 13.90
C MET A 684 21.02 18.25 12.94
N GLU A 685 20.18 18.97 12.19
CA GLU A 685 20.67 19.86 11.15
C GLU A 685 21.54 20.99 11.70
N LYS A 686 21.42 21.29 12.99
CA LYS A 686 22.28 22.29 13.63
C LYS A 686 23.56 21.67 14.18
N HIS A 687 23.76 20.37 14.00
CA HIS A 687 25.00 19.71 14.41
C HIS A 687 25.74 19.09 13.22
N ASN A 688 25.29 19.34 11.99
CA ASN A 688 25.92 18.77 10.82
C ASN A 688 27.35 19.31 10.66
N TYR A 689 28.22 18.44 10.16
CA TYR A 689 29.64 18.76 9.97
C TYR A 689 29.95 18.93 8.49
N GLU A 690 31.18 19.38 8.23
CA GLU A 690 31.70 19.51 6.87
C GLU A 690 32.84 18.52 6.70
N SER A 691 32.83 17.78 5.59
CA SER A 691 33.79 16.72 5.33
C SER A 691 33.72 15.65 6.41
N ALA A 692 34.80 14.90 6.60
CA ALA A 692 34.81 13.82 7.57
C ALA A 692 36.07 13.76 8.43
N ALA A 693 37.14 14.47 8.07
CA ALA A 693 38.38 14.37 8.83
C ALA A 693 38.20 14.88 10.25
N GLU A 694 37.54 16.03 10.42
CA GLU A 694 37.34 16.59 11.75
C GLU A 694 36.15 15.97 12.48
N ALA A 695 35.26 15.30 11.75
CA ALA A 695 34.14 14.61 12.41
C ALA A 695 34.66 13.49 13.30
N ILE A 696 35.64 12.73 12.82
CA ILE A 696 36.23 11.67 13.63
C ILE A 696 36.93 12.25 14.86
N GLN A 697 37.55 13.43 14.70
CA GLN A 697 38.24 14.06 15.82
C GLN A 697 37.26 14.44 16.92
N ALA A 698 36.03 14.85 16.54
CA ALA A 698 35.05 15.25 17.54
C ALA A 698 34.65 14.07 18.43
N VAL A 699 34.47 12.89 17.83
CA VAL A 699 34.09 11.72 18.61
C VAL A 699 35.19 11.34 19.58
N ARG A 700 36.45 11.40 19.14
CA ARG A 700 37.57 10.97 19.97
C ARG A 700 37.66 11.79 21.27
N ASP A 701 37.47 13.11 21.17
CA ASP A 701 37.60 13.99 22.32
C ASP A 701 36.34 14.06 23.17
N ASN A 702 35.45 13.07 23.06
CA ASN A 702 34.21 12.94 23.82
C ASN A 702 33.21 14.05 23.49
N LYS A 703 33.52 14.94 22.56
CA LYS A 703 32.54 15.95 22.15
C LYS A 703 31.36 15.31 21.43
N LEU A 704 31.60 14.19 20.73
CA LEU A 704 30.56 13.48 20.01
C LEU A 704 30.61 12.00 20.37
N HIS A 705 29.45 11.34 20.29
CA HIS A 705 29.40 9.91 20.58
C HIS A 705 28.51 9.16 19.59
N ALA A 706 28.29 9.68 18.39
CA ALA A 706 27.49 8.99 17.38
C ALA A 706 27.78 9.61 16.02
N PHE A 707 28.04 8.77 15.04
CA PHE A 707 28.33 9.22 13.68
C PHE A 707 27.94 8.11 12.71
N ILE A 708 27.38 8.51 11.56
CA ILE A 708 27.02 7.58 10.50
C ILE A 708 27.77 8.00 9.24
N TRP A 709 28.25 7.01 8.50
CA TRP A 709 29.04 7.26 7.29
C TRP A 709 29.11 5.96 6.50
N ASP A 710 29.75 6.03 5.34
CA ASP A 710 29.90 4.87 4.49
C ASP A 710 30.71 3.78 5.20
N SER A 711 30.31 2.53 4.99
CA SER A 711 30.96 1.42 5.70
C SER A 711 32.44 1.30 5.31
N ALA A 712 32.75 1.45 4.03
CA ALA A 712 34.09 1.18 3.55
C ALA A 712 35.14 2.14 4.09
N VAL A 713 34.78 3.08 4.97
CA VAL A 713 35.72 4.06 5.49
C VAL A 713 35.88 3.99 7.01
N LEU A 714 34.98 3.31 7.73
CA LEU A 714 34.91 3.46 9.17
C LEU A 714 35.79 2.46 9.93
N GLU A 715 35.57 1.15 9.72
CA GLU A 715 36.31 0.16 10.49
C GLU A 715 37.81 0.23 10.19
N PHE A 716 38.17 0.47 8.93
CA PHE A 716 39.59 0.68 8.61
C PHE A 716 40.14 1.84 9.42
N GLU A 717 39.40 2.95 9.50
CA GLU A 717 39.77 4.03 10.40
C GLU A 717 39.69 3.59 11.85
N ALA A 718 38.65 2.82 12.20
CA ALA A 718 38.49 2.37 13.58
C ALA A 718 39.62 1.44 14.01
N SER A 719 40.01 0.51 13.14
CA SER A 719 41.05 -0.45 13.48
C SER A 719 42.43 0.19 13.57
N GLN A 720 42.60 1.42 13.07
CA GLN A 720 43.92 2.04 13.03
C GLN A 720 44.43 2.33 14.45
N LYS A 721 43.62 3.00 15.27
CA LYS A 721 44.05 3.41 16.60
C LYS A 721 43.74 2.37 17.66
N CYS A 722 42.86 1.41 17.36
CA CYS A 722 42.51 0.30 18.25
C CYS A 722 42.03 0.81 19.60
N ASP A 723 41.25 1.88 19.58
CA ASP A 723 40.63 2.43 20.79
C ASP A 723 39.13 2.64 20.68
N LEU A 724 38.57 2.68 19.47
CA LEU A 724 37.14 2.80 19.25
C LEU A 724 36.71 1.76 18.23
N VAL A 725 35.50 1.23 18.42
CA VAL A 725 34.98 0.14 17.60
C VAL A 725 33.55 0.45 17.20
N THR A 726 33.22 0.19 15.95
CA THR A 726 31.88 0.42 15.45
C THR A 726 30.98 -0.78 15.74
N THR A 727 29.67 -0.54 15.65
CA THR A 727 28.69 -1.60 15.81
C THR A 727 27.40 -1.19 15.10
N GLY A 728 26.57 -2.18 14.82
CA GLY A 728 25.31 -1.96 14.15
C GLY A 728 25.18 -2.90 12.96
N GLU A 729 24.25 -2.56 12.07
CA GLU A 729 23.99 -3.35 10.87
C GLU A 729 23.87 -2.43 9.66
N LEU A 730 24.23 -2.98 8.50
CA LEU A 730 24.14 -2.22 7.26
C LEU A 730 22.68 -1.96 6.91
N PHE A 731 22.40 -0.74 6.45
CA PHE A 731 21.03 -0.41 6.07
C PHE A 731 20.94 0.42 4.80
N PHE A 732 21.98 0.40 3.96
CA PHE A 732 21.89 1.03 2.64
C PHE A 732 22.92 0.34 1.74
N ARG A 733 22.45 -0.59 0.90
CA ARG A 733 23.34 -1.43 0.10
C ARG A 733 23.41 -0.85 -1.31
N SER A 734 24.29 0.14 -1.47
CA SER A 734 24.58 0.74 -2.76
C SER A 734 26.08 0.85 -2.92
N GLY A 735 26.59 0.46 -4.09
CA GLY A 735 28.02 0.45 -4.34
C GLY A 735 28.54 1.79 -4.82
N PHE A 736 29.83 1.82 -5.10
CA PHE A 736 30.49 3.01 -5.62
C PHE A 736 30.28 3.07 -7.14
N GLY A 737 31.04 3.92 -7.82
CA GLY A 737 30.96 3.96 -9.26
C GLY A 737 31.75 5.12 -9.82
N ILE A 738 31.97 5.06 -11.14
CA ILE A 738 32.60 6.14 -11.89
C ILE A 738 31.50 6.87 -12.65
N GLY A 739 31.48 8.19 -12.52
CA GLY A 739 30.43 9.02 -13.10
C GLY A 739 30.96 9.92 -14.20
N MET A 740 30.15 10.13 -15.22
CA MET A 740 30.47 11.04 -16.32
C MET A 740 29.16 11.55 -16.91
N ARG A 741 29.27 12.19 -18.08
CA ARG A 741 28.11 12.76 -18.74
C ARG A 741 27.51 11.76 -19.73
N LYS A 742 26.25 12.01 -20.09
CA LYS A 742 25.53 11.07 -20.96
C LYS A 742 26.17 10.95 -22.33
N ASP A 743 26.58 12.08 -22.91
CA ASP A 743 27.09 12.09 -24.27
C ASP A 743 28.43 11.37 -24.40
N SER A 744 29.12 11.13 -23.28
CA SER A 744 30.46 10.59 -23.33
C SER A 744 30.48 9.23 -24.02
N PRO A 745 31.34 9.02 -25.02
CA PRO A 745 31.44 7.71 -25.67
C PRO A 745 32.38 6.75 -24.95
N TRP A 746 32.97 7.14 -23.83
CA TRP A 746 33.90 6.29 -23.10
C TRP A 746 33.21 5.17 -22.36
N LYS A 747 31.87 5.14 -22.34
CA LYS A 747 31.14 4.23 -21.46
C LYS A 747 31.44 2.76 -21.77
N GLN A 748 31.46 2.40 -23.06
CA GLN A 748 31.47 0.98 -23.42
C GLN A 748 32.66 0.26 -22.82
N ASN A 749 33.83 0.89 -22.84
CA ASN A 749 35.05 0.20 -22.42
C ASN A 749 35.28 0.36 -20.92
N VAL A 750 34.93 1.52 -20.36
CA VAL A 750 35.16 1.75 -18.92
C VAL A 750 34.38 0.75 -18.08
N SER A 751 33.11 0.55 -18.41
CA SER A 751 32.30 -0.43 -17.69
C SER A 751 32.77 -1.85 -17.98
N LEU A 752 33.14 -2.13 -19.22
CA LEU A 752 33.60 -3.48 -19.57
C LEU A 752 34.93 -3.79 -18.92
N SER A 753 35.84 -2.81 -18.83
CA SER A 753 37.15 -3.07 -18.25
C SER A 753 37.10 -3.22 -16.74
N ILE A 754 36.17 -2.54 -16.07
CA ILE A 754 36.03 -2.70 -14.63
C ILE A 754 35.62 -4.13 -14.29
N LEU A 755 34.67 -4.68 -15.05
CA LEU A 755 34.19 -6.03 -14.80
C LEU A 755 35.29 -7.07 -15.03
N LYS A 756 36.23 -6.79 -15.95
CA LYS A 756 37.32 -7.72 -16.18
C LYS A 756 38.35 -7.66 -15.05
N SER A 757 38.50 -6.51 -14.41
CA SER A 757 39.42 -6.40 -13.29
C SER A 757 38.99 -7.27 -12.12
N HIS A 758 37.67 -7.35 -11.88
CA HIS A 758 37.16 -8.22 -10.83
C HIS A 758 37.52 -9.67 -11.09
N GLU A 759 37.26 -10.15 -12.31
CA GLU A 759 37.45 -11.55 -12.62
C GLU A 759 38.93 -11.93 -12.70
N ASN A 760 39.79 -10.96 -12.99
CA ASN A 760 41.21 -11.24 -13.19
C ASN A 760 41.99 -11.31 -11.89
N GLY A 761 41.35 -11.06 -10.75
CA GLY A 761 42.05 -11.04 -9.48
C GLY A 761 42.81 -9.77 -9.18
N PHE A 762 42.74 -8.77 -10.07
CA PHE A 762 43.48 -7.53 -9.86
C PHE A 762 42.96 -6.77 -8.65
N MET A 763 41.63 -6.72 -8.48
CA MET A 763 41.06 -5.91 -7.41
C MET A 763 41.41 -6.43 -6.02
N GLU A 764 41.77 -7.70 -5.89
CA GLU A 764 42.20 -8.22 -4.59
C GLU A 764 43.56 -7.65 -4.19
N ASP A 765 44.45 -7.45 -5.17
CA ASP A 765 45.75 -6.88 -4.87
C ASP A 765 45.63 -5.45 -4.36
N LEU A 766 44.80 -4.64 -5.02
CA LEU A 766 44.57 -3.28 -4.54
C LEU A 766 43.90 -3.28 -3.18
N ASP A 767 42.94 -4.19 -2.98
CA ASP A 767 42.26 -4.26 -1.69
C ASP A 767 43.21 -4.64 -0.57
N LYS A 768 44.11 -5.59 -0.81
CA LYS A 768 45.02 -6.06 0.22
C LYS A 768 46.19 -5.12 0.45
N THR A 769 46.45 -4.19 -0.47
CA THR A 769 47.60 -3.31 -0.36
C THR A 769 47.24 -1.91 0.10
N TRP A 770 46.02 -1.46 -0.15
CA TRP A 770 45.63 -0.09 0.16
C TRP A 770 44.45 0.02 1.13
N VAL A 771 43.89 -1.10 1.59
CA VAL A 771 42.75 -1.03 2.50
C VAL A 771 43.03 -1.78 3.79
N ARG A 772 43.26 -3.10 3.70
CA ARG A 772 43.25 -3.98 4.86
C ARG A 772 44.62 -4.65 5.00
N TYR A 773 45.55 -3.97 5.66
CA TYR A 773 46.86 -4.53 5.95
C TYR A 773 47.27 -4.36 7.41
N GLN A 774 46.92 -3.25 8.04
CA GLN A 774 47.35 -2.98 9.40
C GLN A 774 46.58 -3.85 10.40
N GLU A 775 47.18 -4.03 11.57
CA GLU A 775 46.57 -4.79 12.65
C GLU A 775 46.75 -4.04 13.96
N CYS A 776 45.79 -4.19 14.86
CA CYS A 776 45.82 -3.50 16.13
C CYS A 776 45.76 -4.44 17.32
N ASP A 777 44.96 -5.50 17.23
CA ASP A 777 44.71 -6.42 18.36
C ASP A 777 44.18 -5.67 19.58
N ALA A 784 41.41 -14.14 29.80
CA ALA A 784 41.63 -13.49 31.08
C ALA A 784 42.84 -14.09 31.79
N THR A 785 43.76 -13.22 32.21
CA THR A 785 44.97 -13.64 32.92
C THR A 785 45.09 -12.78 34.17
N LEU A 786 45.21 -13.43 35.34
CA LEU A 786 45.35 -12.69 36.58
C LEU A 786 46.64 -11.88 36.61
N THR A 787 47.75 -12.49 36.15
CA THR A 787 49.05 -11.84 36.00
C THR A 787 49.62 -11.38 37.33
N PHE A 788 50.87 -10.89 37.30
CA PHE A 788 51.50 -10.38 38.50
C PHE A 788 50.76 -9.17 39.05
N GLU A 789 50.30 -8.29 38.17
CA GLU A 789 49.54 -7.12 38.59
C GLU A 789 48.14 -7.55 39.02
N ASN A 790 47.34 -6.55 39.43
CA ASN A 790 45.95 -6.74 39.85
C ASN A 790 45.83 -7.64 41.07
N MET A 791 46.93 -7.92 41.75
CA MET A 791 46.88 -8.63 43.03
C MET A 791 47.86 -8.03 44.03
N ALA A 792 48.11 -6.73 43.94
CA ALA A 792 49.13 -6.12 44.77
C ALA A 792 48.72 -6.01 46.23
N GLY A 793 47.42 -5.85 46.52
CA GLY A 793 47.01 -5.53 47.88
C GLY A 793 47.38 -6.60 48.88
N VAL A 794 47.25 -7.87 48.48
CA VAL A 794 47.54 -8.98 49.39
C VAL A 794 49.03 -9.12 49.66
N PHE A 795 49.88 -8.50 48.83
CA PHE A 795 51.32 -8.71 48.97
C PHE A 795 51.87 -8.11 50.26
N MET A 796 51.55 -6.85 50.57
CA MET A 796 52.14 -6.28 51.77
C MET A 796 51.60 -6.92 53.04
N LEU A 797 50.45 -7.61 52.97
CA LEU A 797 49.92 -8.27 54.17
C LEU A 797 50.88 -9.33 54.67
N VAL A 798 51.46 -10.12 53.77
CA VAL A 798 52.50 -11.06 54.17
C VAL A 798 53.73 -10.32 54.68
N ALA A 799 54.16 -9.29 53.94
CA ALA A 799 55.34 -8.53 54.34
C ALA A 799 55.08 -7.73 55.60
N GLY A 800 53.89 -7.10 55.71
CA GLY A 800 53.60 -6.29 56.87
C GLY A 800 53.58 -7.09 58.16
N GLY A 801 53.03 -8.30 58.11
CA GLY A 801 53.05 -9.16 59.28
C GLY A 801 54.46 -9.46 59.75
N ILE A 802 55.38 -9.69 58.80
CA ILE A 802 56.78 -9.89 59.15
C ILE A 802 57.34 -8.64 59.81
N VAL A 803 57.06 -7.47 59.23
CA VAL A 803 57.56 -6.22 59.80
C VAL A 803 56.96 -5.96 61.17
N ALA A 804 55.66 -6.18 61.30
CA ALA A 804 55.00 -5.93 62.58
C ALA A 804 55.33 -7.02 63.60
N GLY A 805 55.49 -8.26 63.13
CA GLY A 805 55.67 -9.38 64.05
C GLY A 805 56.95 -9.27 64.87
N ILE A 806 58.03 -8.80 64.26
CA ILE A 806 59.29 -8.66 64.97
C ILE A 806 59.20 -7.61 66.07
N PHE A 807 58.24 -6.69 65.98
CA PHE A 807 58.09 -5.69 67.03
C PHE A 807 57.44 -6.28 68.28
N LEU A 808 56.49 -7.21 68.10
CA LEU A 808 55.78 -7.76 69.25
C LEU A 808 56.61 -8.78 70.02
N ILE A 809 57.49 -9.51 69.34
CA ILE A 809 58.24 -10.57 70.01
C ILE A 809 59.16 -10.00 71.09
N PHE A 810 59.72 -8.82 70.83
CA PHE A 810 60.56 -8.18 71.83
C PHE A 810 59.78 -7.89 73.11
N ILE A 811 58.54 -7.41 72.96
CA ILE A 811 57.67 -7.25 74.13
C ILE A 811 57.33 -8.61 74.72
N GLU A 812 57.08 -9.60 73.87
CA GLU A 812 56.76 -10.94 74.36
C GLU A 812 57.93 -11.53 75.14
N ILE A 813 59.15 -11.38 74.62
CA ILE A 813 60.32 -11.89 75.32
C ILE A 813 60.47 -11.20 76.67
N ALA A 814 60.31 -9.88 76.71
CA ALA A 814 60.37 -9.15 77.96
C ALA A 814 59.19 -9.48 78.88
N TYR A 815 58.09 -10.00 78.33
CA TYR A 815 56.94 -10.38 79.13
C TYR A 815 57.15 -11.75 79.77
N SER B 43 8.43 73.44 -28.28
CA SER B 43 8.45 72.99 -26.89
C SER B 43 8.02 71.54 -26.80
N ILE B 44 7.17 71.24 -25.81
CA ILE B 44 6.58 69.91 -25.64
C ILE B 44 5.08 70.07 -25.48
N GLY B 45 4.32 69.35 -26.30
CA GLY B 45 2.88 69.40 -26.22
C GLY B 45 2.28 68.06 -25.88
N ILE B 46 1.27 68.05 -25.00
CA ILE B 46 0.58 66.81 -24.66
C ILE B 46 -0.85 66.89 -25.16
N ALA B 47 -1.08 66.40 -26.37
CA ALA B 47 -2.40 66.42 -26.99
C ALA B 47 -3.14 65.14 -26.62
N VAL B 48 -4.16 65.25 -25.77
CA VAL B 48 -4.94 64.08 -25.39
C VAL B 48 -6.02 63.81 -26.42
N ILE B 49 -6.46 62.56 -26.48
CA ILE B 49 -7.54 62.14 -27.37
C ILE B 49 -8.54 61.34 -26.55
N LEU B 50 -9.81 61.71 -26.66
CA LEU B 50 -10.89 61.04 -25.92
C LEU B 50 -11.98 60.66 -26.91
N VAL B 51 -12.14 59.37 -27.15
CA VAL B 51 -13.16 58.84 -28.06
C VAL B 51 -14.19 58.09 -27.23
N GLY B 52 -15.43 58.54 -27.28
CA GLY B 52 -16.52 57.94 -26.56
C GLY B 52 -17.22 58.96 -25.69
N THR B 53 -17.99 58.46 -24.73
CA THR B 53 -18.75 59.31 -23.80
C THR B 53 -17.92 59.48 -22.53
N SER B 54 -17.40 60.69 -22.33
CA SER B 54 -16.58 60.97 -21.16
C SER B 54 -16.65 62.46 -20.86
N ASP B 55 -16.22 62.82 -19.65
CA ASP B 55 -16.23 64.21 -19.19
C ASP B 55 -14.81 64.76 -19.32
N GLU B 56 -14.53 65.39 -20.46
CA GLU B 56 -13.23 65.98 -20.73
C GLU B 56 -13.10 67.40 -20.17
N VAL B 57 -14.17 67.96 -19.62
CA VAL B 57 -14.10 69.32 -19.09
C VAL B 57 -13.17 69.38 -17.89
N ALA B 58 -13.26 68.40 -16.98
CA ALA B 58 -12.39 68.36 -15.82
C ALA B 58 -10.94 68.08 -16.18
N ILE B 59 -10.70 67.40 -17.32
CA ILE B 59 -9.33 67.14 -17.75
C ILE B 59 -8.60 68.44 -18.08
N LYS B 60 -9.35 69.48 -18.45
CA LYS B 60 -8.72 70.79 -18.65
C LYS B 60 -8.11 71.30 -17.36
N ASP B 61 -8.82 71.12 -16.23
CA ASP B 61 -8.23 71.44 -14.94
C ASP B 61 -7.05 70.51 -14.64
N ALA B 62 -7.17 69.23 -15.00
CA ALA B 62 -6.04 68.32 -14.86
C ALA B 62 -4.89 68.72 -15.77
N HIS B 63 -5.21 69.26 -16.96
CA HIS B 63 -4.17 69.77 -17.85
C HIS B 63 -3.44 70.94 -17.20
N GLU B 64 -4.17 71.84 -16.56
CA GLU B 64 -3.58 72.96 -15.84
C GLU B 64 -3.34 72.60 -14.38
N LYS B 65 -2.67 71.47 -14.16
CA LYS B 65 -2.36 71.02 -12.81
C LYS B 65 -0.95 70.45 -12.70
N ASP B 66 -0.13 70.60 -13.74
CA ASP B 66 1.24 70.09 -13.72
C ASP B 66 2.11 71.09 -12.97
N ASP B 67 2.21 70.91 -11.65
CA ASP B 67 3.03 71.77 -10.80
C ASP B 67 4.49 71.31 -10.83
N PHE B 68 5.06 71.35 -12.03
CA PHE B 68 6.43 70.91 -12.28
C PHE B 68 7.30 72.07 -12.74
N HIS B 69 7.16 73.23 -12.09
CA HIS B 69 7.91 74.42 -12.45
C HIS B 69 9.39 74.30 -12.11
N HIS B 70 9.80 73.27 -11.37
CA HIS B 70 11.21 73.11 -11.01
C HIS B 70 12.08 72.92 -12.25
N LEU B 71 11.60 72.13 -13.21
CA LEU B 71 12.32 71.88 -14.45
C LEU B 71 11.52 72.41 -15.64
N SER B 72 12.21 72.62 -16.75
CA SER B 72 11.59 73.21 -17.92
C SER B 72 10.70 72.21 -18.64
N VAL B 73 9.55 71.89 -18.05
CA VAL B 73 8.61 70.96 -18.67
C VAL B 73 7.96 71.60 -19.89
N VAL B 74 7.60 72.87 -19.79
CA VAL B 74 6.84 73.65 -20.78
C VAL B 74 5.80 72.76 -21.48
N PRO B 75 4.82 72.24 -20.73
CA PRO B 75 3.82 71.37 -21.36
C PRO B 75 2.65 72.15 -21.96
N ARG B 76 2.46 72.04 -23.27
CA ARG B 76 1.32 72.65 -23.94
C ARG B 76 0.26 71.57 -24.12
N VAL B 77 -0.46 71.30 -23.03
CA VAL B 77 -1.46 70.22 -23.04
C VAL B 77 -2.67 70.63 -23.85
N GLU B 78 -3.09 69.77 -24.76
CA GLU B 78 -4.24 70.01 -25.62
C GLU B 78 -5.36 69.04 -25.28
N LEU B 79 -6.60 69.53 -25.34
CA LEU B 79 -7.78 68.74 -25.01
C LEU B 79 -8.55 68.48 -26.30
N VAL B 80 -8.20 67.38 -26.98
CA VAL B 80 -8.84 66.97 -28.22
C VAL B 80 -9.72 65.76 -27.94
N ALA B 81 -10.95 65.79 -28.45
CA ALA B 81 -11.89 64.69 -28.22
C ALA B 81 -12.92 64.71 -29.33
N MET B 82 -12.90 63.69 -30.19
CA MET B 82 -13.87 63.57 -31.28
C MET B 82 -13.95 62.12 -31.70
N ASN B 83 -15.05 61.79 -32.37
CA ASN B 83 -15.27 60.44 -32.89
C ASN B 83 -14.45 60.26 -34.16
N GLU B 84 -13.28 59.64 -34.02
CA GLU B 84 -12.35 59.42 -35.13
C GLU B 84 -11.85 57.98 -35.12
N THR B 85 -12.78 57.03 -35.03
CA THR B 85 -12.39 55.62 -34.93
C THR B 85 -11.72 55.13 -36.21
N ASP B 86 -12.17 55.61 -37.37
CA ASP B 86 -11.62 55.12 -38.63
C ASP B 86 -10.16 55.52 -38.76
N PRO B 87 -9.31 54.65 -39.32
CA PRO B 87 -7.88 54.96 -39.40
C PRO B 87 -7.56 56.19 -40.23
N LYS B 88 -8.36 56.48 -41.27
CA LYS B 88 -8.11 57.67 -42.08
C LYS B 88 -8.26 58.94 -41.26
N SER B 89 -9.26 58.99 -40.38
CA SER B 89 -9.43 60.14 -39.51
C SER B 89 -8.27 60.28 -38.53
N ILE B 90 -7.79 59.16 -37.98
CA ILE B 90 -6.74 59.21 -36.98
C ILE B 90 -5.48 59.86 -37.55
N ILE B 91 -5.03 59.38 -38.70
CA ILE B 91 -3.78 59.88 -39.27
C ILE B 91 -3.94 61.32 -39.73
N THR B 92 -5.08 61.66 -40.32
CA THR B 92 -5.30 63.02 -40.77
C THR B 92 -5.40 64.00 -39.59
N ARG B 93 -6.10 63.60 -38.53
CA ARG B 93 -6.24 64.48 -37.38
C ARG B 93 -4.90 64.74 -36.71
N ILE B 94 -4.11 63.68 -36.49
CA ILE B 94 -2.79 63.88 -35.89
C ILE B 94 -1.86 64.58 -36.86
N CYS B 95 -2.09 64.45 -38.16
CA CYS B 95 -1.21 65.09 -39.14
C CYS B 95 -1.18 66.59 -38.95
N ASP B 96 -2.34 67.22 -38.79
CA ASP B 96 -2.39 68.63 -38.45
C ASP B 96 -2.07 68.88 -36.98
N LEU B 97 -2.25 67.90 -36.11
CA LEU B 97 -1.99 68.10 -34.69
C LEU B 97 -0.50 68.16 -34.40
N MET B 98 0.22 67.07 -34.66
CA MET B 98 1.62 66.98 -34.27
C MET B 98 2.51 67.94 -35.07
N SER B 99 2.00 68.52 -36.14
CA SER B 99 2.77 69.48 -36.93
C SER B 99 2.58 70.92 -36.48
N ASP B 100 1.79 71.17 -35.44
CA ASP B 100 1.54 72.54 -34.99
C ASP B 100 2.82 73.22 -34.51
N ARG B 101 3.37 72.75 -33.38
CA ARG B 101 4.66 73.25 -32.90
C ARG B 101 5.27 72.22 -31.95
N LYS B 102 6.20 71.41 -32.47
CA LYS B 102 7.12 70.59 -31.68
C LYS B 102 6.40 69.77 -30.61
N ILE B 103 5.25 69.22 -30.96
CA ILE B 103 4.47 68.42 -30.05
C ILE B 103 5.06 67.01 -29.97
N GLN B 104 5.37 66.57 -28.76
CA GLN B 104 6.06 65.30 -28.54
C GLN B 104 5.40 64.52 -27.41
N GLY B 105 4.08 64.47 -27.39
CA GLY B 105 3.36 63.73 -26.37
C GLY B 105 1.87 63.63 -26.61
N VAL B 106 1.32 62.43 -26.41
CA VAL B 106 -0.11 62.18 -26.59
C VAL B 106 -0.55 61.16 -25.54
N VAL B 107 -1.59 61.50 -24.79
CA VAL B 107 -2.19 60.60 -23.81
C VAL B 107 -3.51 60.11 -24.38
N PHE B 108 -3.65 58.79 -24.50
CA PHE B 108 -4.80 58.18 -25.14
C PHE B 108 -5.80 57.72 -24.09
N ALA B 109 -7.02 58.22 -24.18
CA ALA B 109 -8.11 57.81 -23.30
C ALA B 109 -9.30 57.40 -24.17
N ASP B 110 -9.88 56.24 -23.90
CA ASP B 110 -11.00 55.75 -24.68
C ASP B 110 -11.91 54.93 -23.79
N ASP B 111 -13.16 54.78 -24.23
CA ASP B 111 -14.17 54.01 -23.51
C ASP B 111 -14.74 52.89 -24.36
N THR B 112 -14.00 52.43 -25.37
CA THR B 112 -14.45 51.36 -26.25
C THR B 112 -13.51 50.17 -26.15
N ASP B 113 -14.07 48.97 -26.28
CA ASP B 113 -13.31 47.73 -26.15
C ASP B 113 -12.84 47.20 -27.50
N GLN B 114 -12.61 48.07 -28.48
CA GLN B 114 -12.10 47.65 -29.78
C GLN B 114 -10.60 47.42 -29.66
N GLU B 115 -10.19 46.14 -29.68
CA GLU B 115 -8.79 45.80 -29.49
C GLU B 115 -7.91 46.13 -30.68
N ALA B 116 -8.49 46.46 -31.83
CA ALA B 116 -7.72 46.69 -33.03
C ALA B 116 -7.15 48.10 -33.14
N ILE B 117 -7.55 49.01 -32.25
CA ILE B 117 -7.04 50.38 -32.32
C ILE B 117 -5.57 50.44 -31.93
N ALA B 118 -5.16 49.65 -30.94
CA ALA B 118 -3.79 49.71 -30.45
C ALA B 118 -2.79 49.30 -31.53
N GLN B 119 -3.14 48.31 -32.34
CA GLN B 119 -2.25 47.88 -33.41
C GLN B 119 -2.00 49.00 -34.41
N ILE B 120 -3.04 49.79 -34.72
CA ILE B 120 -2.87 50.93 -35.61
C ILE B 120 -2.00 51.99 -34.94
N LEU B 121 -2.12 52.14 -33.62
CA LEU B 121 -1.34 53.14 -32.90
C LEU B 121 0.16 52.90 -33.02
N ASP B 122 0.58 51.63 -33.06
CA ASP B 122 2.00 51.33 -33.13
C ASP B 122 2.63 51.83 -34.43
N PHE B 123 1.87 51.79 -35.53
CA PHE B 123 2.44 52.22 -36.81
C PHE B 123 2.82 53.69 -36.79
N ILE B 124 1.97 54.54 -36.22
CA ILE B 124 2.28 55.96 -36.14
C ILE B 124 3.52 56.17 -35.28
N SER B 125 3.58 55.52 -34.13
CA SER B 125 4.74 55.66 -33.24
C SER B 125 6.00 55.14 -33.92
N ALA B 126 5.89 54.03 -34.64
CA ALA B 126 7.04 53.47 -35.34
C ALA B 126 7.56 54.45 -36.40
N GLN B 127 6.65 55.06 -37.16
CA GLN B 127 7.07 55.99 -38.20
C GLN B 127 7.61 57.29 -37.59
N THR B 128 6.92 57.82 -36.59
CA THR B 128 7.33 59.06 -35.94
C THR B 128 8.31 58.75 -34.82
N LEU B 129 8.59 59.75 -33.98
CA LEU B 129 9.45 59.59 -32.81
C LEU B 129 8.84 60.25 -31.59
N THR B 130 7.52 60.32 -31.53
CA THR B 130 6.81 60.93 -30.41
C THR B 130 6.27 59.84 -29.50
N PRO B 131 6.64 59.80 -28.23
CA PRO B 131 6.07 58.82 -27.32
C PRO B 131 4.56 58.99 -27.18
N ILE B 132 3.85 57.86 -27.08
CA ILE B 132 2.40 57.86 -26.95
C ILE B 132 2.02 56.83 -25.90
N LEU B 133 1.09 57.20 -25.02
CA LEU B 133 0.64 56.32 -23.95
C LEU B 133 -0.87 56.31 -23.89
N GLY B 134 -1.41 55.15 -23.51
CA GLY B 134 -2.85 54.99 -23.36
C GLY B 134 -3.18 54.56 -21.94
N ILE B 135 -4.39 54.94 -21.50
CA ILE B 135 -4.80 54.67 -20.12
C ILE B 135 -6.03 53.79 -20.08
N HIS B 136 -6.86 53.87 -21.12
CA HIS B 136 -8.10 53.11 -21.15
C HIS B 136 -8.61 53.02 -22.58
N GLY B 137 -9.46 52.03 -22.81
CA GLY B 137 -10.12 51.88 -24.10
C GLY B 137 -9.41 50.86 -24.98
N GLY B 138 -9.24 51.20 -26.25
CA GLY B 138 -8.67 50.32 -27.25
C GLY B 138 -7.16 50.28 -27.30
N SER B 139 -6.47 50.86 -26.32
CA SER B 139 -5.02 50.87 -26.28
C SER B 139 -4.52 50.54 -24.88
N SER B 140 -5.15 49.57 -24.22
CA SER B 140 -4.77 49.17 -22.87
C SER B 140 -4.53 47.67 -22.72
N MET B 141 -4.69 46.88 -23.77
CA MET B 141 -4.50 45.44 -23.71
C MET B 141 -3.08 45.06 -24.13
N ILE B 142 -2.76 43.78 -23.97
CA ILE B 142 -1.42 43.26 -24.16
C ILE B 142 -1.05 43.27 -25.64
N MET B 143 0.24 43.11 -25.93
CA MET B 143 0.74 43.06 -27.30
C MET B 143 2.10 42.40 -27.27
N ALA B 144 2.36 41.53 -28.26
CA ALA B 144 3.54 40.67 -28.24
C ALA B 144 4.85 41.45 -28.28
N ASP B 145 5.11 42.15 -29.38
CA ASP B 145 6.36 42.88 -29.54
C ASP B 145 6.20 43.89 -30.68
N LYS B 146 7.03 44.92 -30.63
CA LYS B 146 6.98 46.01 -31.59
C LYS B 146 8.39 46.34 -32.07
N ASP B 147 8.46 47.30 -32.99
CA ASP B 147 9.74 47.76 -33.51
C ASP B 147 10.49 48.57 -32.45
N GLU B 148 11.81 48.65 -32.63
CA GLU B 148 12.64 49.43 -31.71
C GLU B 148 12.28 50.92 -31.72
N SER B 149 11.70 51.41 -32.82
CA SER B 149 11.36 52.83 -32.95
C SER B 149 9.94 53.13 -32.51
N SER B 150 9.37 52.36 -31.61
CA SER B 150 8.02 52.56 -31.10
C SER B 150 8.10 52.84 -29.60
N MET B 151 7.97 54.10 -29.22
CA MET B 151 8.00 54.51 -27.82
C MET B 151 6.59 54.56 -27.25
N PHE B 152 5.89 53.42 -27.33
CA PHE B 152 4.52 53.30 -26.89
C PHE B 152 4.45 52.36 -25.70
N PHE B 153 3.86 52.85 -24.61
CA PHE B 153 3.69 52.05 -23.40
C PHE B 153 2.29 52.28 -22.85
N GLN B 154 1.80 51.32 -22.07
CA GLN B 154 0.45 51.40 -21.53
C GLN B 154 0.42 51.03 -20.06
N PHE B 155 -0.78 50.95 -19.48
CA PHE B 155 -0.98 50.60 -18.08
C PHE B 155 -1.78 49.29 -18.03
N GLY B 156 -1.07 48.17 -18.05
CA GLY B 156 -1.70 46.88 -17.94
C GLY B 156 -0.69 45.74 -18.02
N PRO B 157 -0.81 44.77 -17.12
CA PRO B 157 0.08 43.62 -17.14
C PRO B 157 -0.28 42.66 -18.26
N SER B 158 0.72 41.85 -18.63
CA SER B 158 0.56 40.88 -19.70
C SER B 158 0.34 39.49 -19.12
N ILE B 159 0.32 38.49 -20.01
CA ILE B 159 -0.07 37.14 -19.62
C ILE B 159 0.91 36.53 -18.63
N GLU B 160 2.21 36.75 -18.83
CA GLU B 160 3.19 36.19 -17.89
C GLU B 160 3.05 36.81 -16.50
N GLN B 161 2.58 38.05 -16.43
CA GLN B 161 2.31 38.67 -15.14
C GLN B 161 1.14 38.00 -14.44
N GLN B 162 0.13 37.57 -15.21
CA GLN B 162 -1.04 36.92 -14.63
C GLN B 162 -0.68 35.57 -14.03
N ALA B 163 0.28 34.86 -14.64
CA ALA B 163 0.62 33.52 -14.18
C ALA B 163 1.13 33.54 -12.74
N SER B 164 1.97 34.52 -12.41
CA SER B 164 2.48 34.62 -11.04
C SER B 164 1.39 35.07 -10.07
N VAL B 165 0.41 35.84 -10.55
CA VAL B 165 -0.56 36.46 -9.65
C VAL B 165 -1.39 35.41 -8.93
N MET B 166 -1.96 34.46 -9.67
CA MET B 166 -2.87 33.51 -9.07
C MET B 166 -2.17 32.29 -8.47
N LEU B 167 -0.91 32.03 -8.84
CA LEU B 167 -0.13 31.04 -8.12
C LEU B 167 0.14 31.47 -6.69
N ASN B 168 0.16 32.77 -6.41
CA ASN B 168 0.46 33.24 -5.06
C ASN B 168 -0.74 33.14 -4.14
N ILE B 169 -1.92 33.55 -4.62
CA ILE B 169 -3.11 33.51 -3.77
C ILE B 169 -3.50 32.06 -3.48
N MET B 170 -3.33 31.17 -4.45
CA MET B 170 -3.68 29.77 -4.24
C MET B 170 -2.70 29.08 -3.29
N GLU B 171 -1.48 29.61 -3.15
CA GLU B 171 -0.57 29.06 -2.15
C GLU B 171 -1.08 29.30 -0.73
N GLU B 172 -1.87 30.36 -0.53
CA GLU B 172 -2.46 30.61 0.77
C GLU B 172 -3.45 29.50 1.16
N TYR B 173 -4.24 29.03 0.20
CA TYR B 173 -5.24 28.01 0.47
C TYR B 173 -4.73 26.59 0.28
N ASP B 174 -3.51 26.41 -0.21
CA ASP B 174 -2.85 25.11 -0.31
C ASP B 174 -3.65 24.13 -1.16
N TRP B 175 -3.95 24.54 -2.40
CA TRP B 175 -4.58 23.67 -3.38
C TRP B 175 -3.49 23.13 -4.31
N TYR B 176 -2.75 22.15 -3.80
CA TYR B 176 -1.57 21.66 -4.49
C TYR B 176 -1.89 20.90 -5.78
N ILE B 177 -3.13 20.43 -5.94
CA ILE B 177 -3.52 19.63 -7.10
C ILE B 177 -4.40 20.49 -7.99
N PHE B 178 -4.00 20.63 -9.25
CA PHE B 178 -4.74 21.50 -10.17
C PHE B 178 -4.40 21.12 -11.60
N SER B 179 -5.35 21.40 -12.50
CA SER B 179 -5.21 21.12 -13.92
C SER B 179 -5.18 22.43 -14.70
N ILE B 180 -4.44 22.43 -15.81
CA ILE B 180 -4.28 23.60 -16.66
C ILE B 180 -4.94 23.31 -17.99
N VAL B 181 -5.91 24.15 -18.37
CA VAL B 181 -6.63 24.03 -19.63
C VAL B 181 -6.56 25.37 -20.34
N THR B 182 -6.25 25.34 -21.63
CA THR B 182 -6.19 26.56 -22.43
C THR B 182 -6.61 26.25 -23.86
N THR B 183 -7.02 27.29 -24.57
CA THR B 183 -7.49 27.18 -25.94
C THR B 183 -6.49 27.80 -26.90
N TYR B 184 -6.64 27.46 -28.18
CA TYR B 184 -5.78 28.02 -29.21
C TYR B 184 -6.02 29.53 -29.32
N PHE B 185 -4.93 30.29 -29.35
CA PHE B 185 -5.02 31.75 -29.34
C PHE B 185 -3.72 32.30 -29.92
N PRO B 186 -3.77 33.44 -30.62
CA PRO B 186 -2.54 34.03 -31.13
C PRO B 186 -1.64 34.56 -30.03
N GLY B 187 -0.90 33.65 -29.38
CA GLY B 187 -0.05 34.02 -28.26
C GLY B 187 -0.39 33.27 -26.99
N TYR B 188 -0.93 32.07 -27.13
CA TYR B 188 -1.39 31.27 -26.01
C TYR B 188 -0.30 30.42 -25.39
N GLN B 189 0.97 30.77 -25.61
CA GLN B 189 2.09 29.94 -25.17
C GLN B 189 2.90 30.52 -24.01
N ASP B 190 2.90 31.84 -23.83
CA ASP B 190 3.82 32.43 -22.86
C ASP B 190 3.39 32.10 -21.43
N PHE B 191 2.10 32.27 -21.11
CA PHE B 191 1.67 32.10 -19.72
C PHE B 191 1.85 30.66 -19.26
N VAL B 192 1.53 29.70 -20.12
CA VAL B 192 1.72 28.29 -19.76
C VAL B 192 3.20 27.97 -19.63
N ASN B 193 4.06 28.67 -20.38
CA ASN B 193 5.49 28.43 -20.26
C ASN B 193 6.03 28.85 -18.90
N LYS B 194 5.49 29.92 -18.32
CA LYS B 194 5.94 30.36 -17.01
C LYS B 194 5.56 29.36 -15.91
N ILE B 195 4.55 28.53 -16.15
CA ILE B 195 4.13 27.56 -15.15
C ILE B 195 5.23 26.54 -14.87
N ARG B 196 5.87 26.04 -15.93
CA ARG B 196 6.92 25.04 -15.74
C ARG B 196 8.17 25.64 -15.11
N SER B 197 8.43 26.93 -15.32
CA SER B 197 9.61 27.55 -14.73
C SER B 197 9.52 27.58 -13.21
N THR B 198 8.34 27.91 -12.67
CA THR B 198 8.20 28.07 -11.23
C THR B 198 8.18 26.73 -10.50
N ILE B 199 7.55 25.71 -11.07
CA ILE B 199 7.32 24.46 -10.35
C ILE B 199 8.64 23.71 -10.14
N GLU B 200 9.53 23.73 -11.13
CA GLU B 200 10.74 22.91 -11.04
C GLU B 200 11.64 23.38 -9.90
N ASN B 201 11.83 24.68 -9.75
CA ASN B 201 12.66 25.23 -8.68
C ASN B 201 11.79 25.68 -7.50
N SER B 202 11.04 24.73 -6.95
CA SER B 202 10.12 24.99 -5.85
C SER B 202 10.45 24.10 -4.67
N PHE B 203 10.55 24.69 -3.48
CA PHE B 203 10.78 23.92 -2.27
C PHE B 203 9.60 22.99 -1.99
N VAL B 204 8.38 23.48 -2.14
CA VAL B 204 7.18 22.70 -1.89
C VAL B 204 6.80 21.96 -3.17
N GLY B 205 6.44 20.69 -3.02
CA GLY B 205 6.05 19.90 -4.17
C GLY B 205 4.76 20.40 -4.80
N TRP B 206 4.68 20.26 -6.11
CA TRP B 206 3.52 20.70 -6.88
C TRP B 206 2.90 19.49 -7.58
N GLU B 207 1.60 19.33 -7.38
CA GLU B 207 0.84 18.21 -7.97
C GLU B 207 0.20 18.71 -9.26
N LEU B 208 0.95 18.63 -10.35
CA LEU B 208 0.45 19.04 -11.66
C LEU B 208 -0.46 17.95 -12.22
N GLU B 209 -1.74 18.27 -12.38
CA GLU B 209 -2.70 17.33 -12.95
C GLU B 209 -2.74 17.43 -14.47
N GLU B 210 -1.55 17.30 -15.09
CA GLU B 210 -1.38 17.36 -16.53
C GLU B 210 -1.79 18.71 -17.12
N VAL B 211 -1.58 18.90 -18.41
CA VAL B 211 -1.94 20.13 -19.11
C VAL B 211 -2.76 19.75 -20.33
N LEU B 212 -3.88 20.43 -20.53
CA LEU B 212 -4.79 20.16 -21.63
C LEU B 212 -4.69 21.27 -22.67
N LEU B 213 -4.59 20.89 -23.93
CA LEU B 213 -4.40 21.82 -25.05
C LEU B 213 -5.48 21.59 -26.10
N LEU B 214 -6.73 21.53 -25.67
CA LEU B 214 -7.84 21.28 -26.58
C LEU B 214 -8.02 22.47 -27.53
N ASP B 215 -8.65 22.20 -28.67
CA ASP B 215 -8.89 23.20 -29.70
C ASP B 215 -10.34 23.64 -29.68
N MET B 216 -10.57 24.95 -29.65
CA MET B 216 -11.91 25.51 -29.65
C MET B 216 -12.32 26.07 -31.00
N SER B 217 -11.38 26.62 -31.76
CA SER B 217 -11.67 27.18 -33.08
C SER B 217 -11.57 26.15 -34.19
N LEU B 218 -11.17 24.92 -33.88
CA LEU B 218 -11.05 23.89 -34.90
C LEU B 218 -12.43 23.45 -35.38
N ASP B 219 -12.57 23.33 -36.70
CA ASP B 219 -13.84 22.88 -37.27
C ASP B 219 -14.13 21.44 -36.87
N ASP B 220 -15.41 21.15 -36.62
CA ASP B 220 -15.88 19.84 -36.18
C ASP B 220 -15.25 19.40 -34.87
N GLY B 221 -14.75 20.35 -34.08
CA GLY B 221 -14.16 20.08 -32.79
C GLY B 221 -15.02 20.42 -31.60
N ASP B 222 -16.22 20.96 -31.81
CA ASP B 222 -17.10 21.29 -30.69
C ASP B 222 -17.50 20.05 -29.91
N SER B 223 -17.80 18.95 -30.62
CA SER B 223 -18.12 17.70 -29.95
C SER B 223 -16.91 17.12 -29.23
N LYS B 224 -15.71 17.36 -29.75
CA LYS B 224 -14.50 16.85 -29.12
C LYS B 224 -14.21 17.54 -27.79
N ILE B 225 -14.81 18.71 -27.53
CA ILE B 225 -14.61 19.39 -26.25
C ILE B 225 -15.17 18.54 -25.12
N GLN B 226 -16.36 17.95 -25.32
CA GLN B 226 -16.93 17.08 -24.30
C GLN B 226 -16.11 15.83 -24.10
N ASN B 227 -15.56 15.26 -25.18
CA ASN B 227 -14.75 14.05 -25.07
C ASN B 227 -13.51 14.29 -24.23
N GLN B 228 -12.86 15.43 -24.41
CA GLN B 228 -11.70 15.80 -23.60
C GLN B 228 -12.07 16.32 -22.22
N LEU B 229 -13.36 16.53 -21.97
CA LEU B 229 -13.83 17.03 -20.68
C LEU B 229 -14.23 15.94 -19.71
N LYS B 230 -14.03 14.67 -20.07
CA LYS B 230 -14.38 13.55 -19.20
C LYS B 230 -13.14 12.88 -18.61
N LYS B 231 -12.02 13.60 -18.54
CA LYS B 231 -10.78 13.05 -18.00
C LYS B 231 -10.12 14.05 -17.05
N LEU B 232 -10.92 14.71 -16.23
CA LEU B 232 -10.42 15.64 -15.23
C LEU B 232 -10.89 15.21 -13.85
N GLN B 233 -9.96 15.23 -12.88
CA GLN B 233 -10.27 14.85 -11.51
C GLN B 233 -9.76 15.83 -10.48
N SER B 234 -8.86 16.75 -10.84
CA SER B 234 -8.34 17.71 -9.88
C SER B 234 -9.46 18.66 -9.44
N PRO B 235 -9.57 18.94 -8.14
CA PRO B 235 -10.59 19.90 -7.69
C PRO B 235 -10.39 21.31 -8.22
N ILE B 236 -9.17 21.67 -8.62
CA ILE B 236 -8.86 22.99 -9.14
C ILE B 236 -8.48 22.86 -10.60
N ILE B 237 -9.02 23.72 -11.44
CA ILE B 237 -8.72 23.73 -12.88
C ILE B 237 -8.53 25.18 -13.32
N LEU B 238 -7.46 25.43 -14.05
CA LEU B 238 -7.17 26.75 -14.59
C LEU B 238 -7.55 26.78 -16.07
N LEU B 239 -8.38 27.73 -16.45
CA LEU B 239 -8.92 27.82 -17.80
C LEU B 239 -8.56 29.16 -18.42
N TYR B 240 -8.19 29.13 -19.70
CA TYR B 240 -7.96 30.35 -20.47
C TYR B 240 -8.80 30.29 -21.72
N CYS B 241 -9.61 31.33 -21.94
CA CYS B 241 -10.47 31.41 -23.11
C CYS B 241 -10.58 32.87 -23.52
N THR B 242 -11.53 33.16 -24.41
CA THR B 242 -11.82 34.51 -24.86
C THR B 242 -13.25 34.86 -24.46
N LYS B 243 -13.49 36.16 -24.28
CA LYS B 243 -14.80 36.62 -23.81
C LYS B 243 -15.91 36.24 -24.80
N GLU B 244 -15.67 36.42 -26.09
CA GLU B 244 -16.69 36.08 -27.09
C GLU B 244 -16.92 34.58 -27.14
N GLU B 245 -15.86 33.78 -26.97
CA GLU B 245 -15.98 32.32 -26.99
C GLU B 245 -16.21 31.73 -25.61
N ALA B 246 -16.27 32.56 -24.57
CA ALA B 246 -16.52 32.04 -23.23
C ALA B 246 -17.89 31.37 -23.15
N THR B 247 -18.90 31.98 -23.74
CA THR B 247 -20.21 31.33 -23.82
C THR B 247 -20.15 30.07 -24.68
N TYR B 248 -19.41 30.15 -25.80
CA TYR B 248 -19.27 28.98 -26.66
C TYR B 248 -18.52 27.85 -25.95
N ILE B 249 -17.45 28.19 -25.22
CA ILE B 249 -16.69 27.18 -24.50
C ILE B 249 -17.51 26.59 -23.37
N PHE B 250 -18.20 27.45 -22.61
CA PHE B 250 -18.98 26.99 -21.46
C PHE B 250 -20.25 26.28 -21.87
N GLU B 251 -20.61 26.30 -23.16
CA GLU B 251 -21.74 25.50 -23.62
C GLU B 251 -21.48 24.02 -23.40
N VAL B 252 -20.26 23.58 -23.67
CA VAL B 252 -19.88 22.19 -23.41
C VAL B 252 -19.37 22.01 -21.97
N ALA B 253 -18.78 23.04 -21.38
CA ALA B 253 -18.32 22.94 -20.01
C ALA B 253 -19.48 22.66 -19.05
N ASN B 254 -20.62 23.31 -19.28
CA ASN B 254 -21.81 23.03 -18.50
C ASN B 254 -22.48 21.73 -18.90
N SER B 255 -22.15 21.19 -20.09
CA SER B 255 -22.76 19.93 -20.52
C SER B 255 -22.34 18.78 -19.61
N VAL B 256 -21.04 18.63 -19.38
CA VAL B 256 -20.57 17.62 -18.43
C VAL B 256 -21.00 17.99 -17.02
N GLY B 257 -21.01 19.29 -16.70
CA GLY B 257 -21.53 19.77 -15.44
C GLY B 257 -20.73 19.41 -14.21
N LEU B 258 -19.40 19.45 -14.31
CA LEU B 258 -18.54 19.33 -13.13
C LEU B 258 -18.20 20.71 -12.56
N THR B 259 -19.24 21.51 -12.34
CA THR B 259 -19.03 22.90 -11.95
C THR B 259 -20.02 23.39 -10.90
N GLY B 260 -20.77 22.50 -10.26
CA GLY B 260 -21.79 22.91 -9.32
C GLY B 260 -21.25 23.53 -8.04
N TYR B 261 -20.59 22.72 -7.22
CA TYR B 261 -20.07 23.20 -5.95
C TYR B 261 -18.63 22.80 -5.69
N GLY B 262 -18.22 21.60 -6.11
CA GLY B 262 -16.93 21.04 -5.77
C GLY B 262 -15.77 21.41 -6.67
N TYR B 263 -15.96 22.30 -7.64
CA TYR B 263 -14.91 22.68 -8.56
C TYR B 263 -14.85 24.20 -8.69
N THR B 264 -13.63 24.70 -8.88
CA THR B 264 -13.36 26.13 -9.00
C THR B 264 -12.71 26.41 -10.35
N TRP B 265 -13.17 27.44 -11.03
CA TRP B 265 -12.62 27.85 -12.32
C TRP B 265 -11.79 29.10 -12.15
N ILE B 266 -10.62 29.13 -12.79
CA ILE B 266 -9.74 30.28 -12.80
C ILE B 266 -9.57 30.76 -14.23
N VAL B 267 -9.80 32.04 -14.46
CA VAL B 267 -9.66 32.63 -15.80
C VAL B 267 -8.97 33.97 -15.68
N PRO B 268 -8.31 34.39 -16.75
CA PRO B 268 -7.64 35.70 -16.75
C PRO B 268 -8.66 36.83 -16.78
N SER B 269 -8.15 38.05 -16.54
CA SER B 269 -9.00 39.23 -16.53
C SER B 269 -9.56 39.55 -17.91
N LEU B 270 -8.92 39.07 -18.98
CA LEU B 270 -9.40 39.37 -20.33
C LEU B 270 -10.74 38.71 -20.61
N VAL B 271 -11.01 37.55 -19.99
CA VAL B 271 -12.28 36.86 -20.22
C VAL B 271 -13.44 37.69 -19.65
N ALA B 272 -13.27 38.21 -18.44
CA ALA B 272 -14.34 38.97 -17.80
C ALA B 272 -14.53 40.33 -18.46
N GLY B 273 -13.44 41.02 -18.75
CA GLY B 273 -13.52 42.34 -19.35
C GLY B 273 -13.95 43.42 -18.38
N ASP B 274 -15.20 43.36 -17.95
CA ASP B 274 -15.74 44.30 -16.99
C ASP B 274 -16.71 43.58 -16.06
N THR B 275 -16.86 44.13 -14.85
CA THR B 275 -17.78 43.52 -13.88
C THR B 275 -19.23 43.61 -14.36
N ASP B 276 -19.63 44.76 -14.90
CA ASP B 276 -21.00 44.93 -15.35
C ASP B 276 -21.33 44.02 -16.53
N THR B 277 -20.39 43.89 -17.47
CA THR B 277 -20.61 43.07 -18.67
C THR B 277 -20.28 41.62 -18.35
N VAL B 278 -21.31 40.76 -18.32
CA VAL B 278 -21.17 39.37 -17.91
C VAL B 278 -21.78 38.50 -19.00
N PRO B 279 -21.11 37.43 -19.43
CA PRO B 279 -21.72 36.54 -20.44
C PRO B 279 -22.98 35.83 -19.96
N ALA B 280 -23.19 35.73 -18.65
CA ALA B 280 -24.37 35.20 -17.96
C ALA B 280 -24.44 33.67 -17.98
N GLU B 281 -23.54 32.98 -18.68
CA GLU B 281 -23.50 31.52 -18.65
C GLU B 281 -22.48 30.99 -17.66
N PHE B 282 -21.75 31.86 -16.96
CA PHE B 282 -20.74 31.40 -16.03
C PHE B 282 -21.40 30.81 -14.79
N PRO B 283 -21.00 29.60 -14.38
CA PRO B 283 -21.59 29.01 -13.17
C PRO B 283 -21.24 29.81 -11.93
N THR B 284 -22.15 29.77 -10.96
CA THR B 284 -21.96 30.50 -9.71
C THR B 284 -20.73 29.99 -8.97
N GLY B 285 -19.92 30.91 -8.47
CA GLY B 285 -18.69 30.58 -7.77
C GLY B 285 -17.42 30.82 -8.55
N LEU B 286 -17.51 31.29 -9.80
CA LEU B 286 -16.32 31.57 -10.58
C LEU B 286 -15.56 32.75 -9.98
N ILE B 287 -14.24 32.60 -9.88
CA ILE B 287 -13.38 33.61 -9.31
C ILE B 287 -12.21 33.85 -10.26
N SER B 288 -11.84 35.12 -10.43
CA SER B 288 -10.81 35.49 -11.38
C SER B 288 -10.15 36.79 -10.93
N VAL B 289 -8.97 37.05 -11.49
CA VAL B 289 -8.26 38.30 -11.24
C VAL B 289 -8.75 39.35 -12.22
N SER B 290 -8.51 40.62 -11.89
CA SER B 290 -8.97 41.72 -12.72
C SER B 290 -8.00 42.89 -12.61
N TYR B 291 -8.03 43.74 -13.63
CA TYR B 291 -7.28 44.99 -13.60
C TYR B 291 -8.12 46.04 -12.90
N ASP B 292 -7.51 46.76 -11.96
CA ASP B 292 -8.26 47.69 -11.13
C ASP B 292 -8.81 48.84 -11.96
N GLU B 293 -10.11 49.10 -11.81
CA GLU B 293 -10.76 50.24 -12.44
C GLU B 293 -11.66 51.01 -11.49
N TRP B 294 -12.17 50.39 -10.42
CA TRP B 294 -13.03 51.09 -9.47
C TRP B 294 -12.27 52.19 -8.75
N ASP B 295 -11.07 51.87 -8.26
CA ASP B 295 -10.23 52.85 -7.57
C ASP B 295 -9.33 53.62 -8.51
N TYR B 296 -9.34 53.29 -9.81
CA TYR B 296 -8.53 53.98 -10.82
C TYR B 296 -9.49 54.59 -11.82
N GLY B 297 -9.97 55.80 -11.52
CA GLY B 297 -10.90 56.48 -12.41
C GLY B 297 -10.21 57.11 -13.60
N LEU B 298 -11.03 57.47 -14.60
CA LEU B 298 -10.49 58.12 -15.79
C LEU B 298 -9.80 59.43 -15.48
N PRO B 299 -10.37 60.37 -14.72
CA PRO B 299 -9.59 61.54 -14.33
C PRO B 299 -8.38 61.20 -13.48
N ALA B 300 -8.46 60.15 -12.66
CA ALA B 300 -7.31 59.74 -11.86
C ALA B 300 -6.24 59.08 -12.72
N ARG B 301 -6.65 58.20 -13.64
CA ARG B 301 -5.67 57.52 -14.48
C ARG B 301 -5.10 58.44 -15.56
N VAL B 302 -5.75 59.57 -15.84
CA VAL B 302 -5.20 60.51 -16.81
C VAL B 302 -4.21 61.47 -16.16
N ARG B 303 -4.28 61.64 -14.85
CA ARG B 303 -3.34 62.55 -14.18
C ARG B 303 -1.94 61.95 -14.09
N ASP B 304 -1.86 60.62 -13.92
CA ASP B 304 -0.55 59.98 -13.82
C ASP B 304 0.21 60.04 -15.14
N GLY B 305 -0.48 59.79 -16.26
CA GLY B 305 0.20 59.75 -17.53
C GLY B 305 0.75 61.10 -17.98
N ILE B 306 -0.02 62.17 -17.77
CA ILE B 306 0.40 63.48 -18.25
C ILE B 306 1.63 63.97 -17.50
N ALA B 307 1.70 63.69 -16.20
CA ALA B 307 2.82 64.15 -15.40
C ALA B 307 4.11 63.45 -15.79
N ILE B 308 4.06 62.14 -16.02
CA ILE B 308 5.27 61.37 -16.31
C ILE B 308 5.86 61.78 -17.65
N ILE B 309 5.02 61.95 -18.67
CA ILE B 309 5.52 62.21 -20.02
C ILE B 309 6.31 63.51 -20.07
N THR B 310 5.77 64.57 -19.45
CA THR B 310 6.47 65.85 -19.44
C THR B 310 7.77 65.77 -18.66
N THR B 311 7.77 65.07 -17.52
CA THR B 311 8.97 64.97 -16.69
C THR B 311 9.92 63.87 -17.13
N ALA B 312 9.52 63.03 -18.09
CA ALA B 312 10.41 61.96 -18.54
C ALA B 312 11.67 62.53 -19.20
N ALA B 313 11.51 63.55 -20.03
CA ALA B 313 12.62 64.19 -20.71
C ALA B 313 13.14 65.42 -19.98
N SER B 314 12.60 65.73 -18.80
CA SER B 314 13.07 66.89 -18.05
C SER B 314 14.51 66.71 -17.59
N ASP B 315 14.86 65.51 -17.14
CA ASP B 315 16.23 65.25 -16.70
C ASP B 315 17.21 65.25 -17.88
N MET B 316 16.72 65.08 -19.11
CA MET B 316 17.59 65.15 -20.27
C MET B 316 18.23 66.52 -20.40
N LEU B 317 17.45 67.59 -20.21
CA LEU B 317 17.98 68.94 -20.29
C LEU B 317 18.88 69.28 -19.10
N SER B 318 18.78 68.53 -18.01
CA SER B 318 19.57 68.85 -16.81
C SER B 318 21.05 68.53 -17.02
N GLU B 319 21.36 67.44 -17.71
CA GLU B 319 22.73 66.97 -17.85
C GLU B 319 23.31 67.25 -19.23
N HIS B 320 22.65 66.81 -20.29
CA HIS B 320 23.17 66.99 -21.64
C HIS B 320 22.91 68.39 -22.19
N SER B 321 22.05 69.18 -21.53
CA SER B 321 21.72 70.53 -21.96
C SER B 321 21.22 70.58 -23.40
N PHE B 322 20.39 69.59 -23.76
CA PHE B 322 19.81 69.52 -25.10
C PHE B 322 18.41 68.96 -25.00
N ILE B 323 17.47 69.59 -25.68
CA ILE B 323 16.08 69.14 -25.72
C ILE B 323 15.88 68.34 -27.01
N PRO B 324 15.49 67.08 -26.94
CA PRO B 324 15.28 66.30 -28.17
C PRO B 324 14.06 66.77 -28.95
N GLU B 325 14.30 67.42 -30.08
CA GLU B 325 13.24 67.96 -30.93
C GLU B 325 13.46 67.47 -32.36
N PRO B 326 12.99 66.28 -32.68
CA PRO B 326 13.12 65.78 -34.06
C PRO B 326 12.20 66.53 -35.02
N LYS B 327 12.17 66.10 -36.29
CA LYS B 327 11.34 66.76 -37.28
C LYS B 327 9.87 66.69 -36.90
N SER B 328 9.28 67.83 -36.53
CA SER B 328 7.87 67.90 -36.17
C SER B 328 7.02 68.24 -37.40
N SER B 329 7.22 67.44 -38.45
CA SER B 329 6.55 67.63 -39.72
C SER B 329 5.80 66.37 -40.09
N CYS B 330 4.53 66.54 -40.48
CA CYS B 330 3.74 65.39 -40.92
C CYS B 330 4.31 64.75 -42.16
N TYR B 331 4.75 65.57 -43.12
CA TYR B 331 5.29 65.07 -44.38
C TYR B 331 6.78 64.78 -44.24
N ASN B 332 7.30 64.04 -45.23
CA ASN B 332 8.73 63.70 -45.31
C ASN B 332 9.20 63.00 -44.04
N THR B 333 8.43 62.00 -43.60
CA THR B 333 8.81 61.24 -42.41
C THR B 333 10.09 60.46 -42.64
N HIS B 334 10.40 60.12 -43.89
CA HIS B 334 11.65 59.42 -44.19
C HIS B 334 12.86 60.28 -43.88
N GLU B 335 12.79 61.58 -44.17
CA GLU B 335 13.90 62.48 -43.89
C GLU B 335 14.11 62.71 -42.40
N LYS B 336 13.18 62.31 -41.56
CA LYS B 336 13.31 62.46 -40.12
C LYS B 336 14.09 61.32 -39.47
N ARG B 337 14.57 60.35 -40.26
CA ARG B 337 15.31 59.23 -39.71
C ARG B 337 16.68 59.63 -39.18
N ILE B 338 17.15 60.84 -39.46
CA ILE B 338 18.45 61.26 -38.97
C ILE B 338 18.39 61.77 -37.53
N TYR B 339 17.20 62.16 -37.05
CA TYR B 339 17.03 62.65 -35.68
C TYR B 339 16.63 61.49 -34.78
N GLN B 340 17.58 60.57 -34.60
CA GLN B 340 17.34 59.39 -33.78
C GLN B 340 17.14 59.77 -32.32
N SER B 341 16.17 59.12 -31.68
CA SER B 341 15.86 59.36 -30.27
C SER B 341 15.88 58.09 -29.44
N ASN B 342 16.58 57.05 -29.92
CA ASN B 342 16.65 55.80 -29.17
C ASN B 342 17.33 55.98 -27.83
N MET B 343 18.32 56.88 -27.75
CA MET B 343 18.97 57.16 -26.47
C MET B 343 17.98 57.75 -25.48
N LEU B 344 17.13 58.67 -25.95
CA LEU B 344 16.09 59.23 -25.08
C LEU B 344 15.08 58.15 -24.68
N ASN B 345 14.81 57.19 -25.56
CA ASN B 345 13.89 56.11 -25.22
C ASN B 345 14.41 55.30 -24.04
N ARG B 346 15.71 55.02 -24.01
CA ARG B 346 16.31 54.29 -22.90
C ARG B 346 16.35 55.11 -21.61
N TYR B 347 16.13 56.43 -21.70
CA TYR B 347 16.15 57.29 -20.52
C TYR B 347 14.81 57.34 -19.80
N LEU B 348 13.78 56.71 -20.34
CA LEU B 348 12.45 56.72 -19.74
C LEU B 348 12.22 55.56 -18.79
N ILE B 349 13.23 54.74 -18.54
CA ILE B 349 13.07 53.59 -17.64
C ILE B 349 12.78 54.06 -16.22
N ASN B 350 13.52 55.06 -15.74
CA ASN B 350 13.39 55.53 -14.35
C ASN B 350 12.23 56.50 -14.28
N VAL B 351 11.10 56.03 -13.76
CA VAL B 351 9.90 56.84 -13.58
C VAL B 351 9.42 56.65 -12.15
N THR B 352 9.36 57.75 -11.39
CA THR B 352 8.89 57.72 -10.01
C THR B 352 8.00 58.93 -9.77
N PHE B 353 6.81 58.69 -9.24
CA PHE B 353 5.88 59.77 -8.94
C PHE B 353 4.84 59.28 -7.95
N GLU B 354 4.42 60.19 -7.05
CA GLU B 354 3.38 59.90 -6.06
C GLU B 354 3.75 58.70 -5.18
N GLY B 355 5.05 58.55 -4.89
CA GLY B 355 5.51 57.49 -4.04
C GLY B 355 5.54 56.12 -4.66
N ARG B 356 5.35 56.01 -5.98
CA ARG B 356 5.35 54.73 -6.67
C ARG B 356 6.17 54.84 -7.94
N ASN B 357 6.95 53.80 -8.23
CA ASN B 357 7.75 53.73 -9.44
C ASN B 357 6.95 53.08 -10.55
N LEU B 358 7.10 53.60 -11.77
CA LEU B 358 6.36 53.15 -12.94
C LEU B 358 7.33 52.81 -14.07
N SER B 359 8.37 52.02 -13.75
CA SER B 359 9.34 51.63 -14.75
C SER B 359 8.69 50.77 -15.83
N PHE B 360 9.15 50.95 -17.07
CA PHE B 360 8.64 50.21 -18.21
C PHE B 360 9.77 49.50 -18.92
N SER B 361 9.47 48.33 -19.47
CA SER B 361 10.46 47.48 -20.11
C SER B 361 10.36 47.61 -21.63
N GLU B 362 11.18 46.83 -22.33
CA GLU B 362 11.19 46.88 -23.79
C GLU B 362 9.88 46.39 -24.40
N ASP B 363 9.22 45.43 -23.74
CA ASP B 363 7.98 44.89 -24.25
C ASP B 363 6.79 45.83 -24.07
N GLY B 364 6.96 46.92 -23.34
CA GLY B 364 5.87 47.86 -23.10
C GLY B 364 4.99 47.42 -21.94
N TYR B 365 5.63 47.07 -20.83
CA TYR B 365 4.96 46.59 -19.64
C TYR B 365 5.11 47.60 -18.52
N GLN B 366 4.24 47.50 -17.51
CA GLN B 366 4.30 48.39 -16.36
C GLN B 366 4.96 47.75 -15.14
N MET B 367 4.90 46.42 -15.02
CA MET B 367 5.47 45.65 -13.90
C MET B 367 5.17 46.26 -12.53
N HIS B 368 4.07 47.01 -12.42
CA HIS B 368 3.58 47.50 -11.14
C HIS B 368 2.06 47.59 -11.21
N PRO B 369 1.39 46.44 -11.34
CA PRO B 369 -0.07 46.45 -11.52
C PRO B 369 -0.82 46.33 -10.19
N LYS B 370 -1.95 47.03 -10.13
CA LYS B 370 -2.87 46.92 -9.01
C LYS B 370 -3.95 45.92 -9.41
N LEU B 371 -3.81 44.69 -8.95
CA LEU B 371 -4.70 43.60 -9.35
C LEU B 371 -5.73 43.34 -8.25
N VAL B 372 -6.99 43.28 -8.65
CA VAL B 372 -8.10 43.02 -7.73
C VAL B 372 -8.80 41.75 -8.20
N ILE B 373 -8.93 40.78 -7.30
CA ILE B 373 -9.57 39.52 -7.62
C ILE B 373 -11.09 39.69 -7.51
N ILE B 374 -11.81 39.06 -8.43
CA ILE B 374 -13.27 39.15 -8.48
C ILE B 374 -13.86 37.75 -8.50
N LEU B 375 -14.92 37.55 -7.73
CA LEU B 375 -15.61 36.26 -7.65
C LEU B 375 -17.05 36.44 -8.09
N LEU B 376 -17.64 35.34 -8.57
CA LEU B 376 -19.01 35.36 -9.05
C LEU B 376 -19.97 35.12 -7.90
N ASN B 377 -20.97 35.99 -7.78
CA ASN B 377 -21.98 35.88 -6.73
C ASN B 377 -23.01 34.83 -7.12
N LYS B 378 -24.12 34.77 -6.37
CA LYS B 378 -25.20 33.86 -6.72
C LYS B 378 -25.77 34.20 -8.10
N GLU B 379 -25.95 35.47 -8.38
CA GLU B 379 -26.29 35.94 -9.71
C GLU B 379 -25.03 36.45 -10.39
N ARG B 380 -25.19 37.06 -11.56
CA ARG B 380 -24.05 37.57 -12.32
C ARG B 380 -23.52 38.86 -11.71
N LYS B 381 -22.52 38.75 -10.83
CA LYS B 381 -21.92 39.91 -10.19
C LYS B 381 -20.49 39.56 -9.77
N TRP B 382 -19.59 40.54 -9.87
CA TRP B 382 -18.20 40.38 -9.49
C TRP B 382 -17.87 41.34 -8.36
N GLU B 383 -17.34 40.79 -7.26
CA GLU B 383 -17.01 41.57 -6.08
C GLU B 383 -15.52 41.42 -5.77
N ARG B 384 -14.95 42.47 -5.18
CA ARG B 384 -13.54 42.46 -4.82
C ARG B 384 -13.25 41.34 -3.81
N VAL B 385 -12.19 40.59 -4.08
CA VAL B 385 -11.78 39.49 -3.21
C VAL B 385 -10.53 39.84 -2.41
N GLY B 386 -9.52 40.41 -3.06
CA GLY B 386 -8.29 40.75 -2.39
C GLY B 386 -7.62 42.00 -2.93
N LYS B 387 -6.41 42.28 -2.45
CA LYS B 387 -5.66 43.46 -2.85
C LYS B 387 -4.22 43.08 -3.14
N TRP B 388 -3.57 43.89 -3.97
CA TRP B 388 -2.17 43.72 -4.32
C TRP B 388 -1.43 45.02 -4.04
N LYS B 389 -0.30 44.91 -3.33
CA LYS B 389 0.51 46.09 -3.01
C LYS B 389 1.96 45.63 -2.86
N ASP B 390 2.75 45.81 -3.91
CA ASP B 390 4.16 45.44 -3.92
C ASP B 390 4.36 43.97 -3.59
N LYS B 391 3.75 43.12 -4.42
CA LYS B 391 3.86 41.67 -4.29
C LYS B 391 3.36 41.18 -2.92
N SER B 392 2.31 41.83 -2.41
CA SER B 392 1.67 41.43 -1.17
C SER B 392 0.20 41.17 -1.44
N LEU B 393 -0.31 40.05 -0.94
CA LEU B 393 -1.68 39.63 -1.19
C LEU B 393 -2.41 39.52 0.14
N GLN B 394 -3.54 40.22 0.25
CA GLN B 394 -4.38 40.19 1.44
C GLN B 394 -5.75 39.67 1.05
N MET B 395 -6.24 38.66 1.77
CA MET B 395 -7.49 38.00 1.44
C MET B 395 -8.47 38.21 2.58
N LYS B 396 -9.69 38.63 2.24
CA LYS B 396 -10.64 39.07 3.26
C LYS B 396 -11.01 37.94 4.22
N TYR B 397 -11.30 36.75 3.69
CA TYR B 397 -11.76 35.64 4.51
C TYR B 397 -10.54 34.89 5.08
N TYR B 398 -10.79 33.73 5.67
CA TYR B 398 -9.74 32.86 6.19
C TYR B 398 -9.70 31.52 5.47
N VAL B 399 -10.84 30.88 5.27
CA VAL B 399 -10.94 29.62 4.55
C VAL B 399 -12.07 29.74 3.54
N TRP B 400 -12.05 28.87 2.54
CA TRP B 400 -13.06 28.90 1.49
C TRP B 400 -14.41 28.49 2.06
N PRO B 401 -15.46 29.26 1.86
CA PRO B 401 -16.79 28.90 2.37
C PRO B 401 -17.41 27.79 1.53
N ARG B 402 -18.66 27.45 1.87
CA ARG B 402 -19.38 26.41 1.16
C ARG B 402 -20.03 26.96 -0.11
CA ASP B 412 -22.82 18.21 3.61
C ASP B 412 -21.51 17.45 3.63
N ASP B 413 -20.67 17.69 2.63
CA ASP B 413 -19.38 17.02 2.55
C ASP B 413 -18.29 17.72 3.36
N HIS B 414 -18.57 18.91 3.89
CA HIS B 414 -17.64 19.59 4.79
C HIS B 414 -18.21 19.54 6.20
N LEU B 415 -17.38 19.10 7.14
CA LEU B 415 -17.80 18.91 8.52
C LEU B 415 -16.81 19.61 9.45
N SER B 416 -17.33 20.44 10.34
CA SER B 416 -16.48 21.06 11.35
C SER B 416 -15.95 20.01 12.30
N ILE B 417 -14.72 20.24 12.78
CA ILE B 417 -14.04 19.34 13.70
C ILE B 417 -13.44 20.17 14.83
N VAL B 418 -13.56 19.67 16.06
CA VAL B 418 -12.99 20.32 17.23
C VAL B 418 -11.98 19.37 17.85
N THR B 419 -10.77 19.87 18.10
CA THR B 419 -9.67 19.04 18.57
C THR B 419 -8.88 19.81 19.62
N LEU B 420 -8.31 19.08 20.59
CA LEU B 420 -7.48 19.65 21.63
C LEU B 420 -6.12 18.98 21.63
N GLU B 421 -5.08 19.78 21.88
CA GLU B 421 -3.73 19.26 21.94
C GLU B 421 -3.56 18.31 23.12
N GLU B 422 -2.87 17.19 22.88
CA GLU B 422 -2.52 16.27 23.94
C GLU B 422 -1.29 15.49 23.50
N ALA B 423 -0.33 15.34 24.42
CA ALA B 423 1.03 14.90 24.16
C ALA B 423 1.15 13.76 23.14
N PRO B 424 0.48 12.60 23.34
CA PRO B 424 0.77 11.47 22.44
C PRO B 424 -0.04 11.47 21.15
N PHE B 425 -1.23 12.10 21.16
CA PHE B 425 -2.17 11.97 20.07
C PHE B 425 -2.21 13.20 19.16
N VAL B 426 -2.38 14.39 19.72
CA VAL B 426 -2.48 15.62 18.93
C VAL B 426 -1.52 16.64 19.52
N ILE B 427 -0.56 17.09 18.71
CA ILE B 427 0.42 18.08 19.12
C ILE B 427 0.40 19.23 18.10
N VAL B 428 0.33 20.45 18.59
CA VAL B 428 0.24 21.63 17.75
C VAL B 428 1.56 22.38 17.80
N GLU B 429 1.78 23.19 16.77
CA GLU B 429 3.00 24.00 16.67
C GLU B 429 2.74 25.16 15.73
N SER B 430 3.58 26.18 15.83
CA SER B 430 3.47 27.34 14.94
C SER B 430 3.90 26.95 13.53
N VAL B 431 3.40 27.74 12.56
CA VAL B 431 3.66 27.43 11.16
C VAL B 431 5.10 27.78 10.80
N ASP B 432 5.59 27.13 9.75
CA ASP B 432 6.95 27.38 9.28
C ASP B 432 6.99 28.69 8.50
N PRO B 433 7.85 29.64 8.87
CA PRO B 433 7.90 30.92 8.15
C PRO B 433 8.72 30.88 6.86
N LEU B 434 9.49 29.81 6.63
CA LEU B 434 10.33 29.76 5.44
C LEU B 434 9.50 29.55 4.18
N SER B 435 8.53 28.63 4.22
CA SER B 435 7.75 28.28 3.04
C SER B 435 6.26 28.53 3.24
N GLY B 436 5.89 29.36 4.21
CA GLY B 436 4.50 29.68 4.42
C GLY B 436 3.72 28.57 5.12
N THR B 437 3.59 27.43 4.44
CA THR B 437 2.92 26.27 5.03
C THR B 437 3.80 25.63 6.09
N CYS B 438 3.28 24.59 6.75
CA CYS B 438 4.07 23.91 7.77
C CYS B 438 5.05 22.93 7.14
N MET B 439 4.50 21.88 6.52
CA MET B 439 5.27 20.77 5.97
C MET B 439 4.26 19.80 5.35
N ARG B 440 4.75 18.95 4.46
CA ARG B 440 3.92 17.84 3.99
C ARG B 440 3.59 16.91 5.15
N ASN B 441 2.45 16.23 5.02
CA ASN B 441 1.88 15.30 6.01
C ASN B 441 1.32 16.06 7.22
N THR B 442 1.51 17.37 7.31
CA THR B 442 1.01 18.17 8.42
C THR B 442 -0.28 18.85 7.97
N VAL B 443 -1.40 18.43 8.55
CA VAL B 443 -2.70 18.99 8.14
C VAL B 443 -2.83 20.42 8.66
N PRO B 444 -3.45 21.31 7.91
CA PRO B 444 -3.65 22.69 8.41
C PRO B 444 -4.62 22.70 9.58
N CYS B 445 -4.49 23.73 10.42
CA CYS B 445 -5.25 23.78 11.67
C CYS B 445 -5.47 25.25 12.03
N GLN B 446 -6.68 25.74 11.76
CA GLN B 446 -7.06 27.07 12.21
C GLN B 446 -7.23 27.09 13.73
N LYS B 447 -6.83 28.20 14.34
CA LYS B 447 -7.10 28.45 15.75
C LYS B 447 -7.83 29.78 15.88
N ARG B 448 -8.92 29.79 16.63
CA ARG B 448 -9.65 31.02 16.87
C ARG B 448 -8.80 31.98 17.68
N ILE B 449 -8.84 33.26 17.30
CA ILE B 449 -8.07 34.31 17.95
C ILE B 449 -6.57 33.99 17.91
N GLY B 460 -10.42 37.12 15.50
CA GLY B 460 -9.17 36.89 14.81
C GLY B 460 -8.84 35.42 14.66
N TYR B 461 -7.69 35.13 14.02
CA TYR B 461 -7.26 33.76 13.82
C TYR B 461 -5.76 33.75 13.56
N ILE B 462 -5.15 32.59 13.75
CA ILE B 462 -3.72 32.40 13.54
C ILE B 462 -3.52 31.09 12.78
N LYS B 463 -2.61 31.11 11.81
CA LYS B 463 -2.31 29.92 11.01
C LYS B 463 -1.48 28.97 11.86
N LYS B 464 -2.16 28.26 12.74
CA LYS B 464 -1.53 27.23 13.56
C LYS B 464 -1.40 25.95 12.73
N CYS B 465 -0.92 24.88 13.34
CA CYS B 465 -0.72 23.63 12.62
C CYS B 465 -0.83 22.47 13.60
N CYS B 466 -1.66 21.48 13.26
CA CYS B 466 -1.92 20.33 14.12
C CYS B 466 -1.31 19.07 13.51
N LYS B 467 -0.77 18.22 14.36
CA LYS B 467 -0.13 16.98 13.92
C LYS B 467 -0.17 15.98 15.07
N GLY B 468 0.10 14.72 14.74
CA GLY B 468 0.18 13.69 15.74
C GLY B 468 -0.34 12.37 15.20
N PHE B 469 -0.76 11.52 16.14
CA PHE B 469 -1.21 10.17 15.83
C PHE B 469 -2.72 10.10 15.62
N CYS B 470 -3.50 10.79 16.46
CA CYS B 470 -4.95 10.75 16.32
C CYS B 470 -5.40 11.35 15.00
N ILE B 471 -4.78 12.45 14.58
CA ILE B 471 -5.14 13.08 13.32
C ILE B 471 -4.82 12.20 12.13
N ASP B 472 -3.87 11.25 12.28
CA ASP B 472 -3.58 10.33 11.20
C ASP B 472 -4.75 9.41 10.91
N ILE B 473 -5.52 9.04 11.93
CA ILE B 473 -6.70 8.21 11.72
C ILE B 473 -7.73 8.95 10.87
N LEU B 474 -7.90 10.25 11.11
CA LEU B 474 -8.90 11.02 10.38
C LEU B 474 -8.59 11.04 8.89
N LYS B 475 -7.31 11.08 8.52
CA LYS B 475 -6.95 11.07 7.11
C LYS B 475 -7.33 9.74 6.45
N LYS B 476 -7.13 8.63 7.16
CA LYS B 476 -7.42 7.32 6.57
C LYS B 476 -8.90 7.15 6.29
N ILE B 477 -9.76 7.56 7.22
CA ILE B 477 -11.20 7.43 7.00
C ILE B 477 -11.74 8.49 6.06
N SER B 478 -11.01 9.59 5.86
CA SER B 478 -11.47 10.62 4.93
C SER B 478 -11.55 10.08 3.51
N LYS B 479 -10.57 9.28 3.11
CA LYS B 479 -10.63 8.66 1.80
C LYS B 479 -11.59 7.47 1.77
N SER B 480 -11.81 6.82 2.91
CA SER B 480 -12.75 5.70 2.96
C SER B 480 -14.16 6.18 2.65
N VAL B 481 -14.66 7.13 3.43
CA VAL B 481 -15.91 7.83 3.13
C VAL B 481 -15.58 9.30 2.94
N LYS B 482 -15.97 9.84 1.79
CA LYS B 482 -15.55 11.18 1.41
C LYS B 482 -16.18 12.24 2.29
N PHE B 483 -15.34 13.15 2.79
CA PHE B 483 -15.81 14.33 3.52
C PHE B 483 -14.64 15.28 3.68
N THR B 484 -14.93 16.58 3.60
CA THR B 484 -13.96 17.62 3.88
C THR B 484 -14.19 18.16 5.30
N TYR B 485 -13.27 19.02 5.74
CA TYR B 485 -13.28 19.48 7.12
C TYR B 485 -12.42 20.73 7.26
N ASP B 486 -12.52 21.35 8.43
CA ASP B 486 -11.66 22.47 8.80
C ASP B 486 -11.43 22.37 10.32
N LEU B 487 -10.33 21.73 10.69
CA LEU B 487 -10.03 21.50 12.10
C LEU B 487 -9.75 22.81 12.81
N TYR B 488 -10.36 22.98 13.98
CA TYR B 488 -10.07 24.13 14.82
C TYR B 488 -10.14 23.73 16.28
N LEU B 489 -9.39 24.46 17.11
CA LEU B 489 -9.20 24.11 18.50
C LEU B 489 -10.33 24.64 19.37
N VAL B 490 -10.36 24.17 20.61
CA VAL B 490 -11.40 24.51 21.57
C VAL B 490 -11.05 25.84 22.24
N THR B 491 -12.08 26.61 22.58
CA THR B 491 -11.91 27.93 23.18
C THR B 491 -12.12 27.95 24.68
N ASN B 492 -13.27 27.46 25.15
CA ASN B 492 -13.62 27.52 26.57
C ASN B 492 -13.60 26.12 27.16
N GLY B 493 -12.74 25.90 28.15
CA GLY B 493 -12.68 24.64 28.85
C GLY B 493 -11.90 23.59 28.08
N LYS B 494 -11.59 22.50 28.78
CA LYS B 494 -10.87 21.38 28.22
C LYS B 494 -11.59 20.08 28.56
N HIS B 495 -11.87 19.28 27.52
CA HIS B 495 -12.46 17.94 27.61
C HIS B 495 -13.91 17.94 28.09
N GLY B 496 -14.48 19.09 28.42
CA GLY B 496 -15.91 19.17 28.69
C GLY B 496 -16.31 18.86 30.11
N LYS B 497 -17.05 19.77 30.73
CA LYS B 497 -17.60 19.58 32.06
C LYS B 497 -19.01 20.16 32.10
N LYS B 498 -19.87 19.54 32.91
CA LYS B 498 -21.27 19.95 33.03
C LYS B 498 -21.40 20.89 34.23
N ILE B 499 -21.58 22.18 33.95
CA ILE B 499 -21.82 23.18 34.98
C ILE B 499 -23.09 23.94 34.63
N ASN B 500 -24.01 24.04 35.59
CA ASN B 500 -25.30 24.70 35.39
C ASN B 500 -26.05 24.11 34.20
N GLY B 501 -25.94 22.79 34.03
CA GLY B 501 -26.60 22.12 32.92
C GLY B 501 -26.12 22.56 31.56
N THR B 502 -24.83 22.88 31.43
CA THR B 502 -24.25 23.27 30.15
C THR B 502 -22.94 22.51 29.94
N TRP B 503 -22.62 22.25 28.68
CA TRP B 503 -21.41 21.54 28.30
C TRP B 503 -20.46 22.47 27.58
N ASN B 504 -19.18 22.36 27.90
CA ASN B 504 -18.10 23.09 27.26
C ASN B 504 -17.11 22.09 26.66
N GLY B 505 -15.96 22.60 26.21
CA GLY B 505 -15.00 21.73 25.58
C GLY B 505 -15.48 21.25 24.21
N MET B 506 -14.84 20.18 23.72
CA MET B 506 -15.28 19.61 22.45
C MET B 506 -16.68 19.04 22.54
N ILE B 507 -17.02 18.43 23.68
CA ILE B 507 -18.38 17.93 23.88
C ILE B 507 -19.37 19.08 24.01
N GLY B 508 -18.90 20.29 24.31
CA GLY B 508 -19.77 21.44 24.36
C GLY B 508 -20.09 22.04 23.01
N GLU B 509 -19.22 21.84 22.03
CA GLU B 509 -19.50 22.34 20.68
C GLU B 509 -20.54 21.48 19.98
N VAL B 510 -20.46 20.17 20.13
CA VAL B 510 -21.38 19.28 19.44
C VAL B 510 -22.78 19.39 20.01
N VAL B 511 -22.90 19.51 21.34
CA VAL B 511 -24.23 19.61 21.95
C VAL B 511 -24.90 20.92 21.55
N MET B 512 -24.12 22.00 21.39
CA MET B 512 -24.67 23.29 21.03
C MET B 512 -24.74 23.49 19.52
N LYS B 513 -24.55 22.43 18.74
CA LYS B 513 -24.69 22.45 17.28
C LYS B 513 -23.75 23.47 16.65
N ARG B 514 -22.46 23.27 16.89
CA ARG B 514 -21.42 24.07 16.25
C ARG B 514 -20.28 23.24 15.69
N ALA B 515 -20.19 21.95 15.99
CA ALA B 515 -19.09 21.11 15.55
C ALA B 515 -19.52 20.00 14.62
N TYR B 516 -20.51 19.20 15.02
CA TYR B 516 -21.02 18.05 14.27
C TYR B 516 -20.03 16.89 14.29
N MET B 517 -18.84 17.11 14.83
CA MET B 517 -17.85 16.04 14.98
C MET B 517 -16.73 16.53 15.87
N ALA B 518 -16.30 15.68 16.81
CA ALA B 518 -15.18 15.98 17.69
C ALA B 518 -14.28 14.75 17.78
N VAL B 519 -12.97 14.99 17.74
CA VAL B 519 -11.99 13.92 17.76
C VAL B 519 -10.87 14.31 18.72
N GLY B 520 -10.09 13.31 19.12
CA GLY B 520 -8.98 13.53 20.02
C GLY B 520 -8.87 12.47 21.09
N SER B 521 -8.74 12.88 22.34
CA SER B 521 -8.65 11.97 23.48
C SER B 521 -9.91 12.15 24.32
N LEU B 522 -10.96 11.39 23.96
CA LEU B 522 -12.24 11.44 24.66
C LEU B 522 -12.53 10.09 25.29
N THR B 523 -13.00 10.12 26.53
CA THR B 523 -13.29 8.91 27.28
C THR B 523 -14.79 8.69 27.34
N ILE B 524 -15.23 7.49 26.99
CA ILE B 524 -16.66 7.17 26.93
C ILE B 524 -17.18 6.93 28.34
N ASN B 525 -18.36 7.48 28.63
CA ASN B 525 -19.06 7.23 29.88
C ASN B 525 -20.55 7.50 29.66
N GLU B 526 -21.35 7.16 30.68
CA GLU B 526 -22.80 7.22 30.53
C GLU B 526 -23.29 8.64 30.29
N GLU B 527 -22.76 9.60 31.06
CA GLU B 527 -23.26 10.97 30.97
C GLU B 527 -23.02 11.55 29.58
N ARG B 528 -21.82 11.35 29.04
CA ARG B 528 -21.53 11.86 27.70
C ARG B 528 -22.27 11.06 26.63
N SER B 529 -22.46 9.76 26.85
CA SER B 529 -23.13 8.93 25.85
C SER B 529 -24.61 9.27 25.69
N GLU B 530 -25.20 10.00 26.63
CA GLU B 530 -26.60 10.40 26.49
C GLU B 530 -26.79 11.53 25.50
N VAL B 531 -25.80 12.42 25.37
CA VAL B 531 -25.93 13.59 24.52
C VAL B 531 -25.42 13.31 23.11
N VAL B 532 -24.24 12.72 22.99
CA VAL B 532 -23.67 12.38 21.69
C VAL B 532 -23.68 10.86 21.53
N ASP B 533 -23.37 10.41 20.33
CA ASP B 533 -23.39 8.99 19.97
C ASP B 533 -21.96 8.58 19.64
N PHE B 534 -21.24 8.06 20.63
CA PHE B 534 -19.86 7.63 20.42
C PHE B 534 -19.81 6.44 19.48
N SER B 535 -18.73 6.39 18.68
CA SER B 535 -18.51 5.30 17.75
C SER B 535 -17.86 4.13 18.48
N VAL B 536 -17.41 3.14 17.73
CA VAL B 536 -16.75 1.97 18.35
C VAL B 536 -15.36 2.39 18.85
N PRO B 537 -15.01 2.07 20.09
CA PRO B 537 -13.68 2.43 20.59
C PRO B 537 -12.58 1.72 19.83
N PHE B 538 -11.41 2.38 19.76
CA PHE B 538 -10.24 1.82 19.09
C PHE B 538 -8.99 1.84 19.95
N ILE B 539 -9.10 2.24 21.22
CA ILE B 539 -7.95 2.30 22.12
C ILE B 539 -8.44 2.01 23.54
N GLU B 540 -7.72 1.14 24.25
CA GLU B 540 -8.04 0.82 25.63
C GLU B 540 -7.64 1.96 26.55
N THR B 541 -8.43 2.17 27.60
CA THR B 541 -8.18 3.25 28.55
C THR B 541 -8.88 2.95 29.87
N GLY B 542 -8.20 3.24 30.97
CA GLY B 542 -8.79 3.09 32.28
C GLY B 542 -8.35 4.16 33.27
N ILE B 543 -7.99 3.74 34.48
CA ILE B 543 -7.42 4.62 35.49
C ILE B 543 -6.28 3.86 36.16
N SER B 544 -5.11 4.49 36.25
CA SER B 544 -3.92 3.83 36.76
C SER B 544 -3.28 4.69 37.85
N VAL B 545 -2.33 4.08 38.56
CA VAL B 545 -1.56 4.77 39.59
C VAL B 545 -0.08 4.50 39.33
N MET B 546 0.71 5.56 39.25
CA MET B 546 2.13 5.47 38.98
C MET B 546 2.87 6.21 40.08
N VAL B 547 3.81 5.53 40.73
CA VAL B 547 4.53 6.06 41.87
C VAL B 547 6.03 5.84 41.67
N SER B 548 6.82 6.52 42.49
CA SER B 548 8.27 6.41 42.41
C SER B 548 8.73 5.02 42.85
N ARG B 549 9.85 4.59 42.28
CA ARG B 549 10.41 3.29 42.63
C ARG B 549 11.04 3.35 44.02
N SER B 550 10.74 2.36 44.85
CA SER B 550 11.30 2.30 46.19
C SER B 550 12.71 1.75 46.15
N ASN B 551 13.47 2.04 47.20
CA ASN B 551 14.85 1.59 47.32
C ASN B 551 14.94 0.07 47.46
N SER B 555 17.00 -8.13 53.10
CA SER B 555 16.31 -9.23 52.42
C SER B 555 16.88 -10.58 52.85
N PRO B 556 16.38 -11.12 53.96
CA PRO B 556 16.88 -12.43 54.41
C PRO B 556 16.68 -13.52 53.36
N SER B 557 15.56 -13.51 52.65
CA SER B 557 15.25 -14.50 51.62
C SER B 557 15.54 -15.92 52.11
N ALA B 558 16.64 -16.49 51.64
CA ALA B 558 17.09 -17.80 52.12
C ALA B 558 18.59 -17.87 51.92
N PHE B 559 19.35 -17.67 52.99
CA PHE B 559 20.80 -17.83 52.93
C PHE B 559 21.19 -19.27 52.66
N LEU B 560 20.27 -20.21 52.87
CA LEU B 560 20.47 -21.62 52.58
C LEU B 560 19.57 -22.10 51.45
N GLU B 561 19.28 -21.21 50.50
CA GLU B 561 18.31 -21.51 49.44
C GLU B 561 18.64 -22.76 48.62
N PRO B 562 19.88 -23.03 48.21
CA PRO B 562 20.14 -24.24 47.41
C PRO B 562 19.53 -25.50 48.03
N PHE B 563 19.22 -26.46 47.17
CA PHE B 563 18.48 -27.67 47.51
C PHE B 563 17.09 -27.22 47.98
N SER B 564 16.49 -27.89 48.97
CA SER B 564 15.18 -27.51 49.46
C SER B 564 15.02 -28.00 50.88
N ALA B 565 14.02 -27.46 51.57
CA ALA B 565 13.81 -27.80 52.98
C ALA B 565 13.47 -29.28 53.15
N ASP B 566 12.62 -29.82 52.26
CA ASP B 566 12.18 -31.20 52.42
C ASP B 566 13.33 -32.18 52.20
N VAL B 567 14.14 -31.96 51.15
CA VAL B 567 15.21 -32.89 50.82
C VAL B 567 16.45 -32.69 51.68
N TRP B 568 16.43 -31.73 52.61
CA TRP B 568 17.60 -31.43 53.42
C TRP B 568 17.45 -31.93 54.86
N VAL B 569 16.34 -31.59 55.51
CA VAL B 569 16.14 -31.95 56.91
C VAL B 569 16.14 -33.47 57.08
N MET B 570 15.73 -34.20 56.05
CA MET B 570 15.78 -35.65 56.09
C MET B 570 17.22 -36.18 56.13
N MET B 571 18.20 -35.37 55.74
CA MET B 571 19.58 -35.82 55.75
C MET B 571 20.09 -36.00 57.18
N PHE B 572 19.64 -35.14 58.11
CA PHE B 572 20.20 -35.16 59.46
C PHE B 572 19.99 -36.49 60.16
N VAL B 573 18.85 -37.15 59.92
CA VAL B 573 18.62 -38.44 60.57
C VAL B 573 19.58 -39.49 60.03
N MET B 574 20.05 -39.34 58.78
CA MET B 574 20.98 -40.30 58.23
C MET B 574 22.34 -40.23 58.93
N LEU B 575 22.71 -39.06 59.46
CA LEU B 575 23.94 -38.95 60.23
C LEU B 575 23.89 -39.85 61.46
N LEU B 576 22.69 -40.11 61.99
CA LEU B 576 22.56 -41.00 63.14
C LEU B 576 22.88 -42.44 62.75
N ILE B 577 22.30 -42.93 61.65
CA ILE B 577 22.44 -44.34 61.30
C ILE B 577 23.86 -44.66 60.83
N VAL B 578 24.47 -43.75 60.07
CA VAL B 578 25.81 -44.03 59.55
C VAL B 578 26.83 -44.12 60.69
N SER B 579 26.66 -43.30 61.72
CA SER B 579 27.53 -43.41 62.88
C SER B 579 27.25 -44.69 63.67
N ALA B 580 25.99 -45.14 63.69
CA ALA B 580 25.64 -46.33 64.46
C ALA B 580 26.34 -47.57 63.94
N VAL B 581 26.43 -47.71 62.61
CA VAL B 581 27.04 -48.89 62.02
C VAL B 581 28.52 -49.00 62.39
N ALA B 582 29.17 -47.88 62.70
CA ALA B 582 30.55 -47.92 63.13
C ALA B 582 30.69 -48.56 64.51
N VAL B 583 29.69 -48.40 65.37
CA VAL B 583 29.74 -48.98 66.71
C VAL B 583 29.85 -50.49 66.64
N PHE B 584 29.03 -51.11 65.77
CA PHE B 584 29.12 -52.55 65.58
C PHE B 584 30.47 -52.94 65.00
N VAL B 585 30.99 -52.17 64.05
CA VAL B 585 32.31 -52.45 63.51
C VAL B 585 33.38 -52.27 64.57
N PHE B 586 33.30 -51.18 65.36
CA PHE B 586 34.29 -50.91 66.38
C PHE B 586 34.22 -51.86 67.56
N GLU B 587 33.14 -52.63 67.69
CA GLU B 587 33.03 -53.58 68.79
C GLU B 587 34.10 -54.66 68.69
N TYR B 588 34.37 -55.13 67.47
CA TYR B 588 35.38 -56.15 67.27
C TYR B 588 36.78 -55.55 67.30
N PHE B 589 37.79 -56.40 67.18
CA PHE B 589 39.20 -56.00 67.13
C PHE B 589 39.55 -55.25 68.42
N SER B 590 40.48 -54.31 68.34
CA SER B 590 40.89 -53.54 69.51
C SER B 590 40.23 -52.16 69.52
N PHE B 609 30.80 -43.41 74.95
CA PHE B 609 32.05 -42.92 74.37
C PHE B 609 31.96 -42.85 72.85
N THR B 610 31.84 -44.02 72.21
CA THR B 610 31.90 -44.09 70.75
C THR B 610 30.77 -43.31 70.11
N ILE B 611 29.55 -43.45 70.65
CA ILE B 611 28.40 -42.75 70.08
C ILE B 611 28.59 -41.24 70.17
N GLY B 612 29.06 -40.76 71.33
CA GLY B 612 29.27 -39.32 71.48
C GLY B 612 30.38 -38.79 70.60
N LYS B 613 31.50 -39.51 70.54
CA LYS B 613 32.63 -39.06 69.72
C LYS B 613 32.37 -39.26 68.24
N ALA B 614 31.43 -40.13 67.87
CA ALA B 614 31.18 -40.39 66.46
C ALA B 614 30.76 -39.14 65.72
N ILE B 615 29.88 -38.33 66.33
CA ILE B 615 29.45 -37.08 65.71
C ILE B 615 30.65 -36.17 65.48
N TRP B 616 31.50 -36.02 66.51
CA TRP B 616 32.75 -35.29 66.32
C TRP B 616 33.65 -35.99 65.31
N LEU B 617 33.71 -37.33 65.38
CA LEU B 617 34.45 -38.10 64.39
C LEU B 617 33.86 -38.00 62.99
N LEU B 618 32.60 -37.59 62.87
CA LEU B 618 31.95 -37.62 61.56
C LEU B 618 31.52 -36.24 61.09
N TRP B 619 30.77 -35.50 61.91
CA TRP B 619 30.27 -34.20 61.47
C TRP B 619 31.39 -33.20 61.23
N GLY B 620 32.53 -33.38 61.89
CA GLY B 620 33.66 -32.52 61.64
C GLY B 620 34.29 -32.69 60.27
N LEU B 621 33.86 -33.69 59.51
CA LEU B 621 34.40 -33.96 58.19
C LEU B 621 33.65 -33.24 57.08
N VAL B 622 32.34 -33.05 57.24
CA VAL B 622 31.56 -32.40 56.18
C VAL B 622 31.94 -30.93 56.05
N PHE B 623 32.31 -30.28 57.15
CA PHE B 623 32.77 -28.90 57.12
C PHE B 623 34.29 -28.84 56.99
N ASN B 624 34.78 -29.40 55.89
CA ASN B 624 36.21 -29.59 55.70
C ASN B 624 36.79 -30.37 56.87
N ASN B 625 37.97 -29.97 57.35
CA ASN B 625 38.54 -30.61 58.53
C ASN B 625 39.49 -29.63 59.19
N SER B 626 39.02 -28.98 60.25
CA SER B 626 39.82 -28.08 61.06
C SER B 626 39.75 -28.40 62.54
N VAL B 627 38.59 -28.84 63.02
CA VAL B 627 38.43 -29.20 64.44
C VAL B 627 39.30 -30.42 64.73
N PRO B 628 39.99 -30.48 65.87
CA PRO B 628 40.75 -31.69 66.21
C PRO B 628 39.85 -32.91 66.33
N VAL B 629 40.03 -33.87 65.43
CA VAL B 629 39.19 -35.06 65.36
C VAL B 629 40.06 -36.28 65.62
N GLN B 630 39.55 -37.19 66.46
CA GLN B 630 40.27 -38.41 66.80
C GLN B 630 40.15 -39.40 65.64
N ASN B 631 40.50 -40.66 65.89
CA ASN B 631 40.39 -41.67 64.85
C ASN B 631 40.35 -43.07 65.45
N PRO B 632 39.33 -43.86 65.13
CA PRO B 632 39.34 -45.27 65.57
C PRO B 632 40.47 -46.05 64.91
N LYS B 633 40.96 -47.04 65.63
CA LYS B 633 42.06 -47.87 65.14
C LYS B 633 41.51 -49.02 64.30
N GLY B 634 42.37 -49.96 63.92
CA GLY B 634 41.97 -51.07 63.09
C GLY B 634 42.12 -50.79 61.61
N THR B 635 41.78 -51.79 60.81
CA THR B 635 41.85 -51.71 59.37
C THR B 635 40.48 -51.68 58.71
N THR B 636 39.62 -52.64 59.03
CA THR B 636 38.26 -52.66 58.49
C THR B 636 37.37 -51.60 59.11
N SER B 637 37.83 -50.92 60.16
CA SER B 637 37.05 -49.90 60.85
C SER B 637 37.24 -48.51 60.26
N LYS B 638 38.00 -48.38 59.18
CA LYS B 638 38.27 -47.09 58.57
C LYS B 638 37.86 -47.01 57.10
N ILE B 639 37.35 -48.09 56.51
CA ILE B 639 36.94 -48.04 55.12
C ILE B 639 35.67 -47.21 54.95
N MET B 640 34.74 -47.30 55.90
CA MET B 640 33.45 -46.63 55.75
C MET B 640 33.62 -45.11 55.64
N VAL B 641 34.46 -44.53 56.51
CA VAL B 641 34.63 -43.07 56.47
C VAL B 641 35.27 -42.64 55.17
N SER B 642 36.09 -43.50 54.56
CA SER B 642 36.62 -43.19 53.24
C SER B 642 35.51 -43.02 52.22
N VAL B 643 34.46 -43.84 52.32
CA VAL B 643 33.29 -43.65 51.48
C VAL B 643 32.55 -42.38 51.88
N TRP B 644 32.50 -42.08 53.18
CA TRP B 644 31.86 -40.84 53.61
C TRP B 644 32.62 -39.63 53.09
N ALA B 645 33.95 -39.68 53.10
CA ALA B 645 34.74 -38.55 52.64
C ALA B 645 34.51 -38.25 51.17
N PHE B 646 34.05 -39.23 50.39
CA PHE B 646 33.82 -38.98 48.97
C PHE B 646 32.72 -37.96 48.76
N PHE B 647 31.56 -38.16 49.37
CA PHE B 647 30.48 -37.19 49.23
C PHE B 647 30.66 -35.98 50.15
N ALA B 648 31.64 -36.02 51.06
CA ALA B 648 31.95 -34.85 51.86
C ALA B 648 32.34 -33.67 50.98
N VAL B 649 33.12 -33.93 49.93
CA VAL B 649 33.44 -32.89 48.97
C VAL B 649 32.35 -32.71 47.94
N ILE B 650 31.47 -33.70 47.76
CA ILE B 650 30.38 -33.57 46.79
C ILE B 650 29.34 -32.58 47.28
N PHE B 651 28.96 -32.67 48.56
CA PHE B 651 27.94 -31.78 49.10
C PHE B 651 28.40 -30.33 49.06
N LEU B 652 29.66 -30.08 49.40
CA LEU B 652 30.17 -28.71 49.40
C LEU B 652 30.18 -28.12 48.00
N ALA B 653 30.56 -28.92 47.00
CA ALA B 653 30.61 -28.43 45.63
C ALA B 653 29.24 -27.97 45.15
N SER B 654 28.20 -28.74 45.47
CA SER B 654 26.85 -28.34 45.10
C SER B 654 26.46 -27.04 45.79
N TYR B 655 26.84 -26.89 47.07
CA TYR B 655 26.53 -25.67 47.80
C TYR B 655 27.16 -24.44 47.15
N THR B 656 28.32 -24.60 46.53
CA THR B 656 29.05 -23.49 45.94
C THR B 656 28.93 -23.46 44.42
N ALA B 657 27.77 -23.87 43.89
CA ALA B 657 27.53 -23.81 42.45
C ALA B 657 27.10 -22.42 42.02
N ASN B 658 25.97 -21.94 42.54
CA ASN B 658 25.46 -20.61 42.18
C ASN B 658 24.77 -19.94 43.37
N LEU B 659 25.23 -20.23 44.59
CA LEU B 659 24.59 -19.64 45.76
C LEU B 659 24.81 -18.14 45.83
N ALA B 660 25.87 -17.63 45.19
CA ALA B 660 26.12 -16.19 45.21
C ALA B 660 25.11 -15.44 44.36
N ALA B 661 24.79 -15.99 43.18
CA ALA B 661 23.82 -15.33 42.31
C ALA B 661 22.44 -15.29 42.94
N PHE B 662 22.03 -16.40 43.57
CA PHE B 662 20.75 -16.42 44.27
C PHE B 662 20.74 -15.53 45.50
N MET B 663 21.92 -15.23 46.06
CA MET B 663 21.99 -14.43 47.29
C MET B 663 21.57 -12.99 47.01
N ILE B 664 22.08 -12.40 45.92
CA ILE B 664 21.89 -10.99 45.63
C ILE B 664 20.57 -10.77 44.91
N GLN B 665 19.75 -11.82 44.84
CA GLN B 665 18.45 -11.71 44.19
C GLN B 665 17.62 -10.60 44.83
N GLU B 666 17.08 -9.72 43.99
CA GLU B 666 16.33 -8.57 44.46
C GLU B 666 14.89 -8.97 44.77
N GLU B 667 14.18 -8.06 45.42
CA GLU B 667 12.77 -8.25 45.78
C GLU B 667 11.93 -7.19 45.09
N TYR B 668 10.91 -7.62 44.36
CA TYR B 668 9.99 -6.70 43.69
C TYR B 668 9.04 -6.14 44.74
N VAL B 669 9.47 -5.04 45.37
CA VAL B 669 8.69 -4.48 46.47
C VAL B 669 7.42 -3.82 45.95
N ASP B 670 6.43 -3.70 46.83
CA ASP B 670 5.16 -3.06 46.52
C ASP B 670 4.82 -2.07 47.62
N GLN B 671 4.08 -1.03 47.26
CA GLN B 671 3.65 -0.01 48.20
C GLN B 671 2.15 0.07 48.38
N VAL B 672 1.36 -0.17 47.33
CA VAL B 672 -0.09 -0.01 47.38
C VAL B 672 -0.73 -1.27 46.81
N SER B 673 -1.74 -1.79 47.52
CA SER B 673 -2.44 -2.98 47.05
C SER B 673 -3.18 -2.70 45.75
N GLY B 674 -3.84 -1.55 45.65
CA GLY B 674 -4.57 -1.21 44.44
C GLY B 674 -5.32 0.09 44.61
N LEU B 675 -6.20 0.37 43.65
CA LEU B 675 -7.00 1.59 43.72
C LEU B 675 -7.89 1.59 44.96
N SER B 676 -8.49 0.44 45.28
CA SER B 676 -9.32 0.30 46.47
C SER B 676 -8.54 -0.21 47.68
N ASP B 677 -7.23 0.02 47.70
CA ASP B 677 -6.41 -0.39 48.83
C ASP B 677 -6.83 0.39 50.08
N LYS B 678 -6.84 -0.31 51.23
CA LYS B 678 -7.34 0.27 52.45
C LYS B 678 -6.46 1.42 52.96
N LYS B 679 -5.21 1.48 52.52
CA LYS B 679 -4.35 2.60 52.92
C LYS B 679 -4.86 3.92 52.34
N PHE B 680 -5.57 3.86 51.22
CA PHE B 680 -6.10 5.07 50.61
C PHE B 680 -7.31 5.62 51.35
N GLN B 681 -8.07 4.77 52.03
CA GLN B 681 -9.30 5.20 52.68
C GLN B 681 -9.02 6.20 53.81
N ARG B 682 -7.98 5.94 54.60
CA ARG B 682 -7.63 6.79 55.74
C ARG B 682 -6.16 7.16 55.65
N PRO B 683 -5.82 8.13 54.81
CA PRO B 683 -4.40 8.50 54.66
C PRO B 683 -3.78 9.09 55.93
N ASN B 684 -4.59 9.63 56.84
CA ASN B 684 -4.09 10.22 58.07
C ASN B 684 -4.06 9.23 59.23
N ASP B 685 -4.40 7.96 58.99
CA ASP B 685 -4.48 6.97 60.05
C ASP B 685 -3.13 6.35 60.40
N PHE B 686 -2.07 6.67 59.66
CA PHE B 686 -0.78 6.03 59.89
C PHE B 686 0.33 6.92 59.36
N SER B 687 1.41 7.05 60.14
CA SER B 687 2.65 7.70 59.74
C SER B 687 2.41 9.15 59.31
N PRO B 688 3.40 9.86 58.78
CA PRO B 688 3.13 11.10 58.06
C PRO B 688 2.11 10.86 56.96
N PRO B 689 1.22 11.81 56.72
CA PRO B 689 0.11 11.58 55.78
C PRO B 689 0.59 11.27 54.37
N PHE B 690 -0.11 10.37 53.70
CA PHE B 690 0.17 10.05 52.32
C PHE B 690 -0.35 11.17 51.40
N ARG B 691 0.26 11.27 50.23
CA ARG B 691 -0.09 12.29 49.26
C ARG B 691 -0.41 11.64 47.92
N PHE B 692 -1.56 12.01 47.36
CA PHE B 692 -1.98 11.55 46.05
C PHE B 692 -2.91 12.59 45.47
N GLY B 693 -2.72 12.91 44.19
CA GLY B 693 -3.46 13.98 43.56
C GLY B 693 -3.84 13.66 42.14
N THR B 694 -4.83 14.39 41.64
CA THR B 694 -5.30 14.29 40.27
C THR B 694 -5.36 15.68 39.66
N VAL B 695 -5.91 15.78 38.45
CA VAL B 695 -6.23 17.07 37.85
C VAL B 695 -7.73 17.05 37.58
N PRO B 696 -8.46 18.06 38.00
CA PRO B 696 -9.93 18.03 37.91
C PRO B 696 -10.37 18.37 36.49
N ASN B 697 -11.63 18.76 36.35
CA ASN B 697 -12.23 19.16 35.08
C ASN B 697 -12.09 18.05 34.04
N GLY B 698 -12.68 16.91 34.33
CA GLY B 698 -12.54 15.75 33.46
C GLY B 698 -13.39 14.57 33.82
N SER B 699 -12.92 13.39 33.41
CA SER B 699 -13.63 12.14 33.63
C SER B 699 -13.10 11.36 34.83
N THR B 700 -11.76 11.33 35.00
CA THR B 700 -11.18 10.63 36.14
C THR B 700 -11.62 11.28 37.45
N GLU B 701 -11.64 12.61 37.48
CA GLU B 701 -12.14 13.30 38.67
C GLU B 701 -13.62 13.03 38.88
N ARG B 702 -14.40 12.97 37.79
CA ARG B 702 -15.83 12.69 37.90
C ARG B 702 -16.08 11.29 38.46
N ASN B 703 -15.35 10.30 37.96
CA ASN B 703 -15.55 8.94 38.44
C ASN B 703 -15.13 8.80 39.90
N ILE B 704 -14.02 9.43 40.29
CA ILE B 704 -13.54 9.33 41.66
C ILE B 704 -14.43 10.02 42.67
N ARG B 705 -15.35 10.87 42.21
CA ARG B 705 -16.27 11.58 43.08
C ARG B 705 -17.66 10.97 43.10
N ASN B 706 -17.85 9.80 42.50
CA ASN B 706 -19.15 9.16 42.44
C ASN B 706 -19.23 7.85 43.22
N ASN B 707 -18.09 7.29 43.62
CA ASN B 707 -18.06 6.06 44.40
C ASN B 707 -17.14 6.12 45.60
N TYR B 708 -16.25 7.10 45.67
CA TYR B 708 -15.28 7.26 46.74
C TYR B 708 -15.34 8.67 47.31
N ALA B 709 -16.55 9.12 47.65
CA ALA B 709 -16.75 10.49 48.09
C ALA B 709 -15.91 10.84 49.31
N GLU B 710 -15.56 9.83 50.12
CA GLU B 710 -14.68 10.09 51.25
C GLU B 710 -13.27 10.50 50.79
N MET B 711 -12.85 10.02 49.62
CA MET B 711 -11.53 10.40 49.11
C MET B 711 -11.49 11.86 48.71
N HIS B 712 -12.57 12.36 48.11
CA HIS B 712 -12.52 13.64 47.42
C HIS B 712 -12.22 14.81 48.34
N ALA B 713 -12.47 14.68 49.64
CA ALA B 713 -12.14 15.74 50.57
C ALA B 713 -10.64 15.86 50.83
N TYR B 714 -9.84 14.91 50.34
CA TYR B 714 -8.43 14.85 50.67
C TYR B 714 -7.52 15.27 49.52
N MET B 715 -7.73 14.75 48.30
CA MET B 715 -6.83 15.12 47.22
C MET B 715 -7.11 16.49 46.65
N GLY B 716 -8.15 17.19 47.10
CA GLY B 716 -8.35 18.58 46.71
C GLY B 716 -7.23 19.49 47.16
N LYS B 717 -6.40 19.03 48.10
CA LYS B 717 -5.25 19.81 48.52
C LYS B 717 -4.26 20.01 47.38
N PHE B 718 -4.03 18.98 46.57
CA PHE B 718 -3.06 19.03 45.48
C PHE B 718 -3.79 18.84 44.16
N ASN B 719 -3.61 19.80 43.24
CA ASN B 719 -4.23 19.73 41.92
C ASN B 719 -3.29 20.44 40.96
N GLN B 720 -2.53 19.66 40.21
CA GLN B 720 -1.45 20.20 39.41
C GLN B 720 -1.99 20.95 38.18
N ARG B 721 -1.11 21.74 37.57
CA ARG B 721 -1.47 22.49 36.36
C ARG B 721 -1.57 21.60 35.14
N GLY B 722 -0.94 20.43 35.16
CA GLY B 722 -0.98 19.55 34.01
C GLY B 722 -0.17 18.30 34.29
N VAL B 723 -0.10 17.45 33.25
CA VAL B 723 0.64 16.19 33.38
C VAL B 723 2.13 16.46 33.53
N ASP B 724 2.65 17.49 32.86
CA ASP B 724 4.09 17.74 32.86
C ASP B 724 4.59 18.14 34.24
N ASP B 725 3.89 19.07 34.89
CA ASP B 725 4.35 19.57 36.19
C ASP B 725 4.30 18.48 37.26
N ALA B 726 3.28 17.63 37.21
CA ALA B 726 3.13 16.59 38.22
C ALA B 726 4.30 15.62 38.20
N LEU B 727 4.76 15.25 37.00
CA LEU B 727 5.87 14.31 36.90
C LEU B 727 7.13 14.86 37.53
N LEU B 728 7.43 16.14 37.30
CA LEU B 728 8.62 16.74 37.89
C LEU B 728 8.52 16.79 39.41
N SER B 729 7.36 17.18 39.94
CA SER B 729 7.18 17.25 41.39
C SER B 729 7.16 15.88 42.05
N LEU B 730 7.04 14.80 41.28
CA LEU B 730 6.97 13.47 41.87
C LEU B 730 8.33 13.02 42.41
N LYS B 731 9.41 13.40 41.73
CA LYS B 731 10.74 12.98 42.19
C LYS B 731 11.16 13.70 43.47
N THR B 732 10.51 14.80 43.82
CA THR B 732 10.92 15.57 45.00
C THR B 732 10.57 14.83 46.29
N GLY B 733 9.28 14.59 46.51
CA GLY B 733 8.84 13.92 47.72
C GLY B 733 7.58 14.52 48.29
N LYS B 734 7.16 15.67 47.74
CA LYS B 734 5.95 16.31 48.23
C LYS B 734 4.72 15.44 48.01
N LEU B 735 4.62 14.80 46.84
CA LEU B 735 3.55 13.88 46.53
C LEU B 735 4.15 12.61 45.96
N ASP B 736 3.55 11.46 46.31
CA ASP B 736 4.12 10.15 46.00
C ASP B 736 3.19 9.29 45.16
N ALA B 737 2.25 9.88 44.44
CA ALA B 737 1.30 9.11 43.65
C ALA B 737 0.72 9.98 42.55
N PHE B 738 0.04 9.32 41.60
CA PHE B 738 -0.65 10.01 40.53
C PHE B 738 -1.85 9.17 40.09
N ILE B 739 -2.88 9.87 39.60
CA ILE B 739 -4.11 9.24 39.12
C ILE B 739 -4.57 10.02 37.90
N TYR B 740 -4.58 9.36 36.74
CA TYR B 740 -4.88 10.03 35.48
C TYR B 740 -5.24 8.96 34.45
N ASP B 741 -5.36 9.36 33.19
CA ASP B 741 -5.67 8.45 32.12
C ASP B 741 -4.60 7.38 31.98
N ALA B 742 -5.03 6.16 31.66
CA ALA B 742 -4.11 5.03 31.61
C ALA B 742 -3.16 5.13 30.43
N ALA B 743 -3.70 5.43 29.25
CA ALA B 743 -2.88 5.43 28.04
C ALA B 743 -1.81 6.52 28.10
N VAL B 744 -2.17 7.70 28.62
CA VAL B 744 -1.19 8.78 28.73
C VAL B 744 -0.11 8.43 29.76
N LEU B 745 -0.51 7.90 30.91
CA LEU B 745 0.45 7.62 31.97
C LEU B 745 1.44 6.53 31.59
N ASN B 746 0.99 5.53 30.82
CA ASN B 746 1.91 4.49 30.38
C ASN B 746 2.99 5.05 29.47
N TYR B 747 2.64 6.01 28.62
CA TYR B 747 3.62 6.60 27.73
C TYR B 747 4.70 7.36 28.50
N MET B 748 4.31 8.12 29.52
CA MET B 748 5.29 8.79 30.37
C MET B 748 6.17 7.78 31.10
N ALA B 749 5.54 6.76 31.70
CA ALA B 749 6.28 5.85 32.57
C ALA B 749 7.36 5.09 31.80
N GLY B 750 7.02 4.60 30.61
CA GLY B 750 7.99 3.88 29.82
C GLY B 750 8.85 4.79 28.95
N ARG B 751 9.14 5.98 29.45
CA ARG B 751 9.90 6.97 28.71
C ARG B 751 11.03 7.63 29.48
N ASP B 752 11.00 7.64 30.81
CA ASP B 752 11.94 8.44 31.58
C ASP B 752 13.31 7.77 31.65
N GLU B 753 14.21 8.39 32.40
CA GLU B 753 15.60 7.94 32.50
C GLU B 753 15.67 6.70 33.38
N GLY B 754 16.20 5.61 32.83
CA GLY B 754 16.30 4.37 33.57
C GLY B 754 14.99 3.74 33.96
N CYS B 755 13.88 4.20 33.38
CA CYS B 755 12.53 3.74 33.68
C CYS B 755 12.32 3.50 35.18
N LYS B 756 12.78 4.47 35.97
CA LYS B 756 12.58 4.38 37.42
C LYS B 756 11.11 4.48 37.78
N LEU B 757 10.38 5.37 37.10
CA LEU B 757 8.97 5.57 37.41
C LEU B 757 8.15 4.40 36.88
N VAL B 758 7.46 3.70 37.79
CA VAL B 758 6.72 2.49 37.46
C VAL B 758 5.33 2.57 38.05
N THR B 759 4.34 2.15 37.27
CA THR B 759 2.97 2.09 37.76
C THR B 759 2.81 1.00 38.81
N ILE B 760 1.75 1.13 39.61
CA ILE B 760 1.52 0.18 40.69
C ILE B 760 1.08 -1.16 40.13
N GLY B 761 1.59 -2.24 40.72
CA GLY B 761 1.18 -3.57 40.32
C GLY B 761 1.47 -3.91 38.87
N SER B 762 2.45 -3.24 38.26
CA SER B 762 2.84 -3.49 36.87
C SER B 762 1.64 -3.34 35.91
N GLY B 763 1.10 -2.14 35.88
CA GLY B 763 0.07 -1.79 34.91
C GLY B 763 -1.29 -2.44 35.13
N LYS B 764 -2.00 -2.01 36.17
CA LYS B 764 -3.34 -2.49 36.45
C LYS B 764 -4.34 -1.37 36.20
N VAL B 765 -5.34 -1.66 35.38
CA VAL B 765 -6.38 -0.68 35.05
C VAL B 765 -7.61 -0.98 35.90
N PHE B 766 -8.53 -0.01 35.97
CA PHE B 766 -9.66 -0.15 36.87
C PHE B 766 -11.02 0.21 36.27
N ALA B 767 -11.08 0.81 35.09
CA ALA B 767 -12.35 1.02 34.41
C ALA B 767 -12.08 1.04 32.92
N SER B 768 -12.25 -0.11 32.26
CA SER B 768 -11.86 -0.27 30.86
C SER B 768 -12.90 0.39 29.97
N THR B 769 -12.70 1.68 29.70
CA THR B 769 -13.54 2.43 28.77
C THR B 769 -12.65 2.98 27.66
N GLY B 770 -13.05 2.75 26.42
CA GLY B 770 -12.22 3.14 25.29
C GLY B 770 -12.40 4.60 24.90
N TYR B 771 -11.71 4.96 23.81
CA TYR B 771 -11.83 6.28 23.22
C TYR B 771 -12.91 6.27 22.14
N GLY B 772 -13.10 7.40 21.47
CA GLY B 772 -14.12 7.45 20.45
C GLY B 772 -14.20 8.81 19.80
N ILE B 773 -15.08 8.91 18.80
CA ILE B 773 -15.29 10.12 18.01
C ILE B 773 -16.71 10.58 18.23
N ALA B 774 -16.89 11.66 18.97
CA ALA B 774 -18.23 12.17 19.25
C ALA B 774 -18.87 12.71 17.97
N ILE B 775 -20.16 12.41 17.80
CA ILE B 775 -20.94 12.84 16.66
C ILE B 775 -22.23 13.47 17.17
N GLN B 776 -22.87 14.26 16.30
CA GLN B 776 -24.17 14.82 16.63
C GLN B 776 -25.19 13.70 16.80
N LYS B 777 -26.19 13.95 17.65
CA LYS B 777 -27.21 12.95 17.91
C LYS B 777 -27.97 12.61 16.62
N ASP B 778 -28.18 11.32 16.39
CA ASP B 778 -29.01 10.81 15.30
C ASP B 778 -28.30 10.97 13.94
N SER B 779 -27.13 11.61 13.94
CA SER B 779 -26.41 11.85 12.70
C SER B 779 -26.16 10.56 11.94
N GLY B 780 -26.42 10.59 10.64
CA GLY B 780 -26.36 9.40 9.82
C GLY B 780 -24.96 8.93 9.47
N TRP B 781 -23.94 9.72 9.80
CA TRP B 781 -22.56 9.31 9.53
C TRP B 781 -22.09 8.22 10.48
N LYS B 782 -22.85 7.92 11.54
CA LYS B 782 -22.38 6.96 12.54
C LYS B 782 -22.27 5.55 11.97
N ARG B 783 -23.23 5.14 11.13
CA ARG B 783 -23.29 3.75 10.71
C ARG B 783 -22.06 3.35 9.90
N GLN B 784 -21.73 4.12 8.87
CA GLN B 784 -20.63 3.75 7.99
C GLN B 784 -19.26 4.10 8.55
N VAL B 785 -19.17 5.09 9.45
CA VAL B 785 -17.89 5.40 10.05
C VAL B 785 -17.45 4.27 10.99
N ASP B 786 -18.41 3.59 11.62
CA ASP B 786 -18.07 2.45 12.48
C ASP B 786 -17.45 1.32 11.69
N LEU B 787 -18.00 1.04 10.50
CA LEU B 787 -17.46 -0.05 9.68
C LEU B 787 -16.03 0.24 9.23
N ALA B 788 -15.73 1.49 8.89
CA ALA B 788 -14.39 1.84 8.46
C ALA B 788 -13.36 1.57 9.55
N ILE B 789 -13.67 1.96 10.79
CA ILE B 789 -12.76 1.69 11.90
C ILE B 789 -12.63 0.19 12.13
N LEU B 790 -13.75 -0.53 12.04
CA LEU B 790 -13.71 -1.98 12.24
C LEU B 790 -12.87 -2.65 11.15
N GLN B 791 -12.95 -2.15 9.92
CA GLN B 791 -12.20 -2.75 8.82
C GLN B 791 -10.70 -2.64 9.04
N LEU B 792 -10.25 -1.49 9.56
CA LEU B 792 -8.81 -1.29 9.78
C LEU B 792 -8.27 -2.25 10.83
N PHE B 793 -9.09 -2.63 11.80
CA PHE B 793 -8.62 -3.55 12.84
C PHE B 793 -8.32 -4.94 12.28
N GLY B 794 -9.07 -5.38 11.29
CA GLY B 794 -8.78 -6.63 10.62
C GLY B 794 -7.69 -6.57 9.59
N ASP B 795 -7.12 -5.39 9.36
CA ASP B 795 -6.06 -5.22 8.37
C ASP B 795 -4.73 -4.82 9.02
N GLY B 796 -4.66 -4.81 10.35
CA GLY B 796 -3.41 -4.52 11.04
C GLY B 796 -2.86 -3.13 10.77
N GLU B 797 -3.72 -2.11 10.86
CA GLU B 797 -3.28 -0.74 10.60
C GLU B 797 -2.80 -0.04 11.87
N MET B 798 -3.69 0.10 12.86
CA MET B 798 -3.29 0.72 14.11
C MET B 798 -2.36 -0.16 14.93
N GLU B 799 -2.30 -1.46 14.63
CA GLU B 799 -1.37 -2.34 15.32
C GLU B 799 0.07 -1.92 15.05
N GLU B 800 0.38 -1.54 13.81
CA GLU B 800 1.69 -1.01 13.48
C GLU B 800 1.76 0.51 13.56
N LEU B 801 0.61 1.19 13.44
CA LEU B 801 0.60 2.65 13.54
C LEU B 801 1.00 3.11 14.94
N GLU B 802 0.56 2.39 15.98
CA GLU B 802 0.91 2.76 17.34
C GLU B 802 2.42 2.70 17.56
N ALA B 803 3.11 1.82 16.84
CA ALA B 803 4.56 1.72 16.98
C ALA B 803 5.27 3.00 16.53
N LEU B 804 4.63 3.80 15.69
CA LEU B 804 5.24 5.03 15.22
C LEU B 804 5.12 6.17 16.22
N TRP B 805 4.23 6.05 17.21
CA TRP B 805 4.01 7.12 18.17
C TRP B 805 3.95 6.69 19.63
N LEU B 806 3.68 5.42 19.92
CA LEU B 806 3.44 4.95 21.28
C LEU B 806 4.37 3.79 21.62
N THR B 807 5.66 3.96 21.34
CA THR B 807 6.67 2.95 21.65
C THR B 807 7.53 3.43 22.80
N GLY B 808 7.70 2.58 23.82
CA GLY B 808 8.50 2.90 24.97
C GLY B 808 9.98 2.71 24.70
N ILE B 809 10.78 3.07 25.70
CA ILE B 809 12.23 3.00 25.63
C ILE B 809 12.80 1.89 26.50
N CYS B 810 12.23 1.68 27.68
CA CYS B 810 12.73 0.68 28.61
C CYS B 810 11.86 -0.56 28.59
N HIS B 811 12.35 -1.61 29.25
CA HIS B 811 11.63 -2.86 29.41
C HIS B 811 11.29 -3.04 30.89
N ASN B 812 10.01 -3.24 31.18
CA ASN B 812 9.54 -3.35 32.57
C ASN B 812 9.93 -4.72 33.11
N GLU B 813 11.19 -4.82 33.53
CA GLU B 813 11.73 -6.06 34.10
C GLU B 813 11.38 -6.17 35.58
N MET B 818 26.40 -5.87 38.70
CA MET B 818 27.57 -6.05 39.57
C MET B 818 27.20 -5.87 41.04
N SER B 819 27.63 -4.74 41.61
CA SER B 819 27.37 -4.40 43.00
C SER B 819 27.85 -5.50 43.94
N SER B 820 29.17 -5.72 43.93
CA SER B 820 29.80 -6.74 44.75
C SER B 820 29.87 -6.25 46.20
N GLN B 821 28.70 -6.23 46.84
CA GLN B 821 28.56 -5.80 48.22
C GLN B 821 27.65 -6.76 48.97
N LEU B 822 27.89 -6.90 50.26
CA LEU B 822 27.03 -7.71 51.11
C LEU B 822 26.30 -6.86 52.15
N ASP B 823 27.03 -6.16 53.01
CA ASP B 823 26.46 -5.22 53.99
C ASP B 823 25.25 -5.82 54.71
N ILE B 824 25.53 -6.87 55.48
CA ILE B 824 24.53 -7.67 56.19
C ILE B 824 23.64 -8.38 55.18
N ASP B 825 22.80 -7.62 54.47
CA ASP B 825 21.89 -8.18 53.48
C ASP B 825 21.04 -9.29 54.09
N ASN B 826 21.45 -10.53 53.87
CA ASN B 826 20.80 -11.69 54.46
C ASN B 826 21.69 -12.44 55.44
N MET B 827 22.91 -11.95 55.68
CA MET B 827 23.79 -12.59 56.65
C MET B 827 23.28 -12.47 58.08
N ALA B 828 22.28 -11.61 58.32
CA ALA B 828 21.68 -11.54 59.65
C ALA B 828 21.10 -12.89 60.06
N GLY B 829 20.58 -13.66 59.11
CA GLY B 829 20.10 -14.99 59.43
C GLY B 829 21.19 -15.89 59.96
N VAL B 830 22.40 -15.78 59.39
CA VAL B 830 23.53 -16.54 59.89
C VAL B 830 23.81 -16.16 61.34
N PHE B 831 23.80 -14.86 61.65
CA PHE B 831 23.89 -14.43 63.03
C PHE B 831 22.63 -14.77 63.82
N TYR B 832 21.48 -14.77 63.15
CA TYR B 832 20.25 -15.20 63.80
C TYR B 832 20.31 -16.66 64.20
N MET B 833 20.98 -17.49 63.40
CA MET B 833 21.24 -18.87 63.81
C MET B 833 22.05 -18.89 65.09
N LEU B 834 23.17 -18.15 65.11
CA LEU B 834 23.95 -18.02 66.33
C LEU B 834 23.18 -17.33 67.44
N GLY B 835 22.11 -16.61 67.12
CA GLY B 835 21.25 -16.05 68.15
C GLY B 835 20.60 -17.14 68.99
N ALA B 836 20.29 -18.28 68.38
CA ALA B 836 19.74 -19.43 69.09
C ALA B 836 20.83 -20.38 69.56
N ALA B 837 22.10 -20.06 69.32
CA ALA B 837 23.19 -20.94 69.75
C ALA B 837 23.29 -20.98 71.27
N MET B 838 23.54 -19.83 71.90
CA MET B 838 23.61 -19.79 73.35
C MET B 838 22.26 -20.13 73.98
N ALA B 839 21.17 -19.70 73.34
CA ALA B 839 19.84 -20.07 73.83
C ALA B 839 19.69 -21.58 73.88
N LEU B 840 20.22 -22.29 72.89
CA LEU B 840 20.28 -23.74 72.94
C LEU B 840 21.30 -24.21 73.98
N SER B 841 22.37 -23.45 74.18
CA SER B 841 23.39 -23.84 75.16
C SER B 841 22.90 -23.67 76.59
N LEU B 842 22.26 -22.53 76.88
CA LEU B 842 21.81 -22.26 78.24
C LEU B 842 20.73 -23.25 78.69
N ILE B 843 19.81 -23.60 77.78
CA ILE B 843 18.77 -24.56 78.16
C ILE B 843 19.39 -25.93 78.40
N THR B 844 20.42 -26.29 77.64
CA THR B 844 21.17 -27.51 77.91
C THR B 844 22.17 -27.34 79.03
N PHE B 845 22.47 -26.10 79.43
CA PHE B 845 23.38 -25.87 80.56
C PHE B 845 22.80 -26.43 81.84
N ILE B 846 21.49 -26.25 82.07
CA ILE B 846 20.84 -26.78 83.25
C ILE B 846 20.50 -28.26 83.13
N SER B 847 20.57 -28.82 81.92
CA SER B 847 20.28 -30.23 81.74
C SER B 847 21.28 -31.10 82.50
N GLU B 848 22.57 -30.77 82.40
CA GLU B 848 23.57 -31.48 83.19
C GLU B 848 23.46 -31.11 84.66
N HIS B 849 22.95 -29.92 84.97
CA HIS B 849 22.74 -29.54 86.37
C HIS B 849 21.73 -30.45 87.04
N LEU B 850 20.70 -30.88 86.29
CA LEU B 850 19.75 -31.84 86.84
C LEU B 850 20.43 -33.16 87.18
N PHE B 851 21.31 -33.63 86.29
CA PHE B 851 22.06 -34.85 86.57
C PHE B 851 23.07 -34.62 87.70
N TYR B 852 23.71 -33.45 87.72
CA TYR B 852 24.69 -33.15 88.76
C TYR B 852 24.03 -33.05 90.13
N TRP B 853 22.86 -32.40 90.19
CA TRP B 853 22.14 -32.24 91.45
C TRP B 853 21.24 -33.42 91.80
N GLN B 854 21.08 -34.37 90.90
CA GLN B 854 20.23 -35.53 91.15
C GLN B 854 20.68 -36.73 90.32
N LYS C 3 -58.23 5.56 -47.11
CA LYS C 3 -59.33 6.54 -47.12
C LYS C 3 -60.36 6.22 -46.05
N ILE C 4 -60.26 5.01 -45.49
CA ILE C 4 -61.16 4.56 -44.44
C ILE C 4 -60.33 4.01 -43.29
N VAL C 5 -60.74 4.32 -42.06
CA VAL C 5 -60.12 3.79 -40.86
C VAL C 5 -61.22 3.26 -39.95
N ASN C 6 -61.14 1.99 -39.59
CA ASN C 6 -62.13 1.35 -38.74
C ASN C 6 -61.44 0.68 -37.57
N ILE C 7 -62.21 0.46 -36.50
CA ILE C 7 -61.70 -0.14 -35.27
C ILE C 7 -62.56 -1.35 -34.94
N GLY C 8 -61.92 -2.47 -34.64
CA GLY C 8 -62.63 -3.66 -34.21
C GLY C 8 -62.86 -3.68 -32.71
N ALA C 9 -63.94 -4.34 -32.32
CA ALA C 9 -64.30 -4.43 -30.91
C ALA C 9 -65.29 -5.57 -30.71
N VAL C 10 -65.19 -6.23 -29.56
CA VAL C 10 -66.13 -7.27 -29.16
C VAL C 10 -66.75 -6.86 -27.83
N LEU C 11 -68.07 -6.95 -27.74
CA LEU C 11 -68.83 -6.58 -26.56
C LEU C 11 -69.78 -7.70 -26.19
N SER C 12 -70.34 -7.60 -24.98
CA SER C 12 -71.09 -8.71 -24.40
C SER C 12 -72.33 -9.03 -25.21
N THR C 13 -73.09 -8.02 -25.61
CA THR C 13 -74.35 -8.23 -26.32
C THR C 13 -74.52 -7.14 -27.37
N ARG C 14 -75.63 -7.24 -28.12
CA ARG C 14 -75.88 -6.31 -29.21
C ARG C 14 -76.21 -4.91 -28.69
N LYS C 15 -76.81 -4.80 -27.50
CA LYS C 15 -77.14 -3.48 -26.97
C LYS C 15 -75.88 -2.65 -26.75
N HIS C 16 -74.84 -3.26 -26.19
CA HIS C 16 -73.54 -2.58 -26.11
C HIS C 16 -72.96 -2.36 -27.51
N GLU C 17 -73.13 -3.34 -28.41
CA GLU C 17 -72.75 -3.13 -29.80
C GLU C 17 -73.57 -2.01 -30.43
N GLN C 18 -74.87 -1.98 -30.14
CA GLN C 18 -75.69 -0.86 -30.59
C GLN C 18 -75.26 0.44 -29.92
N MET C 19 -74.89 0.37 -28.65
CA MET C 19 -74.36 1.55 -27.97
C MET C 19 -73.04 1.99 -28.59
N PHE C 20 -72.26 1.04 -29.11
CA PHE C 20 -71.04 1.39 -29.83
C PHE C 20 -71.35 2.18 -31.09
N ARG C 21 -72.53 1.97 -31.68
CA ARG C 21 -72.94 2.81 -32.80
C ARG C 21 -73.09 4.26 -32.37
N GLU C 22 -73.67 4.50 -31.19
CA GLU C 22 -73.71 5.86 -30.64
C GLU C 22 -72.30 6.38 -30.38
N ALA C 23 -71.38 5.51 -29.97
CA ALA C 23 -70.00 5.93 -29.79
C ALA C 23 -69.39 6.38 -31.11
N VAL C 24 -69.66 5.64 -32.19
CA VAL C 24 -69.17 6.02 -33.51
C VAL C 24 -70.10 7.01 -34.22
N ASN C 25 -71.30 7.23 -33.69
CA ASN C 25 -72.18 8.26 -34.26
C ASN C 25 -71.58 9.65 -34.08
N GLN C 26 -71.03 9.93 -32.90
CA GLN C 26 -70.37 11.19 -32.64
C GLN C 26 -68.88 11.16 -32.94
N ALA C 27 -68.32 9.99 -33.24
CA ALA C 27 -66.90 9.88 -33.54
C ALA C 27 -66.54 10.47 -34.89
N ASN C 28 -67.53 10.82 -35.72
CA ASN C 28 -67.24 11.45 -37.00
C ASN C 28 -66.54 12.79 -36.81
N LYS C 29 -66.96 13.56 -35.81
CA LYS C 29 -66.35 14.84 -35.49
C LYS C 29 -65.21 14.60 -34.51
N ARG C 30 -63.98 14.70 -35.00
CA ARG C 30 -62.78 14.47 -34.19
C ARG C 30 -61.69 15.41 -34.68
N HIS C 31 -60.46 15.14 -34.28
CA HIS C 31 -59.33 15.95 -34.72
C HIS C 31 -59.17 15.88 -36.23
N GLY C 32 -58.97 17.03 -36.85
CA GLY C 32 -58.84 17.10 -38.30
C GLY C 32 -60.17 17.14 -39.01
N SER C 33 -61.02 16.15 -38.75
CA SER C 33 -62.35 16.05 -39.36
C SER C 33 -62.26 16.08 -40.88
N TRP C 34 -61.28 15.38 -41.44
CA TRP C 34 -61.05 15.33 -42.87
C TRP C 34 -61.46 14.01 -43.49
N LYS C 35 -60.94 12.89 -42.99
CA LYS C 35 -61.24 11.57 -43.51
C LYS C 35 -61.71 10.65 -42.39
N ILE C 36 -62.63 11.14 -41.56
CA ILE C 36 -63.15 10.35 -40.46
C ILE C 36 -64.30 9.47 -40.95
N GLN C 37 -63.97 8.27 -41.40
CA GLN C 37 -64.94 7.29 -41.87
C GLN C 37 -64.74 6.03 -41.04
N LEU C 38 -65.52 5.89 -39.96
CA LEU C 38 -65.34 4.84 -38.97
C LEU C 38 -66.53 3.91 -38.97
N ASN C 39 -66.26 2.61 -38.81
CA ASN C 39 -67.28 1.58 -38.69
C ASN C 39 -67.10 0.86 -37.35
N ALA C 40 -68.23 0.60 -36.68
CA ALA C 40 -68.19 -0.04 -35.38
C ALA C 40 -67.61 -1.46 -35.48
N THR C 41 -68.03 -2.22 -36.49
CA THR C 41 -67.54 -3.57 -36.75
C THR C 41 -67.75 -4.48 -35.53
N SER C 42 -69.00 -4.67 -35.17
CA SER C 42 -69.34 -5.53 -34.04
C SER C 42 -69.08 -6.99 -34.37
N VAL C 43 -68.53 -7.72 -33.40
CA VAL C 43 -68.26 -9.14 -33.54
C VAL C 43 -68.73 -9.85 -32.26
N THR C 44 -69.28 -11.05 -32.43
CA THR C 44 -69.83 -11.81 -31.31
C THR C 44 -68.78 -12.77 -30.76
N HIS C 45 -68.65 -12.80 -29.43
CA HIS C 45 -67.75 -13.72 -28.77
C HIS C 45 -68.44 -15.05 -28.47
N LYS C 46 -67.65 -16.04 -28.11
CA LYS C 46 -68.09 -17.42 -27.96
C LYS C 46 -67.63 -17.97 -26.62
N PRO C 47 -68.26 -19.05 -26.15
CA PRO C 47 -67.82 -19.68 -24.89
C PRO C 47 -66.69 -20.69 -25.04
N ASN C 48 -66.25 -20.97 -26.27
CA ASN C 48 -65.13 -21.87 -26.52
C ASN C 48 -64.03 -21.07 -27.20
N ALA C 49 -62.79 -21.23 -26.73
CA ALA C 49 -61.66 -20.45 -27.21
C ALA C 49 -61.50 -20.56 -28.72
N ILE C 50 -61.62 -21.77 -29.26
CA ILE C 50 -61.48 -21.96 -30.70
C ILE C 50 -62.73 -21.54 -31.46
N GLN C 51 -63.90 -21.54 -30.80
CA GLN C 51 -65.14 -21.16 -31.48
C GLN C 51 -65.07 -19.73 -32.01
N MET C 52 -64.57 -18.80 -31.20
CA MET C 52 -64.36 -17.44 -31.68
C MET C 52 -63.01 -17.27 -32.37
N ALA C 53 -62.07 -18.19 -32.16
CA ALA C 53 -60.79 -18.12 -32.84
C ALA C 53 -60.91 -18.34 -34.34
N LEU C 54 -62.03 -18.92 -34.79
CA LEU C 54 -62.26 -19.09 -36.22
C LEU C 54 -62.56 -17.78 -36.93
N SER C 55 -62.80 -16.70 -36.17
CA SER C 55 -63.11 -15.39 -36.75
C SER C 55 -62.14 -14.32 -36.25
N VAL C 56 -60.91 -14.71 -35.91
CA VAL C 56 -59.92 -13.74 -35.45
C VAL C 56 -59.56 -12.77 -36.56
N CYS C 57 -59.52 -13.25 -37.81
CA CYS C 57 -59.26 -12.40 -38.96
C CYS C 57 -60.38 -12.39 -39.99
N GLU C 58 -61.07 -13.51 -40.17
CA GLU C 58 -62.13 -13.58 -41.18
C GLU C 58 -63.27 -12.62 -40.89
N ASP C 59 -63.41 -12.19 -39.63
CA ASP C 59 -64.45 -11.24 -39.24
C ASP C 59 -63.90 -9.99 -38.59
N LEU C 60 -62.90 -10.11 -37.72
CA LEU C 60 -62.39 -8.95 -37.01
C LEU C 60 -61.63 -8.01 -37.93
N ILE C 61 -60.71 -8.55 -38.74
CA ILE C 61 -59.91 -7.73 -39.64
C ILE C 61 -60.50 -7.66 -41.05
N SER C 62 -61.63 -8.31 -41.28
CA SER C 62 -62.30 -8.22 -42.58
C SER C 62 -62.70 -6.79 -42.92
N SER C 63 -62.86 -5.94 -41.92
CA SER C 63 -63.09 -4.52 -42.12
C SER C 63 -61.80 -3.71 -42.18
N GLN C 64 -60.65 -4.39 -42.20
CA GLN C 64 -59.34 -3.75 -42.21
C GLN C 64 -59.16 -2.82 -41.01
N VAL C 65 -59.53 -3.33 -39.84
CA VAL C 65 -59.42 -2.56 -38.61
C VAL C 65 -57.96 -2.48 -38.17
N TYR C 66 -57.67 -1.54 -37.27
CA TYR C 66 -56.32 -1.34 -36.75
C TYR C 66 -56.18 -1.71 -35.27
N ALA C 67 -57.28 -1.97 -34.58
CA ALA C 67 -57.23 -2.35 -33.18
C ALA C 67 -58.46 -3.17 -32.84
N ILE C 68 -58.35 -3.96 -31.77
CA ILE C 68 -59.45 -4.81 -31.30
C ILE C 68 -59.66 -4.52 -29.81
N LEU C 69 -60.92 -4.29 -29.43
CA LEU C 69 -61.29 -4.00 -28.06
C LEU C 69 -62.07 -5.19 -27.49
N VAL C 70 -61.61 -5.70 -26.34
CA VAL C 70 -62.21 -6.88 -25.74
C VAL C 70 -62.64 -6.54 -24.31
N SER C 71 -63.58 -7.34 -23.80
CA SER C 71 -64.11 -7.16 -22.46
C SER C 71 -64.25 -8.50 -21.79
N HIS C 72 -64.27 -8.48 -20.46
CA HIS C 72 -64.46 -9.70 -19.69
C HIS C 72 -65.85 -10.28 -19.96
N PRO C 73 -65.97 -11.58 -20.18
CA PRO C 73 -67.26 -12.13 -20.57
C PRO C 73 -68.27 -12.05 -19.43
N PRO C 74 -69.56 -12.00 -19.74
CA PRO C 74 -70.56 -12.00 -18.65
C PRO C 74 -70.48 -13.23 -17.76
N THR C 75 -70.12 -14.38 -18.33
CA THR C 75 -69.93 -15.59 -17.52
C THR C 75 -68.62 -15.48 -16.76
N PRO C 76 -68.64 -15.55 -15.42
CA PRO C 76 -67.39 -15.41 -14.64
C PRO C 76 -66.53 -16.68 -14.67
N ASN C 77 -66.04 -17.02 -15.85
CA ASN C 77 -65.16 -18.16 -16.03
C ASN C 77 -63.72 -17.73 -15.77
N ASP C 78 -62.76 -18.59 -16.12
CA ASP C 78 -61.36 -18.31 -15.81
C ASP C 78 -60.72 -17.37 -16.82
N HIS C 79 -61.36 -16.23 -17.06
CA HIS C 79 -60.87 -15.15 -17.94
C HIS C 79 -60.18 -15.70 -19.20
N PHE C 80 -60.95 -16.49 -19.95
CA PHE C 80 -60.44 -17.15 -21.15
C PHE C 80 -60.66 -16.34 -22.42
N THR C 81 -61.42 -15.26 -22.38
CA THR C 81 -61.75 -14.51 -23.60
C THR C 81 -60.59 -13.75 -24.24
N PRO C 82 -59.59 -13.25 -23.51
CA PRO C 82 -58.55 -12.46 -24.18
C PRO C 82 -57.37 -13.26 -24.72
N THR C 83 -57.33 -14.57 -24.49
CA THR C 83 -56.24 -15.38 -25.01
C THR C 83 -56.18 -15.41 -26.53
N PRO C 84 -57.27 -15.61 -27.28
CA PRO C 84 -57.11 -15.72 -28.74
C PRO C 84 -56.74 -14.41 -29.39
N VAL C 85 -57.37 -13.30 -28.99
CA VAL C 85 -57.07 -12.01 -29.61
C VAL C 85 -55.62 -11.61 -29.34
N SER C 86 -55.12 -11.90 -28.13
CA SER C 86 -53.75 -11.53 -27.80
C SER C 86 -52.75 -12.27 -28.70
N TYR C 87 -52.97 -13.57 -28.91
CA TYR C 87 -52.04 -14.34 -29.73
C TYR C 87 -52.24 -14.04 -31.21
N THR C 88 -53.48 -13.94 -31.67
CA THR C 88 -53.74 -13.78 -33.10
C THR C 88 -53.43 -12.36 -33.56
N ALA C 89 -54.11 -11.36 -32.98
CA ALA C 89 -53.85 -9.97 -33.36
C ALA C 89 -52.44 -9.55 -32.97
N GLY C 90 -51.91 -10.09 -31.88
CA GLY C 90 -50.53 -9.81 -31.53
C GLY C 90 -49.53 -10.43 -32.49
N PHE C 91 -49.92 -11.52 -33.16
CA PHE C 91 -49.06 -12.12 -34.17
C PHE C 91 -48.84 -11.16 -35.33
N TYR C 92 -49.89 -10.45 -35.73
CA TYR C 92 -49.78 -9.42 -36.76
C TYR C 92 -49.17 -8.13 -36.23
N ARG C 93 -48.71 -8.12 -34.99
CA ARG C 93 -48.17 -6.92 -34.34
C ARG C 93 -49.18 -5.79 -34.33
N ILE C 94 -50.45 -6.14 -34.13
CA ILE C 94 -51.54 -5.17 -34.05
C ILE C 94 -51.87 -4.97 -32.57
N PRO C 95 -51.68 -3.77 -32.02
CA PRO C 95 -52.01 -3.54 -30.61
C PRO C 95 -53.49 -3.77 -30.33
N VAL C 96 -53.78 -4.31 -29.15
CA VAL C 96 -55.15 -4.59 -28.74
C VAL C 96 -55.40 -3.87 -27.42
N LEU C 97 -56.67 -3.51 -27.20
CA LEU C 97 -57.11 -2.82 -26.00
C LEU C 97 -58.19 -3.64 -25.32
N GLY C 98 -58.31 -3.47 -24.01
CA GLY C 98 -59.30 -4.21 -23.24
C GLY C 98 -59.90 -3.36 -22.15
N LEU C 99 -61.09 -3.78 -21.71
CA LEU C 99 -61.80 -3.14 -20.62
C LEU C 99 -62.29 -4.19 -19.64
N THR C 100 -62.48 -3.78 -18.39
CA THR C 100 -62.84 -4.69 -17.30
C THR C 100 -61.85 -5.84 -17.20
N THR C 101 -60.56 -5.50 -17.29
CA THR C 101 -59.48 -6.48 -17.34
C THR C 101 -58.56 -6.25 -16.15
N ARG C 102 -58.50 -7.22 -15.24
CA ARG C 102 -57.57 -7.19 -14.11
C ARG C 102 -56.92 -8.56 -13.97
N MET C 103 -55.84 -8.79 -14.72
CA MET C 103 -54.97 -9.94 -14.53
C MET C 103 -53.54 -9.51 -14.79
N SER C 104 -52.64 -9.85 -13.86
CA SER C 104 -51.23 -9.47 -14.01
C SER C 104 -50.51 -10.31 -15.05
N ILE C 105 -51.14 -11.37 -15.56
CA ILE C 105 -50.49 -12.21 -16.57
C ILE C 105 -50.26 -11.43 -17.87
N TYR C 106 -51.07 -10.43 -18.16
CA TYR C 106 -50.88 -9.59 -19.34
C TYR C 106 -50.16 -8.29 -18.97
N SER C 107 -48.93 -8.44 -18.46
CA SER C 107 -48.13 -7.30 -18.06
C SER C 107 -46.87 -7.16 -18.90
N ASP C 108 -46.03 -8.20 -18.97
CA ASP C 108 -44.78 -8.12 -19.69
C ASP C 108 -44.98 -8.26 -21.19
N LYS C 109 -44.02 -7.73 -21.95
CA LYS C 109 -44.05 -7.80 -23.40
C LYS C 109 -43.51 -9.11 -23.94
N SER C 110 -42.87 -9.93 -23.11
CA SER C 110 -42.28 -11.18 -23.59
C SER C 110 -43.35 -12.14 -24.10
N ILE C 111 -44.48 -12.24 -23.40
CA ILE C 111 -45.55 -13.16 -23.78
C ILE C 111 -46.61 -12.39 -24.55
N HIS C 112 -46.78 -11.11 -24.24
CA HIS C 112 -47.77 -10.25 -24.90
C HIS C 112 -47.13 -8.89 -25.16
N LEU C 113 -46.52 -8.75 -26.34
CA LEU C 113 -45.84 -7.51 -26.68
C LEU C 113 -46.83 -6.37 -26.89
N SER C 114 -48.01 -6.66 -27.44
CA SER C 114 -49.00 -5.63 -27.77
C SER C 114 -50.23 -5.84 -26.88
N PHE C 115 -50.28 -5.09 -25.78
CA PHE C 115 -51.43 -5.13 -24.88
C PHE C 115 -51.41 -3.86 -24.03
N LEU C 116 -52.49 -3.08 -24.10
CA LEU C 116 -52.63 -1.85 -23.33
C LEU C 116 -54.03 -1.85 -22.71
N ARG C 117 -54.15 -2.43 -21.52
CA ARG C 117 -55.42 -2.46 -20.82
C ARG C 117 -55.64 -1.14 -20.09
N THR C 118 -56.83 -0.57 -20.26
CA THR C 118 -57.14 0.69 -19.58
C THR C 118 -57.18 0.51 -18.07
N VAL C 119 -57.80 -0.56 -17.59
CA VAL C 119 -57.98 -0.80 -16.17
C VAL C 119 -56.72 -1.48 -15.63
N PRO C 120 -56.06 -0.91 -14.61
CA PRO C 120 -54.88 -1.58 -14.05
C PRO C 120 -55.28 -2.88 -13.37
N PRO C 121 -54.38 -3.87 -13.32
CA PRO C 121 -54.74 -5.18 -12.76
C PRO C 121 -54.84 -5.19 -11.25
N TYR C 122 -55.05 -6.39 -10.69
CA TYR C 122 -55.20 -6.56 -9.25
C TYR C 122 -53.96 -6.13 -8.47
N SER C 123 -52.79 -6.11 -9.10
CA SER C 123 -51.55 -5.86 -8.39
C SER C 123 -51.44 -4.44 -7.85
N HIS C 124 -52.31 -3.53 -8.28
CA HIS C 124 -52.24 -2.14 -7.84
C HIS C 124 -52.88 -1.93 -6.47
N GLN C 125 -53.57 -2.92 -5.92
CA GLN C 125 -54.15 -2.78 -4.59
C GLN C 125 -53.08 -2.68 -3.50
N SER C 126 -51.87 -3.18 -3.77
CA SER C 126 -50.79 -3.07 -2.79
C SER C 126 -50.31 -1.63 -2.64
N SER C 127 -50.31 -0.86 -3.73
CA SER C 127 -49.80 0.51 -3.68
C SER C 127 -50.66 1.38 -2.78
N VAL C 128 -51.98 1.19 -2.79
CA VAL C 128 -52.86 2.01 -1.98
C VAL C 128 -52.58 1.80 -0.51
N TRP C 129 -52.33 0.56 -0.10
CA TRP C 129 -52.05 0.28 1.31
C TRP C 129 -50.76 0.94 1.77
N PHE C 130 -49.83 1.20 0.85
CA PHE C 130 -48.56 1.81 1.22
C PHE C 130 -48.76 3.17 1.85
N GLU C 131 -49.57 4.02 1.22
CA GLU C 131 -49.88 5.34 1.79
C GLU C 131 -50.88 5.25 2.93
N MET C 132 -51.77 4.26 2.89
CA MET C 132 -52.83 4.16 3.89
C MET C 132 -52.22 3.96 5.28
N MET C 133 -51.35 2.97 5.43
CA MET C 133 -50.75 2.71 6.74
C MET C 133 -49.84 3.84 7.20
N ARG C 134 -49.39 4.70 6.28
CA ARG C 134 -48.49 5.79 6.66
C ARG C 134 -49.18 6.80 7.57
N VAL C 135 -50.43 7.17 7.24
CA VAL C 135 -51.16 8.12 8.08
C VAL C 135 -51.68 7.50 9.36
N TYR C 136 -51.58 6.17 9.50
CA TYR C 136 -51.96 5.48 10.72
C TYR C 136 -50.74 5.07 11.54
N SER C 137 -49.54 5.51 11.15
CA SER C 137 -48.31 5.27 11.89
C SER C 137 -48.04 3.78 12.07
N TRP C 138 -47.82 3.09 10.95
CA TRP C 138 -47.44 1.68 10.94
C TRP C 138 -46.10 1.52 10.24
N ASN C 139 -45.25 0.66 10.81
CA ASN C 139 -43.90 0.46 10.32
C ASN C 139 -43.59 -0.98 9.92
N HIS C 140 -44.07 -1.96 10.67
CA HIS C 140 -43.81 -3.36 10.40
C HIS C 140 -45.08 -4.06 9.96
N ILE C 141 -44.99 -4.89 8.94
CA ILE C 141 -46.15 -5.53 8.35
C ILE C 141 -45.90 -7.01 8.11
N ILE C 142 -46.99 -7.77 8.10
CA ILE C 142 -46.98 -9.18 7.70
C ILE C 142 -48.09 -9.39 6.70
N LEU C 143 -47.74 -9.91 5.53
CA LEU C 143 -48.67 -10.12 4.42
C LEU C 143 -49.13 -11.58 4.40
N LEU C 144 -50.37 -11.79 3.99
CA LEU C 144 -50.90 -13.12 3.71
C LEU C 144 -51.21 -13.18 2.22
N VAL C 145 -50.35 -13.85 1.45
CA VAL C 145 -50.43 -13.88 0.00
C VAL C 145 -50.42 -15.33 -0.48
N SER C 146 -51.40 -15.70 -1.30
CA SER C 146 -51.44 -17.03 -1.88
C SER C 146 -50.35 -17.20 -2.93
N ASP C 147 -49.95 -18.46 -3.15
CA ASP C 147 -48.92 -18.78 -4.14
C ASP C 147 -49.53 -18.80 -5.54
N ASP C 148 -50.14 -17.67 -5.91
CA ASP C 148 -50.78 -17.48 -7.19
C ASP C 148 -49.93 -16.55 -8.05
N HIS C 149 -50.16 -16.59 -9.36
CA HIS C 149 -49.49 -15.67 -10.25
C HIS C 149 -49.81 -14.22 -9.91
N GLU C 150 -51.09 -13.93 -9.65
CA GLU C 150 -51.47 -12.59 -9.20
C GLU C 150 -50.92 -12.29 -7.81
N GLY C 151 -50.97 -13.29 -6.91
CA GLY C 151 -50.50 -13.06 -5.56
C GLY C 151 -49.02 -12.73 -5.49
N ARG C 152 -48.20 -13.51 -6.23
CA ARG C 152 -46.77 -13.20 -6.27
C ARG C 152 -46.50 -11.91 -7.01
N ALA C 153 -47.36 -11.53 -7.97
CA ALA C 153 -47.20 -10.27 -8.67
C ALA C 153 -47.39 -9.09 -7.74
N ALA C 154 -48.44 -9.13 -6.90
CA ALA C 154 -48.65 -8.08 -5.91
C ALA C 154 -47.57 -8.09 -4.83
N GLN C 155 -46.93 -9.24 -4.60
CA GLN C 155 -45.85 -9.31 -3.62
C GLN C 155 -44.69 -8.42 -4.03
N LYS C 156 -44.32 -8.44 -5.31
CA LYS C 156 -43.17 -7.66 -5.77
C LYS C 156 -43.44 -6.17 -5.68
N ARG C 157 -44.69 -5.74 -5.85
CA ARG C 157 -45.00 -4.32 -5.74
C ARG C 157 -44.72 -3.78 -4.34
N LEU C 158 -45.08 -4.53 -3.30
CA LEU C 158 -44.74 -4.12 -1.95
C LEU C 158 -43.24 -4.26 -1.68
N GLU C 159 -42.63 -5.34 -2.19
CA GLU C 159 -41.20 -5.54 -1.97
C GLU C 159 -40.37 -4.44 -2.62
N THR C 160 -40.80 -3.94 -3.79
CA THR C 160 -40.11 -2.81 -4.40
C THR C 160 -40.21 -1.57 -3.52
N LEU C 161 -41.38 -1.30 -2.95
CA LEU C 161 -41.57 -0.18 -2.04
C LEU C 161 -41.27 -0.54 -0.60
N LEU C 162 -40.85 -1.79 -0.35
CA LEU C 162 -40.54 -2.21 1.01
C LEU C 162 -39.35 -1.44 1.58
N GLU C 163 -38.30 -1.26 0.79
CA GLU C 163 -37.09 -0.60 1.27
C GLU C 163 -37.19 0.92 1.27
N GLU C 164 -38.26 1.47 0.71
CA GLU C 164 -38.39 2.92 0.64
C GLU C 164 -38.49 3.55 2.03
N ARG C 165 -39.42 3.06 2.84
CA ARG C 165 -39.62 3.58 4.19
C ARG C 165 -39.38 2.53 5.27
N GLU C 166 -40.03 1.38 5.18
CA GLU C 166 -39.90 0.35 6.20
C GLU C 166 -38.57 -0.37 6.09
N SER C 167 -38.14 -0.94 7.21
CA SER C 167 -36.91 -1.75 7.25
C SER C 167 -37.28 -3.23 7.16
N LYS C 168 -37.84 -3.58 6.00
CA LYS C 168 -38.26 -4.94 5.66
C LYS C 168 -39.47 -5.38 6.46
N ALA C 169 -40.34 -6.17 5.83
CA ALA C 169 -41.53 -6.66 6.51
C ALA C 169 -41.15 -7.75 7.51
N GLU C 170 -42.00 -7.90 8.53
CA GLU C 170 -41.75 -8.92 9.54
C GLU C 170 -41.82 -10.32 8.96
N LYS C 171 -42.80 -10.59 8.11
CA LYS C 171 -42.96 -11.89 7.49
C LYS C 171 -43.40 -11.72 6.04
N VAL C 172 -42.95 -12.66 5.20
CA VAL C 172 -43.26 -12.63 3.77
C VAL C 172 -43.80 -14.03 3.43
N LEU C 173 -44.49 -14.63 4.39
CA LEU C 173 -44.93 -16.02 4.23
C LEU C 173 -45.93 -16.14 3.09
N GLN C 174 -45.88 -17.29 2.41
CA GLN C 174 -46.76 -17.59 1.28
C GLN C 174 -47.36 -18.97 1.49
N PHE C 175 -48.62 -19.13 1.04
CA PHE C 175 -49.36 -20.36 1.24
C PHE C 175 -49.96 -20.82 -0.08
N ASP C 176 -50.31 -22.10 -0.14
CA ASP C 176 -50.88 -22.69 -1.33
C ASP C 176 -52.27 -22.11 -1.60
N PRO C 177 -52.64 -21.97 -2.88
CA PRO C 177 -54.01 -21.54 -3.19
C PRO C 177 -55.07 -22.49 -2.67
N GLY C 178 -54.78 -23.79 -2.61
CA GLY C 178 -55.73 -24.75 -2.09
C GLY C 178 -55.73 -24.81 -0.58
N THR C 179 -56.33 -23.81 0.05
CA THR C 179 -56.35 -23.71 1.51
C THR C 179 -57.36 -24.72 2.06
N LYS C 180 -56.86 -25.87 2.49
CA LYS C 180 -57.68 -26.91 3.10
C LYS C 180 -57.11 -27.22 4.48
N ASN C 181 -57.79 -26.73 5.53
CA ASN C 181 -57.34 -26.90 6.91
C ASN C 181 -55.92 -26.36 7.09
N VAL C 182 -55.63 -25.24 6.44
CA VAL C 182 -54.31 -24.62 6.52
C VAL C 182 -54.34 -23.68 7.72
N THR C 183 -54.09 -24.25 8.90
CA THR C 183 -54.07 -23.49 10.14
C THR C 183 -52.86 -23.77 11.02
N ALA C 184 -52.07 -24.80 10.72
CA ALA C 184 -50.90 -25.11 11.54
C ALA C 184 -49.82 -24.04 11.44
N LEU C 185 -49.86 -23.21 10.38
CA LEU C 185 -48.88 -22.15 10.20
C LEU C 185 -49.26 -20.85 10.90
N LEU C 186 -50.46 -20.77 11.47
CA LEU C 186 -50.92 -19.53 12.08
C LEU C 186 -50.48 -19.38 13.54
N MET C 187 -50.01 -20.47 14.17
CA MET C 187 -49.53 -20.36 15.55
C MET C 187 -48.31 -19.46 15.62
N GLU C 188 -47.38 -19.61 14.69
CA GLU C 188 -46.23 -18.71 14.63
C GLU C 188 -46.59 -17.34 14.06
N ALA C 189 -47.65 -17.26 13.26
CA ALA C 189 -48.06 -15.98 12.70
C ALA C 189 -48.52 -15.02 13.80
N LYS C 190 -49.29 -15.52 14.76
CA LYS C 190 -49.83 -14.66 15.82
C LYS C 190 -48.91 -14.64 17.05
N GLU C 191 -47.61 -14.41 16.82
CA GLU C 191 -46.68 -14.21 17.92
C GLU C 191 -45.65 -13.13 17.62
N LEU C 192 -45.71 -12.47 16.46
CA LEU C 192 -44.74 -11.45 16.08
C LEU C 192 -45.18 -10.05 16.47
N GLU C 193 -46.34 -9.91 17.11
CA GLU C 193 -46.86 -8.62 17.54
C GLU C 193 -46.99 -7.65 16.37
N ALA C 194 -47.42 -8.16 15.22
CA ALA C 194 -47.62 -7.33 14.03
C ALA C 194 -49.02 -6.76 13.97
N ARG C 195 -50.04 -7.61 14.12
CA ARG C 195 -51.44 -7.21 14.23
C ARG C 195 -51.96 -6.44 13.02
N VAL C 196 -51.19 -6.40 11.94
CA VAL C 196 -51.52 -5.62 10.75
C VAL C 196 -51.58 -6.55 9.55
N ILE C 197 -52.02 -7.79 9.80
CA ILE C 197 -52.05 -8.81 8.76
C ILE C 197 -52.87 -8.33 7.56
N ILE C 198 -52.30 -8.52 6.37
CA ILE C 198 -52.87 -8.04 5.12
C ILE C 198 -53.01 -9.22 4.17
N LEU C 199 -54.17 -9.38 3.55
CA LEU C 199 -54.45 -10.48 2.64
C LEU C 199 -54.57 -9.99 1.21
N SER C 200 -54.01 -10.75 0.28
CA SER C 200 -54.08 -10.42 -1.14
C SER C 200 -54.34 -11.66 -1.99
N ALA C 201 -55.07 -12.63 -1.45
CA ALA C 201 -55.36 -13.87 -2.15
C ALA C 201 -56.66 -13.73 -2.93
N SER C 202 -57.17 -14.84 -3.45
CA SER C 202 -58.40 -14.83 -4.22
C SER C 202 -59.61 -14.73 -3.30
N GLU C 203 -60.78 -14.52 -3.90
CA GLU C 203 -62.01 -14.40 -3.13
C GLU C 203 -62.35 -15.70 -2.41
N ASP C 204 -62.16 -16.84 -3.09
CA ASP C 204 -62.53 -18.12 -2.49
C ASP C 204 -61.64 -18.45 -1.29
N ASP C 205 -60.37 -18.06 -1.32
CA ASP C 205 -59.47 -18.34 -0.20
C ASP C 205 -59.91 -17.60 1.06
N ALA C 206 -60.39 -16.37 0.91
CA ALA C 206 -60.80 -15.58 2.07
C ALA C 206 -61.94 -16.25 2.84
N ALA C 207 -62.81 -16.97 2.14
CA ALA C 207 -63.88 -17.70 2.82
C ALA C 207 -63.31 -18.74 3.77
N THR C 208 -62.30 -19.49 3.32
CA THR C 208 -61.61 -20.42 4.21
C THR C 208 -60.83 -19.67 5.29
N VAL C 209 -60.22 -18.54 4.93
CA VAL C 209 -59.44 -17.77 5.88
C VAL C 209 -60.32 -17.28 7.03
N TYR C 210 -61.50 -16.76 6.70
CA TYR C 210 -62.44 -16.35 7.74
C TYR C 210 -62.89 -17.55 8.56
N ARG C 211 -63.10 -18.69 7.90
CA ARG C 211 -63.38 -19.93 8.63
C ARG C 211 -62.17 -20.38 9.43
N ALA C 212 -60.97 -20.18 8.90
CA ALA C 212 -59.75 -20.60 9.60
C ALA C 212 -59.52 -19.78 10.85
N ALA C 213 -59.92 -18.51 10.87
CA ALA C 213 -59.73 -17.62 12.00
C ALA C 213 -60.95 -17.56 12.90
N ALA C 214 -61.97 -18.39 12.65
CA ALA C 214 -63.19 -18.33 13.44
C ALA C 214 -62.94 -18.69 14.90
N MET C 215 -62.17 -19.75 15.15
CA MET C 215 -61.91 -20.22 16.50
C MET C 215 -60.68 -19.58 17.13
N LEU C 216 -59.95 -18.75 16.39
CA LEU C 216 -58.78 -18.07 16.91
C LEU C 216 -59.11 -16.71 17.52
N ASN C 217 -60.39 -16.35 17.60
CA ASN C 217 -60.86 -15.02 18.03
C ASN C 217 -60.03 -13.91 17.39
N MET C 218 -59.60 -14.12 16.16
CA MET C 218 -58.76 -13.16 15.44
C MET C 218 -59.53 -11.92 15.04
N THR C 219 -60.86 -11.96 15.09
CA THR C 219 -61.70 -10.81 14.78
C THR C 219 -61.81 -9.82 15.93
N GLY C 220 -60.97 -9.96 16.95
CA GLY C 220 -61.05 -9.14 18.15
C GLY C 220 -60.39 -7.79 18.00
N SER C 221 -60.31 -7.09 19.12
CA SER C 221 -59.72 -5.76 19.16
C SER C 221 -58.19 -5.83 19.07
N GLY C 222 -57.59 -4.76 18.59
CA GLY C 222 -56.15 -4.66 18.46
C GLY C 222 -55.59 -5.14 17.14
N TYR C 223 -56.41 -5.74 16.28
CA TYR C 223 -55.97 -6.22 14.98
C TYR C 223 -56.63 -5.40 13.87
N VAL C 224 -55.86 -5.13 12.82
CA VAL C 224 -56.37 -4.37 11.68
C VAL C 224 -56.16 -5.20 10.41
N TRP C 225 -56.96 -4.90 9.39
CA TRP C 225 -56.96 -5.64 8.15
C TRP C 225 -56.91 -4.66 6.98
N LEU C 226 -56.14 -5.03 5.96
CA LEU C 226 -56.13 -4.33 4.67
C LEU C 226 -56.39 -5.37 3.60
N VAL C 227 -57.66 -5.63 3.33
CA VAL C 227 -58.08 -6.73 2.49
C VAL C 227 -58.15 -6.25 1.04
N GLY C 228 -57.89 -7.17 0.11
CA GLY C 228 -58.04 -6.85 -1.29
C GLY C 228 -59.49 -6.69 -1.69
N GLU C 229 -59.70 -5.91 -2.76
CA GLU C 229 -61.06 -5.63 -3.22
C GLU C 229 -61.73 -6.90 -3.72
N ARG C 230 -60.99 -7.76 -4.42
CA ARG C 230 -61.60 -8.95 -5.02
C ARG C 230 -62.19 -9.86 -3.96
N GLU C 231 -61.54 -9.98 -2.80
CA GLU C 231 -61.92 -10.93 -1.78
C GLU C 231 -62.95 -10.36 -0.80
N ILE C 232 -63.77 -9.41 -1.24
CA ILE C 232 -64.89 -8.91 -0.46
C ILE C 232 -66.23 -9.34 -1.07
N SER C 233 -66.42 -9.07 -2.35
CA SER C 233 -67.70 -9.35 -2.99
C SER C 233 -67.88 -10.85 -3.20
N GLY C 234 -69.07 -11.35 -2.84
CA GLY C 234 -69.39 -12.74 -3.07
C GLY C 234 -69.38 -13.60 -1.82
N ASN C 235 -68.82 -14.80 -1.93
CA ASN C 235 -68.79 -15.73 -0.82
C ASN C 235 -67.96 -15.20 0.35
N ALA C 236 -66.85 -14.53 0.04
CA ALA C 236 -65.97 -14.01 1.09
C ALA C 236 -66.62 -12.93 1.93
N LEU C 237 -67.73 -12.34 1.48
CA LEU C 237 -68.43 -11.36 2.30
C LEU C 237 -68.94 -11.98 3.59
N ARG C 238 -69.41 -13.23 3.52
CA ARG C 238 -69.91 -13.91 4.71
C ARG C 238 -68.78 -14.14 5.71
N TYR C 239 -69.13 -14.07 6.99
CA TYR C 239 -68.19 -14.27 8.10
C TYR C 239 -67.03 -13.28 8.04
N ALA C 240 -67.35 -12.03 7.67
CA ALA C 240 -66.27 -11.07 7.60
C ALA C 240 -66.26 -10.18 8.84
N PRO C 241 -65.08 -9.79 9.33
CA PRO C 241 -65.02 -8.89 10.47
C PRO C 241 -65.63 -7.53 10.13
N ASP C 242 -66.19 -6.88 11.15
CA ASP C 242 -66.80 -5.58 10.95
C ASP C 242 -65.77 -4.49 10.70
N GLY C 243 -64.50 -4.73 11.03
CA GLY C 243 -63.46 -3.73 10.84
C GLY C 243 -62.71 -3.89 9.55
N ILE C 244 -63.29 -4.62 8.59
CA ILE C 244 -62.61 -4.85 7.31
C ILE C 244 -62.40 -3.52 6.59
N LEU C 245 -61.19 -3.31 6.10
CA LEU C 245 -60.84 -2.09 5.39
C LEU C 245 -60.42 -2.40 3.96
N GLY C 246 -61.21 -3.21 3.28
CA GLY C 246 -60.88 -3.61 1.92
C GLY C 246 -60.93 -2.45 0.94
N LEU C 247 -60.45 -2.74 -0.27
CA LEU C 247 -60.42 -1.74 -1.33
C LEU C 247 -61.66 -1.86 -2.22
N GLN C 248 -61.75 -0.98 -3.22
CA GLN C 248 -62.90 -0.96 -4.12
C GLN C 248 -62.47 -0.29 -5.41
N LEU C 249 -63.26 -0.53 -6.47
CA LEU C 249 -63.13 0.21 -7.72
C LEU C 249 -64.30 1.17 -7.86
N ILE C 250 -64.01 2.36 -8.39
CA ILE C 250 -65.06 3.35 -8.60
C ILE C 250 -66.03 2.91 -9.68
N ASN C 251 -65.52 2.33 -10.76
CA ASN C 251 -66.34 2.02 -11.92
C ASN C 251 -66.30 0.54 -12.28
N GLY C 252 -66.43 -0.33 -11.28
CA GLY C 252 -66.41 -1.75 -11.51
C GLY C 252 -67.48 -2.24 -12.47
N LYS C 253 -67.07 -3.07 -13.44
CA LYS C 253 -67.99 -3.65 -14.42
C LYS C 253 -68.76 -2.58 -15.19
N ASN C 254 -68.07 -1.49 -15.53
CA ASN C 254 -68.66 -0.39 -16.29
C ASN C 254 -67.99 -0.28 -17.66
N GLU C 255 -68.77 0.18 -18.64
CA GLU C 255 -68.26 0.29 -20.01
C GLU C 255 -68.65 1.59 -20.71
N SER C 256 -69.41 2.47 -20.06
CA SER C 256 -69.85 3.69 -20.73
C SER C 256 -68.67 4.62 -21.02
N ALA C 257 -67.84 4.87 -20.01
CA ALA C 257 -66.71 5.79 -20.20
C ALA C 257 -65.60 5.13 -21.00
N HIS C 258 -65.33 3.84 -20.76
CA HIS C 258 -64.21 3.18 -21.43
C HIS C 258 -64.41 3.13 -22.94
N ILE C 259 -65.64 2.84 -23.38
CA ILE C 259 -65.90 2.78 -24.82
C ILE C 259 -65.70 4.15 -25.46
N SER C 260 -66.21 5.20 -24.81
CA SER C 260 -66.00 6.56 -25.31
C SER C 260 -64.52 6.93 -25.27
N ASP C 261 -63.82 6.56 -24.20
CA ASP C 261 -62.40 6.91 -24.06
C ASP C 261 -61.56 6.23 -25.14
N ALA C 262 -61.88 4.98 -25.46
CA ALA C 262 -61.07 4.24 -26.44
C ALA C 262 -61.18 4.86 -27.83
N VAL C 263 -62.27 5.57 -28.12
CA VAL C 263 -62.42 6.18 -29.43
C VAL C 263 -61.46 7.36 -29.58
N GLY C 264 -61.36 8.20 -28.55
CA GLY C 264 -60.57 9.42 -28.68
C GLY C 264 -59.08 9.17 -28.85
N VAL C 265 -58.55 8.21 -28.10
CA VAL C 265 -57.11 7.93 -28.19
C VAL C 265 -56.74 7.45 -29.59
N VAL C 266 -57.56 6.56 -30.16
CA VAL C 266 -57.30 6.09 -31.52
C VAL C 266 -57.54 7.21 -32.53
N ALA C 267 -58.61 7.97 -32.35
CA ALA C 267 -58.91 9.06 -33.28
C ALA C 267 -57.83 10.13 -33.26
N GLN C 268 -57.33 10.47 -32.07
CA GLN C 268 -56.26 11.46 -31.97
C GLN C 268 -55.00 10.95 -32.65
N ALA C 269 -54.65 9.67 -32.44
CA ALA C 269 -53.46 9.11 -33.05
C ALA C 269 -53.56 9.07 -34.57
N VAL C 270 -54.74 8.74 -35.08
CA VAL C 270 -54.95 8.69 -36.53
C VAL C 270 -54.77 10.09 -37.15
N HIS C 271 -55.13 11.13 -36.40
CA HIS C 271 -55.03 12.49 -36.94
C HIS C 271 -53.61 12.85 -37.30
N GLU C 272 -52.64 12.50 -36.45
CA GLU C 272 -51.24 12.77 -36.72
C GLU C 272 -50.53 11.60 -37.36
N LEU C 273 -51.23 10.50 -37.66
CA LEU C 273 -50.59 9.34 -38.25
C LEU C 273 -50.15 9.60 -39.70
N LEU C 274 -50.80 10.53 -40.38
CA LEU C 274 -50.45 10.82 -41.78
C LEU C 274 -49.07 11.48 -41.82
N GLU C 275 -48.06 10.70 -42.18
CA GLU C 275 -46.68 11.17 -42.23
C GLU C 275 -46.03 10.59 -43.48
N LYS C 276 -44.71 10.77 -43.59
CA LYS C 276 -43.98 10.23 -44.72
C LYS C 276 -43.94 8.71 -44.70
N GLU C 277 -44.00 8.11 -43.52
CA GLU C 277 -43.94 6.66 -43.40
C GLU C 277 -45.16 6.01 -44.06
N ASN C 278 -45.05 4.71 -44.28
CA ASN C 278 -46.11 3.97 -44.97
C ASN C 278 -47.38 3.96 -44.15
N ILE C 279 -48.52 4.16 -44.83
CA ILE C 279 -49.83 4.13 -44.19
C ILE C 279 -50.59 2.94 -44.78
N THR C 280 -49.85 1.90 -45.14
CA THR C 280 -50.45 0.74 -45.78
C THR C 280 -51.38 0.00 -44.83
N ASP C 281 -52.52 -0.42 -45.36
CA ASP C 281 -53.46 -1.21 -44.58
C ASP C 281 -52.93 -2.63 -44.38
N PRO C 282 -53.44 -3.34 -43.36
CA PRO C 282 -53.02 -4.73 -43.16
C PRO C 282 -53.40 -5.59 -44.35
N PRO C 283 -52.73 -6.72 -44.54
CA PRO C 283 -53.03 -7.56 -45.71
C PRO C 283 -54.49 -8.01 -45.74
N ARG C 284 -55.06 -8.01 -46.94
CA ARG C 284 -56.45 -8.36 -47.14
C ARG C 284 -56.55 -9.81 -47.63
N GLY C 285 -57.45 -10.56 -47.02
CA GLY C 285 -57.61 -11.97 -47.31
C GLY C 285 -57.23 -12.79 -46.10
N CYS C 286 -57.92 -13.91 -45.91
CA CYS C 286 -57.73 -14.77 -44.74
C CYS C 286 -57.60 -16.23 -45.16
N VAL C 287 -56.74 -16.46 -46.15
CA VAL C 287 -56.38 -17.81 -46.57
C VAL C 287 -55.02 -18.22 -46.01
N GLY C 288 -54.02 -17.36 -46.18
CA GLY C 288 -52.69 -17.61 -45.65
C GLY C 288 -51.72 -16.52 -46.05
N ASN C 289 -50.90 -16.05 -45.11
CA ASN C 289 -49.96 -14.98 -45.39
C ASN C 289 -48.74 -15.14 -44.49
N THR C 290 -47.65 -14.50 -44.90
CA THR C 290 -46.43 -14.43 -44.11
C THR C 290 -45.94 -13.01 -43.88
N ASN C 291 -46.47 -12.02 -44.59
CA ASN C 291 -45.96 -10.66 -44.50
C ASN C 291 -46.23 -10.05 -43.13
N ILE C 292 -45.25 -9.33 -42.61
CA ILE C 292 -45.38 -8.55 -41.39
C ILE C 292 -45.15 -7.08 -41.75
N TRP C 293 -46.05 -6.22 -41.30
CA TRP C 293 -46.01 -4.81 -41.65
C TRP C 293 -45.51 -3.99 -40.46
N LYS C 294 -44.55 -3.11 -40.72
CA LYS C 294 -43.93 -2.31 -39.67
C LYS C 294 -44.82 -1.19 -39.17
N THR C 295 -45.85 -0.81 -39.93
CA THR C 295 -46.72 0.28 -39.49
C THR C 295 -47.47 -0.09 -38.22
N GLY C 296 -47.80 -1.37 -38.05
CA GLY C 296 -48.50 -1.83 -36.87
C GLY C 296 -47.80 -1.48 -35.58
N PRO C 297 -46.57 -1.96 -35.40
CA PRO C 297 -45.80 -1.58 -34.20
C PRO C 297 -45.54 -0.10 -34.08
N LEU C 298 -45.52 0.64 -35.20
CA LEU C 298 -45.16 2.05 -35.16
C LEU C 298 -46.19 2.87 -34.39
N PHE C 299 -47.47 2.72 -34.74
CA PHE C 299 -48.49 3.52 -34.08
C PHE C 299 -48.79 3.03 -32.66
N LYS C 300 -48.24 1.88 -32.25
CA LYS C 300 -48.41 1.44 -30.88
C LYS C 300 -47.82 2.43 -29.89
N ARG C 301 -46.64 2.97 -30.21
CA ARG C 301 -46.06 4.02 -29.37
C ARG C 301 -46.93 5.26 -29.39
N VAL C 302 -47.60 5.54 -30.50
CA VAL C 302 -48.51 6.69 -30.56
C VAL C 302 -49.71 6.46 -29.67
N LEU C 303 -50.30 5.25 -29.70
CA LEU C 303 -51.44 4.96 -28.84
C LEU C 303 -51.03 5.00 -27.37
N MET C 304 -49.85 4.47 -27.04
CA MET C 304 -49.41 4.45 -25.66
C MET C 304 -49.23 5.88 -25.12
N SER C 305 -48.69 6.77 -25.94
CA SER C 305 -48.50 8.16 -25.54
C SER C 305 -49.71 9.03 -25.87
N SER C 306 -50.78 8.45 -26.41
CA SER C 306 -51.99 9.21 -26.74
C SER C 306 -52.75 9.47 -25.45
N LYS C 307 -52.45 10.60 -24.83
CA LYS C 307 -53.15 10.99 -23.61
C LYS C 307 -54.59 11.38 -23.93
N TYR C 308 -55.51 10.98 -23.06
CA TYR C 308 -56.92 11.30 -23.18
C TYR C 308 -57.31 12.25 -22.06
N ALA C 309 -57.35 13.54 -22.37
CA ALA C 309 -57.70 14.56 -21.39
C ALA C 309 -59.20 14.78 -21.31
N ASP C 310 -59.94 13.69 -21.13
CA ASP C 310 -61.39 13.71 -21.01
C ASP C 310 -61.83 12.35 -20.47
N GLY C 311 -63.13 12.12 -20.44
CA GLY C 311 -63.66 10.84 -20.00
C GLY C 311 -63.66 10.68 -18.49
N VAL C 312 -62.78 9.82 -17.98
CA VAL C 312 -62.71 9.56 -16.53
C VAL C 312 -61.72 10.59 -15.98
N THR C 313 -62.23 11.79 -15.71
CA THR C 313 -61.51 12.90 -15.11
C THR C 313 -60.31 13.36 -15.93
N GLY C 314 -60.14 12.84 -17.15
CA GLY C 314 -59.03 13.24 -17.99
C GLY C 314 -57.67 12.78 -17.52
N ARG C 315 -57.60 11.95 -16.49
CA ARG C 315 -56.34 11.47 -15.94
C ARG C 315 -56.02 10.04 -16.36
N VAL C 316 -56.57 9.59 -17.49
CA VAL C 316 -56.35 8.22 -17.97
C VAL C 316 -55.06 8.26 -18.79
N GLU C 317 -53.93 8.13 -18.11
CA GLU C 317 -52.62 8.08 -18.74
C GLU C 317 -52.14 6.65 -18.82
N PHE C 318 -51.22 6.40 -19.77
CA PHE C 318 -50.70 5.06 -20.00
C PHE C 318 -49.18 5.10 -20.02
N ASN C 319 -48.58 4.21 -19.24
CA ASN C 319 -47.13 4.00 -19.27
C ASN C 319 -46.82 2.89 -20.28
N GLU C 320 -45.59 2.37 -20.23
CA GLU C 320 -45.21 1.30 -21.15
C GLU C 320 -46.09 0.06 -21.01
N ASP C 321 -46.76 -0.11 -19.87
CA ASP C 321 -47.72 -1.18 -19.66
C ASP C 321 -49.14 -0.61 -19.68
N GLY C 322 -50.11 -1.50 -19.48
CA GLY C 322 -51.50 -1.08 -19.45
C GLY C 322 -51.98 -0.76 -18.05
N ASP C 323 -52.01 0.53 -17.71
CA ASP C 323 -52.38 0.95 -16.36
C ASP C 323 -53.04 2.31 -16.43
N ARG C 324 -53.63 2.72 -15.30
CA ARG C 324 -54.22 4.03 -15.15
C ARG C 324 -53.48 4.79 -14.06
N LYS C 325 -53.46 6.12 -14.19
CA LYS C 325 -52.74 7.00 -13.27
C LYS C 325 -53.73 7.86 -12.50
N PHE C 326 -53.54 7.93 -11.18
CA PHE C 326 -54.38 8.75 -10.29
C PHE C 326 -55.85 8.35 -10.37
N ALA C 327 -56.12 7.09 -10.71
CA ALA C 327 -57.50 6.61 -10.77
C ALA C 327 -58.06 6.46 -9.37
N ASN C 328 -59.27 6.97 -9.17
CA ASN C 328 -59.89 6.93 -7.85
C ASN C 328 -60.22 5.50 -7.45
N TYR C 329 -60.28 5.26 -6.15
CA TYR C 329 -60.56 3.93 -5.62
C TYR C 329 -61.63 3.89 -4.54
N SER C 330 -61.99 5.02 -3.92
CA SER C 330 -63.08 5.09 -2.95
C SER C 330 -62.85 4.12 -1.80
N ILE C 331 -61.81 4.44 -1.01
CA ILE C 331 -61.38 3.64 0.14
C ILE C 331 -62.58 3.17 0.94
N MET C 332 -62.61 1.87 1.24
CA MET C 332 -63.81 1.20 1.74
C MET C 332 -63.61 0.77 3.19
N ASN C 333 -64.69 0.83 3.96
CA ASN C 333 -64.69 0.27 5.32
C ASN C 333 -66.08 -0.29 5.60
N LEU C 334 -66.15 -1.61 5.78
CA LEU C 334 -67.43 -2.27 6.01
C LEU C 334 -67.98 -1.94 7.39
N GLN C 335 -69.31 -1.94 7.49
CA GLN C 335 -69.99 -1.82 8.77
C GLN C 335 -71.40 -2.37 8.62
N ASN C 336 -71.93 -2.88 9.73
CA ASN C 336 -73.25 -3.53 9.81
C ASN C 336 -73.54 -4.39 8.58
N ARG C 337 -72.55 -5.20 8.20
CA ARG C 337 -72.66 -6.10 7.04
C ARG C 337 -73.00 -5.32 5.77
N LYS C 338 -72.41 -4.13 5.62
CA LYS C 338 -72.69 -3.29 4.47
C LYS C 338 -71.42 -2.51 4.11
N LEU C 339 -71.31 -2.16 2.84
CA LEU C 339 -70.17 -1.41 2.33
C LEU C 339 -70.50 0.07 2.32
N VAL C 340 -69.75 0.85 3.11
CA VAL C 340 -69.96 2.28 3.25
C VAL C 340 -68.62 3.00 3.14
N GLN C 341 -68.58 4.05 2.33
CA GLN C 341 -67.34 4.76 2.08
C GLN C 341 -66.91 5.59 3.29
N VAL C 342 -65.60 5.71 3.48
CA VAL C 342 -65.04 6.46 4.58
C VAL C 342 -63.97 7.44 4.08
N GLY C 343 -63.53 7.24 2.84
CA GLY C 343 -62.46 8.09 2.32
C GLY C 343 -62.49 8.13 0.81
N ILE C 344 -61.66 9.04 0.27
CA ILE C 344 -61.55 9.25 -1.17
C ILE C 344 -60.11 9.04 -1.58
N TYR C 345 -59.90 8.27 -2.64
CA TYR C 345 -58.57 8.02 -3.18
C TYR C 345 -58.36 8.89 -4.40
N ASN C 346 -57.29 9.71 -4.38
CA ASN C 346 -56.94 10.56 -5.51
C ASN C 346 -55.44 10.59 -5.72
N GLY C 347 -54.75 9.51 -5.38
CA GLY C 347 -53.30 9.48 -5.38
C GLY C 347 -52.66 10.03 -4.14
N THR C 348 -53.45 10.56 -3.21
CA THR C 348 -52.94 11.09 -1.95
C THR C 348 -53.83 10.61 -0.81
N HIS C 349 -53.27 10.61 0.40
CA HIS C 349 -53.98 10.14 1.59
C HIS C 349 -54.97 11.20 2.02
N VAL C 350 -56.19 11.13 1.48
CA VAL C 350 -57.28 12.03 1.82
C VAL C 350 -58.40 11.21 2.43
N ILE C 351 -58.72 11.47 3.69
CA ILE C 351 -59.74 10.73 4.41
C ILE C 351 -60.78 11.70 4.98
N PRO C 352 -61.85 11.99 4.24
CA PRO C 352 -62.92 12.82 4.79
C PRO C 352 -63.55 12.14 6.00
N ASN C 353 -64.04 12.96 6.93
CA ASN C 353 -64.54 12.45 8.20
C ASN C 353 -65.68 11.45 7.99
N ASP C 354 -66.71 11.88 7.26
CA ASP C 354 -67.86 11.03 6.93
C ASP C 354 -68.40 10.32 8.17
N ARG C 355 -68.02 9.05 8.34
CA ARG C 355 -68.35 8.28 9.53
C ARG C 355 -67.08 7.69 10.10
N LYS C 356 -67.06 7.48 11.41
CA LYS C 356 -65.88 6.99 12.08
C LYS C 356 -65.54 5.58 11.61
N ILE C 357 -64.25 5.31 11.47
CA ILE C 357 -63.78 4.01 11.00
C ILE C 357 -63.76 3.04 12.17
N ILE C 358 -64.55 1.99 12.07
CA ILE C 358 -64.61 0.98 13.13
C ILE C 358 -63.53 -0.06 12.90
N TRP C 359 -63.21 -0.80 13.96
CA TRP C 359 -62.14 -1.78 13.94
C TRP C 359 -62.66 -3.10 14.50
N PRO C 360 -62.05 -4.23 14.13
CA PRO C 360 -62.58 -5.53 14.54
C PRO C 360 -62.58 -5.69 16.06
N GLY C 361 -63.53 -6.48 16.55
CA GLY C 361 -63.69 -6.69 17.97
C GLY C 361 -64.54 -5.67 18.69
N GLY C 362 -65.20 -4.78 17.97
CA GLY C 362 -66.04 -3.77 18.58
C GLY C 362 -65.32 -2.53 19.07
N GLU C 363 -64.00 -2.48 18.96
CA GLU C 363 -63.25 -1.31 19.39
C GLU C 363 -63.50 -0.13 18.46
N THR C 364 -63.42 1.08 19.02
CA THR C 364 -63.63 2.30 18.27
C THR C 364 -62.36 3.09 18.03
N GLU C 365 -61.37 3.00 18.91
CA GLU C 365 -60.11 3.71 18.76
C GLU C 365 -59.11 2.87 17.99
N LYS C 366 -58.41 3.50 17.06
CA LYS C 366 -57.43 2.80 16.24
C LYS C 366 -56.29 2.26 17.11
N PRO C 367 -56.02 0.95 17.07
CA PRO C 367 -54.94 0.41 17.89
C PRO C 367 -53.58 0.59 17.25
N ARG C 368 -52.55 0.04 17.87
CA ARG C 368 -51.19 0.06 17.33
C ARG C 368 -50.79 -1.35 16.93
N GLY C 369 -50.19 -1.46 15.74
CA GLY C 369 -49.83 -2.77 15.23
C GLY C 369 -48.76 -3.45 16.07
N TYR C 370 -47.72 -2.71 16.45
CA TYR C 370 -46.59 -3.30 17.14
C TYR C 370 -46.89 -3.45 18.63
N GLN C 371 -46.58 -4.62 19.18
CA GLN C 371 -46.72 -4.90 20.60
C GLN C 371 -45.38 -5.38 21.14
N MET C 372 -45.24 -5.32 22.46
CA MET C 372 -43.96 -5.60 23.13
C MET C 372 -43.93 -7.03 23.65
N SER C 373 -42.77 -7.67 23.52
CA SER C 373 -42.54 -9.02 24.01
C SER C 373 -41.63 -8.98 25.22
N THR C 374 -41.98 -9.75 26.26
CA THR C 374 -41.22 -9.81 27.49
C THR C 374 -40.63 -11.19 27.74
N ARG C 375 -40.50 -12.01 26.70
CA ARG C 375 -39.91 -13.34 26.82
C ARG C 375 -39.18 -13.62 25.51
N LEU C 376 -37.87 -13.43 25.52
CA LEU C 376 -37.06 -13.56 24.31
C LEU C 376 -36.02 -14.66 24.51
N LYS C 377 -35.86 -15.48 23.47
CA LYS C 377 -34.93 -16.60 23.53
C LYS C 377 -33.49 -16.10 23.45
N ILE C 378 -32.57 -16.90 24.00
CA ILE C 378 -31.16 -16.54 24.09
C ILE C 378 -30.33 -17.75 23.66
N VAL C 379 -29.41 -17.53 22.72
CA VAL C 379 -28.48 -18.56 22.28
C VAL C 379 -27.21 -18.47 23.10
N THR C 380 -26.53 -19.60 23.26
CA THR C 380 -25.30 -19.66 24.03
C THR C 380 -24.44 -20.79 23.49
N ILE C 381 -23.13 -20.68 23.70
CA ILE C 381 -22.16 -21.68 23.26
C ILE C 381 -21.35 -22.14 24.47
N HIS C 382 -20.67 -23.26 24.30
CA HIS C 382 -19.94 -23.92 25.39
C HIS C 382 -18.47 -23.53 25.32
N GLN C 383 -18.02 -22.74 26.29
CA GLN C 383 -16.60 -22.42 26.45
C GLN C 383 -16.26 -22.52 27.93
N GLU C 384 -14.99 -22.78 28.21
CA GLU C 384 -14.60 -23.18 29.55
C GLU C 384 -14.79 -22.07 30.58
N PRO C 385 -14.06 -20.95 30.51
CA PRO C 385 -14.12 -20.00 31.64
C PRO C 385 -15.40 -19.20 31.70
N PHE C 386 -16.16 -19.13 30.61
CA PHE C 386 -17.35 -18.28 30.55
C PHE C 386 -18.63 -19.04 30.87
N VAL C 387 -18.95 -20.08 30.10
CA VAL C 387 -20.24 -20.77 30.19
C VAL C 387 -19.96 -22.26 30.33
N TYR C 388 -19.94 -22.74 31.57
CA TYR C 388 -19.84 -24.17 31.80
C TYR C 388 -21.16 -24.86 31.47
N VAL C 389 -21.06 -26.12 31.03
CA VAL C 389 -22.22 -26.95 30.74
C VAL C 389 -22.14 -28.19 31.65
N LYS C 390 -23.19 -28.43 32.41
CA LYS C 390 -23.22 -29.53 33.37
C LYS C 390 -24.52 -30.31 33.18
N PRO C 391 -24.45 -31.62 32.88
CA PRO C 391 -25.67 -32.43 32.89
C PRO C 391 -26.25 -32.50 34.29
N THR C 392 -27.58 -32.51 34.37
CA THR C 392 -28.27 -32.45 35.64
C THR C 392 -28.41 -33.85 36.22
N LEU C 393 -29.12 -33.97 37.35
CA LEU C 393 -29.26 -35.22 38.07
C LEU C 393 -30.74 -35.58 38.23
N SER C 394 -31.08 -36.82 37.93
CA SER C 394 -32.41 -37.39 38.15
C SER C 394 -33.53 -36.48 37.67
N ASP C 395 -34.17 -35.78 38.61
CA ASP C 395 -35.32 -34.94 38.25
C ASP C 395 -34.89 -33.78 37.36
N GLY C 396 -33.74 -33.18 37.63
CA GLY C 396 -33.29 -32.06 36.84
C GLY C 396 -33.35 -30.72 37.56
N THR C 397 -33.03 -30.72 38.85
CA THR C 397 -33.08 -29.52 39.67
C THR C 397 -31.67 -28.99 39.99
N CYS C 398 -30.70 -29.30 39.14
CA CYS C 398 -29.30 -28.89 39.32
C CYS C 398 -28.82 -29.41 40.68
N LYS C 399 -27.91 -28.69 41.31
CA LYS C 399 -27.37 -29.09 42.61
C LYS C 399 -26.80 -27.87 43.31
N GLU C 400 -27.07 -27.76 44.61
CA GLU C 400 -26.53 -26.64 45.37
C GLU C 400 -25.01 -26.71 45.44
N GLU C 401 -24.38 -25.55 45.39
CA GLU C 401 -22.92 -25.47 45.41
C GLU C 401 -22.51 -24.11 45.94
N PHE C 402 -21.36 -24.07 46.60
CA PHE C 402 -20.85 -22.87 47.24
C PHE C 402 -19.44 -22.59 46.76
N THR C 403 -19.09 -21.31 46.75
CA THR C 403 -17.76 -20.86 46.33
C THR C 403 -16.80 -20.93 47.52
N VAL C 404 -15.61 -20.33 47.36
CA VAL C 404 -14.64 -20.30 48.44
C VAL C 404 -15.20 -19.53 49.63
N ASN C 405 -15.86 -18.41 49.36
CA ASN C 405 -16.51 -17.63 50.42
C ASN C 405 -17.82 -18.25 50.88
N GLY C 406 -18.30 -19.29 50.22
CA GLY C 406 -19.53 -19.95 50.60
C GLY C 406 -20.80 -19.37 50.01
N ASP C 407 -20.71 -18.29 49.24
CA ASP C 407 -21.89 -17.69 48.65
C ASP C 407 -22.46 -18.62 47.57
N PRO C 408 -23.78 -18.63 47.40
CA PRO C 408 -24.38 -19.49 46.37
C PRO C 408 -24.01 -19.05 44.98
N VAL C 409 -24.00 -20.01 44.06
CA VAL C 409 -23.71 -19.77 42.65
C VAL C 409 -25.03 -19.88 41.89
N LYS C 410 -25.37 -18.82 41.16
CA LYS C 410 -26.63 -18.80 40.41
C LYS C 410 -26.55 -19.76 39.22
N LYS C 411 -27.59 -20.57 39.06
CA LYS C 411 -27.66 -21.55 37.99
C LYS C 411 -29.01 -21.44 37.29
N VAL C 412 -29.01 -21.62 35.98
CA VAL C 412 -30.21 -21.49 35.16
C VAL C 412 -30.36 -22.76 34.32
N ILE C 413 -31.60 -23.24 34.19
CA ILE C 413 -31.86 -24.44 33.43
C ILE C 413 -31.44 -24.24 31.99
N CYS C 414 -30.62 -25.16 31.48
CA CYS C 414 -29.95 -25.02 30.19
C CYS C 414 -30.49 -26.11 29.25
N THR C 415 -31.58 -25.81 28.56
CA THR C 415 -32.09 -26.74 27.57
C THR C 415 -31.21 -26.73 26.33
N GLY C 416 -31.37 -27.74 25.49
CA GLY C 416 -30.64 -27.83 24.25
C GLY C 416 -30.06 -29.20 23.98
N PRO C 417 -29.30 -29.31 22.89
CA PRO C 417 -28.74 -30.62 22.52
C PRO C 417 -27.73 -31.12 23.54
N ASN C 418 -27.66 -32.44 23.66
CA ASN C 418 -26.72 -33.10 24.56
C ASN C 418 -26.25 -34.39 23.90
N ASP C 419 -25.05 -34.82 24.28
CA ASP C 419 -24.41 -36.01 23.68
C ASP C 419 -24.29 -35.83 22.16
N THR C 420 -23.47 -34.84 21.78
CA THR C 420 -23.30 -34.47 20.39
C THR C 420 -23.03 -35.69 19.50
N SER C 421 -21.92 -36.39 19.77
CA SER C 421 -21.56 -37.63 19.09
C SER C 421 -21.64 -37.47 17.58
N PRO C 422 -20.67 -36.79 16.96
CA PRO C 422 -20.74 -36.54 15.52
C PRO C 422 -20.88 -37.84 14.73
N GLY C 423 -21.76 -37.82 13.74
CA GLY C 423 -22.12 -39.02 13.00
C GLY C 423 -23.18 -39.87 13.66
N SER C 424 -23.75 -39.42 14.77
CA SER C 424 -24.78 -40.14 15.51
C SER C 424 -25.95 -39.22 15.81
N PRO C 425 -27.16 -39.78 15.92
CA PRO C 425 -28.32 -38.93 16.22
C PRO C 425 -28.17 -38.22 17.57
N ARG C 426 -28.66 -36.99 17.63
CA ARG C 426 -28.57 -36.15 18.82
C ARG C 426 -29.87 -36.23 19.62
N HIS C 427 -29.76 -35.89 20.90
CA HIS C 427 -30.89 -35.91 21.82
C HIS C 427 -30.93 -34.61 22.61
N THR C 428 -32.13 -34.18 22.96
CA THR C 428 -32.36 -32.94 23.69
C THR C 428 -32.81 -33.27 25.12
N VAL C 429 -32.18 -32.64 26.10
CA VAL C 429 -32.51 -32.85 27.50
C VAL C 429 -32.07 -31.62 28.29
N PRO C 430 -32.89 -31.10 29.19
CA PRO C 430 -32.49 -29.93 29.97
C PRO C 430 -31.23 -30.19 30.79
N GLN C 431 -30.38 -29.16 30.88
CA GLN C 431 -29.13 -29.26 31.62
C GLN C 431 -28.97 -28.07 32.55
N CYS C 432 -27.81 -27.93 33.18
CA CYS C 432 -27.52 -26.85 34.10
C CYS C 432 -26.41 -25.98 33.52
N CYS C 433 -26.67 -24.67 33.44
CA CYS C 433 -25.74 -23.72 32.88
C CYS C 433 -25.39 -22.64 33.91
N TYR C 434 -24.12 -22.27 33.98
CA TYR C 434 -23.66 -21.25 34.89
C TYR C 434 -22.28 -20.79 34.46
N GLY C 435 -21.87 -19.63 34.97
CA GLY C 435 -20.55 -19.11 34.71
C GLY C 435 -20.56 -17.60 34.60
N PHE C 436 -19.52 -17.08 33.94
CA PHE C 436 -19.35 -15.62 33.82
C PHE C 436 -20.40 -15.02 32.90
N CYS C 437 -20.42 -15.47 31.64
CA CYS C 437 -21.32 -14.88 30.66
C CYS C 437 -22.79 -15.04 31.06
N ILE C 438 -23.13 -16.15 31.72
CA ILE C 438 -24.50 -16.33 32.18
C ILE C 438 -24.82 -15.38 33.33
N ASP C 439 -23.87 -15.19 34.24
CA ASP C 439 -24.10 -14.31 35.39
C ASP C 439 -24.44 -12.89 34.94
N LEU C 440 -23.78 -12.42 33.87
CA LEU C 440 -24.06 -11.08 33.37
C LEU C 440 -25.49 -10.97 32.86
N LEU C 441 -26.02 -12.03 32.27
CA LEU C 441 -27.38 -12.01 31.76
C LEU C 441 -28.39 -11.80 32.88
N ILE C 442 -28.17 -12.43 34.03
CA ILE C 442 -29.10 -12.29 35.14
C ILE C 442 -29.12 -10.86 35.65
N LYS C 443 -27.97 -10.18 35.63
CA LYS C 443 -27.92 -8.79 36.07
C LYS C 443 -28.75 -7.89 35.15
N LEU C 444 -28.63 -8.08 33.83
CA LEU C 444 -29.37 -7.25 32.89
C LEU C 444 -30.88 -7.46 33.03
N ALA C 445 -31.31 -8.72 33.10
CA ALA C 445 -32.74 -9.01 33.16
C ALA C 445 -33.35 -8.50 34.46
N ARG C 446 -32.63 -8.62 35.57
CA ARG C 446 -33.17 -8.21 36.86
C ARG C 446 -33.47 -6.72 36.93
N THR C 447 -32.78 -5.91 36.13
CA THR C 447 -32.98 -4.47 36.11
C THR C 447 -33.70 -3.99 34.86
N MET C 448 -34.38 -4.89 34.16
CA MET C 448 -35.03 -4.53 32.91
C MET C 448 -36.42 -5.12 32.75
N ASN C 449 -36.87 -5.94 33.70
CA ASN C 449 -38.23 -6.50 33.71
C ASN C 449 -38.53 -7.31 32.45
N PHE C 450 -37.78 -8.40 32.29
CA PHE C 450 -38.08 -9.39 31.25
C PHE C 450 -37.54 -10.74 31.68
N THR C 451 -38.01 -11.78 31.00
CA THR C 451 -37.67 -13.17 31.33
C THR C 451 -36.86 -13.78 30.18
N TYR C 452 -36.55 -15.07 30.32
CA TYR C 452 -35.65 -15.74 29.39
C TYR C 452 -35.83 -17.24 29.50
N GLU C 453 -35.30 -17.96 28.50
CA GLU C 453 -35.15 -19.41 28.56
C GLU C 453 -33.99 -19.78 27.65
N VAL C 454 -32.83 -20.04 28.25
CA VAL C 454 -31.59 -20.21 27.50
C VAL C 454 -31.54 -21.61 26.89
N HIS C 455 -31.18 -21.69 25.62
CA HIS C 455 -30.94 -22.97 24.95
C HIS C 455 -29.65 -22.87 24.15
N LEU C 456 -28.88 -23.95 24.15
CA LEU C 456 -27.60 -23.97 23.45
C LEU C 456 -27.83 -23.97 21.95
N VAL C 457 -26.72 -23.97 21.21
CA VAL C 457 -26.75 -23.93 19.76
C VAL C 457 -26.65 -25.35 19.22
N ALA C 458 -27.13 -25.55 17.99
CA ALA C 458 -27.15 -26.88 17.40
C ALA C 458 -25.74 -27.43 17.21
N ASP C 459 -24.82 -26.61 16.74
CA ASP C 459 -23.43 -27.00 16.58
C ASP C 459 -22.54 -25.90 17.13
N GLY C 460 -21.58 -26.27 17.97
CA GLY C 460 -20.78 -25.29 18.67
C GLY C 460 -19.78 -24.56 17.78
N LYS C 461 -20.29 -23.91 16.74
CA LYS C 461 -19.47 -23.15 15.82
C LYS C 461 -20.00 -21.72 15.75
N PHE C 462 -19.10 -20.75 15.86
CA PHE C 462 -19.50 -19.36 15.74
C PHE C 462 -19.91 -19.05 14.30
N GLY C 463 -20.70 -17.99 14.15
CA GLY C 463 -21.22 -17.60 12.85
C GLY C 463 -20.14 -17.30 11.83
N THR C 464 -20.27 -17.87 10.63
CA THR C 464 -19.30 -17.69 9.57
C THR C 464 -20.03 -17.75 8.24
N GLN C 465 -19.37 -17.26 7.19
CA GLN C 465 -20.01 -17.14 5.88
C GLN C 465 -20.09 -18.47 5.16
N GLU C 466 -18.93 -19.13 4.99
CA GLU C 466 -18.82 -20.35 4.19
C GLU C 466 -19.40 -20.14 2.79
N ARG C 467 -18.73 -19.26 2.05
CA ARG C 467 -19.20 -18.85 0.73
C ARG C 467 -19.21 -20.04 -0.23
N VAL C 468 -20.41 -20.53 -0.54
CA VAL C 468 -20.55 -21.65 -1.47
C VAL C 468 -21.21 -21.23 -2.78
N ASN C 469 -21.87 -20.07 -2.83
CA ASN C 469 -22.47 -19.45 -4.00
C ASN C 469 -23.67 -20.22 -4.55
N ASN C 470 -24.02 -21.36 -3.98
CA ASN C 470 -25.20 -22.08 -4.44
C ASN C 470 -26.48 -21.33 -4.08
N SER C 471 -26.62 -20.91 -2.82
CA SER C 471 -27.81 -20.23 -2.36
C SER C 471 -27.60 -18.71 -2.35
N ASN C 472 -27.28 -18.17 -3.52
CA ASN C 472 -27.12 -16.72 -3.72
C ASN C 472 -26.11 -16.14 -2.72
N LYS C 473 -24.85 -16.55 -2.92
CA LYS C 473 -23.73 -16.18 -2.06
C LYS C 473 -23.85 -16.83 -0.69
N LYS C 474 -24.24 -18.11 -0.67
CA LYS C 474 -24.27 -18.94 0.53
C LYS C 474 -25.18 -18.37 1.61
N GLU C 475 -25.00 -18.86 2.84
CA GLU C 475 -25.81 -18.46 3.97
C GLU C 475 -25.01 -18.68 5.24
N TRP C 476 -25.47 -18.05 6.32
CA TRP C 476 -24.78 -18.16 7.60
C TRP C 476 -24.99 -19.55 8.20
N ASN C 477 -24.43 -19.75 9.39
CA ASN C 477 -24.57 -21.00 10.12
C ASN C 477 -24.23 -20.74 11.58
N GLY C 478 -24.32 -21.79 12.39
CA GLY C 478 -23.94 -21.67 13.78
C GLY C 478 -24.82 -20.73 14.57
N MET C 479 -24.21 -20.07 15.57
CA MET C 479 -24.96 -19.18 16.44
C MET C 479 -25.53 -17.99 15.68
N MET C 480 -24.69 -17.33 14.89
CA MET C 480 -25.11 -16.10 14.24
C MET C 480 -26.05 -16.34 13.07
N GLY C 481 -26.11 -17.57 12.55
CA GLY C 481 -27.15 -17.91 11.60
C GLY C 481 -28.50 -18.10 12.23
N GLU C 482 -28.55 -18.52 13.49
CA GLU C 482 -29.81 -18.70 14.19
C GLU C 482 -30.44 -17.38 14.64
N LEU C 483 -29.64 -16.32 14.73
CA LEU C 483 -30.18 -15.04 15.21
C LEU C 483 -31.11 -14.42 14.17
N LEU C 484 -30.69 -14.39 12.91
CA LEU C 484 -31.47 -13.69 11.88
C LEU C 484 -32.72 -14.46 11.48
N SER C 485 -32.73 -15.78 11.67
CA SER C 485 -33.93 -16.56 11.33
C SER C 485 -35.11 -16.15 12.20
N GLY C 486 -34.89 -15.95 13.49
CA GLY C 486 -35.95 -15.57 14.39
C GLY C 486 -36.11 -16.53 15.55
N GLN C 487 -35.18 -17.47 15.69
CA GLN C 487 -35.24 -18.42 16.79
C GLN C 487 -34.97 -17.74 18.13
N ALA C 488 -33.98 -16.86 18.18
CA ALA C 488 -33.61 -16.16 19.40
C ALA C 488 -33.29 -14.71 19.07
N ASP C 489 -33.00 -13.93 20.11
CA ASP C 489 -32.78 -12.50 19.96
C ASP C 489 -31.41 -12.02 20.41
N MET C 490 -30.82 -12.62 21.45
CA MET C 490 -29.57 -12.14 22.00
C MET C 490 -28.54 -13.26 21.99
N ILE C 491 -27.33 -12.94 21.54
CA ILE C 491 -26.20 -13.87 21.59
C ILE C 491 -25.43 -13.54 22.85
N VAL C 492 -25.80 -14.16 23.96
CA VAL C 492 -25.09 -13.97 25.24
C VAL C 492 -24.02 -15.06 25.28
N ALA C 493 -22.90 -14.76 24.62
CA ALA C 493 -21.80 -15.71 24.50
C ALA C 493 -20.54 -14.94 24.12
N PRO C 494 -19.36 -15.52 24.36
CA PRO C 494 -18.14 -14.87 23.88
C PRO C 494 -18.11 -14.77 22.37
N LEU C 495 -18.19 -13.54 21.85
CA LEU C 495 -18.32 -13.31 20.42
C LEU C 495 -17.53 -12.07 20.05
N THR C 496 -16.44 -12.25 19.29
CA THR C 496 -15.68 -11.11 18.81
C THR C 496 -16.45 -10.39 17.72
N ILE C 497 -16.13 -9.11 17.54
CA ILE C 497 -16.83 -8.26 16.58
C ILE C 497 -15.85 -7.83 15.50
N ASN C 498 -16.29 -7.90 14.25
CA ASN C 498 -15.48 -7.52 13.12
C ASN C 498 -16.38 -6.91 12.05
N ASN C 499 -15.82 -6.66 10.86
CA ASN C 499 -16.54 -5.92 9.83
C ASN C 499 -17.70 -6.72 9.26
N GLU C 500 -17.50 -8.01 9.00
CA GLU C 500 -18.51 -8.80 8.30
C GLU C 500 -19.79 -8.89 9.12
N ARG C 501 -19.68 -9.25 10.40
CA ARG C 501 -20.87 -9.44 11.21
C ARG C 501 -21.56 -8.12 11.51
N ALA C 502 -20.80 -7.03 11.65
CA ALA C 502 -21.40 -5.74 11.99
C ALA C 502 -22.31 -5.22 10.88
N GLN C 503 -22.20 -5.75 9.66
CA GLN C 503 -23.07 -5.29 8.58
C GLN C 503 -24.51 -5.71 8.80
N TYR C 504 -24.74 -6.88 9.40
CA TYR C 504 -26.09 -7.41 9.56
C TYR C 504 -26.64 -7.27 10.96
N ILE C 505 -25.79 -7.20 11.98
CA ILE C 505 -26.24 -7.08 13.36
C ILE C 505 -25.37 -6.08 14.09
N GLU C 506 -26.00 -5.13 14.78
CA GLU C 506 -25.27 -4.23 15.66
C GLU C 506 -24.84 -4.99 16.92
N PHE C 507 -23.77 -4.50 17.55
CA PHE C 507 -23.04 -5.29 18.54
C PHE C 507 -22.95 -4.63 19.90
N SER C 508 -23.73 -3.59 20.17
CA SER C 508 -23.83 -2.97 21.50
C SER C 508 -22.42 -2.53 21.93
N LYS C 509 -21.99 -2.81 23.16
CA LYS C 509 -20.72 -2.36 23.67
C LYS C 509 -19.94 -3.53 24.26
N PRO C 510 -18.61 -3.45 24.30
CA PRO C 510 -17.81 -4.63 24.63
C PRO C 510 -17.92 -5.03 26.10
N PHE C 511 -17.92 -6.35 26.33
CA PHE C 511 -17.70 -6.88 27.68
C PHE C 511 -16.36 -6.41 28.22
N LYS C 512 -15.29 -6.84 27.58
CA LYS C 512 -13.92 -6.63 28.01
C LYS C 512 -13.04 -6.72 26.78
N TYR C 513 -11.80 -6.24 26.91
CA TYR C 513 -10.89 -6.12 25.79
C TYR C 513 -9.84 -7.23 25.86
N GLN C 514 -9.65 -7.94 24.75
CA GLN C 514 -8.74 -9.08 24.69
C GLN C 514 -8.05 -9.09 23.34
N GLY C 515 -7.22 -10.10 23.13
CA GLY C 515 -6.49 -10.26 21.89
C GLY C 515 -6.20 -11.71 21.56
N LEU C 516 -5.40 -11.95 20.53
CA LEU C 516 -5.07 -13.30 20.08
C LEU C 516 -3.61 -13.60 20.43
N THR C 517 -3.38 -14.76 21.06
CA THR C 517 -2.04 -15.19 21.42
C THR C 517 -1.82 -16.64 21.03
N ILE C 518 -0.68 -17.21 21.43
CA ILE C 518 -0.32 -18.58 21.11
C ILE C 518 0.18 -19.27 22.38
N LEU C 519 -0.25 -20.52 22.59
CA LEU C 519 0.24 -21.32 23.69
C LEU C 519 1.04 -22.50 23.16
N VAL C 520 2.11 -22.85 23.87
CA VAL C 520 2.96 -23.98 23.53
C VAL C 520 3.28 -24.73 24.81
N LYS C 521 3.28 -26.06 24.74
CA LYS C 521 3.60 -26.87 25.89
C LYS C 521 5.00 -26.56 26.41
N LYS C 522 5.13 -26.45 27.73
CA LYS C 522 6.43 -26.26 28.34
C LYS C 522 7.29 -27.49 28.12
N GLU C 523 8.60 -27.28 28.06
CA GLU C 523 9.55 -28.33 27.72
C GLU C 523 10.54 -28.52 28.87
N ILE C 524 10.81 -29.78 29.19
CA ILE C 524 11.83 -30.17 30.16
C ILE C 524 11.62 -29.44 31.48
N PRO C 525 10.61 -29.82 32.27
CA PRO C 525 10.43 -29.16 33.58
C PRO C 525 11.65 -29.27 34.47
N ARG C 526 12.42 -30.35 34.35
CA ARG C 526 13.68 -30.52 35.07
C ARG C 526 14.75 -30.76 34.00
N SER C 527 15.30 -29.68 33.46
CA SER C 527 16.33 -29.79 32.44
C SER C 527 17.67 -30.13 33.07
N THR C 528 18.62 -30.51 32.21
CA THR C 528 19.94 -30.97 32.64
C THR C 528 19.82 -32.09 33.65
N LEU C 529 18.99 -33.08 33.32
CA LEU C 529 18.77 -34.23 34.18
C LEU C 529 20.05 -35.04 34.36
N ASP C 530 21.03 -34.86 33.46
CA ASP C 530 22.32 -35.53 33.59
C ASP C 530 22.90 -35.31 34.98
N SER C 531 23.00 -36.39 35.74
CA SER C 531 23.37 -36.31 37.14
C SER C 531 24.90 -36.27 37.28
N PHE C 532 25.37 -36.48 38.50
CA PHE C 532 26.80 -36.62 38.76
C PHE C 532 27.32 -37.91 38.15
N MET C 533 28.60 -38.17 38.36
CA MET C 533 29.36 -39.22 37.68
C MET C 533 29.43 -39.01 36.17
N GLN C 534 28.98 -37.85 35.69
CA GLN C 534 29.11 -37.46 34.29
C GLN C 534 30.48 -36.83 34.01
N PRO C 535 30.97 -35.89 34.82
CA PRO C 535 32.27 -35.28 34.51
C PRO C 535 33.40 -36.30 34.55
N PHE C 536 34.42 -36.04 33.73
CA PHE C 536 35.60 -36.88 33.54
C PHE C 536 35.27 -38.20 32.86
N GLN C 537 34.04 -38.38 32.40
CA GLN C 537 33.63 -39.57 31.64
C GLN C 537 34.00 -40.81 32.45
N SER C 538 34.35 -41.90 31.77
CA SER C 538 34.87 -43.10 32.42
C SER C 538 36.38 -43.20 32.35
N THR C 539 36.98 -42.75 31.25
CA THR C 539 38.38 -43.04 30.97
C THR C 539 39.32 -42.55 32.07
N LEU C 540 39.09 -41.35 32.59
CA LEU C 540 39.97 -40.85 33.65
C LEU C 540 39.73 -41.59 34.97
N TRP C 541 38.52 -42.08 35.19
CA TRP C 541 38.19 -42.64 36.50
C TRP C 541 38.79 -44.02 36.72
N LEU C 542 38.81 -44.87 35.67
CA LEU C 542 39.65 -46.06 35.78
C LEU C 542 41.12 -45.72 35.68
N LEU C 543 41.45 -44.55 35.13
CA LEU C 543 42.83 -44.09 35.10
C LEU C 543 43.29 -43.62 36.48
N VAL C 544 42.47 -42.81 37.16
CA VAL C 544 42.87 -42.31 38.47
C VAL C 544 42.92 -43.44 39.49
N GLY C 545 41.98 -44.39 39.39
CA GLY C 545 42.07 -45.57 40.24
C GLY C 545 43.34 -46.37 39.98
N LEU C 546 43.71 -46.51 38.72
CA LEU C 546 45.03 -47.06 38.40
C LEU C 546 46.14 -46.13 38.88
N SER C 547 45.92 -44.81 38.76
CA SER C 547 46.93 -43.87 39.22
C SER C 547 47.10 -43.95 40.73
N VAL C 548 45.99 -43.98 41.48
CA VAL C 548 46.11 -44.06 42.93
C VAL C 548 46.70 -45.40 43.36
N HIS C 549 46.50 -46.45 42.55
CA HIS C 549 47.11 -47.73 42.83
C HIS C 549 48.62 -47.68 42.67
N VAL C 550 49.10 -47.05 41.58
CA VAL C 550 50.53 -47.07 41.31
C VAL C 550 51.30 -46.15 42.27
N VAL C 551 50.73 -45.02 42.66
CA VAL C 551 51.44 -44.12 43.56
C VAL C 551 51.54 -44.71 44.96
N ALA C 552 50.80 -45.78 45.24
CA ALA C 552 50.87 -46.42 46.54
C ALA C 552 52.07 -47.35 46.65
N VAL C 553 52.36 -48.13 45.61
CA VAL C 553 53.38 -49.17 45.74
C VAL C 553 54.78 -48.56 45.81
N MET C 554 55.09 -47.58 44.95
CA MET C 554 56.50 -47.22 44.79
C MET C 554 57.01 -46.40 45.98
N LEU C 555 56.11 -45.79 46.76
CA LEU C 555 56.57 -45.06 47.93
C LEU C 555 57.20 -46.00 48.94
N TYR C 556 56.59 -47.17 49.15
CA TYR C 556 57.21 -48.17 50.02
C TYR C 556 58.53 -48.66 49.45
N LEU C 557 58.58 -48.89 48.14
CA LEU C 557 59.83 -49.26 47.50
C LEU C 557 60.85 -48.12 47.57
N LEU C 558 60.38 -46.87 47.52
CA LEU C 558 61.23 -45.72 47.71
C LEU C 558 61.55 -45.45 49.18
N ASP C 559 61.22 -46.39 50.07
CA ASP C 559 61.45 -46.19 51.50
C ASP C 559 62.23 -47.35 52.10
N ARG C 560 62.07 -48.55 51.55
CA ARG C 560 62.78 -49.71 52.09
C ARG C 560 64.28 -49.60 51.84
N PHE C 561 64.67 -49.30 50.60
CA PHE C 561 66.08 -49.15 50.24
C PHE C 561 66.51 -47.68 50.33
N SER C 562 66.34 -47.12 51.52
CA SER C 562 66.64 -45.73 51.79
C SER C 562 67.53 -45.62 53.02
N PRO C 563 68.42 -44.62 53.06
CA PRO C 563 69.30 -44.41 54.22
C PRO C 563 68.53 -43.89 55.43
N ALA C 578 60.71 -44.38 58.39
CA ALA C 578 60.71 -45.81 58.66
C ALA C 578 59.30 -46.35 58.82
N LEU C 579 58.56 -46.39 57.71
CA LEU C 579 57.18 -46.84 57.68
C LEU C 579 57.10 -48.24 57.06
N THR C 580 55.87 -48.72 56.90
CA THR C 580 55.58 -49.99 56.27
C THR C 580 54.67 -49.76 55.07
N LEU C 581 54.45 -50.84 54.31
CA LEU C 581 53.56 -50.75 53.15
C LEU C 581 52.12 -50.46 53.55
N SER C 582 51.76 -50.66 54.81
CA SER C 582 50.40 -50.37 55.26
C SER C 582 50.08 -48.88 55.15
N SER C 583 51.08 -48.01 55.33
CA SER C 583 50.86 -46.58 55.21
C SER C 583 50.52 -46.17 53.78
N ALA C 584 50.85 -47.00 52.79
CA ALA C 584 50.66 -46.63 51.39
C ALA C 584 49.19 -46.41 51.07
N MET C 585 48.34 -47.38 51.42
CA MET C 585 46.92 -47.26 51.09
C MET C 585 46.28 -46.08 51.80
N TRP C 586 46.62 -45.87 53.07
CA TRP C 586 45.99 -44.77 53.81
C TRP C 586 46.49 -43.41 53.33
N PHE C 587 47.79 -43.29 53.06
CA PHE C 587 48.33 -42.01 52.59
C PHE C 587 47.83 -41.68 51.19
N SER C 588 47.76 -42.68 50.30
CA SER C 588 47.35 -42.43 48.93
C SER C 588 45.93 -41.88 48.87
N TRP C 589 44.99 -42.57 49.51
CA TRP C 589 43.61 -42.10 49.50
C TRP C 589 43.39 -40.92 50.45
N GLY C 590 44.19 -40.83 51.52
CA GLY C 590 43.95 -39.81 52.52
C GLY C 590 44.08 -38.40 51.98
N VAL C 591 45.08 -38.17 51.13
CA VAL C 591 45.27 -36.83 50.57
C VAL C 591 44.13 -36.47 49.65
N LEU C 592 43.62 -37.43 48.88
CA LEU C 592 42.61 -37.15 47.88
C LEU C 592 41.33 -36.60 48.49
N LEU C 593 40.68 -37.39 49.34
CA LEU C 593 39.34 -37.05 49.81
C LEU C 593 39.38 -36.23 51.09
N ASN C 594 40.24 -35.21 51.12
CA ASN C 594 40.35 -34.21 52.18
C ASN C 594 40.12 -34.77 53.57
N SER C 595 40.68 -35.94 53.87
CA SER C 595 40.38 -36.65 55.10
C SER C 595 41.60 -36.72 56.01
N GLY C 596 41.32 -36.94 57.30
CA GLY C 596 42.36 -37.14 58.28
C GLY C 596 42.54 -38.61 58.60
N ILE C 597 42.17 -39.47 57.65
CA ILE C 597 42.28 -40.91 57.87
C ILE C 597 43.73 -41.33 58.07
N GLY C 598 44.65 -40.72 57.32
CA GLY C 598 46.05 -41.09 57.44
C GLY C 598 46.61 -40.77 58.80
N GLU C 599 47.63 -41.53 59.20
CA GLU C 599 48.22 -41.39 60.52
C GLU C 599 49.41 -40.43 60.51
N GLY C 600 50.43 -40.73 59.72
CA GLY C 600 51.63 -39.93 59.69
C GLY C 600 52.22 -39.83 58.29
N ALA C 601 53.11 -38.86 58.13
CA ALA C 601 53.86 -38.55 56.93
C ALA C 601 55.14 -39.37 56.86
N PRO C 602 55.65 -39.63 55.65
CA PRO C 602 56.89 -40.42 55.54
C PRO C 602 58.06 -39.73 56.22
N ARG C 603 58.91 -40.54 56.84
CA ARG C 603 60.12 -40.06 57.52
C ARG C 603 61.32 -40.49 56.69
N SER C 604 61.70 -39.63 55.75
CA SER C 604 62.80 -39.91 54.83
C SER C 604 63.25 -38.57 54.22
N PHE C 605 64.06 -38.65 53.17
CA PHE C 605 64.44 -37.48 52.41
C PHE C 605 64.35 -37.70 50.90
N SER C 606 63.83 -38.84 50.48
CA SER C 606 63.63 -39.15 49.06
C SER C 606 62.17 -39.08 48.63
N ALA C 607 61.26 -39.61 49.45
CA ALA C 607 59.83 -39.54 49.18
C ALA C 607 59.19 -38.25 49.66
N ARG C 608 59.96 -37.35 50.29
CA ARG C 608 59.42 -36.08 50.73
C ARG C 608 58.92 -35.25 49.57
N ILE C 609 59.68 -35.23 48.47
CA ILE C 609 59.26 -34.48 47.30
C ILE C 609 58.02 -35.13 46.66
N LEU C 610 57.84 -36.44 46.87
CA LEU C 610 56.67 -37.12 46.31
C LEU C 610 55.38 -36.60 46.94
N GLY C 611 55.38 -36.40 48.27
CA GLY C 611 54.16 -35.98 48.94
C GLY C 611 53.66 -34.64 48.43
N MET C 612 54.56 -33.67 48.31
CA MET C 612 54.17 -32.38 47.74
C MET C 612 53.73 -32.49 46.29
N VAL C 613 54.51 -33.21 45.48
CA VAL C 613 54.12 -33.40 44.09
C VAL C 613 52.77 -34.07 44.01
N TRP C 614 52.51 -35.01 44.92
CA TRP C 614 51.21 -35.66 44.96
C TRP C 614 50.10 -34.70 45.38
N ALA C 615 50.41 -33.73 46.24
CA ALA C 615 49.40 -32.80 46.71
C ALA C 615 48.79 -31.99 45.58
N GLY C 616 49.55 -31.76 44.50
CA GLY C 616 49.03 -30.98 43.40
C GLY C 616 47.84 -31.64 42.73
N PHE C 617 47.96 -32.94 42.42
CA PHE C 617 46.88 -33.63 41.74
C PHE C 617 45.64 -33.71 42.62
N ALA C 618 45.81 -33.72 43.94
CA ALA C 618 44.67 -33.61 44.82
C ALA C 618 43.97 -32.27 44.63
N MET C 619 44.74 -31.20 44.45
CA MET C 619 44.15 -29.88 44.24
C MET C 619 43.52 -29.76 42.86
N ILE C 620 44.23 -30.21 41.82
CA ILE C 620 43.75 -29.99 40.46
C ILE C 620 42.47 -30.78 40.20
N ILE C 621 42.44 -32.05 40.64
CA ILE C 621 41.28 -32.89 40.38
C ILE C 621 40.04 -32.31 41.04
N VAL C 622 40.17 -31.90 42.31
CA VAL C 622 39.03 -31.28 42.98
C VAL C 622 38.73 -29.91 42.43
N ALA C 623 39.72 -29.24 41.83
CA ALA C 623 39.47 -27.95 41.20
C ALA C 623 38.64 -28.11 39.94
N SER C 624 39.02 -29.07 39.09
CA SER C 624 38.29 -29.27 37.83
C SER C 624 36.87 -29.77 38.08
N TYR C 625 36.68 -30.63 39.07
CA TYR C 625 35.36 -31.19 39.34
C TYR C 625 34.35 -30.09 39.64
N THR C 626 34.70 -29.18 40.56
CA THR C 626 33.81 -28.07 40.87
C THR C 626 33.75 -27.05 39.74
N ALA C 627 34.83 -26.91 38.98
CA ALA C 627 34.88 -25.92 37.91
C ALA C 627 33.82 -26.20 36.84
N ASN C 628 33.79 -27.43 36.31
CA ASN C 628 32.85 -27.72 35.24
C ASN C 628 31.44 -27.98 35.76
N LEU C 629 31.30 -28.43 37.01
CA LEU C 629 29.98 -28.77 37.53
C LEU C 629 29.07 -27.55 37.58
N ALA C 630 29.59 -26.42 38.04
CA ALA C 630 28.77 -25.21 38.11
C ALA C 630 28.50 -24.63 36.73
N ALA C 631 29.32 -24.95 35.73
CA ALA C 631 29.10 -24.44 34.39
C ALA C 631 27.80 -24.97 33.79
N PHE C 632 27.53 -26.27 33.96
CA PHE C 632 26.29 -26.84 33.46
C PHE C 632 25.07 -26.29 34.19
N LEU C 633 25.20 -26.03 35.49
CA LEU C 633 24.07 -25.53 36.27
C LEU C 633 23.76 -24.07 35.99
N VAL C 634 24.70 -23.33 35.38
CA VAL C 634 24.52 -21.89 35.23
C VAL C 634 24.58 -21.48 33.76
N LEU C 635 25.73 -21.71 33.12
CA LEU C 635 25.97 -21.13 31.80
C LEU C 635 25.11 -21.79 30.73
N ASP C 636 24.91 -23.10 30.82
CA ASP C 636 24.19 -23.84 29.79
C ASP C 636 22.71 -23.48 29.85
N ARG C 637 22.28 -22.61 28.94
CA ARG C 637 20.88 -22.17 28.86
C ARG C 637 20.41 -22.23 27.41
N PRO C 638 20.27 -23.44 26.85
CA PRO C 638 19.74 -23.55 25.47
C PRO C 638 18.24 -23.78 25.44
N GLU C 639 17.60 -23.11 24.48
CA GLU C 639 16.15 -23.24 24.30
C GLU C 639 15.77 -22.68 22.95
N GLU C 640 14.72 -23.26 22.35
CA GLU C 640 14.19 -22.74 21.09
C GLU C 640 13.26 -21.55 21.34
N ARG C 641 12.16 -21.79 22.04
CA ARG C 641 11.24 -20.74 22.51
C ARG C 641 10.72 -19.92 21.34
N ILE C 642 9.92 -20.58 20.51
CA ILE C 642 9.23 -19.93 19.39
C ILE C 642 8.51 -18.69 19.90
N THR C 643 8.82 -17.53 19.32
CA THR C 643 8.32 -16.26 19.81
C THR C 643 7.74 -15.44 18.66
N GLY C 644 6.60 -14.80 18.92
CA GLY C 644 6.03 -13.84 17.99
C GLY C 644 5.41 -14.45 16.75
N ILE C 645 4.58 -13.66 16.06
CA ILE C 645 4.02 -14.08 14.79
C ILE C 645 4.91 -13.67 13.62
N ASN C 646 5.69 -12.61 13.79
CA ASN C 646 6.58 -12.14 12.73
C ASN C 646 7.73 -13.09 12.45
N ASP C 647 7.94 -14.10 13.30
CA ASP C 647 9.01 -15.05 13.07
C ASP C 647 8.76 -15.80 11.77
N PRO C 648 9.80 -16.05 10.97
CA PRO C 648 9.60 -16.79 9.70
C PRO C 648 9.12 -18.21 9.89
N ARG C 649 9.25 -18.78 11.09
CA ARG C 649 8.78 -20.14 11.33
C ARG C 649 7.29 -20.28 11.03
N LEU C 650 6.50 -19.23 11.29
CA LEU C 650 5.09 -19.28 10.98
C LEU C 650 4.84 -19.15 9.48
N ARG C 651 5.65 -18.34 8.80
CA ARG C 651 5.44 -18.13 7.37
C ARG C 651 5.71 -19.42 6.58
N ASN C 652 6.86 -20.05 6.82
CA ASN C 652 7.16 -21.29 6.11
C ASN C 652 6.35 -22.45 6.71
N PRO C 653 5.94 -23.40 5.87
CA PRO C 653 5.27 -24.58 6.40
C PRO C 653 6.19 -25.37 7.32
N SER C 654 5.62 -25.92 8.39
CA SER C 654 6.35 -26.71 9.36
C SER C 654 5.68 -28.05 9.53
N ASP C 655 6.48 -29.13 9.47
CA ASP C 655 5.95 -30.48 9.61
C ASP C 655 6.11 -31.05 11.01
N LYS C 656 7.13 -30.63 11.75
CA LYS C 656 7.29 -31.09 13.13
C LYS C 656 6.14 -30.58 14.00
N PHE C 657 5.79 -29.31 13.85
CA PHE C 657 4.66 -28.72 14.54
C PHE C 657 3.71 -28.12 13.51
N ILE C 658 2.44 -28.51 13.59
CA ILE C 658 1.44 -28.09 12.62
C ILE C 658 0.66 -26.91 13.19
N TYR C 659 -0.02 -26.20 12.30
CA TYR C 659 -0.79 -25.01 12.66
C TYR C 659 -2.28 -25.32 12.52
N ALA C 660 -3.04 -25.04 13.56
CA ALA C 660 -4.46 -25.37 13.55
C ALA C 660 -5.21 -24.40 14.45
N THR C 661 -6.52 -24.30 14.20
CA THR C 661 -7.40 -23.46 15.01
C THR C 661 -8.77 -24.12 15.05
N VAL C 662 -9.75 -23.38 15.55
CA VAL C 662 -11.13 -23.86 15.62
C VAL C 662 -11.84 -23.44 14.33
N LYS C 663 -12.51 -24.39 13.70
CA LYS C 663 -13.15 -24.13 12.42
C LYS C 663 -14.27 -23.09 12.57
N GLN C 664 -14.45 -22.30 11.50
CA GLN C 664 -15.53 -21.31 11.41
C GLN C 664 -15.42 -20.24 12.49
N SER C 665 -14.22 -20.02 13.01
CA SER C 665 -14.01 -18.98 14.01
C SER C 665 -13.71 -17.65 13.33
N SER C 666 -13.57 -16.59 14.14
CA SER C 666 -13.21 -15.29 13.59
C SER C 666 -11.81 -15.31 12.97
N VAL C 667 -10.93 -16.17 13.46
CA VAL C 667 -9.59 -16.29 12.88
C VAL C 667 -9.68 -16.82 11.46
N ASP C 668 -10.64 -17.71 11.19
CA ASP C 668 -10.84 -18.20 9.83
C ASP C 668 -11.23 -17.06 8.89
N ILE C 669 -12.09 -16.16 9.36
CA ILE C 669 -12.42 -14.96 8.58
C ILE C 669 -11.18 -14.08 8.43
N TYR C 670 -10.37 -14.00 9.49
CA TYR C 670 -9.16 -13.17 9.46
C TYR C 670 -8.18 -13.68 8.41
N PHE C 671 -7.74 -14.94 8.54
CA PHE C 671 -6.67 -15.46 7.69
C PHE C 671 -7.09 -15.58 6.23
N ARG C 672 -8.38 -15.61 5.94
CA ARG C 672 -8.86 -15.79 4.58
C ARG C 672 -9.03 -14.48 3.82
N ARG C 673 -8.70 -13.34 4.42
CA ARG C 673 -8.82 -12.06 3.75
C ARG C 673 -7.48 -11.53 3.27
N GLN C 674 -6.50 -11.39 4.16
CA GLN C 674 -5.21 -10.82 3.81
C GLN C 674 -4.46 -11.79 2.90
N VAL C 675 -4.24 -11.39 1.65
CA VAL C 675 -3.54 -12.25 0.72
C VAL C 675 -2.07 -12.44 1.10
N GLU C 676 -1.52 -11.54 1.92
CA GLU C 676 -0.12 -11.68 2.32
C GLU C 676 0.08 -12.94 3.17
N LEU C 677 -0.82 -13.19 4.11
CA LEU C 677 -0.73 -14.37 4.96
C LEU C 677 -1.59 -15.53 4.46
N SER C 678 -2.10 -15.43 3.24
CA SER C 678 -2.78 -16.58 2.64
C SER C 678 -1.73 -17.51 2.05
N THR C 679 -0.75 -17.90 2.86
CA THR C 679 0.39 -18.70 2.41
C THR C 679 0.51 -20.03 3.13
N MET C 680 0.27 -20.08 4.44
CA MET C 680 0.36 -21.33 5.18
C MET C 680 -1.00 -21.94 5.51
N TYR C 681 -1.98 -21.14 5.90
CA TYR C 681 -3.30 -21.71 6.19
C TYR C 681 -4.03 -22.18 4.95
N ARG C 682 -3.57 -21.80 3.76
CA ARG C 682 -4.04 -22.47 2.55
C ARG C 682 -3.51 -23.90 2.46
N HIS C 683 -2.49 -24.23 3.26
CA HIS C 683 -2.01 -25.61 3.41
C HIS C 683 -2.48 -26.27 4.69
N MET C 684 -2.40 -25.56 5.83
CA MET C 684 -2.90 -26.09 7.09
C MET C 684 -4.42 -25.97 7.24
N GLU C 685 -5.14 -25.73 6.14
CA GLU C 685 -6.60 -25.79 6.20
C GLU C 685 -7.09 -27.17 6.61
N LYS C 686 -6.29 -28.21 6.32
CA LYS C 686 -6.65 -29.56 6.74
C LYS C 686 -6.64 -29.74 8.25
N HIS C 687 -6.04 -28.81 8.98
CA HIS C 687 -5.96 -28.88 10.44
C HIS C 687 -6.85 -27.79 11.02
N ASN C 688 -8.09 -28.17 11.38
CA ASN C 688 -9.04 -27.22 11.96
C ASN C 688 -9.94 -28.03 12.90
N TYR C 689 -9.68 -27.94 14.19
CA TYR C 689 -10.45 -28.69 15.17
C TYR C 689 -11.85 -28.11 15.32
N GLU C 690 -12.77 -28.95 15.78
CA GLU C 690 -14.17 -28.58 15.90
C GLU C 690 -14.54 -28.02 17.26
N SER C 691 -13.59 -27.92 18.19
CA SER C 691 -13.88 -27.41 19.52
C SER C 691 -12.58 -26.96 20.18
N ALA C 692 -12.59 -25.77 20.76
CA ALA C 692 -11.42 -25.28 21.46
C ALA C 692 -11.18 -26.02 22.77
N ALA C 693 -12.19 -26.72 23.29
CA ALA C 693 -12.01 -27.44 24.55
C ALA C 693 -11.10 -28.66 24.36
N GLU C 694 -11.35 -29.45 23.31
CA GLU C 694 -10.58 -30.66 23.10
C GLU C 694 -9.23 -30.40 22.46
N ALA C 695 -9.04 -29.25 21.81
CA ALA C 695 -7.75 -28.95 21.21
C ALA C 695 -6.66 -28.78 22.25
N ILE C 696 -7.00 -28.24 23.41
CA ILE C 696 -6.01 -28.11 24.49
C ILE C 696 -5.55 -29.48 24.95
N GLN C 697 -6.46 -30.45 25.00
CA GLN C 697 -6.09 -31.81 25.36
C GLN C 697 -5.16 -32.42 24.33
N ALA C 698 -5.28 -32.03 23.07
CA ALA C 698 -4.37 -32.53 22.04
C ALA C 698 -2.94 -32.08 22.31
N VAL C 699 -2.76 -30.83 22.72
CA VAL C 699 -1.43 -30.34 23.06
C VAL C 699 -0.89 -31.06 24.29
N ARG C 700 -1.77 -31.56 25.16
CA ARG C 700 -1.34 -32.22 26.39
C ARG C 700 -0.48 -33.45 26.09
N ASP C 701 -0.88 -34.25 25.10
CA ASP C 701 -0.10 -35.39 24.67
C ASP C 701 0.93 -35.02 23.60
N ASN C 702 1.27 -33.74 23.49
CA ASN C 702 2.29 -33.23 22.58
C ASN C 702 1.93 -33.46 21.11
N LYS C 703 0.65 -33.72 20.81
CA LYS C 703 0.24 -33.87 19.42
C LYS C 703 0.30 -32.53 18.69
N LEU C 704 -0.26 -31.48 19.27
CA LEU C 704 -0.29 -30.16 18.67
C LEU C 704 0.63 -29.22 19.45
N HIS C 705 1.24 -28.28 18.71
CA HIS C 705 2.17 -27.33 19.29
C HIS C 705 1.88 -25.88 18.94
N ALA C 706 0.96 -25.61 18.02
CA ALA C 706 0.58 -24.24 17.67
C ALA C 706 -0.93 -24.14 17.65
N PHE C 707 -1.46 -23.11 18.29
CA PHE C 707 -2.91 -22.92 18.40
C PHE C 707 -3.21 -21.43 18.43
N ILE C 708 -4.17 -21.00 17.61
CA ILE C 708 -4.57 -19.61 17.52
C ILE C 708 -5.95 -19.48 18.15
N TRP C 709 -6.04 -18.66 19.21
CA TRP C 709 -7.30 -18.51 19.93
C TRP C 709 -7.24 -17.23 20.75
N ASP C 710 -8.40 -16.86 21.29
CA ASP C 710 -8.50 -15.66 22.11
C ASP C 710 -7.65 -15.80 23.36
N SER C 711 -7.01 -14.70 23.76
CA SER C 711 -6.10 -14.74 24.89
C SER C 711 -6.84 -14.93 26.21
N ALA C 712 -8.09 -14.49 26.29
CA ALA C 712 -8.83 -14.63 27.54
C ALA C 712 -9.02 -16.10 27.92
N VAL C 713 -9.38 -16.93 26.96
CA VAL C 713 -9.56 -18.36 27.23
C VAL C 713 -8.21 -19.02 27.47
N LEU C 714 -7.22 -18.72 26.63
CA LEU C 714 -5.95 -19.45 26.67
C LEU C 714 -5.19 -19.21 27.98
N GLU C 715 -5.13 -17.96 28.43
CA GLU C 715 -4.31 -17.65 29.60
C GLU C 715 -4.85 -18.32 30.86
N PHE C 716 -6.18 -18.33 31.02
CA PHE C 716 -6.77 -18.90 32.23
C PHE C 716 -6.42 -20.37 32.38
N GLU C 717 -6.21 -21.08 31.27
CA GLU C 717 -5.82 -22.48 31.34
C GLU C 717 -4.48 -22.64 32.03
N ALA C 718 -3.55 -21.72 31.78
CA ALA C 718 -2.25 -21.77 32.45
C ALA C 718 -2.41 -21.61 33.95
N SER C 719 -3.48 -20.93 34.39
CA SER C 719 -3.73 -20.78 35.82
C SER C 719 -4.26 -22.06 36.47
N GLN C 720 -4.92 -22.93 35.70
CA GLN C 720 -5.44 -24.18 36.25
C GLN C 720 -4.43 -25.31 36.12
N LYS C 721 -4.06 -25.66 34.89
CA LYS C 721 -3.00 -26.64 34.68
C LYS C 721 -1.65 -25.97 34.90
N CYS C 722 -0.82 -26.60 35.73
CA CYS C 722 0.46 -26.02 36.12
C CYS C 722 1.59 -26.44 35.19
N ASP C 723 1.26 -26.80 33.94
CA ASP C 723 2.27 -27.25 32.99
C ASP C 723 2.01 -26.69 31.59
N LEU C 724 1.45 -25.48 31.52
CA LEU C 724 1.20 -24.82 30.24
C LEU C 724 1.51 -23.34 30.37
N VAL C 725 1.99 -22.75 29.27
CA VAL C 725 2.41 -21.35 29.27
C VAL C 725 2.26 -20.80 27.86
N THR C 726 2.24 -19.48 27.77
CA THR C 726 2.14 -18.75 26.50
C THR C 726 3.43 -18.00 26.23
N THR C 727 3.49 -17.37 25.06
CA THR C 727 4.68 -16.65 24.65
C THR C 727 4.29 -15.55 23.65
N GLY C 728 5.21 -14.63 23.42
CA GLY C 728 4.98 -13.56 22.48
C GLY C 728 4.05 -12.48 23.02
N GLU C 729 3.40 -11.79 22.10
CA GLU C 729 2.49 -10.70 22.44
C GLU C 729 1.25 -10.79 21.56
N LEU C 730 0.20 -10.09 21.99
CA LEU C 730 -1.06 -10.08 21.26
C LEU C 730 -0.90 -9.41 19.91
N PHE C 731 -1.72 -9.83 18.94
CA PHE C 731 -1.61 -9.28 17.60
C PHE C 731 -2.95 -8.99 16.93
N PHE C 732 -4.07 -9.11 17.65
CA PHE C 732 -5.37 -8.75 17.09
C PHE C 732 -6.29 -8.40 18.25
N ARG C 733 -6.49 -7.11 18.48
CA ARG C 733 -7.26 -6.62 19.63
C ARG C 733 -8.69 -6.33 19.20
N SER C 734 -9.63 -7.03 19.83
CA SER C 734 -11.06 -6.84 19.56
C SER C 734 -11.84 -7.44 20.72
N GLY C 735 -12.71 -6.64 21.33
CA GLY C 735 -13.45 -7.11 22.49
C GLY C 735 -14.64 -7.97 22.11
N PHE C 736 -15.27 -8.53 23.15
CA PHE C 736 -16.48 -9.31 22.99
C PHE C 736 -17.67 -8.35 22.88
N GLY C 737 -18.89 -8.87 22.98
CA GLY C 737 -20.04 -8.00 22.98
C GLY C 737 -21.38 -8.69 22.79
N ILE C 738 -22.40 -8.21 23.50
CA ILE C 738 -23.76 -8.71 23.30
C ILE C 738 -24.24 -8.29 21.93
N GLY C 739 -24.78 -9.24 21.18
CA GLY C 739 -25.24 -9.00 19.82
C GLY C 739 -26.73 -9.28 19.67
N MET C 740 -27.36 -8.54 18.76
CA MET C 740 -28.76 -8.72 18.46
C MET C 740 -29.05 -8.13 17.08
N ARG C 741 -30.25 -8.39 16.59
CA ARG C 741 -30.64 -7.95 15.26
C ARG C 741 -30.86 -6.44 15.22
N LYS C 742 -30.87 -5.91 14.00
CA LYS C 742 -31.09 -4.48 13.80
C LYS C 742 -32.51 -4.10 14.18
N ASP C 743 -32.68 -2.83 14.57
CA ASP C 743 -33.96 -2.22 14.90
C ASP C 743 -34.63 -2.85 16.12
N SER C 744 -33.92 -3.69 16.86
CA SER C 744 -34.46 -4.21 18.10
C SER C 744 -34.61 -3.05 19.09
N PRO C 745 -35.73 -2.94 19.80
CA PRO C 745 -35.95 -1.79 20.69
C PRO C 745 -35.01 -1.73 21.89
N TRP C 746 -34.09 -2.68 22.04
CA TRP C 746 -33.16 -2.70 23.17
C TRP C 746 -31.75 -2.30 22.77
N LYS C 747 -31.55 -1.74 21.58
CA LYS C 747 -30.21 -1.36 21.17
C LYS C 747 -29.69 -0.12 21.90
N GLN C 748 -30.52 0.55 22.69
CA GLN C 748 -30.13 1.77 23.37
C GLN C 748 -29.98 1.63 24.88
N ASN C 749 -30.89 0.91 25.55
CA ASN C 749 -30.79 0.71 26.99
C ASN C 749 -29.69 -0.27 27.41
N VAL C 750 -29.56 -1.41 26.72
CA VAL C 750 -28.68 -2.45 27.24
C VAL C 750 -27.22 -2.04 27.13
N SER C 751 -26.88 -1.22 26.13
CA SER C 751 -25.51 -0.75 26.03
C SER C 751 -25.16 0.19 27.18
N LEU C 752 -26.12 1.00 27.61
CA LEU C 752 -25.87 1.93 28.71
C LEU C 752 -25.68 1.19 30.03
N SER C 753 -26.43 0.11 30.25
CA SER C 753 -26.28 -0.65 31.48
C SER C 753 -24.91 -1.32 31.56
N ILE C 754 -24.39 -1.78 30.43
CA ILE C 754 -23.05 -2.36 30.41
C ILE C 754 -22.01 -1.34 30.83
N LEU C 755 -22.12 -0.12 30.30
CA LEU C 755 -21.18 0.93 30.68
C LEU C 755 -21.34 1.31 32.15
N LYS C 756 -22.57 1.39 32.64
CA LYS C 756 -22.79 1.74 34.04
C LYS C 756 -22.27 0.68 35.00
N SER C 757 -22.16 -0.57 34.56
CA SER C 757 -21.58 -1.61 35.40
C SER C 757 -20.06 -1.48 35.48
N HIS C 758 -19.42 -0.94 34.44
CA HIS C 758 -17.98 -0.78 34.45
C HIS C 758 -17.53 0.17 35.54
N GLU C 759 -18.23 1.30 35.69
CA GLU C 759 -17.80 2.31 36.65
C GLU C 759 -18.12 1.90 38.09
N ASN C 760 -19.28 1.26 38.30
CA ASN C 760 -19.72 0.92 39.65
C ASN C 760 -19.03 -0.32 40.20
N GLY C 761 -17.98 -0.80 39.54
CA GLY C 761 -17.16 -1.88 40.08
C GLY C 761 -17.76 -3.26 40.01
N PHE C 762 -18.88 -3.44 39.29
CA PHE C 762 -19.47 -4.77 39.19
C PHE C 762 -18.55 -5.72 38.44
N MET C 763 -17.93 -5.25 37.35
CA MET C 763 -17.05 -6.11 36.57
C MET C 763 -15.79 -6.49 37.36
N GLU C 764 -15.48 -5.77 38.43
CA GLU C 764 -14.37 -6.17 39.29
C GLU C 764 -14.71 -7.43 40.07
N ASP C 765 -15.94 -7.51 40.59
CA ASP C 765 -16.34 -8.71 41.34
C ASP C 765 -16.39 -9.93 40.44
N LEU C 766 -16.95 -9.78 39.24
CA LEU C 766 -17.13 -10.93 38.35
C LEU C 766 -15.80 -11.43 37.81
N ASP C 767 -14.90 -10.51 37.44
CA ASP C 767 -13.61 -10.92 36.90
C ASP C 767 -12.77 -11.64 37.97
N LYS C 768 -12.77 -11.11 39.19
CA LYS C 768 -11.97 -11.71 40.25
C LYS C 768 -12.52 -13.08 40.65
N THR C 769 -13.85 -13.20 40.77
CA THR C 769 -14.43 -14.45 41.24
C THR C 769 -14.19 -15.59 40.28
N TRP C 770 -14.35 -15.34 38.98
CA TRP C 770 -14.28 -16.43 38.00
C TRP C 770 -12.89 -16.57 37.39
N VAL C 771 -12.39 -15.53 36.74
CA VAL C 771 -11.14 -15.63 35.99
C VAL C 771 -9.95 -15.76 36.95
N ARG C 772 -9.74 -14.76 37.78
CA ARG C 772 -8.53 -14.69 38.62
C ARG C 772 -8.78 -15.46 39.90
N TYR C 773 -8.62 -16.78 39.82
CA TYR C 773 -8.71 -17.63 40.99
C TYR C 773 -7.35 -17.92 41.63
N GLN C 774 -6.27 -17.80 40.86
CA GLN C 774 -4.89 -17.86 41.34
C GLN C 774 -4.49 -19.27 41.75
N GLU C 775 -3.30 -19.70 41.30
CA GLU C 775 -2.73 -20.99 41.65
C GLU C 775 -1.21 -20.86 41.58
N CYS C 776 -0.52 -22.00 41.47
CA CYS C 776 0.93 -22.05 41.34
C CYS C 776 1.45 -21.00 40.36
N ASP C 777 2.47 -20.27 40.79
CA ASP C 777 3.07 -19.22 39.97
C ASP C 777 4.59 -19.27 40.04
N PRO C 783 16.22 -22.83 38.38
CA PRO C 783 15.59 -23.35 39.60
C PRO C 783 16.57 -24.14 40.47
N ALA C 784 17.23 -23.45 41.40
CA ALA C 784 18.17 -24.10 42.30
C ALA C 784 17.46 -24.75 43.47
N THR C 785 16.47 -25.60 43.17
CA THR C 785 15.68 -26.31 44.16
C THR C 785 15.56 -27.78 43.77
N LEU C 786 16.69 -28.37 43.43
CA LEU C 786 16.72 -29.75 42.95
C LEU C 786 16.26 -30.72 44.04
N THR C 787 15.69 -31.83 43.62
CA THR C 787 15.07 -32.79 44.54
C THR C 787 15.43 -34.20 44.08
N PHE C 788 14.72 -35.19 44.62
CA PHE C 788 15.10 -36.61 44.53
C PHE C 788 15.25 -37.12 43.10
N GLU C 789 14.92 -36.28 42.12
CA GLU C 789 15.14 -36.66 40.73
C GLU C 789 16.61 -36.90 40.43
N ASN C 790 17.52 -36.19 41.13
CA ASN C 790 18.94 -36.40 40.87
C ASN C 790 19.75 -36.72 42.11
N MET C 791 19.51 -36.04 43.23
CA MET C 791 20.37 -36.21 44.39
C MET C 791 19.90 -37.29 45.34
N ALA C 792 18.80 -37.98 45.00
CA ALA C 792 18.49 -39.22 45.71
C ALA C 792 19.57 -40.26 45.51
N GLY C 793 20.33 -40.16 44.42
CA GLY C 793 21.51 -40.95 44.18
C GLY C 793 22.79 -40.38 44.80
N VAL C 794 22.69 -39.27 45.52
CA VAL C 794 23.87 -38.75 46.20
C VAL C 794 24.25 -39.63 47.38
N PHE C 795 23.26 -40.04 48.18
CA PHE C 795 23.51 -40.61 49.49
C PHE C 795 22.98 -42.03 49.63
N MET C 796 23.05 -42.84 48.57
CA MET C 796 22.77 -44.25 48.71
C MET C 796 24.01 -45.12 48.52
N LEU C 797 25.04 -44.60 47.85
CA LEU C 797 26.30 -45.35 47.73
C LEU C 797 27.03 -45.37 49.06
N VAL C 798 27.02 -44.26 49.80
CA VAL C 798 27.54 -44.28 51.16
C VAL C 798 26.61 -45.08 52.06
N ALA C 799 25.30 -45.06 51.78
CA ALA C 799 24.40 -45.97 52.46
C ALA C 799 24.60 -47.41 52.00
N GLY C 800 24.86 -47.59 50.70
CA GLY C 800 25.20 -48.92 50.22
C GLY C 800 26.51 -49.42 50.79
N GLY C 801 27.50 -48.54 50.92
CA GLY C 801 28.75 -48.90 51.54
C GLY C 801 28.62 -49.23 53.01
N ILE C 802 27.58 -48.74 53.67
CA ILE C 802 27.32 -49.11 55.06
C ILE C 802 27.06 -50.61 55.16
N VAL C 803 26.24 -51.15 54.26
CA VAL C 803 25.97 -52.58 54.23
C VAL C 803 26.94 -53.35 53.34
N ALA C 804 27.89 -52.67 52.70
CA ALA C 804 28.87 -53.32 51.86
C ALA C 804 30.15 -53.68 52.62
N GLY C 805 30.26 -53.33 53.89
CA GLY C 805 31.42 -53.66 54.67
C GLY C 805 31.13 -54.65 55.78
N ILE C 806 29.86 -55.03 55.93
CA ILE C 806 29.48 -55.95 57.00
C ILE C 806 30.06 -57.34 56.74
N PHE C 807 30.09 -57.77 55.47
CA PHE C 807 30.72 -59.04 55.15
C PHE C 807 32.24 -58.95 55.18
N LEU C 808 32.80 -57.75 55.05
CA LEU C 808 34.25 -57.58 55.12
C LEU C 808 34.78 -57.84 56.52
N ILE C 809 33.93 -57.77 57.55
CA ILE C 809 34.38 -58.08 58.90
C ILE C 809 34.82 -59.53 59.00
N PHE C 810 34.06 -60.45 58.41
CA PHE C 810 34.49 -61.83 58.34
C PHE C 810 35.77 -61.94 57.52
N ILE C 811 35.87 -61.20 56.42
CA ILE C 811 37.11 -61.13 55.66
C ILE C 811 38.22 -60.55 56.53
N GLU C 812 37.91 -59.52 57.31
CA GLU C 812 38.89 -58.94 58.23
C GLU C 812 39.24 -59.92 59.35
N ILE C 813 38.22 -60.51 59.98
CA ILE C 813 38.46 -61.43 61.09
C ILE C 813 39.04 -62.76 60.63
N ALA C 814 39.08 -63.01 59.33
CA ALA C 814 39.68 -64.24 58.83
C ALA C 814 41.16 -64.33 59.18
N TYR C 815 41.83 -63.18 59.35
CA TYR C 815 43.24 -63.18 59.73
C TYR C 815 43.45 -63.66 61.15
N LYS C 816 42.40 -63.69 61.98
CA LYS C 816 42.55 -64.16 63.35
C LYS C 816 42.94 -65.63 63.41
N ARG C 817 42.34 -66.46 62.56
CA ARG C 817 42.65 -67.88 62.53
C ARG C 817 43.35 -68.27 61.23
N ASN D 25 -49.78 -42.90 -34.38
CA ASN D 25 -50.30 -41.70 -35.04
C ASN D 25 -49.55 -40.46 -34.56
N VAL D 26 -48.75 -39.88 -35.46
CA VAL D 26 -47.97 -38.69 -35.15
C VAL D 26 -48.13 -37.69 -36.29
N ALA D 27 -47.84 -36.43 -35.98
CA ALA D 27 -47.96 -35.33 -36.93
C ALA D 27 -46.60 -34.67 -37.10
N LEU D 28 -45.96 -34.92 -38.25
CA LEU D 28 -44.68 -34.30 -38.57
C LEU D 28 -44.92 -33.12 -39.52
N VAL D 29 -45.41 -32.03 -38.92
CA VAL D 29 -45.74 -30.83 -39.67
C VAL D 29 -44.49 -29.98 -39.83
N PHE D 30 -44.26 -29.49 -41.05
CA PHE D 30 -43.10 -28.67 -41.38
C PHE D 30 -43.58 -27.27 -41.76
N SER D 31 -42.62 -26.39 -42.05
CA SER D 31 -42.91 -25.02 -42.42
C SER D 31 -42.08 -24.63 -43.64
N GLY D 32 -42.74 -24.07 -44.65
CA GLY D 32 -42.07 -23.62 -45.84
C GLY D 32 -42.19 -24.60 -46.99
N PRO D 33 -42.34 -24.09 -48.21
CA PRO D 33 -42.39 -24.98 -49.38
C PRO D 33 -41.13 -25.79 -49.59
N ALA D 34 -39.96 -25.25 -49.20
CA ALA D 34 -38.71 -25.95 -49.41
C ALA D 34 -38.64 -27.24 -48.59
N TYR D 35 -39.27 -27.26 -47.42
CA TYR D 35 -39.24 -28.44 -46.57
C TYR D 35 -40.20 -29.54 -47.03
N ALA D 36 -41.09 -29.23 -47.99
CA ALA D 36 -42.05 -30.22 -48.45
C ALA D 36 -41.37 -31.37 -49.18
N ALA D 37 -40.34 -31.07 -49.96
CA ALA D 37 -39.67 -32.11 -50.75
C ALA D 37 -39.01 -33.14 -49.84
N GLU D 38 -38.34 -32.70 -48.78
CA GLU D 38 -37.70 -33.61 -47.85
C GLU D 38 -38.68 -34.20 -46.83
N ALA D 39 -39.86 -33.63 -46.68
CA ALA D 39 -40.84 -34.15 -45.74
C ALA D 39 -41.35 -35.53 -46.16
N ALA D 40 -41.59 -35.71 -47.46
CA ALA D 40 -42.12 -36.99 -47.94
C ALA D 40 -41.13 -38.13 -47.73
N ARG D 41 -39.85 -37.89 -48.02
CA ARG D 41 -38.86 -38.95 -47.85
C ARG D 41 -38.55 -39.20 -46.39
N LEU D 42 -38.64 -38.17 -45.54
CA LEU D 42 -38.34 -38.34 -44.12
C LEU D 42 -39.38 -39.18 -43.40
N GLY D 43 -40.55 -39.37 -43.99
CA GLY D 43 -41.59 -40.19 -43.40
C GLY D 43 -41.13 -41.61 -43.15
N PRO D 44 -40.84 -42.36 -44.22
CA PRO D 44 -40.29 -43.72 -44.04
C PRO D 44 -38.97 -43.74 -43.31
N ALA D 45 -38.15 -42.69 -43.45
CA ALA D 45 -36.83 -42.69 -42.82
C ALA D 45 -36.94 -42.72 -41.30
N VAL D 46 -37.85 -41.94 -40.72
CA VAL D 46 -38.01 -41.90 -39.28
C VAL D 46 -38.95 -42.97 -38.76
N ALA D 47 -39.67 -43.66 -39.63
CA ALA D 47 -40.53 -44.76 -39.19
C ALA D 47 -39.72 -45.92 -38.66
N ALA D 48 -38.61 -46.25 -39.33
CA ALA D 48 -37.75 -47.36 -38.93
C ALA D 48 -36.59 -46.93 -38.04
N ALA D 49 -36.52 -45.64 -37.68
CA ALA D 49 -35.41 -45.17 -36.86
C ALA D 49 -35.50 -45.70 -35.44
N VAL D 50 -36.69 -45.62 -34.83
CA VAL D 50 -36.90 -46.03 -33.45
C VAL D 50 -38.03 -47.05 -33.42
N ARG D 51 -37.82 -48.17 -32.73
CA ARG D 51 -38.82 -49.20 -32.56
C ARG D 51 -38.93 -49.59 -31.10
N SER D 52 -40.15 -49.74 -30.62
CA SER D 52 -40.44 -50.16 -29.26
C SER D 52 -41.52 -51.22 -29.27
N PRO D 53 -41.51 -52.13 -28.29
CA PRO D 53 -42.53 -53.19 -28.26
C PRO D 53 -43.93 -52.62 -28.10
N GLY D 54 -44.87 -53.21 -28.83
CA GLY D 54 -46.26 -52.78 -28.76
C GLY D 54 -46.49 -51.33 -29.13
N LEU D 55 -45.77 -50.84 -30.15
CA LEU D 55 -45.92 -49.45 -30.59
C LEU D 55 -45.83 -49.39 -32.10
N ASP D 56 -46.73 -48.63 -32.71
CA ASP D 56 -46.76 -48.40 -34.15
C ASP D 56 -46.64 -46.91 -34.41
N VAL D 57 -45.68 -46.53 -35.26
CA VAL D 57 -45.44 -45.14 -35.62
C VAL D 57 -45.79 -44.94 -37.08
N ARG D 58 -46.61 -43.93 -37.36
CA ARG D 58 -47.08 -43.62 -38.71
C ARG D 58 -46.83 -42.14 -38.96
N PRO D 59 -45.62 -41.77 -39.38
CA PRO D 59 -45.33 -40.36 -39.62
C PRO D 59 -46.21 -39.77 -40.71
N VAL D 60 -46.67 -38.54 -40.48
CA VAL D 60 -47.52 -37.82 -41.43
C VAL D 60 -46.93 -36.43 -41.60
N ALA D 61 -46.61 -36.06 -42.84
CA ALA D 61 -46.07 -34.75 -43.14
C ALA D 61 -47.22 -33.81 -43.57
N LEU D 62 -46.86 -32.61 -44.00
CA LEU D 62 -47.84 -31.65 -44.47
C LEU D 62 -47.19 -30.69 -45.45
N VAL D 63 -47.93 -30.31 -46.48
CA VAL D 63 -47.44 -29.42 -47.53
C VAL D 63 -47.91 -27.98 -47.31
N LEU D 64 -48.38 -27.66 -46.11
CA LEU D 64 -48.94 -26.34 -45.84
C LEU D 64 -47.86 -25.27 -45.97
N ASN D 65 -48.29 -24.08 -46.39
CA ASN D 65 -47.41 -22.92 -46.53
C ASN D 65 -48.09 -21.70 -45.92
N GLY D 66 -47.28 -20.81 -45.36
CA GLY D 66 -47.80 -19.61 -44.72
C GLY D 66 -47.54 -19.58 -43.23
N SER D 67 -47.13 -18.42 -42.72
CA SER D 67 -46.82 -18.27 -41.31
C SER D 67 -48.03 -17.86 -40.48
N ASP D 68 -49.06 -17.30 -41.09
CA ASP D 68 -50.24 -16.89 -40.36
C ASP D 68 -51.00 -18.13 -39.85
N PRO D 69 -51.64 -18.03 -38.67
CA PRO D 69 -52.42 -19.14 -38.12
C PRO D 69 -53.78 -19.31 -38.82
N ARG D 70 -53.76 -19.33 -40.14
CA ARG D 70 -54.97 -19.56 -40.95
C ARG D 70 -55.07 -21.00 -41.38
N SER D 71 -54.04 -21.51 -42.06
CA SER D 71 -53.93 -22.93 -42.35
C SER D 71 -53.26 -23.71 -41.23
N LEU D 72 -52.70 -23.01 -40.23
CA LEU D 72 -52.04 -23.65 -39.11
C LEU D 72 -53.01 -24.27 -38.12
N VAL D 73 -54.30 -23.94 -38.22
CA VAL D 73 -55.30 -24.50 -37.29
C VAL D 73 -56.45 -25.19 -37.99
N LEU D 74 -56.76 -24.87 -39.25
CA LEU D 74 -57.92 -25.47 -39.91
C LEU D 74 -57.63 -26.91 -40.32
N GLN D 75 -56.65 -27.11 -41.20
CA GLN D 75 -56.30 -28.46 -41.61
C GLN D 75 -55.52 -29.21 -40.54
N LEU D 76 -54.90 -28.49 -39.60
CA LEU D 76 -54.29 -29.15 -38.45
C LEU D 76 -55.35 -29.85 -37.60
N CYS D 77 -56.51 -29.22 -37.45
CA CYS D 77 -57.63 -29.87 -36.76
C CYS D 77 -58.11 -31.10 -37.51
N ASP D 78 -58.03 -31.08 -38.84
CA ASP D 78 -58.41 -32.26 -39.62
C ASP D 78 -57.50 -33.44 -39.29
N LEU D 79 -56.21 -33.18 -39.05
CA LEU D 79 -55.32 -34.22 -38.56
C LEU D 79 -55.77 -34.72 -37.20
N LEU D 80 -56.19 -33.81 -36.32
CA LEU D 80 -56.70 -34.21 -35.02
C LEU D 80 -58.05 -34.92 -35.14
N SER D 81 -58.97 -34.33 -35.91
CA SER D 81 -60.31 -34.90 -35.99
C SER D 81 -60.34 -36.15 -36.86
N GLY D 82 -59.63 -36.14 -37.98
CA GLY D 82 -59.67 -37.26 -38.91
C GLY D 82 -58.61 -38.32 -38.67
N LEU D 83 -57.35 -37.91 -38.64
CA LEU D 83 -56.27 -38.87 -38.45
C LEU D 83 -56.15 -39.33 -37.00
N ARG D 84 -56.60 -38.51 -36.06
CA ARG D 84 -56.49 -38.79 -34.62
C ARG D 84 -55.03 -39.03 -34.23
N VAL D 85 -54.22 -38.00 -34.47
CA VAL D 85 -52.78 -38.05 -34.22
C VAL D 85 -52.49 -37.51 -32.84
N HIS D 86 -51.53 -38.14 -32.16
CA HIS D 86 -51.08 -37.70 -30.83
C HIS D 86 -49.57 -37.47 -30.88
N GLY D 87 -49.15 -36.27 -30.48
CA GLY D 87 -47.75 -35.90 -30.55
C GLY D 87 -47.41 -35.20 -31.84
N VAL D 88 -46.96 -33.95 -31.76
CA VAL D 88 -46.70 -33.12 -32.91
C VAL D 88 -45.28 -32.58 -32.82
N VAL D 89 -44.53 -32.69 -33.92
CA VAL D 89 -43.19 -32.13 -34.03
C VAL D 89 -43.22 -31.05 -35.11
N PHE D 90 -42.77 -29.85 -34.75
CA PHE D 90 -42.81 -28.69 -35.63
C PHE D 90 -41.41 -28.28 -36.04
N GLU D 91 -41.20 -28.09 -37.33
CA GLU D 91 -39.95 -27.59 -37.88
C GLU D 91 -40.23 -26.32 -38.66
N ASP D 92 -39.51 -25.25 -38.34
CA ASP D 92 -39.70 -23.95 -38.96
C ASP D 92 -38.43 -23.53 -39.68
N ASP D 93 -38.60 -22.81 -40.79
CA ASP D 93 -37.47 -22.38 -41.63
C ASP D 93 -36.92 -21.04 -41.18
N SER D 94 -37.76 -20.01 -41.14
CA SER D 94 -37.30 -18.68 -40.80
C SER D 94 -36.93 -18.59 -39.32
N ARG D 95 -36.13 -17.58 -39.00
CA ARG D 95 -35.67 -17.35 -37.63
C ARG D 95 -36.54 -16.34 -36.88
N ALA D 96 -37.82 -16.25 -37.24
CA ALA D 96 -38.76 -15.39 -36.55
C ALA D 96 -39.56 -16.21 -35.55
N PRO D 97 -39.42 -15.95 -34.24
CA PRO D 97 -40.13 -16.78 -33.26
C PRO D 97 -41.58 -16.37 -33.07
N ALA D 98 -42.12 -15.60 -34.02
CA ALA D 98 -43.50 -15.14 -33.92
C ALA D 98 -44.49 -16.30 -33.96
N VAL D 99 -44.11 -17.44 -34.53
CA VAL D 99 -45.00 -18.59 -34.58
C VAL D 99 -44.91 -19.46 -33.33
N ALA D 100 -43.92 -19.22 -32.47
CA ALA D 100 -43.81 -20.00 -31.24
C ALA D 100 -45.01 -19.83 -30.31
N PRO D 101 -45.51 -18.62 -30.02
CA PRO D 101 -46.70 -18.53 -29.17
C PRO D 101 -47.95 -19.11 -29.80
N ILE D 102 -47.98 -19.30 -31.11
CA ILE D 102 -49.19 -19.80 -31.78
C ILE D 102 -49.52 -21.21 -31.28
N LEU D 103 -48.53 -22.09 -31.25
CA LEU D 103 -48.75 -23.45 -30.78
C LEU D 103 -48.84 -23.54 -29.26
N ASP D 104 -48.34 -22.53 -28.54
CA ASP D 104 -48.42 -22.56 -27.09
C ASP D 104 -49.87 -22.55 -26.61
N PHE D 105 -50.69 -21.66 -27.20
CA PHE D 105 -52.11 -21.65 -26.87
C PHE D 105 -52.79 -22.94 -27.32
N LEU D 106 -52.44 -23.44 -28.49
CA LEU D 106 -53.04 -24.67 -29.00
C LEU D 106 -52.65 -25.88 -28.15
N SER D 107 -51.44 -25.88 -27.58
CA SER D 107 -51.00 -26.99 -26.75
C SER D 107 -51.89 -27.15 -25.52
N ALA D 108 -52.24 -26.03 -24.88
CA ALA D 108 -53.10 -26.06 -23.71
C ALA D 108 -54.59 -26.10 -24.05
N GLN D 109 -54.93 -26.07 -25.34
CA GLN D 109 -56.35 -26.07 -25.73
C GLN D 109 -56.93 -27.47 -25.65
N THR D 110 -56.38 -28.40 -26.42
CA THR D 110 -56.86 -29.78 -26.44
C THR D 110 -56.08 -30.69 -25.49
N SER D 111 -55.13 -30.13 -24.73
CA SER D 111 -54.30 -30.91 -23.80
C SER D 111 -53.55 -32.03 -24.54
N LEU D 112 -52.87 -31.64 -25.62
CA LEU D 112 -52.11 -32.55 -26.45
C LEU D 112 -50.62 -32.23 -26.36
N PRO D 113 -49.76 -33.25 -26.23
CA PRO D 113 -48.32 -32.98 -26.11
C PRO D 113 -47.75 -32.47 -27.42
N ILE D 114 -47.11 -31.30 -27.35
CA ILE D 114 -46.48 -30.66 -28.51
C ILE D 114 -45.01 -30.44 -28.20
N VAL D 115 -44.14 -30.89 -29.10
CA VAL D 115 -42.69 -30.71 -28.97
C VAL D 115 -42.18 -30.09 -30.25
N ALA D 116 -41.40 -29.01 -30.13
CA ALA D 116 -40.77 -28.36 -31.26
C ALA D 116 -39.27 -28.59 -31.19
N VAL D 117 -38.70 -29.14 -32.26
CA VAL D 117 -37.28 -29.49 -32.26
C VAL D 117 -36.41 -28.24 -32.41
N HIS D 118 -36.55 -27.54 -33.53
CA HIS D 118 -35.78 -26.33 -33.77
C HIS D 118 -36.49 -25.52 -34.86
N GLY D 119 -35.94 -24.33 -35.13
CA GLY D 119 -36.52 -23.42 -36.10
C GLY D 119 -36.82 -22.07 -35.46
N GLY D 120 -37.92 -21.45 -35.91
CA GLY D 120 -38.37 -20.22 -35.29
C GLY D 120 -38.74 -20.40 -33.83
N ALA D 121 -39.44 -21.50 -33.52
CA ALA D 121 -39.82 -21.81 -32.15
C ALA D 121 -38.68 -22.54 -31.45
N ALA D 122 -37.58 -21.80 -31.24
CA ALA D 122 -36.39 -22.33 -30.58
C ALA D 122 -36.10 -21.65 -29.25
N LEU D 123 -36.29 -20.34 -29.16
CA LEU D 123 -36.06 -19.64 -27.91
C LEU D 123 -37.10 -20.03 -26.87
N VAL D 124 -36.67 -20.09 -25.62
CA VAL D 124 -37.56 -20.47 -24.52
C VAL D 124 -38.55 -19.35 -24.24
N LEU D 125 -39.83 -19.71 -24.08
CA LEU D 125 -40.89 -18.76 -23.79
C LEU D 125 -41.35 -18.97 -22.35
N THR D 126 -41.14 -17.96 -21.51
CA THR D 126 -41.56 -17.99 -20.13
C THR D 126 -42.22 -16.67 -19.76
N PRO D 127 -43.23 -16.69 -18.88
CA PRO D 127 -43.85 -17.86 -18.25
C PRO D 127 -44.84 -18.55 -19.19
N LYS D 128 -45.18 -19.80 -18.92
CA LYS D 128 -46.13 -20.56 -19.73
C LYS D 128 -47.39 -20.85 -18.93
N GLU D 129 -48.51 -20.97 -19.64
CA GLU D 129 -49.79 -21.18 -19.00
C GLU D 129 -49.84 -22.54 -18.30
N LYS D 130 -50.70 -22.62 -17.29
CA LYS D 130 -50.84 -23.86 -16.52
C LYS D 130 -51.37 -24.98 -17.39
N GLY D 131 -50.88 -26.19 -17.16
CA GLY D 131 -51.29 -27.33 -17.94
C GLY D 131 -50.90 -27.26 -19.39
N SER D 132 -49.77 -26.62 -19.70
CA SER D 132 -49.29 -26.51 -21.06
C SER D 132 -48.35 -27.68 -21.37
N THR D 133 -48.60 -28.35 -22.48
CA THR D 133 -47.82 -29.52 -22.88
C THR D 133 -46.74 -29.19 -23.90
N PHE D 134 -46.50 -27.91 -24.16
CA PHE D 134 -45.47 -27.53 -25.12
C PHE D 134 -44.08 -27.83 -24.56
N LEU D 135 -43.27 -28.53 -25.35
CA LEU D 135 -41.89 -28.84 -25.00
C LEU D 135 -40.97 -28.13 -25.97
N GLN D 136 -40.02 -27.37 -25.44
CA GLN D 136 -39.11 -26.57 -26.24
C GLN D 136 -37.71 -27.13 -26.14
N LEU D 137 -37.09 -27.42 -27.29
CA LEU D 137 -35.73 -27.93 -27.35
C LEU D 137 -34.74 -26.79 -27.58
N GLY D 138 -34.67 -25.90 -26.60
CA GLY D 138 -33.78 -24.76 -26.68
C GLY D 138 -33.10 -24.52 -25.35
N SER D 139 -31.92 -23.92 -25.42
CA SER D 139 -31.12 -23.61 -24.24
C SER D 139 -31.29 -22.15 -23.89
N SER D 140 -31.70 -21.87 -22.66
CA SER D 140 -31.89 -20.50 -22.20
C SER D 140 -30.54 -19.84 -21.96
N THR D 141 -30.59 -18.55 -21.63
CA THR D 141 -29.36 -17.80 -21.38
C THR D 141 -28.64 -18.26 -20.12
N GLU D 142 -29.34 -18.94 -19.21
CA GLU D 142 -28.73 -19.35 -17.94
C GLU D 142 -27.57 -20.32 -18.18
N GLN D 143 -27.81 -21.35 -18.99
CA GLN D 143 -26.73 -22.29 -19.30
C GLN D 143 -25.66 -21.66 -20.17
N GLN D 144 -26.05 -20.76 -21.07
CA GLN D 144 -25.07 -20.06 -21.91
C GLN D 144 -24.18 -19.17 -21.07
N LEU D 145 -24.75 -18.51 -20.05
CA LEU D 145 -23.98 -17.62 -19.19
C LEU D 145 -22.94 -18.35 -18.34
N GLN D 146 -22.99 -19.67 -18.27
CA GLN D 146 -22.05 -20.44 -17.47
C GLN D 146 -20.75 -20.74 -18.21
N VAL D 147 -20.85 -21.27 -19.43
CA VAL D 147 -19.67 -21.72 -20.16
C VAL D 147 -18.76 -20.57 -20.56
N ILE D 148 -19.29 -19.35 -20.64
CA ILE D 148 -18.47 -18.22 -21.08
C ILE D 148 -17.40 -17.90 -20.03
N PHE D 149 -17.72 -18.06 -18.75
CA PHE D 149 -16.76 -17.72 -17.70
C PHE D 149 -15.61 -18.72 -17.65
N GLU D 150 -15.86 -19.98 -18.01
CA GLU D 150 -14.79 -20.98 -18.00
C GLU D 150 -13.71 -20.64 -19.02
N VAL D 151 -14.10 -20.22 -20.22
CA VAL D 151 -13.12 -19.87 -21.25
C VAL D 151 -12.42 -18.56 -20.92
N LEU D 152 -12.99 -17.74 -20.02
CA LEU D 152 -12.33 -16.51 -19.62
C LEU D 152 -11.04 -16.80 -18.87
N GLU D 153 -11.10 -17.67 -17.86
CA GLU D 153 -9.90 -18.06 -17.13
C GLU D 153 -9.03 -19.02 -17.92
N GLU D 154 -9.61 -19.73 -18.90
CA GLU D 154 -8.80 -20.59 -19.75
C GLU D 154 -7.79 -19.78 -20.54
N TYR D 155 -8.22 -18.67 -21.14
CA TYR D 155 -7.37 -17.81 -21.93
C TYR D 155 -6.96 -16.55 -21.17
N ASP D 156 -7.15 -16.52 -19.86
CA ASP D 156 -6.78 -15.40 -19.00
C ASP D 156 -7.48 -14.11 -19.45
N TRP D 157 -8.80 -14.13 -19.28
CA TRP D 157 -9.68 -13.00 -19.62
C TRP D 157 -10.51 -12.62 -18.40
N THR D 158 -9.84 -12.46 -17.26
CA THR D 158 -10.55 -12.11 -16.03
C THR D 158 -11.27 -10.77 -16.16
N SER D 159 -10.64 -9.80 -16.83
CA SER D 159 -11.28 -8.50 -17.02
C SER D 159 -12.36 -8.60 -18.09
N PHE D 160 -13.57 -8.11 -17.77
CA PHE D 160 -14.68 -8.14 -18.70
C PHE D 160 -15.70 -7.09 -18.31
N VAL D 161 -16.54 -6.72 -19.26
CA VAL D 161 -17.62 -5.76 -19.07
C VAL D 161 -18.89 -6.32 -19.71
N ALA D 162 -20.00 -6.24 -18.99
CA ALA D 162 -21.28 -6.74 -19.48
C ALA D 162 -22.25 -5.58 -19.66
N VAL D 163 -22.81 -5.46 -20.86
CA VAL D 163 -23.80 -4.45 -21.19
C VAL D 163 -25.03 -5.15 -21.76
N THR D 164 -26.10 -4.39 -21.95
CA THR D 164 -27.36 -4.96 -22.41
C THR D 164 -28.16 -3.92 -23.17
N THR D 165 -29.11 -4.39 -23.96
CA THR D 165 -30.08 -3.57 -24.66
C THR D 165 -31.47 -3.82 -24.08
N ARG D 166 -32.38 -2.89 -24.33
CA ARG D 166 -33.74 -3.00 -23.82
C ARG D 166 -34.40 -4.29 -24.32
N ALA D 167 -34.64 -5.22 -23.41
CA ALA D 167 -35.21 -6.51 -23.72
C ALA D 167 -36.14 -6.92 -22.59
N PRO D 168 -37.13 -7.77 -22.88
CA PRO D 168 -38.00 -8.26 -21.80
C PRO D 168 -37.26 -9.07 -20.75
N GLY D 169 -36.08 -9.60 -21.06
CA GLY D 169 -35.35 -10.42 -20.13
C GLY D 169 -33.94 -9.97 -19.84
N HIS D 170 -33.68 -8.67 -19.84
CA HIS D 170 -32.38 -8.17 -19.44
C HIS D 170 -32.20 -8.15 -17.92
N ARG D 171 -33.31 -8.22 -17.17
CA ARG D 171 -33.22 -8.30 -15.72
C ARG D 171 -32.52 -9.57 -15.27
N ALA D 172 -32.87 -10.70 -15.90
CA ALA D 172 -32.25 -11.98 -15.54
C ALA D 172 -30.77 -11.97 -15.86
N PHE D 173 -30.39 -11.40 -17.01
CA PHE D 173 -28.99 -11.39 -17.42
C PHE D 173 -28.12 -10.64 -16.41
N LEU D 174 -28.59 -9.48 -15.93
CA LEU D 174 -27.82 -8.71 -14.98
C LEU D 174 -27.88 -9.30 -13.56
N SER D 175 -29.02 -9.89 -13.19
CA SER D 175 -29.19 -10.37 -11.83
C SER D 175 -28.20 -11.49 -11.50
N TYR D 176 -27.98 -12.40 -12.45
CA TYR D 176 -27.08 -13.52 -12.19
C TYR D 176 -25.61 -13.14 -12.27
N ILE D 177 -25.29 -11.98 -12.85
CA ILE D 177 -23.90 -11.64 -13.14
C ILE D 177 -23.08 -11.60 -11.85
N GLU D 178 -23.61 -10.98 -10.80
CA GLU D 178 -22.89 -10.90 -9.54
C GLU D 178 -22.81 -12.25 -8.82
N VAL D 179 -23.67 -13.21 -9.19
CA VAL D 179 -23.69 -14.49 -8.48
C VAL D 179 -22.42 -15.29 -8.77
N LEU D 180 -22.03 -15.39 -10.05
CA LEU D 180 -20.84 -16.16 -10.38
C LEU D 180 -19.57 -15.45 -9.90
N THR D 181 -19.54 -14.12 -10.02
CA THR D 181 -18.35 -13.37 -9.60
C THR D 181 -18.17 -13.32 -8.10
N ASP D 182 -19.17 -13.76 -7.32
CA ASP D 182 -19.05 -13.73 -5.86
C ASP D 182 -17.95 -14.67 -5.38
N GLY D 183 -17.85 -15.85 -5.96
CA GLY D 183 -16.91 -16.87 -5.54
C GLY D 183 -15.64 -16.86 -6.36
N SER D 184 -15.03 -18.04 -6.47
CA SER D 184 -13.80 -18.28 -7.24
C SER D 184 -12.59 -17.59 -6.62
N LEU D 185 -11.40 -18.16 -6.83
CA LEU D 185 -10.19 -17.61 -6.23
C LEU D 185 -9.81 -16.29 -6.88
N VAL D 186 -9.82 -16.24 -8.21
CA VAL D 186 -9.39 -15.03 -8.92
C VAL D 186 -10.41 -13.92 -8.72
N GLY D 187 -9.92 -12.68 -8.71
CA GLY D 187 -10.77 -11.53 -8.51
C GLY D 187 -11.34 -10.97 -9.80
N TRP D 188 -12.67 -10.97 -9.92
CA TRP D 188 -13.33 -10.49 -11.13
C TRP D 188 -13.63 -9.00 -11.03
N GLU D 189 -13.70 -8.36 -12.18
CA GLU D 189 -14.12 -6.96 -12.29
C GLU D 189 -15.28 -6.87 -13.26
N HIS D 190 -16.28 -6.06 -12.92
CA HIS D 190 -17.47 -5.92 -13.74
C HIS D 190 -17.81 -4.45 -13.94
N ARG D 191 -18.37 -4.14 -15.10
CA ARG D 191 -18.84 -2.81 -15.43
C ARG D 191 -19.84 -2.94 -16.58
N GLY D 192 -20.36 -1.82 -17.04
CA GLY D 192 -21.26 -1.81 -18.16
C GLY D 192 -22.19 -0.63 -18.11
N ALA D 193 -23.16 -0.65 -19.02
CA ALA D 193 -24.18 0.39 -19.14
C ALA D 193 -25.55 -0.23 -18.89
N LEU D 194 -26.59 0.58 -19.11
CA LEU D 194 -27.97 0.15 -18.87
C LEU D 194 -28.69 -0.20 -20.17
N THR D 195 -28.70 0.71 -21.13
CA THR D 195 -29.43 0.49 -22.38
C THR D 195 -28.68 1.22 -23.50
N LEU D 196 -29.23 1.14 -24.71
CA LEU D 196 -28.70 1.87 -25.85
C LEU D 196 -29.84 2.17 -26.80
N ASP D 197 -29.81 3.35 -27.43
CA ASP D 197 -30.84 3.78 -28.35
C ASP D 197 -30.24 3.95 -29.74
N PRO D 198 -30.48 3.00 -30.65
CA PRO D 198 -29.94 3.14 -32.01
C PRO D 198 -30.44 4.36 -32.75
N GLY D 199 -31.66 4.81 -32.47
CA GLY D 199 -32.21 5.97 -33.15
C GLY D 199 -31.64 7.30 -32.67
N ALA D 200 -30.89 7.30 -31.57
CA ALA D 200 -30.29 8.54 -31.09
C ALA D 200 -29.26 9.07 -32.08
N GLY D 201 -28.47 8.19 -32.66
CA GLY D 201 -27.43 8.55 -33.61
C GLY D 201 -26.15 7.81 -33.33
N GLU D 202 -25.34 7.64 -34.37
CA GLU D 202 -24.06 6.93 -34.22
C GLU D 202 -23.12 7.69 -33.30
N ALA D 203 -23.04 9.02 -33.45
CA ALA D 203 -22.18 9.82 -32.59
C ALA D 203 -22.63 9.75 -31.14
N VAL D 204 -23.95 9.84 -30.90
CA VAL D 204 -24.47 9.73 -29.54
C VAL D 204 -24.19 8.34 -28.98
N LEU D 205 -24.41 7.31 -29.79
CA LEU D 205 -24.10 5.95 -29.35
C LEU D 205 -22.60 5.78 -29.08
N SER D 206 -21.75 6.34 -29.94
CA SER D 206 -20.32 6.27 -29.72
C SER D 206 -19.85 7.18 -28.59
N ALA D 207 -20.64 8.21 -28.26
CA ALA D 207 -20.27 9.08 -27.14
C ALA D 207 -20.25 8.31 -25.83
N GLN D 208 -21.26 7.46 -25.61
CA GLN D 208 -21.30 6.63 -24.41
C GLN D 208 -20.51 5.34 -24.58
N LEU D 209 -19.98 5.06 -25.77
CA LEU D 209 -19.17 3.87 -26.01
C LEU D 209 -17.73 4.03 -25.55
N ARG D 210 -17.33 5.22 -25.10
CA ARG D 210 -15.98 5.46 -24.64
C ARG D 210 -15.75 5.07 -23.20
N SER D 211 -16.81 4.73 -22.45
CA SER D 211 -16.69 4.30 -21.07
C SER D 211 -16.25 2.83 -21.04
N VAL D 212 -14.98 2.63 -21.37
CA VAL D 212 -14.38 1.30 -21.51
C VAL D 212 -13.37 1.11 -20.39
N SER D 213 -13.48 -0.01 -19.67
CA SER D 213 -12.54 -0.31 -18.59
C SER D 213 -12.13 -1.78 -18.60
N ALA D 214 -12.15 -2.42 -19.76
CA ALA D 214 -11.76 -3.82 -19.88
C ALA D 214 -11.39 -4.10 -21.33
N GLN D 215 -11.17 -5.38 -21.64
CA GLN D 215 -10.79 -5.81 -22.97
C GLN D 215 -11.94 -6.45 -23.75
N ILE D 216 -12.96 -6.94 -23.06
CA ILE D 216 -14.08 -7.63 -23.70
C ILE D 216 -15.39 -7.01 -23.23
N ARG D 217 -16.32 -6.83 -24.15
CA ARG D 217 -17.67 -6.38 -23.84
C ARG D 217 -18.67 -7.51 -24.08
N LEU D 218 -19.59 -7.66 -23.14
CA LEU D 218 -20.69 -8.64 -23.25
C LEU D 218 -21.98 -7.86 -23.44
N LEU D 219 -22.67 -8.11 -24.55
CA LEU D 219 -23.85 -7.35 -24.92
C LEU D 219 -25.05 -8.27 -25.08
N PHE D 220 -26.21 -7.80 -24.64
CA PHE D 220 -27.48 -8.50 -24.76
C PHE D 220 -28.26 -7.79 -25.86
N CYS D 221 -28.04 -8.21 -27.11
CA CYS D 221 -28.63 -7.59 -28.28
C CYS D 221 -29.72 -8.47 -28.87
N ALA D 222 -30.49 -7.88 -29.77
CA ALA D 222 -31.54 -8.58 -30.50
C ALA D 222 -31.14 -8.75 -31.95
N ARG D 223 -31.82 -9.68 -32.63
CA ARG D 223 -31.50 -9.98 -34.03
C ARG D 223 -31.76 -8.78 -34.92
N GLU D 224 -32.88 -8.07 -34.69
CA GLU D 224 -33.22 -6.93 -35.54
C GLU D 224 -32.20 -5.81 -35.43
N GLU D 225 -31.72 -5.54 -34.22
CA GLU D 225 -30.77 -4.46 -33.98
C GLU D 225 -29.33 -4.95 -33.99
N ALA D 226 -29.09 -6.23 -34.30
CA ALA D 226 -27.72 -6.74 -34.34
C ALA D 226 -26.90 -6.05 -35.42
N GLU D 227 -27.47 -5.90 -36.62
CA GLU D 227 -26.74 -5.21 -37.68
C GLU D 227 -26.51 -3.74 -37.38
N PRO D 228 -27.52 -2.94 -36.98
CA PRO D 228 -27.22 -1.53 -36.66
C PRO D 228 -26.23 -1.34 -35.53
N VAL D 229 -26.28 -2.18 -34.49
CA VAL D 229 -25.35 -2.02 -33.38
C VAL D 229 -23.94 -2.38 -33.81
N PHE D 230 -23.79 -3.30 -34.76
CA PHE D 230 -22.47 -3.59 -35.30
C PHE D 230 -21.93 -2.40 -36.09
N ARG D 231 -22.80 -1.72 -36.84
CA ARG D 231 -22.39 -0.51 -37.53
C ARG D 231 -22.20 0.64 -36.55
N ALA D 232 -22.89 0.60 -35.40
CA ALA D 232 -22.65 1.61 -34.37
C ALA D 232 -21.25 1.50 -33.81
N ALA D 233 -20.76 0.27 -33.62
CA ALA D 233 -19.41 0.05 -33.13
C ALA D 233 -18.35 0.37 -34.18
N GLU D 234 -18.73 0.52 -35.45
CA GLU D 234 -17.76 0.88 -36.47
C GLU D 234 -17.16 2.26 -36.21
N GLU D 235 -18.00 3.22 -35.80
CA GLU D 235 -17.51 4.56 -35.48
C GLU D 235 -16.60 4.56 -34.25
N ALA D 236 -16.74 3.57 -33.36
CA ALA D 236 -15.89 3.47 -32.19
C ALA D 236 -14.48 2.99 -32.54
N GLY D 237 -14.23 2.58 -33.78
CA GLY D 237 -12.94 2.05 -34.17
C GLY D 237 -12.59 0.73 -33.53
N LEU D 238 -13.57 -0.14 -33.31
CA LEU D 238 -13.37 -1.46 -32.73
C LEU D 238 -14.03 -2.46 -33.67
N THR D 239 -13.27 -2.93 -34.67
CA THR D 239 -13.78 -3.87 -35.65
C THR D 239 -12.83 -5.04 -35.84
N GLY D 240 -11.54 -4.82 -35.58
CA GLY D 240 -10.54 -5.83 -35.77
C GLY D 240 -10.53 -6.87 -34.68
N SER D 241 -9.59 -7.81 -34.81
CA SER D 241 -9.44 -8.88 -33.83
C SER D 241 -8.90 -8.38 -32.50
N GLY D 242 -8.44 -7.13 -32.43
CA GLY D 242 -7.93 -6.58 -31.18
C GLY D 242 -8.97 -6.46 -30.09
N TYR D 243 -10.24 -6.42 -30.46
CA TYR D 243 -11.33 -6.36 -29.50
C TYR D 243 -12.38 -7.41 -29.86
N VAL D 244 -13.03 -7.95 -28.84
CA VAL D 244 -13.96 -9.07 -29.02
C VAL D 244 -15.27 -8.78 -28.29
N TRP D 245 -16.32 -9.45 -28.75
CA TRP D 245 -17.65 -9.36 -28.15
C TRP D 245 -18.28 -10.75 -28.17
N PHE D 246 -19.23 -10.95 -27.26
CA PHE D 246 -19.93 -12.22 -27.13
C PHE D 246 -21.43 -12.00 -27.28
N MET D 247 -22.09 -12.83 -28.07
CA MET D 247 -23.49 -12.66 -28.42
C MET D 247 -24.34 -13.54 -27.51
N VAL D 248 -25.43 -12.98 -27.01
CA VAL D 248 -26.22 -13.64 -25.96
C VAL D 248 -27.37 -14.46 -26.54
N GLY D 249 -28.15 -13.86 -27.45
CA GLY D 249 -29.39 -14.46 -27.89
C GLY D 249 -29.22 -15.62 -28.84
N PRO D 250 -30.11 -15.71 -29.85
CA PRO D 250 -30.05 -16.76 -30.87
C PRO D 250 -28.89 -16.57 -31.84
N PRO D 272 -19.26 -6.39 -43.23
CA PRO D 272 -18.79 -5.44 -42.23
C PRO D 272 -18.85 -5.99 -40.81
N LEU D 273 -18.86 -7.31 -40.69
CA LEU D 273 -18.92 -7.94 -39.37
C LEU D 273 -17.59 -7.76 -38.65
N PRO D 274 -17.57 -7.14 -37.47
CA PRO D 274 -16.31 -6.98 -36.73
C PRO D 274 -15.71 -8.32 -36.35
N ALA D 275 -14.39 -8.40 -36.39
CA ALA D 275 -13.70 -9.62 -36.06
C ALA D 275 -13.74 -9.89 -34.56
N GLY D 276 -13.63 -11.17 -34.19
CA GLY D 276 -13.64 -11.56 -32.80
C GLY D 276 -15.03 -11.61 -32.20
N LEU D 277 -15.88 -12.47 -32.75
CA LEU D 277 -17.26 -12.63 -32.27
C LEU D 277 -17.48 -14.07 -31.85
N PHE D 278 -18.15 -14.25 -30.72
CA PHE D 278 -18.47 -15.57 -30.18
C PHE D 278 -19.98 -15.75 -30.16
N ALA D 279 -20.43 -16.94 -30.54
CA ALA D 279 -21.86 -17.25 -30.61
C ALA D 279 -22.09 -18.65 -30.07
N VAL D 280 -23.34 -18.93 -29.73
CA VAL D 280 -23.78 -20.24 -29.28
C VAL D 280 -24.84 -20.76 -30.24
N ARG D 281 -24.77 -22.06 -30.53
CA ARG D 281 -25.71 -22.68 -31.46
C ARG D 281 -26.67 -23.66 -30.81
N SER D 282 -26.32 -24.23 -29.65
CA SER D 282 -27.14 -25.21 -28.96
C SER D 282 -27.52 -26.36 -29.89
N ALA D 283 -26.49 -26.94 -30.52
CA ALA D 283 -26.65 -28.02 -31.49
C ALA D 283 -27.51 -27.60 -32.68
N GLY D 284 -27.53 -26.28 -32.96
CA GLY D 284 -28.29 -25.81 -34.11
C GLY D 284 -27.69 -26.26 -35.43
N TRP D 285 -26.37 -26.30 -35.52
CA TRP D 285 -25.67 -26.74 -36.72
C TRP D 285 -25.22 -28.19 -36.64
N ARG D 286 -25.58 -28.90 -35.57
CA ARG D 286 -25.15 -30.27 -35.37
C ARG D 286 -26.36 -31.20 -35.36
N ASP D 287 -26.08 -32.50 -35.31
CA ASP D 287 -27.07 -33.58 -35.28
C ASP D 287 -27.93 -33.64 -36.54
N ASP D 288 -27.56 -32.88 -37.58
CA ASP D 288 -28.25 -32.87 -38.87
C ASP D 288 -29.72 -32.49 -38.64
N LEU D 289 -30.62 -33.02 -39.47
CA LEU D 289 -32.05 -32.78 -39.33
C LEU D 289 -32.85 -34.06 -39.24
N ALA D 290 -32.45 -35.11 -39.98
CA ALA D 290 -33.15 -36.39 -39.88
C ALA D 290 -33.02 -36.98 -38.49
N ARG D 291 -31.83 -36.86 -37.87
CA ARG D 291 -31.65 -37.35 -36.52
C ARG D 291 -32.43 -36.50 -35.52
N ARG D 292 -32.48 -35.19 -35.75
CA ARG D 292 -33.20 -34.30 -34.84
C ARG D 292 -34.69 -34.58 -34.83
N VAL D 293 -35.29 -34.76 -36.02
CA VAL D 293 -36.73 -34.99 -36.10
C VAL D 293 -37.10 -36.37 -35.55
N ALA D 294 -36.20 -37.35 -35.68
CA ALA D 294 -36.50 -38.69 -35.16
C ALA D 294 -36.61 -38.69 -33.65
N ALA D 295 -35.75 -37.91 -32.97
CA ALA D 295 -35.77 -37.87 -31.51
C ALA D 295 -37.03 -37.24 -30.96
N GLY D 296 -37.77 -36.48 -31.78
CA GLY D 296 -38.99 -35.87 -31.29
C GLY D 296 -40.04 -36.89 -30.89
N VAL D 297 -40.17 -37.96 -31.68
CA VAL D 297 -41.10 -39.04 -31.33
C VAL D 297 -40.47 -40.06 -30.39
N ALA D 298 -39.13 -40.11 -30.29
CA ALA D 298 -38.49 -41.05 -29.41
C ALA D 298 -38.84 -40.80 -27.95
N VAL D 299 -38.85 -39.53 -27.54
CA VAL D 299 -39.23 -39.20 -26.17
C VAL D 299 -40.72 -39.48 -25.94
N VAL D 300 -41.55 -39.23 -26.95
CA VAL D 300 -42.98 -39.46 -26.83
C VAL D 300 -43.27 -40.94 -26.61
N ALA D 301 -42.57 -41.81 -27.34
CA ALA D 301 -42.78 -43.24 -27.19
C ALA D 301 -42.45 -43.70 -25.77
N ARG D 302 -41.33 -43.22 -25.22
CA ARG D 302 -41.02 -43.50 -23.82
C ARG D 302 -42.06 -42.87 -22.90
N GLY D 303 -42.49 -41.64 -23.21
CA GLY D 303 -43.54 -41.02 -22.43
C GLY D 303 -44.85 -41.77 -22.53
N ALA D 304 -45.17 -42.29 -23.71
CA ALA D 304 -46.33 -43.16 -23.86
C ALA D 304 -46.16 -44.45 -23.07
N GLN D 305 -44.94 -45.01 -23.09
CA GLN D 305 -44.66 -46.20 -22.30
C GLN D 305 -44.53 -45.87 -20.81
N ALA D 306 -44.25 -44.62 -20.46
CA ALA D 306 -44.15 -44.24 -19.06
C ALA D 306 -45.49 -44.41 -18.35
N LEU D 307 -46.57 -44.03 -19.01
CA LEU D 307 -47.90 -44.16 -18.42
C LEU D 307 -48.52 -45.52 -18.66
N LEU D 308 -48.13 -46.22 -19.73
CA LEU D 308 -48.75 -47.49 -20.05
C LEU D 308 -48.34 -48.60 -19.09
N ARG D 309 -47.13 -48.53 -18.55
CA ARG D 309 -46.66 -49.58 -17.65
C ARG D 309 -47.48 -49.61 -16.36
N ASP D 310 -47.82 -48.44 -15.82
CA ASP D 310 -48.62 -48.40 -14.59
C ASP D 310 -50.07 -48.76 -14.85
N TYR D 311 -50.65 -48.24 -15.93
CA TYR D 311 -52.04 -48.51 -16.28
C TYR D 311 -52.22 -48.37 -17.78
N GLY D 312 -53.12 -49.19 -18.34
CA GLY D 312 -53.37 -49.17 -19.76
C GLY D 312 -54.43 -48.18 -20.18
N PHE D 313 -54.02 -47.07 -20.80
CA PHE D 313 -54.96 -46.05 -21.24
C PHE D 313 -54.32 -45.25 -22.37
N LEU D 314 -55.00 -45.19 -23.51
CA LEU D 314 -54.55 -44.37 -24.63
C LEU D 314 -55.45 -43.15 -24.75
N PRO D 315 -54.95 -41.94 -24.47
CA PRO D 315 -55.82 -40.77 -24.48
C PRO D 315 -56.36 -40.47 -25.88
N GLU D 316 -57.61 -40.01 -25.93
CA GLU D 316 -58.26 -39.59 -27.17
C GLU D 316 -58.75 -38.16 -27.07
N LEU D 317 -58.03 -37.31 -26.34
CA LEU D 317 -58.45 -35.92 -26.18
C LEU D 317 -58.40 -35.18 -27.51
N GLY D 318 -57.39 -35.45 -28.32
CA GLY D 318 -57.25 -34.83 -29.61
C GLY D 318 -58.08 -35.43 -30.72
N HIS D 319 -58.92 -36.42 -30.41
CA HIS D 319 -59.75 -37.04 -31.42
C HIS D 319 -60.74 -36.05 -32.03
N ASP D 320 -61.16 -35.05 -31.25
CA ASP D 320 -62.07 -34.03 -31.73
C ASP D 320 -61.59 -32.67 -31.23
N CYS D 321 -61.56 -31.68 -32.13
CA CYS D 321 -61.08 -30.35 -31.77
C CYS D 321 -62.14 -29.58 -30.99
N ARG D 322 -63.29 -29.32 -31.60
CA ARG D 322 -64.34 -28.52 -30.98
C ARG D 322 -65.67 -29.25 -30.96
N ALA D 323 -65.68 -30.56 -31.18
CA ALA D 323 -66.93 -31.32 -31.09
C ALA D 323 -67.46 -31.39 -29.67
N GLN D 324 -66.63 -31.10 -28.68
CA GLN D 324 -67.04 -31.09 -27.28
C GLN D 324 -66.80 -29.71 -26.69
N ASN D 325 -67.76 -29.22 -25.91
CA ASN D 325 -67.62 -27.96 -25.21
C ASN D 325 -67.09 -28.18 -23.79
N ARG D 326 -65.98 -28.89 -23.68
CA ARG D 326 -65.41 -29.22 -22.38
C ARG D 326 -63.93 -29.53 -22.54
N THR D 327 -63.13 -29.06 -21.58
CA THR D 327 -61.70 -29.38 -21.53
C THR D 327 -61.28 -29.77 -20.11
N HIS D 328 -62.25 -30.11 -19.26
CA HIS D 328 -61.94 -30.44 -17.87
C HIS D 328 -61.15 -31.75 -17.77
N ARG D 329 -61.47 -32.73 -18.61
CA ARG D 329 -60.84 -34.04 -18.54
C ARG D 329 -59.37 -33.92 -18.93
N GLY D 330 -58.49 -34.00 -17.95
CA GLY D 330 -57.06 -33.94 -18.20
C GLY D 330 -56.23 -34.13 -16.95
N GLU D 331 -55.22 -34.99 -17.04
CA GLU D 331 -54.33 -35.26 -15.91
C GLU D 331 -52.98 -35.68 -16.46
N SER D 332 -51.95 -35.53 -15.62
CA SER D 332 -50.57 -35.82 -16.00
C SER D 332 -50.17 -35.07 -17.26
N LEU D 333 -50.58 -33.79 -17.32
CA LEU D 333 -50.30 -32.98 -18.50
C LEU D 333 -48.80 -32.76 -18.67
N HIS D 334 -48.09 -32.50 -17.57
CA HIS D 334 -46.64 -32.37 -17.59
C HIS D 334 -45.97 -33.30 -16.57
N ARG D 335 -46.65 -34.36 -16.16
CA ARG D 335 -46.08 -35.33 -15.23
C ARG D 335 -44.95 -36.14 -15.83
N TYR D 336 -44.79 -36.13 -17.15
CA TYR D 336 -43.78 -36.94 -17.82
C TYR D 336 -42.60 -36.06 -18.22
N PHE D 337 -41.62 -36.70 -18.87
CA PHE D 337 -40.43 -36.04 -19.40
C PHE D 337 -39.57 -35.42 -18.28
N MET D 338 -39.13 -36.28 -17.35
CA MET D 338 -38.09 -35.90 -16.41
C MET D 338 -36.81 -36.69 -16.66
N ASN D 339 -36.88 -38.01 -16.65
CA ASN D 339 -35.72 -38.89 -16.82
C ASN D 339 -35.88 -39.62 -18.15
N ILE D 340 -35.39 -39.00 -19.22
CA ILE D 340 -35.42 -39.57 -20.56
C ILE D 340 -33.99 -39.70 -21.06
N THR D 341 -33.59 -40.92 -21.40
CA THR D 341 -32.25 -41.20 -21.91
C THR D 341 -32.38 -41.68 -23.35
N TRP D 342 -31.72 -40.97 -24.26
CA TRP D 342 -31.74 -41.33 -25.68
C TRP D 342 -30.54 -40.69 -26.36
N ASP D 343 -29.94 -41.44 -27.29
CA ASP D 343 -28.74 -41.01 -27.99
C ASP D 343 -27.63 -40.63 -27.01
N ASN D 344 -27.45 -41.50 -26.00
CA ASN D 344 -26.47 -41.35 -24.93
C ASN D 344 -26.39 -39.92 -24.39
N ARG D 345 -27.54 -39.28 -24.23
CA ARG D 345 -27.61 -37.92 -23.71
C ARG D 345 -28.91 -37.74 -22.95
N ASP D 346 -28.81 -37.13 -21.76
CA ASP D 346 -29.99 -36.90 -20.95
C ASP D 346 -30.89 -35.85 -21.60
N TYR D 347 -32.20 -36.10 -21.54
CA TYR D 347 -33.21 -35.21 -22.12
C TYR D 347 -34.15 -34.69 -21.05
N SER D 348 -33.60 -34.29 -19.90
CA SER D 348 -34.41 -33.82 -18.80
C SER D 348 -35.05 -32.48 -19.14
N PHE D 349 -36.25 -32.26 -18.60
CA PHE D 349 -37.02 -31.05 -18.83
C PHE D 349 -37.56 -30.52 -17.52
N ASN D 350 -37.83 -29.22 -17.49
CA ASN D 350 -38.36 -28.55 -16.31
C ASN D 350 -39.88 -28.46 -16.40
N GLU D 351 -40.50 -27.84 -15.39
CA GLU D 351 -41.94 -27.63 -15.42
C GLU D 351 -42.34 -26.70 -16.56
N ASP D 352 -41.54 -25.67 -16.81
CA ASP D 352 -41.84 -24.76 -17.91
C ASP D 352 -41.77 -25.46 -19.26
N GLY D 353 -40.99 -26.53 -19.37
CA GLY D 353 -40.91 -27.30 -20.58
C GLY D 353 -39.70 -26.97 -21.43
N PHE D 354 -38.54 -26.80 -20.79
CA PHE D 354 -37.31 -26.48 -21.48
C PHE D 354 -36.20 -27.41 -21.01
N LEU D 355 -35.25 -27.66 -21.91
CA LEU D 355 -34.16 -28.59 -21.63
C LEU D 355 -33.26 -28.03 -20.53
N VAL D 356 -32.98 -28.86 -19.53
CA VAL D 356 -32.14 -28.45 -18.40
C VAL D 356 -30.79 -29.15 -18.38
N ASN D 357 -30.60 -30.19 -19.19
CA ASN D 357 -29.33 -30.91 -19.27
C ASN D 357 -28.92 -31.00 -20.73
N PRO D 358 -28.47 -29.89 -21.31
CA PRO D 358 -28.18 -29.85 -22.75
C PRO D 358 -26.72 -30.19 -23.06
N SER D 359 -26.46 -30.29 -24.36
CA SER D 359 -25.11 -30.43 -24.90
C SER D 359 -24.88 -29.21 -25.80
N LEU D 360 -24.43 -28.12 -25.18
CA LEU D 360 -24.28 -26.85 -25.87
C LEU D 360 -22.92 -26.78 -26.57
N VAL D 361 -22.92 -26.14 -27.74
CA VAL D 361 -21.70 -25.92 -28.51
C VAL D 361 -21.57 -24.43 -28.78
N VAL D 362 -20.40 -23.86 -28.47
CA VAL D 362 -20.12 -22.45 -28.67
C VAL D 362 -19.43 -22.29 -30.02
N ILE D 363 -19.77 -21.21 -30.72
CA ILE D 363 -19.29 -20.97 -32.09
C ILE D 363 -18.57 -19.63 -32.12
N SER D 364 -17.37 -19.62 -32.67
CA SER D 364 -16.59 -18.40 -32.84
C SER D 364 -16.75 -17.87 -34.26
N LEU D 365 -16.23 -16.67 -34.48
CA LEU D 365 -16.25 -16.04 -35.80
C LEU D 365 -14.85 -16.15 -36.42
N THR D 366 -14.80 -16.70 -37.61
CA THR D 366 -13.54 -16.92 -38.31
C THR D 366 -13.26 -15.77 -39.27
N ARG D 367 -11.98 -15.56 -39.59
CA ARG D 367 -11.57 -14.41 -40.39
C ARG D 367 -12.11 -14.45 -41.80
N ASP D 368 -12.55 -15.62 -42.29
CA ASP D 368 -13.19 -15.72 -43.59
C ASP D 368 -14.69 -15.48 -43.53
N ARG D 369 -15.16 -14.76 -42.51
CA ARG D 369 -16.58 -14.44 -42.32
C ARG D 369 -17.42 -15.71 -42.21
N THR D 370 -16.87 -16.72 -41.53
CA THR D 370 -17.57 -17.97 -41.29
C THR D 370 -17.58 -18.26 -39.80
N TRP D 371 -18.50 -19.13 -39.39
CA TRP D 371 -18.64 -19.54 -38.00
C TRP D 371 -18.37 -21.03 -37.88
N GLU D 372 -17.46 -21.40 -36.99
CA GLU D 372 -17.12 -22.80 -36.74
C GLU D 372 -17.09 -23.05 -35.24
N VAL D 373 -17.45 -24.26 -34.85
CA VAL D 373 -17.48 -24.62 -33.44
C VAL D 373 -16.05 -24.61 -32.88
N VAL D 374 -15.90 -24.09 -31.67
CA VAL D 374 -14.61 -23.99 -31.01
C VAL D 374 -14.60 -24.73 -29.68
N GLY D 375 -15.65 -24.58 -28.87
CA GLY D 375 -15.74 -25.24 -27.59
C GLY D 375 -16.90 -26.22 -27.57
N SER D 376 -16.68 -27.37 -26.93
CA SER D 376 -17.69 -28.41 -26.80
C SER D 376 -18.06 -28.56 -25.33
N TRP D 377 -19.35 -28.43 -25.04
CA TRP D 377 -19.88 -28.57 -23.68
C TRP D 377 -20.98 -29.62 -23.72
N GLU D 378 -20.63 -30.86 -23.35
CA GLU D 378 -21.56 -31.98 -23.35
C GLU D 378 -21.57 -32.59 -21.96
N GLN D 379 -22.65 -32.33 -21.21
CA GLN D 379 -22.83 -32.86 -19.86
C GLN D 379 -21.68 -32.43 -18.94
N GLN D 380 -21.56 -31.12 -18.77
CA GLN D 380 -20.60 -30.52 -17.84
C GLN D 380 -19.17 -30.95 -18.16
N THR D 381 -18.82 -30.96 -19.44
CA THR D 381 -17.46 -31.26 -19.89
C THR D 381 -16.82 -29.99 -20.44
N LEU D 382 -15.59 -29.73 -20.02
CA LEU D 382 -14.90 -28.50 -20.41
C LEU D 382 -13.60 -28.81 -21.13
N ARG D 383 -13.63 -29.78 -22.05
CA ARG D 383 -12.40 -30.17 -22.74
C ARG D 383 -11.94 -29.08 -23.70
N LEU D 384 -12.88 -28.43 -24.40
CA LEU D 384 -12.59 -27.33 -25.31
C LEU D 384 -11.65 -27.74 -26.45
N LYS D 385 -11.29 -26.76 -27.28
CA LYS D 385 -10.30 -26.95 -28.34
C LYS D 385 -9.48 -25.67 -28.40
N TYR D 386 -8.57 -25.58 -29.38
CA TYR D 386 -7.69 -24.43 -29.53
C TYR D 386 -6.97 -24.16 -28.21
N PRO D 387 -5.95 -24.96 -27.86
CA PRO D 387 -5.39 -24.91 -26.51
C PRO D 387 -4.89 -23.51 -26.15
N LEU D 388 -4.93 -23.23 -24.84
CA LEU D 388 -4.76 -21.89 -24.32
C LEU D 388 -3.36 -21.32 -24.51
N TRP D 389 -2.39 -22.15 -24.91
CA TRP D 389 -1.00 -21.71 -25.08
C TRP D 389 -0.91 -20.51 -26.02
N SER D 390 0.19 -19.76 -25.91
CA SER D 390 0.39 -18.53 -26.68
C SER D 390 -0.75 -17.54 -26.40
N ARG D 391 -0.82 -17.11 -25.14
CA ARG D 391 -1.84 -16.17 -24.72
C ARG D 391 -1.69 -14.85 -25.48
N TYR D 392 -2.79 -14.08 -25.51
CA TYR D 392 -2.81 -12.77 -26.15
C TYR D 392 -2.49 -12.86 -27.64
N GLY D 393 -2.72 -14.04 -28.22
CA GLY D 393 -2.48 -14.33 -29.63
C GLY D 393 -3.74 -14.62 -30.42
N ARG D 394 -4.06 -15.91 -30.55
CA ARG D 394 -5.27 -16.33 -31.25
C ARG D 394 -6.51 -15.78 -30.55
N PHE D 395 -7.53 -15.48 -31.37
CA PHE D 395 -8.85 -15.02 -30.94
C PHE D 395 -8.83 -13.59 -30.41
N LEU D 396 -7.64 -13.01 -30.24
CA LEU D 396 -7.55 -11.60 -29.86
C LEU D 396 -6.13 -11.12 -30.17
N GLN D 397 -6.02 -10.21 -31.13
CA GLN D 397 -4.72 -9.73 -31.55
C GLN D 397 -4.31 -8.50 -30.74
N PRO D 398 -3.01 -8.29 -30.53
CA PRO D 398 -2.58 -7.13 -29.76
C PRO D 398 -3.01 -5.80 -30.39
N VAL D 399 -3.44 -4.87 -29.54
CA VAL D 399 -3.67 -3.50 -30.01
C VAL D 399 -2.34 -2.80 -30.27
N ASP D 400 -1.36 -3.01 -29.40
CA ASP D 400 -0.02 -2.45 -29.57
C ASP D 400 1.01 -3.56 -29.43
N ASP D 401 1.92 -3.66 -30.39
CA ASP D 401 2.98 -4.67 -30.33
C ASP D 401 4.23 -4.14 -29.65
N THR D 402 4.06 -3.53 -28.48
CA THR D 402 5.18 -3.02 -27.70
C THR D 402 5.12 -3.45 -26.23
N GLN D 403 3.93 -3.45 -25.63
CA GLN D 403 3.80 -3.82 -24.22
C GLN D 403 3.74 -5.33 -24.01
N HIS D 404 3.51 -6.11 -25.05
CA HIS D 404 3.47 -7.56 -24.96
C HIS D 404 4.87 -8.10 -25.26
N LEU D 405 5.56 -8.57 -24.22
CA LEU D 405 6.92 -9.08 -24.35
C LEU D 405 7.04 -10.37 -23.56
N THR D 406 7.96 -11.22 -24.00
CA THR D 406 8.16 -12.53 -23.39
C THR D 406 9.34 -12.48 -22.42
N VAL D 407 9.15 -13.03 -21.24
CA VAL D 407 10.19 -13.10 -20.21
C VAL D 407 10.51 -14.56 -19.95
N ALA D 408 11.78 -14.92 -20.04
CA ALA D 408 12.23 -16.30 -19.89
C ALA D 408 12.96 -16.44 -18.57
N THR D 409 12.47 -17.34 -17.71
CA THR D 409 13.09 -17.57 -16.41
C THR D 409 13.43 -19.05 -16.23
N LEU D 410 13.89 -19.42 -15.04
CA LEU D 410 14.22 -20.80 -14.73
C LEU D 410 14.08 -21.02 -13.24
N GLU D 411 13.90 -22.28 -12.86
CA GLU D 411 13.71 -22.64 -11.46
C GLU D 411 15.03 -22.53 -10.70
N GLU D 412 15.15 -21.51 -9.85
CA GLU D 412 16.26 -21.37 -8.94
C GLU D 412 15.70 -21.33 -7.52
N ARG D 413 16.24 -22.19 -6.65
CA ARG D 413 15.56 -22.54 -5.41
C ARG D 413 15.12 -21.35 -4.56
N PRO D 414 15.95 -20.35 -4.26
CA PRO D 414 15.48 -19.26 -3.39
C PRO D 414 14.62 -18.23 -4.10
N PHE D 415 14.92 -17.96 -5.37
CA PHE D 415 14.27 -16.88 -6.10
C PHE D 415 13.09 -17.32 -6.93
N VAL D 416 13.11 -18.53 -7.49
CA VAL D 416 12.04 -19.03 -8.33
C VAL D 416 11.64 -20.41 -7.83
N ILE D 417 10.40 -20.55 -7.36
CA ILE D 417 9.86 -21.82 -6.91
C ILE D 417 8.70 -22.18 -7.83
N VAL D 418 8.74 -23.39 -8.38
CA VAL D 418 7.75 -23.86 -9.35
C VAL D 418 6.98 -25.00 -8.72
N GLU D 419 5.65 -24.89 -8.72
CA GLU D 419 4.76 -25.90 -8.17
C GLU D 419 3.58 -26.08 -9.10
N PRO D 420 2.96 -27.27 -9.11
CA PRO D 420 1.76 -27.47 -9.93
C PRO D 420 0.57 -26.69 -9.40
N ALA D 421 -0.35 -26.38 -10.31
CA ALA D 421 -1.56 -25.66 -9.93
C ALA D 421 -2.47 -26.55 -9.09
N ASP D 422 -3.39 -25.90 -8.37
CA ASP D 422 -4.30 -26.63 -7.49
C ASP D 422 -5.32 -27.40 -8.33
N PRO D 423 -5.39 -28.72 -8.20
CA PRO D 423 -6.37 -29.48 -9.00
C PRO D 423 -7.81 -29.13 -8.67
N ILE D 424 -8.11 -28.79 -7.41
CA ILE D 424 -9.49 -28.50 -7.02
C ILE D 424 -10.00 -27.26 -7.75
N SER D 425 -9.23 -26.17 -7.71
CA SER D 425 -9.63 -24.96 -8.40
C SER D 425 -9.45 -25.09 -9.91
N GLY D 426 -8.47 -25.87 -10.35
CA GLY D 426 -8.16 -26.00 -11.76
C GLY D 426 -7.29 -24.89 -12.32
N THR D 427 -6.89 -23.92 -11.51
CA THR D 427 -6.07 -22.81 -11.95
C THR D 427 -4.99 -22.55 -10.90
N CYS D 428 -4.15 -21.57 -11.17
CA CYS D 428 -3.08 -21.21 -10.24
C CYS D 428 -3.67 -20.59 -8.98
N ILE D 429 -3.10 -20.97 -7.83
CA ILE D 429 -3.53 -20.39 -6.57
C ILE D 429 -3.12 -18.91 -6.52
N ARG D 430 -3.83 -18.14 -5.70
CA ARG D 430 -3.55 -16.73 -5.57
C ARG D 430 -2.14 -16.49 -5.03
N ASP D 431 -1.71 -15.22 -5.08
CA ASP D 431 -0.38 -14.81 -4.65
C ASP D 431 0.71 -15.52 -5.46
N SER D 432 0.54 -15.50 -6.78
CA SER D 432 1.51 -16.08 -7.70
C SER D 432 1.24 -15.48 -9.09
N VAL D 433 1.95 -15.99 -10.09
CA VAL D 433 1.76 -15.55 -11.46
C VAL D 433 1.74 -16.78 -12.37
N PRO D 434 0.92 -16.79 -13.42
CA PRO D 434 0.88 -17.95 -14.31
C PRO D 434 2.16 -18.08 -15.13
N CYS D 435 2.53 -19.32 -15.40
CA CYS D 435 3.70 -19.60 -16.23
C CYS D 435 3.48 -20.91 -16.96
N ARG D 436 3.96 -20.97 -18.21
CA ARG D 436 3.77 -22.12 -19.06
C ARG D 436 5.12 -22.75 -19.40
N SER D 437 5.11 -24.07 -19.57
CA SER D 437 6.26 -24.79 -20.06
C SER D 437 6.25 -24.76 -21.59
N GLN D 438 7.13 -25.53 -22.21
CA GLN D 438 7.17 -25.59 -23.67
C GLN D 438 7.79 -26.90 -24.15
N PRO D 452 3.20 -28.66 -23.61
CA PRO D 452 3.06 -27.55 -22.67
C PRO D 452 2.15 -27.90 -21.50
N GLU D 453 2.50 -27.44 -20.31
CA GLU D 453 1.71 -27.66 -19.10
C GLU D 453 1.76 -26.41 -18.24
N LYS D 454 0.59 -25.97 -17.77
CA LYS D 454 0.55 -24.79 -16.91
C LYS D 454 1.12 -25.11 -15.54
N ARG D 455 1.86 -24.14 -14.97
CA ARG D 455 2.50 -24.31 -13.68
C ARG D 455 2.37 -23.03 -12.87
N CYS D 456 2.54 -23.17 -11.56
CA CYS D 456 2.51 -22.04 -10.65
C CYS D 456 3.94 -21.73 -10.19
N CYS D 457 4.34 -20.47 -10.34
CA CYS D 457 5.69 -20.05 -10.02
C CYS D 457 5.67 -18.83 -9.11
N LYS D 458 6.51 -18.85 -8.09
CA LYS D 458 6.65 -17.74 -7.16
C LYS D 458 8.00 -17.85 -6.48
N GLY D 459 8.40 -16.76 -5.82
CA GLY D 459 9.68 -16.74 -5.13
C GLY D 459 10.13 -15.34 -4.75
N PHE D 460 11.37 -15.00 -5.05
CA PHE D 460 11.90 -13.67 -4.77
C PHE D 460 11.98 -12.80 -6.01
N CYS D 461 12.63 -13.29 -7.06
CA CYS D 461 12.76 -12.50 -8.29
C CYS D 461 11.40 -12.18 -8.90
N ILE D 462 10.42 -13.07 -8.71
CA ILE D 462 9.09 -12.82 -9.24
C ILE D 462 8.45 -11.60 -8.59
N ASP D 463 8.64 -11.44 -7.28
CA ASP D 463 8.00 -10.34 -6.57
C ASP D 463 8.43 -8.98 -7.11
N ILE D 464 9.72 -8.83 -7.40
CA ILE D 464 10.21 -7.56 -7.93
C ILE D 464 9.54 -7.23 -9.26
N LEU D 465 9.39 -8.25 -10.12
CA LEU D 465 8.88 -8.03 -11.47
C LEU D 465 7.50 -7.38 -11.46
N LYS D 466 6.72 -7.60 -10.41
CA LYS D 466 5.42 -6.95 -10.30
C LYS D 466 5.57 -5.44 -10.20
N ARG D 467 6.58 -4.98 -9.47
CA ARG D 467 6.71 -3.54 -9.19
C ARG D 467 7.06 -2.75 -10.45
N LEU D 468 8.06 -3.21 -11.21
CA LEU D 468 8.42 -2.48 -12.43
C LEU D 468 7.29 -2.51 -13.44
N ALA D 469 6.60 -3.65 -13.56
CA ALA D 469 5.45 -3.72 -14.46
C ALA D 469 4.38 -2.73 -14.04
N HIS D 470 4.12 -2.63 -12.73
CA HIS D 470 3.18 -1.63 -12.24
C HIS D 470 3.68 -0.22 -12.48
N THR D 471 4.98 0.01 -12.26
CA THR D 471 5.53 1.36 -12.39
C THR D 471 5.69 1.80 -13.84
N ILE D 472 5.96 0.86 -14.75
CA ILE D 472 6.16 1.20 -16.15
C ILE D 472 4.90 0.90 -16.94
N GLY D 473 4.46 -0.35 -16.93
CA GLY D 473 3.24 -0.73 -17.63
C GLY D 473 3.49 -1.50 -18.91
N PHE D 474 3.32 -2.82 -18.86
CA PHE D 474 3.44 -3.66 -20.03
C PHE D 474 2.69 -4.97 -19.76
N SER D 475 2.82 -5.92 -20.69
CA SER D 475 2.21 -7.23 -20.56
C SER D 475 3.30 -8.29 -20.71
N TYR D 476 3.31 -9.25 -19.79
CA TYR D 476 4.35 -10.27 -19.78
C TYR D 476 3.71 -11.65 -19.63
N ASP D 477 4.44 -12.66 -20.08
CA ASP D 477 3.98 -14.05 -20.02
C ASP D 477 5.20 -14.92 -19.81
N LEU D 478 5.31 -15.54 -18.63
CA LEU D 478 6.50 -16.30 -18.29
C LEU D 478 6.65 -17.50 -19.21
N TYR D 479 7.90 -17.79 -19.57
CA TYR D 479 8.24 -18.72 -20.64
C TYR D 479 9.36 -19.65 -20.16
N LEU D 480 9.13 -20.32 -19.02
CA LEU D 480 10.09 -21.25 -18.44
C LEU D 480 10.79 -22.06 -19.52
N VAL D 481 12.12 -21.95 -19.57
CA VAL D 481 12.88 -22.37 -20.74
C VAL D 481 13.12 -23.87 -20.68
N THR D 482 12.80 -24.55 -21.78
CA THR D 482 13.07 -25.99 -21.88
C THR D 482 14.57 -26.27 -21.84
N ASN D 483 15.36 -25.45 -22.54
CA ASN D 483 16.80 -25.62 -22.53
C ASN D 483 17.35 -25.40 -21.13
N GLY D 484 18.29 -26.27 -20.73
CA GLY D 484 18.81 -26.22 -19.38
C GLY D 484 19.86 -25.15 -19.17
N LYS D 485 20.26 -25.01 -17.91
CA LYS D 485 21.32 -24.09 -17.49
C LYS D 485 20.96 -22.64 -17.79
N HIS D 486 21.91 -21.72 -17.56
CA HIS D 486 21.68 -20.30 -17.72
C HIS D 486 22.31 -19.72 -18.97
N GLY D 487 23.34 -20.37 -19.52
CA GLY D 487 23.98 -19.88 -20.72
C GLY D 487 25.45 -20.24 -20.80
N LYS D 488 25.89 -20.69 -21.97
CA LYS D 488 27.28 -21.07 -22.18
C LYS D 488 27.56 -21.12 -23.67
N LYS D 489 28.68 -20.53 -24.09
CA LYS D 489 29.08 -20.61 -25.48
C LYS D 489 29.51 -22.04 -25.81
N ILE D 490 29.02 -22.55 -26.93
CA ILE D 490 29.31 -23.90 -27.38
C ILE D 490 30.10 -23.82 -28.68
N ASP D 491 30.93 -22.78 -28.79
CA ASP D 491 31.71 -22.49 -30.00
C ASP D 491 30.78 -22.17 -31.17
N GLY D 492 30.01 -21.09 -31.00
CA GLY D 492 29.17 -20.59 -32.06
C GLY D 492 27.75 -20.28 -31.63
N VAL D 493 27.21 -21.05 -30.69
CA VAL D 493 25.82 -20.92 -30.27
C VAL D 493 25.77 -20.74 -28.76
N TRP D 494 24.70 -20.11 -28.30
CA TRP D 494 24.45 -19.87 -26.88
C TRP D 494 23.06 -20.37 -26.54
N ASN D 495 22.96 -21.16 -25.47
CA ASN D 495 21.68 -21.69 -25.02
C ASN D 495 21.21 -20.90 -23.79
N GLY D 496 20.14 -21.39 -23.16
CA GLY D 496 19.66 -20.79 -21.93
C GLY D 496 19.02 -19.43 -22.14
N MET D 497 18.94 -18.69 -21.03
CA MET D 497 18.29 -17.38 -21.06
C MET D 497 19.01 -16.43 -22.01
N ILE D 498 20.34 -16.43 -21.97
CA ILE D 498 21.10 -15.49 -22.80
C ILE D 498 20.91 -15.80 -24.27
N GLY D 499 20.94 -17.08 -24.64
CA GLY D 499 20.77 -17.45 -26.03
C GLY D 499 19.42 -17.05 -26.59
N GLU D 500 18.35 -17.25 -25.81
CA GLU D 500 17.02 -16.88 -26.26
C GLU D 500 16.91 -15.38 -26.47
N VAL D 501 17.47 -14.59 -25.55
CA VAL D 501 17.49 -13.14 -25.71
C VAL D 501 18.36 -12.75 -26.89
N PHE D 502 19.46 -13.48 -27.11
CA PHE D 502 20.37 -13.19 -28.20
C PHE D 502 19.74 -13.41 -29.57
N TYR D 503 18.61 -14.13 -29.64
CA TYR D 503 17.94 -14.44 -30.90
C TYR D 503 16.55 -13.82 -30.97
N GLN D 504 16.36 -12.69 -30.30
CA GLN D 504 15.14 -11.88 -30.39
C GLN D 504 13.89 -12.60 -29.92
N ARG D 505 14.02 -13.74 -29.25
CA ARG D 505 12.88 -14.49 -28.76
C ARG D 505 12.47 -14.13 -27.34
N ALA D 506 13.18 -13.20 -26.71
CA ALA D 506 12.86 -12.80 -25.33
C ALA D 506 13.52 -11.47 -25.05
N ASP D 507 12.74 -10.51 -24.55
CA ASP D 507 13.29 -9.21 -24.19
C ASP D 507 14.06 -9.28 -22.88
N MET D 508 13.38 -9.66 -21.79
CA MET D 508 14.00 -9.75 -20.48
C MET D 508 14.10 -11.22 -20.06
N ALA D 509 15.15 -11.50 -19.29
CA ALA D 509 15.34 -12.82 -18.68
C ALA D 509 15.60 -12.59 -17.20
N ILE D 510 14.53 -12.49 -16.41
CA ILE D 510 14.64 -12.23 -14.99
C ILE D 510 14.90 -13.54 -14.26
N GLY D 511 15.73 -13.48 -13.24
CA GLY D 511 16.06 -14.65 -12.45
C GLY D 511 17.42 -14.50 -11.80
N SER D 512 18.09 -15.64 -11.60
CA SER D 512 19.42 -15.67 -10.99
C SER D 512 20.47 -15.65 -12.10
N LEU D 513 20.70 -14.45 -12.64
CA LEU D 513 21.68 -14.23 -13.70
C LEU D 513 22.85 -13.45 -13.15
N THR D 514 24.06 -13.96 -13.38
CA THR D 514 25.28 -13.35 -12.85
C THR D 514 25.90 -12.47 -13.93
N ILE D 515 26.10 -11.20 -13.60
CA ILE D 515 26.77 -10.28 -14.52
C ILE D 515 28.21 -10.74 -14.71
N ASN D 516 28.64 -10.81 -15.97
CA ASN D 516 29.99 -11.27 -16.30
C ASN D 516 30.56 -10.32 -17.35
N GLU D 517 31.71 -10.70 -17.91
CA GLU D 517 32.37 -9.90 -18.92
C GLU D 517 31.94 -10.28 -20.33
N GLU D 518 31.99 -11.57 -20.65
CA GLU D 518 31.59 -12.03 -21.98
C GLU D 518 30.11 -11.77 -22.24
N ARG D 519 29.26 -12.04 -21.25
CA ARG D 519 27.82 -11.88 -21.45
C ARG D 519 27.45 -10.42 -21.67
N SER D 520 28.11 -9.50 -20.96
CA SER D 520 27.80 -8.08 -21.09
C SER D 520 28.24 -7.48 -22.41
N GLU D 521 28.74 -8.29 -23.35
CA GLU D 521 29.12 -7.80 -24.66
C GLU D 521 27.96 -7.83 -25.65
N ILE D 522 27.29 -8.98 -25.76
CA ILE D 522 26.22 -9.13 -26.74
C ILE D 522 24.85 -8.71 -26.21
N VAL D 523 24.67 -8.64 -24.89
CA VAL D 523 23.45 -8.16 -24.27
C VAL D 523 23.79 -7.05 -23.29
N ASP D 524 22.77 -6.50 -22.66
CA ASP D 524 22.93 -5.45 -21.66
C ASP D 524 22.27 -5.90 -20.36
N PHE D 525 22.75 -5.33 -19.26
CA PHE D 525 22.25 -5.65 -17.93
C PHE D 525 21.80 -4.38 -17.23
N SER D 526 20.91 -4.55 -16.26
CA SER D 526 20.43 -3.45 -15.44
C SER D 526 21.38 -3.27 -14.26
N VAL D 527 21.01 -2.38 -13.33
CA VAL D 527 21.81 -2.15 -12.13
C VAL D 527 21.63 -3.33 -11.19
N PRO D 528 22.71 -3.97 -10.75
CA PRO D 528 22.57 -5.11 -9.84
C PRO D 528 21.97 -4.71 -8.51
N PHE D 529 21.23 -5.63 -7.91
CA PHE D 529 20.60 -5.41 -6.61
C PHE D 529 20.98 -6.44 -5.55
N VAL D 530 21.81 -7.42 -5.90
CA VAL D 530 22.23 -8.46 -4.96
C VAL D 530 23.68 -8.83 -5.26
N GLU D 531 24.47 -9.00 -4.21
CA GLU D 531 25.86 -9.40 -4.33
C GLU D 531 25.97 -10.88 -4.70
N THR D 532 27.01 -11.21 -5.45
CA THR D 532 27.31 -12.59 -5.78
C THR D 532 28.81 -12.73 -6.01
N GLY D 533 29.38 -13.82 -5.51
CA GLY D 533 30.81 -14.08 -5.66
C GLY D 533 31.11 -15.55 -5.71
N ILE D 534 32.17 -15.95 -5.02
CA ILE D 534 32.58 -17.36 -4.93
C ILE D 534 32.98 -17.64 -3.49
N SER D 535 32.48 -18.74 -2.93
CA SER D 535 32.76 -19.09 -1.55
C SER D 535 32.99 -20.60 -1.45
N VAL D 536 33.56 -21.02 -0.32
CA VAL D 536 33.91 -22.42 -0.09
C VAL D 536 33.28 -22.88 1.21
N MET D 537 32.64 -24.04 1.18
CA MET D 537 31.93 -24.60 2.32
C MET D 537 32.54 -25.94 2.72
N VAL D 538 32.84 -26.09 4.01
CA VAL D 538 33.37 -27.33 4.57
C VAL D 538 32.62 -27.62 5.85
N ALA D 539 32.39 -28.91 6.12
CA ALA D 539 31.65 -29.33 7.30
C ALA D 539 32.37 -28.90 8.58
N ARG D 540 31.63 -28.96 9.68
CA ARG D 540 32.18 -28.56 10.97
C ARG D 540 33.29 -29.50 11.40
N SER D 541 34.24 -28.96 12.17
CA SER D 541 35.39 -29.71 12.63
C SER D 541 35.39 -29.76 14.16
N ASN D 542 35.89 -30.88 14.69
CA ASN D 542 35.91 -31.06 16.14
C ASN D 542 36.92 -30.12 16.78
N GLY D 543 36.48 -29.41 17.82
CA GLY D 543 37.37 -28.51 18.52
C GLY D 543 38.41 -29.23 19.36
N THR D 544 39.46 -28.48 19.71
CA THR D 544 40.56 -29.03 20.49
C THR D 544 40.97 -28.02 21.55
N VAL D 545 41.44 -28.54 22.69
CA VAL D 545 41.96 -27.72 23.77
C VAL D 545 43.40 -28.14 24.02
N SER D 546 44.33 -27.21 23.84
CA SER D 546 45.72 -27.49 24.15
C SER D 546 45.89 -27.70 25.65
N PRO D 547 46.86 -28.54 26.06
CA PRO D 547 47.11 -28.70 27.49
C PRO D 547 47.45 -27.35 28.13
N SER D 548 46.57 -26.89 29.01
CA SER D 548 46.69 -25.56 29.58
C SER D 548 47.94 -25.46 30.45
N ALA D 549 48.76 -24.46 30.18
CA ALA D 549 50.00 -24.27 30.93
C ALA D 549 49.65 -23.84 32.35
N PHE D 550 49.73 -24.78 33.28
CA PHE D 550 49.35 -24.56 34.67
C PHE D 550 47.90 -24.06 34.78
N LEU D 551 47.05 -24.56 33.88
CA LEU D 551 45.62 -24.30 33.91
C LEU D 551 45.29 -22.81 33.79
N GLU D 552 46.05 -22.10 32.95
CA GLU D 552 45.87 -20.68 32.68
C GLU D 552 45.79 -19.87 33.97
N PRO D 553 46.89 -19.74 34.70
CA PRO D 553 46.84 -19.03 35.99
C PRO D 553 47.13 -17.54 35.85
N TYR D 554 48.24 -17.11 36.46
CA TYR D 554 48.63 -15.71 36.53
C TYR D 554 50.05 -15.52 36.01
N SER D 555 50.33 -16.09 34.82
CA SER D 555 51.60 -15.99 34.11
C SER D 555 52.68 -16.79 34.83
N PRO D 556 53.74 -17.22 34.14
CA PRO D 556 54.82 -17.93 34.83
C PRO D 556 55.48 -17.11 35.92
N ALA D 557 55.26 -15.79 35.97
CA ALA D 557 55.86 -14.97 37.00
C ALA D 557 55.41 -15.40 38.39
N VAL D 558 54.12 -15.70 38.55
CA VAL D 558 53.60 -16.04 39.88
C VAL D 558 54.18 -17.36 40.37
N TRP D 559 54.44 -18.31 39.47
CA TRP D 559 54.96 -19.60 39.90
C TRP D 559 56.39 -19.46 40.45
N VAL D 560 57.22 -18.65 39.79
CA VAL D 560 58.52 -18.33 40.37
C VAL D 560 58.33 -17.42 41.58
N MET D 561 57.26 -16.61 41.58
CA MET D 561 57.03 -15.66 42.67
C MET D 561 56.76 -16.38 43.98
N MET D 562 55.93 -17.43 43.95
CA MET D 562 55.55 -18.11 45.19
C MET D 562 56.76 -18.77 45.84
N PHE D 563 57.70 -19.28 45.05
CA PHE D 563 58.93 -19.84 45.61
C PHE D 563 59.70 -18.79 46.40
N VAL D 564 59.55 -17.52 46.05
CA VAL D 564 60.38 -16.48 46.65
C VAL D 564 59.99 -16.24 48.11
N MET D 565 58.76 -15.78 48.35
CA MET D 565 58.38 -15.45 49.72
C MET D 565 58.31 -16.69 50.61
N CYS D 566 57.85 -17.80 50.05
CA CYS D 566 57.70 -19.01 50.84
C CYS D 566 59.03 -19.47 51.41
N LEU D 567 60.09 -19.43 50.60
CA LEU D 567 61.41 -19.86 51.06
C LEU D 567 62.07 -18.84 51.99
N THR D 568 61.70 -17.56 51.88
CA THR D 568 62.26 -16.54 52.76
C THR D 568 61.43 -16.32 54.02
N VAL D 569 60.24 -16.92 54.10
CA VAL D 569 59.39 -16.74 55.28
C VAL D 569 59.56 -17.94 56.21
N VAL D 570 60.00 -19.07 55.66
CA VAL D 570 60.29 -20.23 56.50
C VAL D 570 61.53 -19.96 57.34
N ALA D 571 62.51 -19.26 56.79
CA ALA D 571 63.70 -18.90 57.55
C ALA D 571 63.35 -17.97 58.71
N VAL D 572 62.39 -17.07 58.49
CA VAL D 572 61.97 -16.16 59.56
C VAL D 572 61.40 -16.94 60.73
N THR D 573 60.57 -17.96 60.45
CA THR D 573 60.07 -18.81 61.52
C THR D 573 61.20 -19.57 62.21
N VAL D 574 62.18 -20.05 61.43
CA VAL D 574 63.31 -20.77 62.01
C VAL D 574 64.09 -19.86 62.95
N PHE D 575 64.22 -18.58 62.59
CA PHE D 575 64.95 -17.64 63.43
C PHE D 575 64.25 -17.46 64.78
N ILE D 576 62.91 -17.34 64.75
CA ILE D 576 62.16 -17.18 66.00
C ILE D 576 61.85 -18.50 66.68
N PHE D 577 62.14 -19.63 66.03
CA PHE D 577 61.90 -20.93 66.64
C PHE D 577 62.86 -21.16 67.82
N GLU D 578 64.15 -20.92 67.61
CA GLU D 578 65.14 -21.22 68.63
C GLU D 578 65.05 -20.26 69.81
N TYR D 579 64.73 -18.99 69.55
CA TYR D 579 64.70 -18.00 70.63
C TYR D 579 63.62 -18.31 71.66
N LEU D 580 62.44 -18.71 71.19
CA LEU D 580 61.31 -19.03 72.07
C LEU D 580 60.98 -17.88 73.02
N THR D 601 64.06 -27.23 63.82
CA THR D 601 63.86 -28.27 62.81
C THR D 601 63.32 -27.66 61.51
N ILE D 602 64.23 -27.12 60.70
CA ILE D 602 63.82 -26.50 59.44
C ILE D 602 63.27 -27.54 58.49
N GLY D 603 63.82 -28.76 58.52
CA GLY D 603 63.32 -29.80 57.64
C GLY D 603 61.86 -30.11 57.87
N LYS D 604 61.44 -30.15 59.13
CA LYS D 604 60.02 -30.30 59.44
C LYS D 604 59.25 -28.98 59.34
N SER D 605 59.95 -27.87 59.17
CA SER D 605 59.31 -26.56 59.08
C SER D 605 58.92 -26.19 57.66
N ILE D 606 59.25 -27.02 56.67
CA ILE D 606 58.83 -26.77 55.30
C ILE D 606 57.65 -27.64 54.90
N TRP D 607 57.42 -28.76 55.58
CA TRP D 607 56.27 -29.60 55.27
C TRP D 607 54.96 -28.90 55.61
N LEU D 608 54.86 -28.37 56.83
CA LEU D 608 53.62 -27.75 57.26
C LEU D 608 53.39 -26.40 56.58
N LEU D 609 54.44 -25.58 56.49
CA LEU D 609 54.25 -24.22 55.98
C LEU D 609 53.76 -24.22 54.54
N TRP D 610 54.27 -25.15 53.73
CA TRP D 610 53.93 -25.15 52.30
C TRP D 610 52.59 -25.85 52.08
N ALA D 611 52.45 -27.07 52.64
CA ALA D 611 51.31 -27.92 52.33
C ALA D 611 49.98 -27.32 52.77
N LEU D 612 49.99 -26.32 53.65
CA LEU D 612 48.75 -25.67 54.05
C LEU D 612 48.06 -24.99 52.87
N VAL D 613 48.83 -24.59 51.86
CA VAL D 613 48.26 -23.81 50.76
C VAL D 613 47.39 -24.66 49.85
N PHE D 614 47.56 -25.98 49.84
CA PHE D 614 46.88 -26.85 48.88
C PHE D 614 45.95 -27.80 49.63
N ASN D 615 44.75 -27.32 49.94
CA ASN D 615 43.68 -28.14 50.50
C ASN D 615 44.18 -29.03 51.64
N ASN D 616 44.58 -28.37 52.72
CA ASN D 616 45.30 -29.01 53.82
C ASN D 616 44.65 -30.30 54.27
N SER D 617 45.32 -31.43 54.01
CA SER D 617 44.89 -32.73 54.48
C SER D 617 46.04 -33.61 54.96
N VAL D 618 47.28 -33.25 54.67
CA VAL D 618 48.44 -34.09 54.95
C VAL D 618 48.71 -34.11 56.45
N PRO D 619 49.45 -35.10 56.95
CA PRO D 619 49.85 -35.07 58.36
C PRO D 619 50.68 -33.84 58.67
N VAL D 620 50.53 -33.32 59.89
CA VAL D 620 51.13 -32.05 60.28
C VAL D 620 51.95 -32.24 61.53
N GLU D 621 52.77 -31.23 61.82
CA GLU D 621 53.58 -31.19 63.04
C GLU D 621 53.75 -29.73 63.41
N ASN D 622 53.02 -29.29 64.43
CA ASN D 622 52.98 -27.87 64.73
C ASN D 622 53.78 -27.54 65.98
N PRO D 623 54.56 -26.48 65.95
CA PRO D 623 55.36 -26.11 67.13
C PRO D 623 54.50 -25.48 68.22
N ARG D 624 55.09 -25.34 69.40
CA ARG D 624 54.43 -24.74 70.55
C ARG D 624 54.89 -23.32 70.81
N GLY D 625 55.61 -22.71 69.87
CA GLY D 625 56.08 -21.33 70.05
C GLY D 625 54.95 -20.34 69.85
N THR D 626 54.74 -19.49 70.86
CA THR D 626 53.64 -18.53 70.79
C THR D 626 53.84 -17.52 69.67
N THR D 627 55.06 -17.02 69.51
CA THR D 627 55.31 -15.99 68.50
C THR D 627 55.04 -16.49 67.10
N SER D 628 55.46 -17.72 66.79
CA SER D 628 55.19 -18.29 65.48
C SER D 628 53.73 -18.74 65.34
N LYS D 629 53.08 -19.07 66.46
CA LYS D 629 51.72 -19.55 66.41
C LYS D 629 50.78 -18.49 65.83
N ILE D 630 50.96 -17.23 66.22
CA ILE D 630 50.18 -16.16 65.62
C ILE D 630 50.59 -15.94 64.18
N MET D 631 51.90 -16.09 63.88
CA MET D 631 52.40 -15.77 62.55
C MET D 631 51.80 -16.68 61.49
N VAL D 632 51.77 -17.99 61.75
CA VAL D 632 51.31 -18.93 60.73
C VAL D 632 49.85 -18.70 60.38
N LEU D 633 49.05 -18.26 61.35
CA LEU D 633 47.64 -18.00 61.07
C LEU D 633 47.48 -16.91 60.02
N VAL D 634 48.27 -15.84 60.10
CA VAL D 634 48.26 -14.82 59.06
C VAL D 634 48.70 -15.43 57.73
N TRP D 635 49.74 -16.27 57.76
CA TRP D 635 50.12 -17.00 56.56
C TRP D 635 49.02 -17.95 56.11
N ALA D 636 48.34 -18.60 57.06
CA ALA D 636 47.27 -19.52 56.72
C ALA D 636 46.15 -18.82 55.98
N PHE D 637 45.79 -17.61 56.42
CA PHE D 637 44.71 -16.88 55.78
C PHE D 637 45.00 -16.58 54.32
N PHE D 638 46.28 -16.55 53.94
CA PHE D 638 46.63 -16.32 52.55
C PHE D 638 46.13 -17.46 51.66
N ALA D 639 46.20 -18.69 52.16
CA ALA D 639 45.74 -19.83 51.38
C ALA D 639 44.24 -19.74 51.09
N VAL D 640 43.47 -19.17 52.01
CA VAL D 640 42.03 -18.98 51.77
C VAL D 640 41.80 -18.07 50.57
N ILE D 641 42.53 -16.96 50.51
CA ILE D 641 42.39 -16.04 49.39
C ILE D 641 43.05 -16.56 48.13
N PHE D 642 44.05 -17.44 48.27
CA PHE D 642 44.71 -17.99 47.09
C PHE D 642 43.75 -18.79 46.24
N LEU D 643 42.84 -19.54 46.87
CA LEU D 643 41.93 -20.38 46.11
C LEU D 643 41.04 -19.56 45.18
N ALA D 644 40.70 -18.33 45.57
CA ALA D 644 39.92 -17.47 44.71
C ALA D 644 40.61 -17.26 43.36
N SER D 645 41.93 -17.16 43.37
CA SER D 645 42.66 -17.03 42.11
C SER D 645 42.54 -18.30 41.28
N TYR D 646 42.58 -19.46 41.92
CA TYR D 646 42.52 -20.74 41.22
C TYR D 646 41.12 -21.31 41.14
N THR D 647 40.12 -20.64 41.70
CA THR D 647 38.72 -20.99 41.49
C THR D 647 38.05 -19.90 40.68
N ALA D 648 36.74 -20.08 40.45
CA ALA D 648 35.93 -19.10 39.72
C ALA D 648 36.42 -18.93 38.29
N ASN D 649 37.64 -18.40 38.14
CA ASN D 649 38.17 -18.13 36.80
C ASN D 649 38.36 -19.40 35.99
N LEU D 650 38.90 -20.45 36.62
CA LEU D 650 39.29 -21.64 35.87
C LEU D 650 38.11 -22.41 35.28
N ALA D 651 36.89 -22.11 35.72
CA ALA D 651 35.74 -22.90 35.27
C ALA D 651 35.51 -22.77 33.78
N ALA D 652 35.44 -21.53 33.28
CA ALA D 652 35.07 -21.34 31.87
C ALA D 652 36.21 -21.68 30.93
N PHE D 653 37.43 -21.28 31.26
CA PHE D 653 38.55 -21.37 30.33
C PHE D 653 39.24 -22.73 30.43
N MET D 654 38.47 -23.78 30.10
CA MET D 654 39.04 -25.12 30.01
C MET D 654 38.54 -25.92 28.81
N ILE D 655 37.50 -25.48 28.12
CA ILE D 655 36.92 -26.23 27.01
C ILE D 655 37.74 -26.00 25.74
N GLN D 656 37.46 -26.79 24.70
CA GLN D 656 38.17 -26.67 23.44
C GLN D 656 38.01 -25.27 22.86
N GLU D 657 39.10 -24.74 22.31
CA GLU D 657 39.14 -23.38 21.79
C GLU D 657 39.97 -23.36 20.52
N GLU D 658 40.30 -22.14 20.06
CA GLU D 658 41.12 -21.87 18.89
C GLU D 658 40.37 -22.18 17.59
N TYR D 659 39.17 -22.75 17.71
CA TYR D 659 38.24 -22.97 16.60
C TYR D 659 38.77 -23.96 15.58
N VAL D 660 40.02 -24.42 15.75
CA VAL D 660 40.69 -25.43 14.94
C VAL D 660 40.47 -25.26 13.44
N ASP D 661 39.99 -24.09 13.02
CA ASP D 661 39.71 -23.85 11.61
C ASP D 661 41.03 -23.64 10.86
N THR D 662 41.18 -24.34 9.74
CA THR D 662 42.42 -24.36 8.99
C THR D 662 42.08 -24.29 7.50
N VAL D 663 43.06 -24.62 6.66
CA VAL D 663 43.01 -24.60 5.20
C VAL D 663 42.24 -23.40 4.66
N SER D 664 42.96 -22.36 4.26
CA SER D 664 42.36 -21.10 3.86
C SER D 664 41.81 -21.23 2.44
N GLY D 665 41.44 -20.10 1.84
CA GLY D 665 40.71 -20.08 0.58
C GLY D 665 41.57 -20.39 -0.63
N LEU D 666 41.20 -19.79 -1.75
CA LEU D 666 41.92 -20.03 -3.01
C LEU D 666 43.38 -19.66 -2.93
N SER D 667 43.76 -18.76 -2.02
CA SER D 667 45.17 -18.43 -1.83
C SER D 667 45.94 -19.55 -1.16
N ASP D 668 45.25 -20.45 -0.45
CA ASP D 668 45.92 -21.55 0.24
C ASP D 668 46.61 -22.46 -0.76
N ARG D 669 47.85 -22.86 -0.43
CA ARG D 669 48.58 -23.80 -1.27
C ARG D 669 48.00 -25.21 -1.22
N LYS D 670 47.08 -25.48 -0.29
CA LYS D 670 46.42 -26.77 -0.26
C LYS D 670 45.63 -27.01 -1.54
N PHE D 671 44.92 -25.99 -2.02
CA PHE D 671 44.26 -26.10 -3.31
C PHE D 671 45.27 -26.10 -4.45
N GLN D 672 46.25 -25.19 -4.40
CA GLN D 672 47.17 -25.02 -5.52
C GLN D 672 47.92 -26.31 -5.85
N ARG D 673 48.20 -27.14 -4.84
CA ARG D 673 48.79 -28.44 -5.09
C ARG D 673 47.69 -29.48 -5.16
N PRO D 674 47.50 -30.15 -6.31
CA PRO D 674 46.37 -31.09 -6.45
C PRO D 674 46.43 -32.27 -5.50
N GLN D 675 47.53 -33.02 -5.51
CA GLN D 675 47.63 -34.21 -4.68
C GLN D 675 48.05 -33.86 -3.26
N GLU D 676 49.23 -33.29 -3.10
CA GLU D 676 49.74 -32.82 -1.81
C GLU D 676 49.83 -33.95 -0.78
N GLN D 677 50.07 -33.58 0.48
CA GLN D 677 50.03 -34.55 1.56
C GLN D 677 48.59 -34.97 1.84
N TYR D 678 48.43 -36.06 2.59
CA TYR D 678 47.13 -36.59 2.99
C TYR D 678 46.40 -37.11 1.75
N PRO D 679 45.23 -37.74 1.91
CA PRO D 679 44.44 -38.09 0.73
C PRO D 679 44.13 -36.86 -0.09
N PRO D 680 44.02 -37.01 -1.41
CA PRO D 680 43.83 -35.84 -2.27
C PRO D 680 42.55 -35.08 -1.94
N LEU D 681 42.59 -33.78 -2.17
CA LEU D 681 41.49 -32.91 -1.79
C LEU D 681 40.23 -33.27 -2.58
N LYS D 682 39.07 -32.95 -2.01
CA LYS D 682 37.79 -33.44 -2.48
C LYS D 682 36.83 -32.27 -2.75
N PHE D 683 37.30 -31.26 -3.47
CA PHE D 683 36.44 -30.17 -3.89
C PHE D 683 35.67 -30.54 -5.15
N GLY D 684 34.75 -29.67 -5.54
CA GLY D 684 33.97 -29.89 -6.74
C GLY D 684 33.07 -28.70 -7.01
N THR D 685 32.45 -28.72 -8.19
CA THR D 685 31.58 -27.63 -8.60
C THR D 685 30.67 -28.10 -9.72
N VAL D 686 29.61 -27.34 -9.95
CA VAL D 686 28.65 -27.68 -11.00
C VAL D 686 29.18 -27.19 -12.35
N PRO D 687 29.29 -28.07 -13.34
CA PRO D 687 29.80 -27.65 -14.64
C PRO D 687 28.76 -26.88 -15.45
N ASN D 688 29.23 -26.27 -16.54
CA ASN D 688 28.38 -25.57 -17.50
C ASN D 688 27.56 -24.46 -16.84
N GLY D 689 28.28 -23.48 -16.32
CA GLY D 689 27.67 -22.32 -15.68
C GLY D 689 28.56 -21.12 -15.80
N SER D 690 28.66 -20.34 -14.72
CA SER D 690 29.53 -19.17 -14.67
C SER D 690 30.79 -19.42 -13.86
N THR D 691 30.68 -20.11 -12.72
CA THR D 691 31.85 -20.34 -11.88
C THR D 691 32.88 -21.20 -12.59
N GLU D 692 32.45 -22.23 -13.31
CA GLU D 692 33.38 -23.12 -13.99
C GLU D 692 34.20 -22.37 -15.03
N LYS D 693 33.55 -21.49 -15.81
CA LYS D 693 34.26 -20.75 -16.83
C LYS D 693 35.28 -19.80 -16.21
N ASN D 694 34.93 -19.16 -15.10
CA ASN D 694 35.86 -18.25 -14.43
C ASN D 694 37.07 -19.00 -13.91
N ILE D 695 36.86 -20.18 -13.32
CA ILE D 695 37.98 -20.94 -12.75
C ILE D 695 38.86 -21.49 -13.86
N ARG D 696 38.25 -21.99 -14.95
CA ARG D 696 39.03 -22.63 -16.00
C ARG D 696 39.98 -21.64 -16.67
N SER D 697 39.45 -20.48 -17.10
CA SER D 697 40.29 -19.53 -17.82
C SER D 697 41.31 -18.87 -16.91
N ASN D 698 40.90 -18.45 -15.72
CA ASN D 698 41.81 -17.73 -14.83
C ASN D 698 42.82 -18.66 -14.19
N TYR D 699 42.40 -19.87 -13.83
CA TYR D 699 43.24 -20.82 -13.08
C TYR D 699 43.31 -22.14 -13.84
N PRO D 700 44.21 -22.24 -14.82
CA PRO D 700 44.45 -23.53 -15.47
C PRO D 700 45.16 -24.48 -14.51
N ASP D 701 45.20 -25.76 -14.90
CA ASP D 701 45.77 -26.88 -14.16
C ASP D 701 44.94 -27.21 -12.92
N MET D 702 43.89 -26.45 -12.63
CA MET D 702 42.94 -26.74 -11.56
C MET D 702 41.65 -27.36 -12.09
N HIS D 703 41.05 -26.74 -13.09
CA HIS D 703 39.83 -27.28 -13.68
C HIS D 703 40.08 -28.63 -14.34
N SER D 704 41.31 -28.88 -14.77
CA SER D 704 41.64 -30.18 -15.35
C SER D 704 41.49 -31.30 -14.32
N TYR D 705 41.92 -31.06 -13.07
CA TYR D 705 41.93 -32.14 -12.09
C TYR D 705 40.52 -32.47 -11.61
N MET D 706 39.71 -31.46 -11.30
CA MET D 706 38.40 -31.72 -10.71
C MET D 706 37.37 -32.14 -11.75
N VAL D 707 37.80 -32.44 -12.98
CA VAL D 707 36.87 -32.95 -13.98
C VAL D 707 36.27 -34.28 -13.55
N ARG D 708 36.98 -35.04 -12.71
CA ARG D 708 36.49 -36.29 -12.18
C ARG D 708 35.69 -36.11 -10.89
N TYR D 709 35.62 -34.89 -10.36
CA TYR D 709 34.84 -34.57 -9.16
C TYR D 709 33.75 -33.59 -9.57
N ASN D 710 32.63 -34.12 -10.06
CA ASN D 710 31.51 -33.31 -10.52
C ASN D 710 30.25 -33.68 -9.77
N GLN D 711 29.27 -32.78 -9.81
CA GLN D 711 27.98 -32.99 -9.16
C GLN D 711 26.89 -32.67 -10.16
N PRO D 712 26.00 -33.62 -10.48
CA PRO D 712 24.96 -33.34 -11.49
C PRO D 712 23.98 -32.24 -11.09
N ARG D 713 23.84 -31.95 -9.80
CA ARG D 713 22.89 -30.94 -9.36
C ARG D 713 23.43 -30.29 -8.09
N VAL D 714 22.56 -29.58 -7.37
CA VAL D 714 22.95 -28.85 -6.17
C VAL D 714 22.57 -29.60 -4.91
N GLU D 715 21.29 -29.98 -4.78
CA GLU D 715 20.84 -30.63 -3.55
C GLU D 715 21.53 -31.97 -3.34
N GLU D 716 21.70 -32.75 -4.40
CA GLU D 716 22.42 -34.01 -4.28
C GLU D 716 23.87 -33.80 -3.90
N ALA D 717 24.45 -32.68 -4.32
CA ALA D 717 25.85 -32.39 -4.00
C ALA D 717 26.07 -32.24 -2.50
N LEU D 718 25.11 -31.62 -1.82
CA LEU D 718 25.25 -31.41 -0.38
C LEU D 718 25.29 -32.72 0.38
N THR D 719 24.45 -33.69 -0.02
CA THR D 719 24.48 -35.00 0.61
C THR D 719 25.81 -35.70 0.38
N GLN D 720 26.49 -35.37 -0.71
CA GLN D 720 27.80 -35.92 -1.08
C GLN D 720 28.94 -35.34 -0.26
N LEU D 721 28.66 -34.59 0.82
CA LEU D 721 29.69 -33.89 1.58
C LEU D 721 29.77 -34.30 3.04
N LYS D 722 28.65 -34.64 3.67
CA LYS D 722 28.61 -34.75 5.13
C LYS D 722 29.31 -36.02 5.62
N ALA D 723 29.07 -37.15 4.95
CA ALA D 723 29.56 -38.42 5.48
C ALA D 723 31.08 -38.52 5.43
N GLY D 724 31.72 -37.92 4.43
CA GLY D 724 33.16 -37.93 4.37
C GLY D 724 33.74 -38.28 3.00
N LYS D 725 32.90 -38.34 1.97
CA LYS D 725 33.38 -38.57 0.62
C LYS D 725 33.78 -37.31 -0.11
N LEU D 726 33.47 -36.14 0.45
CA LEU D 726 33.90 -34.86 -0.09
C LEU D 726 34.07 -33.88 1.06
N ASP D 727 34.86 -32.84 0.84
CA ASP D 727 35.19 -31.89 1.90
C ASP D 727 34.82 -30.45 1.60
N ALA D 728 34.91 -30.00 0.35
CA ALA D 728 34.72 -28.59 0.04
C ALA D 728 33.84 -28.44 -1.20
N PHE D 729 33.20 -27.29 -1.30
CA PHE D 729 32.35 -26.95 -2.44
C PHE D 729 32.73 -25.57 -2.97
N ILE D 730 32.57 -25.38 -4.27
CA ILE D 730 32.91 -24.14 -4.95
C ILE D 730 31.69 -23.75 -5.80
N TYR D 731 30.87 -22.83 -5.28
CA TYR D 731 29.66 -22.42 -5.99
C TYR D 731 29.40 -20.95 -5.67
N ASP D 732 28.21 -20.47 -6.05
CA ASP D 732 27.88 -19.06 -5.90
C ASP D 732 27.82 -18.68 -4.42
N ALA D 733 27.78 -17.36 -4.18
CA ALA D 733 27.68 -16.82 -2.83
C ALA D 733 26.26 -16.45 -2.46
N ALA D 734 25.28 -16.78 -3.30
CA ALA D 734 23.88 -16.53 -3.01
C ALA D 734 23.12 -17.80 -2.72
N VAL D 735 23.29 -18.84 -3.54
CA VAL D 735 22.67 -20.14 -3.25
C VAL D 735 23.32 -20.77 -2.03
N LEU D 736 24.65 -20.78 -1.99
CA LEU D 736 25.35 -21.42 -0.89
C LEU D 736 25.08 -20.73 0.45
N ASN D 737 25.05 -19.39 0.44
CA ASN D 737 24.87 -18.66 1.69
C ASN D 737 23.51 -18.92 2.30
N TYR D 738 22.47 -19.01 1.47
CA TYR D 738 21.12 -19.25 1.98
C TYR D 738 21.03 -20.59 2.69
N MET D 739 21.48 -21.66 2.03
CA MET D 739 21.39 -22.99 2.61
C MET D 739 22.31 -23.13 3.82
N ALA D 740 23.49 -22.52 3.77
CA ALA D 740 24.41 -22.60 4.91
C ALA D 740 23.81 -21.96 6.15
N ARG D 741 23.13 -20.81 5.97
CA ARG D 741 22.43 -20.19 7.09
C ARG D 741 21.30 -21.09 7.58
N LYS D 742 20.56 -21.69 6.64
CA LYS D 742 19.52 -22.65 7.02
C LYS D 742 20.14 -23.86 7.72
N ASP D 743 21.25 -24.36 7.19
CA ASP D 743 22.09 -25.42 7.75
C ASP D 743 21.31 -26.69 8.10
N GLU D 744 22.02 -27.66 8.70
CA GLU D 744 21.44 -28.94 9.08
C GLU D 744 22.15 -29.39 10.35
N GLY D 745 21.55 -29.12 11.51
CA GLY D 745 22.17 -29.46 12.76
C GLY D 745 23.27 -28.53 13.22
N CYS D 746 23.35 -27.33 12.64
CA CYS D 746 24.33 -26.31 13.03
C CYS D 746 25.75 -26.85 12.90
N LYS D 747 26.06 -27.46 11.76
CA LYS D 747 27.39 -28.02 11.55
C LYS D 747 27.92 -27.78 10.14
N LEU D 748 27.38 -26.79 9.41
CA LEU D 748 27.84 -26.49 8.06
C LEU D 748 28.19 -25.00 7.99
N VAL D 749 29.48 -24.70 7.82
CA VAL D 749 29.97 -23.34 7.78
C VAL D 749 30.88 -23.16 6.56
N THR D 750 31.08 -21.90 6.20
CA THR D 750 31.95 -21.53 5.08
C THR D 750 33.32 -21.12 5.61
N ILE D 751 34.37 -21.67 5.01
CA ILE D 751 35.73 -21.33 5.43
C ILE D 751 35.97 -19.85 5.19
N GLY D 752 36.68 -19.21 6.12
CA GLY D 752 36.90 -17.78 6.06
C GLY D 752 35.72 -16.94 6.50
N SER D 753 34.63 -17.57 6.96
CA SER D 753 33.44 -16.87 7.42
C SER D 753 32.91 -15.92 6.35
N GLY D 754 32.94 -16.37 5.10
CA GLY D 754 32.35 -15.63 4.02
C GLY D 754 33.30 -14.82 3.16
N LYS D 755 34.56 -15.24 3.02
CA LYS D 755 35.52 -14.49 2.22
C LYS D 755 35.20 -14.70 0.75
N VAL D 756 34.45 -13.77 0.16
CA VAL D 756 34.00 -13.92 -1.21
C VAL D 756 35.13 -13.56 -2.18
N PHE D 757 34.98 -14.01 -3.42
CA PHE D 757 35.94 -13.74 -4.48
C PHE D 757 35.19 -13.40 -5.76
N ALA D 758 35.83 -12.58 -6.59
CA ALA D 758 35.28 -12.16 -7.89
C ALA D 758 33.87 -11.58 -7.72
N THR D 759 33.80 -10.47 -6.98
CA THR D 759 32.54 -9.87 -6.61
C THR D 759 31.84 -9.29 -7.84
N THR D 760 30.73 -9.90 -8.24
CA THR D 760 29.86 -9.34 -9.26
C THR D 760 28.44 -9.25 -8.70
N GLY D 761 27.46 -8.93 -9.55
CA GLY D 761 26.10 -8.75 -9.11
C GLY D 761 25.11 -9.48 -10.00
N TYR D 762 23.84 -9.40 -9.61
CA TYR D 762 22.75 -9.98 -10.36
C TYR D 762 22.21 -8.94 -11.34
N GLY D 763 21.07 -9.22 -11.95
CA GLY D 763 20.47 -8.28 -12.87
C GLY D 763 19.52 -8.98 -13.82
N ILE D 764 18.95 -8.17 -14.72
CA ILE D 764 18.00 -8.63 -15.71
C ILE D 764 18.48 -8.21 -17.08
N ALA D 765 18.53 -9.16 -18.02
CA ALA D 765 19.05 -8.89 -19.35
C ALA D 765 18.02 -8.12 -20.18
N LEU D 766 18.51 -7.54 -21.28
CA LEU D 766 17.66 -6.82 -22.21
C LEU D 766 18.12 -7.14 -23.63
N HIS D 767 17.63 -6.39 -24.60
CA HIS D 767 17.81 -6.70 -26.02
C HIS D 767 19.03 -6.04 -26.65
N LYS D 768 19.86 -5.36 -25.85
CA LYS D 768 21.08 -4.68 -26.28
C LYS D 768 20.74 -3.41 -27.07
N GLY D 769 19.47 -3.25 -27.41
CA GLY D 769 18.96 -2.03 -28.01
C GLY D 769 17.55 -1.77 -27.54
N SER D 770 17.18 -2.40 -26.41
CA SER D 770 15.79 -2.45 -25.98
C SER D 770 15.23 -1.09 -25.58
N ARG D 771 16.07 -0.08 -25.38
CA ARG D 771 15.68 1.29 -25.04
C ARG D 771 14.74 1.34 -23.83
N TRP D 772 14.65 0.24 -23.09
CA TRP D 772 13.94 0.19 -21.82
C TRP D 772 14.88 0.37 -20.64
N LYS D 773 16.16 0.58 -20.90
CA LYS D 773 17.15 0.62 -19.82
C LYS D 773 16.88 1.76 -18.86
N ARG D 774 16.72 2.98 -19.38
CA ARG D 774 16.53 4.14 -18.52
C ARG D 774 15.34 4.02 -17.58
N PRO D 775 14.15 3.61 -18.02
CA PRO D 775 13.04 3.45 -17.06
C PRO D 775 13.19 2.25 -16.13
N ILE D 776 14.08 1.31 -16.43
CA ILE D 776 14.22 0.11 -15.61
C ILE D 776 15.16 0.38 -14.44
N ASP D 777 16.40 0.78 -14.73
CA ASP D 777 17.38 0.97 -13.66
C ASP D 777 16.96 2.10 -12.73
N LEU D 778 16.40 3.18 -13.27
CA LEU D 778 15.93 4.28 -12.44
C LEU D 778 14.82 3.82 -11.51
N ALA D 779 13.94 2.94 -11.99
CA ALA D 779 12.92 2.37 -11.13
C ALA D 779 13.53 1.50 -10.04
N LEU D 780 14.55 0.72 -10.39
CA LEU D 780 15.17 -0.17 -9.41
C LEU D 780 15.86 0.61 -8.30
N LEU D 781 16.51 1.72 -8.64
CA LEU D 781 17.24 2.49 -7.64
C LEU D 781 16.32 3.09 -6.59
N GLN D 782 15.05 3.33 -6.93
CA GLN D 782 14.13 3.90 -5.96
C GLN D 782 13.88 2.92 -4.81
N PHE D 783 13.71 1.64 -5.13
CA PHE D 783 13.44 0.65 -4.08
C PHE D 783 14.63 0.54 -3.12
N LEU D 784 15.85 0.57 -3.65
CA LEU D 784 17.02 0.58 -2.78
C LEU D 784 17.09 1.87 -1.97
N GLY D 785 16.62 2.97 -2.53
CA GLY D 785 16.56 4.21 -1.77
C GLY D 785 15.60 4.12 -0.60
N ASP D 786 14.47 3.44 -0.81
CA ASP D 786 13.51 3.19 0.25
C ASP D 786 13.85 1.86 0.94
N ASP D 787 12.94 1.36 1.76
CA ASP D 787 13.14 0.13 2.51
C ASP D 787 12.43 -1.06 1.86
N GLU D 788 12.05 -0.94 0.59
CA GLU D 788 11.29 -2.02 -0.06
C GLU D 788 12.10 -3.30 -0.16
N ILE D 789 13.35 -3.19 -0.62
CA ILE D 789 14.17 -4.39 -0.78
C ILE D 789 14.77 -4.85 0.55
N GLU D 790 14.85 -3.96 1.54
CA GLU D 790 15.44 -4.33 2.84
C GLU D 790 14.61 -5.41 3.53
N MET D 791 13.29 -5.27 3.52
CA MET D 791 12.43 -6.27 4.15
C MET D 791 12.05 -7.41 3.22
N LEU D 792 12.19 -7.21 1.91
CA LEU D 792 11.88 -8.28 0.96
C LEU D 792 12.82 -9.47 1.15
N GLU D 793 14.07 -9.20 1.51
CA GLU D 793 15.00 -10.29 1.80
C GLU D 793 14.57 -11.07 3.03
N ARG D 794 13.97 -10.40 4.02
CA ARG D 794 13.52 -11.10 5.23
C ARG D 794 12.43 -12.11 4.90
N LEU D 795 11.52 -11.77 3.99
CA LEU D 795 10.42 -12.65 3.65
C LEU D 795 10.88 -13.89 2.88
N TRP D 796 12.10 -13.89 2.34
CA TRP D 796 12.54 -15.01 1.53
C TRP D 796 13.97 -15.47 1.82
N LEU D 797 14.69 -14.81 2.73
CA LEU D 797 16.06 -15.19 3.08
C LEU D 797 16.24 -14.98 4.58
N SER D 798 16.21 -16.07 5.35
CA SER D 798 16.35 -15.98 6.79
C SER D 798 16.76 -17.34 7.34
N GLY D 799 17.88 -17.39 8.05
CA GLY D 799 18.36 -18.62 8.65
C GLY D 799 17.76 -18.85 10.02
N ILE D 800 18.30 -19.87 10.71
CA ILE D 800 17.83 -20.27 12.03
C ILE D 800 18.96 -20.26 13.06
N CYS D 801 20.08 -20.92 12.76
CA CYS D 801 21.20 -20.98 13.67
C CYS D 801 22.48 -20.68 12.90
N HIS D 802 23.50 -20.26 13.65
CA HIS D 802 24.76 -19.86 13.06
C HIS D 802 25.93 -20.18 13.99
N SER D 810 30.40 -25.60 26.22
CA SER D 810 29.33 -26.56 26.49
C SER D 810 29.58 -27.88 25.77
N SER D 811 30.52 -28.67 26.28
CA SER D 811 30.85 -29.95 25.68
C SER D 811 31.47 -30.85 26.74
N LYS D 812 31.50 -32.14 26.43
CA LYS D 812 32.12 -33.11 27.34
C LYS D 812 33.62 -32.89 27.39
N LEU D 813 34.17 -32.91 28.61
CA LEU D 813 35.56 -32.53 28.81
C LEU D 813 36.55 -33.62 28.38
N ASP D 814 36.13 -34.89 28.42
CA ASP D 814 36.95 -36.04 28.06
C ASP D 814 38.33 -36.01 28.72
N ILE D 815 39.31 -36.70 28.12
CA ILE D 815 40.62 -36.85 28.75
C ILE D 815 41.71 -36.21 27.90
N ASP D 816 41.49 -36.17 26.59
CA ASP D 816 42.55 -35.74 25.68
C ASP D 816 42.89 -34.26 25.86
N ASN D 817 41.88 -33.43 26.13
CA ASN D 817 42.11 -31.99 26.18
C ASN D 817 42.96 -31.59 27.38
N MET D 818 42.66 -32.13 28.56
CA MET D 818 43.34 -31.75 29.79
C MET D 818 44.24 -32.86 30.32
N ALA D 819 44.75 -33.71 29.43
CA ALA D 819 45.68 -34.75 29.85
C ALA D 819 47.02 -34.18 30.30
N GLY D 820 47.28 -32.89 30.05
CA GLY D 820 48.54 -32.28 30.45
C GLY D 820 48.72 -32.19 31.95
N VAL D 821 47.63 -32.22 32.72
CA VAL D 821 47.76 -32.20 34.17
C VAL D 821 48.42 -33.48 34.66
N PHE D 822 48.13 -34.61 34.02
CA PHE D 822 48.82 -35.86 34.35
C PHE D 822 50.28 -35.80 33.91
N TYR D 823 50.57 -35.08 32.82
CA TYR D 823 51.96 -34.98 32.35
C TYR D 823 52.87 -34.39 33.42
N MET D 824 52.31 -33.58 34.34
CA MET D 824 53.10 -33.08 35.45
C MET D 824 53.56 -34.21 36.36
N LEU D 825 52.69 -35.19 36.60
CA LEU D 825 53.04 -36.29 37.50
C LEU D 825 54.20 -37.10 36.95
N LEU D 826 54.09 -37.53 35.70
CA LEU D 826 55.13 -38.38 35.11
C LEU D 826 56.45 -37.64 35.01
N VAL D 827 56.42 -36.37 34.62
CA VAL D 827 57.64 -35.58 34.53
C VAL D 827 58.30 -35.44 35.90
N ALA D 828 57.50 -35.11 36.92
CA ALA D 828 58.04 -34.98 38.27
C ALA D 828 58.42 -36.32 38.87
N MET D 829 57.85 -37.43 38.36
CA MET D 829 58.17 -38.74 38.90
C MET D 829 59.58 -39.15 38.52
N GLY D 830 59.89 -39.14 37.22
CA GLY D 830 61.22 -39.53 36.78
C GLY D 830 62.30 -38.56 37.21
N LEU D 831 62.01 -37.26 37.15
CA LEU D 831 62.99 -36.26 37.54
C LEU D 831 63.34 -36.37 39.02
N SER D 832 62.42 -36.90 39.84
CA SER D 832 62.69 -37.08 41.26
C SER D 832 63.59 -38.29 41.52
N LEU D 833 63.48 -39.35 40.72
CA LEU D 833 64.22 -40.57 40.99
C LEU D 833 65.73 -40.36 40.87
N LEU D 834 66.15 -39.58 39.87
CA LEU D 834 67.58 -39.40 39.64
C LEU D 834 68.24 -38.69 40.82
N VAL D 835 67.61 -37.64 41.33
CA VAL D 835 68.20 -36.86 42.41
C VAL D 835 68.24 -37.68 43.70
N PHE D 836 67.11 -38.31 44.04
CA PHE D 836 67.00 -38.98 45.33
C PHE D 836 67.86 -40.23 45.39
N ALA D 837 67.77 -41.08 44.36
CA ALA D 837 68.48 -42.36 44.40
C ALA D 837 70.00 -42.18 44.35
N TRP D 838 70.47 -41.25 43.52
CA TRP D 838 71.92 -41.08 43.36
C TRP D 838 72.56 -40.37 44.53
N GLU D 839 71.79 -39.67 45.35
CA GLU D 839 72.36 -38.94 46.47
C GLU D 839 72.99 -39.89 47.49
N HIS D 840 72.31 -41.00 47.80
CA HIS D 840 72.81 -41.93 48.80
C HIS D 840 73.98 -42.77 48.30
N LEU D 841 74.13 -42.91 46.99
CA LEU D 841 75.27 -43.66 46.45
C LEU D 841 76.58 -42.98 46.81
N VAL D 842 76.64 -41.65 46.70
CA VAL D 842 77.80 -40.92 47.17
C VAL D 842 77.96 -41.08 48.69
N TYR D 843 76.84 -41.00 49.41
CA TYR D 843 76.87 -41.24 50.86
C TYR D 843 77.26 -42.68 51.17
N TRP D 844 76.93 -43.61 50.28
CA TRP D 844 77.31 -45.01 50.48
C TRP D 844 78.83 -45.17 50.50
N ARG D 845 79.52 -44.47 49.60
CA ARG D 845 80.97 -44.54 49.55
C ARG D 845 81.60 -43.71 50.66
C1 NAG E . 35.99 0.26 -26.99
C2 NAG E . 36.41 1.42 -27.90
C3 NAG E . 36.27 1.01 -29.36
C4 NAG E . 37.02 -0.28 -29.63
C5 NAG E . 36.63 -1.37 -28.62
C6 NAG E . 37.44 -2.63 -28.74
C7 NAG E . 36.17 3.83 -27.48
C8 NAG E . 35.22 4.94 -27.19
N2 NAG E . 35.62 2.61 -27.61
O3 NAG E . 36.81 2.04 -30.18
O4 NAG E . 36.72 -0.76 -30.94
O5 NAG E . 36.80 -0.88 -27.28
O6 NAG E . 38.76 -2.35 -29.20
O7 NAG E . 37.37 4.01 -27.59
C1 NAG E . 37.90 -0.60 -31.77
C2 NAG E . 37.52 -0.84 -33.23
C3 NAG E . 38.74 -0.62 -34.13
C4 NAG E . 39.36 0.74 -33.88
C5 NAG E . 39.64 0.93 -32.39
C6 NAG E . 40.12 2.32 -32.04
C7 NAG E . 37.58 -3.32 -33.14
C8 NAG E . 36.80 -4.57 -33.43
N2 NAG E . 36.95 -2.17 -33.44
O3 NAG E . 38.33 -0.73 -35.50
O4 NAG E . 40.57 0.88 -34.60
O5 NAG E . 38.45 0.71 -31.62
O6 NAG E . 39.06 3.11 -31.53
O7 NAG E . 38.71 -3.35 -32.66
N GLY F . 29.17 9.46 -0.34
CA GLY F . 28.72 9.87 -1.66
C GLY F . 28.01 11.21 -1.66
O GLY F . 27.75 11.79 -0.60
OXT GLY F . 27.70 11.77 -2.72
C1 NAG G . 47.75 4.54 -28.21
C2 NAG G . 47.45 3.11 -28.69
C3 NAG G . 48.02 2.88 -30.10
C4 NAG G . 49.43 3.46 -30.23
C5 NAG G . 49.49 4.91 -29.77
C6 NAG G . 49.88 5.86 -30.88
C7 NAG G . 47.31 1.08 -27.31
C8 NAG G . 45.91 0.94 -27.82
N2 NAG G . 48.01 2.13 -27.76
O3 NAG G . 47.16 3.49 -31.05
O4 NAG G . 50.35 2.69 -29.46
O5 NAG G . 48.19 5.32 -29.30
O6 NAG G . 49.05 7.03 -30.87
O7 NAG G . 47.80 0.27 -26.53
N GLU H . -8.60 11.49 29.46
CA GLU H . -9.43 12.27 30.36
C GLU H . -10.62 12.87 29.63
O GLU H . -11.73 12.93 30.16
CB GLU H . -8.59 13.37 31.02
CG GLU H . -9.38 14.24 31.99
CD GLU H . -9.41 13.68 33.38
OE1 GLU H . -8.36 13.72 34.07
OE2 GLU H . -10.49 13.21 33.81
OXT GLU H . -10.50 13.32 28.50
C1 NAG I . -11.48 23.87 36.17
C2 NAG I . -10.52 24.96 35.68
C3 NAG I . -10.30 26.01 36.78
C4 NAG I . -11.62 26.51 37.32
C5 NAG I . -12.53 25.35 37.71
C6 NAG I . -13.91 25.81 38.12
C7 NAG I . -8.47 23.64 36.02
C8 NAG I . -7.19 23.16 35.38
N2 NAG I . -9.26 24.39 35.25
O3 NAG I . -9.55 27.10 36.25
O4 NAG I . -11.38 27.32 38.48
O5 NAG I . -12.70 24.46 36.59
O6 NAG I . -14.65 24.74 38.69
O7 NAG I . -8.76 23.35 37.19
N GLY J . -13.31 -15.44 19.05
CA GLY J . -13.42 -16.09 17.76
C GLY J . -14.86 -16.35 17.35
O GLY J . -15.73 -16.55 18.19
OXT GLY J . -15.18 -16.38 16.16
C1 NAG K . -34.46 3.16 28.04
C2 NAG K . -35.90 2.65 28.00
C3 NAG K . -36.85 3.71 28.51
C4 NAG K . -36.45 4.15 29.90
C5 NAG K . -35.00 4.64 29.89
C6 NAG K . -34.48 4.96 31.27
C7 NAG K . -36.50 0.94 26.35
C8 NAG K . -36.87 0.66 24.93
N2 NAG K . -36.28 2.22 26.66
O3 NAG K . -38.17 3.18 28.53
O4 NAG K . -37.28 5.22 30.33
O5 NAG K . -34.14 3.61 29.37
O6 NAG K . -35.54 5.23 32.18
O7 NAG K . -36.42 0.04 27.20
N GLU L . 22.95 -18.20 -12.23
CA GLU L . 24.25 -17.58 -12.45
C GLU L . 24.46 -17.22 -13.91
O GLU L . 25.57 -16.92 -14.35
CB GLU L . 25.37 -18.49 -11.96
CG GLU L . 25.57 -19.75 -12.78
CD GLU L . 24.64 -20.87 -12.38
OE1 GLU L . 23.78 -20.64 -11.50
OE2 GLU L . 24.76 -21.98 -12.93
OXT GLU L . 23.52 -17.22 -14.71
#